data_8R3O
#
_entry.id   8R3O
#
_cell.length_a   110.250
_cell.length_b   90.670
_cell.length_c   155.250
_cell.angle_alpha   90.000
_cell.angle_beta   100.950
_cell.angle_gamma   90.000
#
_symmetry.space_group_name_H-M   'P 1 21 1'
#
loop_
_entity.id
_entity.type
_entity.pdbx_description
1 polymer Transketolase
2 non-polymer 'THIAMINE DIPHOSPHATE'
3 non-polymer 1,2-ETHANEDIOL
4 non-polymer 'MAGNESIUM ION'
5 non-polymer 'CITRIC ACID'
6 water water
#
_entity_poly.entity_id   1
_entity_poly.type   'polypeptide(L)'
_entity_poly.pdbx_seq_one_letter_code
;MATRRQLANAIRVLAMDSVQKAKSGHPGAPMGMADIAEVLWRDFLKHNPTNPKWADRDRFVLSNGHGSMLIYSLLHLTGY
DLSIEDLKQFRQLHSKTPGHPEYGYAPGVETTTGPLGQGITNAVGMAIAEKTLAGQFNREGHEIVDHHTYVFLGDGCLME
GISHEACSLAGTLGLGKLIAFYDDNNISIDGHVDGWFSDDTAERFEAYGWQVIRNVDGHDAEQIRAATILAQAEKGKPTL
IICKTIIGFGSPNKSGSHDSHGAPLGDEEIDLTRKALGWEYAPFEIPAEYYAEWSAKEKGAAAEKSWEEKFAAYAKAYPE
LAAEFKRRVSGELPTNWAAESKAFIEKLQANPASIASRKASQNAIEAYAHVLPEFLGGSADLASSNLTLWSGSKPIRAHE
NVGGNYINYGVREFGMSAIMNGIALHGGFIPYGATFLMFYEYAHNAVRMAALMKQRTLFVYTHDSIGLGEDGPTHQPVEQ
TASLRLIPNLETWRPCDQVESAIAWQQAVERQDGPSALIFTRQNLAQMDRTSAQLDAVKRGAYVLKDCDGTPELIFIATG
SEVELAVQAAEALSAEGKKVRVVSMPSTNRFDKQDAAYRESVLPAAVTKRVAIEAGIADFWYKYVGFNGRVIGMNSFGES
APADQLFKLFGFTVENVVAKAKEILENLYFQGLEHHHHHH
;
_entity_poly.pdbx_strand_id   A,B,C,D
#
# COMPACT_ATOMS: atom_id res chain seq x y z
N ALA A 2 42.75 -2.78 -5.38
CA ALA A 2 42.11 -2.64 -4.07
C ALA A 2 40.67 -3.09 -4.16
N THR A 3 40.10 -3.52 -3.03
CA THR A 3 38.70 -3.87 -3.01
C THR A 3 37.85 -2.60 -3.02
N ARG A 4 36.55 -2.77 -3.33
CA ARG A 4 35.63 -1.63 -3.29
C ARG A 4 35.58 -1.02 -1.89
N ARG A 5 35.56 -1.88 -0.85
CA ARG A 5 35.49 -1.38 0.52
C ARG A 5 36.76 -0.61 0.92
N GLN A 6 37.93 -1.11 0.52
CA GLN A 6 39.16 -0.34 0.76
C GLN A 6 39.11 1.00 0.06
N LEU A 7 38.58 1.04 -1.17
CA LEU A 7 38.47 2.32 -1.86
C LEU A 7 37.51 3.26 -1.13
N ALA A 8 36.38 2.72 -0.64
CA ALA A 8 35.44 3.55 0.13
C ALA A 8 36.09 4.03 1.44
N ASN A 9 36.98 3.22 2.01
CA ASN A 9 37.61 3.61 3.25
C ASN A 9 38.54 4.80 3.08
N ALA A 10 39.00 5.07 1.86
CA ALA A 10 39.75 6.29 1.59
C ALA A 10 38.89 7.52 1.90
N ILE A 11 37.59 7.47 1.58
CA ILE A 11 36.70 8.56 1.96
C ILE A 11 36.58 8.65 3.47
N ARG A 12 36.44 7.50 4.14
CA ARG A 12 36.25 7.52 5.59
C ARG A 12 37.45 8.13 6.30
N VAL A 13 38.67 7.77 5.89
CA VAL A 13 39.83 8.26 6.62
C VAL A 13 40.10 9.73 6.30
N LEU A 14 39.92 10.13 5.03
CA LEU A 14 40.07 11.55 4.71
C LEU A 14 39.06 12.41 5.46
N ALA A 15 37.80 11.95 5.53
CA ALA A 15 36.79 12.66 6.29
C ALA A 15 37.20 12.83 7.74
N MET A 16 37.58 11.74 8.40
CA MET A 16 37.79 11.88 9.83
C MET A 16 39.10 12.59 10.13
N ASP A 17 40.13 12.40 9.30
CA ASP A 17 41.39 13.14 9.48
C ASP A 17 41.21 14.63 9.19
N SER A 18 40.41 14.98 8.18
CA SER A 18 40.22 16.39 7.87
C SER A 18 39.42 17.08 8.95
N VAL A 19 38.40 16.39 9.49
CA VAL A 19 37.62 16.93 10.61
C VAL A 19 38.49 17.07 11.85
N GLN A 20 39.34 16.07 12.10
CA GLN A 20 40.20 16.13 13.28
C GLN A 20 41.18 17.29 13.18
N LYS A 21 41.72 17.55 11.99
CA LYS A 21 42.67 18.64 11.85
C LYS A 21 42.00 19.99 12.03
N ALA A 22 40.77 20.13 11.52
CA ALA A 22 40.01 21.35 11.74
C ALA A 22 39.48 21.45 13.17
N LYS A 23 39.46 20.35 13.92
CA LYS A 23 38.76 20.30 15.21
C LYS A 23 37.31 20.76 15.06
N SER A 24 36.70 20.42 13.92
CA SER A 24 35.38 20.92 13.58
C SER A 24 34.88 20.16 12.37
N GLY A 25 33.59 19.84 12.36
CA GLY A 25 33.01 19.19 11.21
C GLY A 25 32.25 17.94 11.61
N HIS A 26 31.78 17.22 10.60
CA HIS A 26 30.81 16.14 10.77
C HIS A 26 31.35 14.88 10.12
N PRO A 27 31.89 13.94 10.89
CA PRO A 27 32.45 12.71 10.29
C PRO A 27 31.42 11.63 10.02
N GLY A 28 30.27 11.63 10.70
CA GLY A 28 29.42 10.45 10.70
C GLY A 28 28.81 10.13 9.35
N ALA A 29 28.16 11.12 8.72
CA ALA A 29 27.51 10.90 7.43
C ALA A 29 28.49 10.55 6.32
N PRO A 30 29.63 11.26 6.15
CA PRO A 30 30.62 10.78 5.17
C PRO A 30 31.04 9.34 5.42
N MET A 31 31.22 8.96 6.69
CA MET A 31 31.58 7.59 7.02
C MET A 31 30.43 6.63 6.75
N GLY A 32 29.20 7.07 6.99
CA GLY A 32 28.05 6.22 6.76
C GLY A 32 27.78 5.99 5.29
N MET A 33 28.10 6.96 4.43
CA MET A 33 27.72 6.88 3.02
C MET A 33 28.87 6.52 2.08
N ALA A 34 30.05 6.19 2.60
CA ALA A 34 31.23 6.04 1.74
C ALA A 34 31.07 4.89 0.72
N ASP A 35 30.45 3.78 1.12
CA ASP A 35 30.29 2.65 0.20
C ASP A 35 29.32 3.00 -0.92
N ILE A 36 28.23 3.69 -0.60
CA ILE A 36 27.30 4.15 -1.61
C ILE A 36 28.00 5.07 -2.60
N ALA A 37 28.80 6.01 -2.07
CA ALA A 37 29.46 6.97 -2.92
C ALA A 37 30.50 6.31 -3.82
N GLU A 38 31.20 5.29 -3.31
CA GLU A 38 32.13 4.56 -4.16
C GLU A 38 31.42 3.94 -5.36
N VAL A 39 30.27 3.30 -5.13
CA VAL A 39 29.55 2.66 -6.23
C VAL A 39 29.04 3.69 -7.22
N LEU A 40 28.34 4.73 -6.72
CA LEU A 40 27.70 5.68 -7.62
C LEU A 40 28.75 6.41 -8.46
N TRP A 41 29.84 6.88 -7.83
CA TRP A 41 30.80 7.71 -8.55
C TRP A 41 31.68 6.87 -9.47
N ARG A 42 32.17 5.73 -9.01
CA ARG A 42 33.07 4.94 -9.84
C ARG A 42 32.35 4.15 -10.93
N ASP A 43 31.11 3.69 -10.69
CA ASP A 43 30.44 2.90 -11.71
C ASP A 43 29.44 3.68 -12.57
N PHE A 44 28.84 4.74 -12.06
CA PHE A 44 27.70 5.29 -12.78
C PHE A 44 27.84 6.74 -13.16
N LEU A 45 28.32 7.59 -12.26
CA LEU A 45 28.36 9.03 -12.51
C LEU A 45 29.13 9.34 -13.80
N LYS A 46 28.51 10.11 -14.68
CA LYS A 46 29.13 10.56 -15.92
C LYS A 46 29.64 11.97 -15.72
N HIS A 47 30.97 12.12 -15.67
CA HIS A 47 31.53 13.43 -15.32
C HIS A 47 32.98 13.48 -15.75
N ASN A 48 33.48 14.70 -15.91
CA ASN A 48 34.87 14.93 -16.29
C ASN A 48 35.54 15.86 -15.29
N PRO A 49 36.44 15.36 -14.44
CA PRO A 49 37.11 16.23 -13.45
C PRO A 49 37.86 17.39 -14.08
N THR A 50 38.39 17.23 -15.29
CA THR A 50 39.12 18.33 -15.89
C THR A 50 38.21 19.40 -16.48
N ASN A 51 36.92 19.12 -16.67
CA ASN A 51 35.95 20.18 -16.99
C ASN A 51 34.70 20.01 -16.14
N PRO A 52 34.69 20.61 -14.94
CA PRO A 52 33.47 20.57 -14.12
C PRO A 52 32.30 21.31 -14.74
N LYS A 53 32.50 22.07 -15.82
CA LYS A 53 31.42 22.80 -16.46
C LYS A 53 30.93 22.15 -17.74
N TRP A 54 31.30 20.91 -17.98
CA TRP A 54 30.78 20.18 -19.13
C TRP A 54 29.26 20.17 -19.10
N ALA A 55 28.65 20.70 -20.15
CA ALA A 55 27.21 20.96 -20.15
C ALA A 55 26.39 19.69 -19.94
N ASP A 56 26.86 18.55 -20.45
CA ASP A 56 26.04 17.34 -20.37
C ASP A 56 26.47 16.42 -19.24
N ARG A 57 27.29 16.88 -18.29
CA ARG A 57 27.64 16.07 -17.13
C ARG A 57 26.39 15.70 -16.32
N ASP A 58 26.44 14.52 -15.70
CA ASP A 58 25.50 14.23 -14.61
C ASP A 58 25.69 15.25 -13.49
N ARG A 59 24.63 15.48 -12.73
CA ARG A 59 24.67 16.41 -11.61
C ARG A 59 24.57 15.61 -10.31
N PHE A 60 25.50 15.86 -9.41
CA PHE A 60 25.47 15.29 -8.07
C PHE A 60 25.23 16.39 -7.04
N VAL A 61 24.34 16.10 -6.08
CA VAL A 61 23.95 17.07 -5.07
C VAL A 61 24.00 16.38 -3.71
N LEU A 62 24.79 16.94 -2.80
CA LEU A 62 24.87 16.44 -1.43
C LEU A 62 23.89 17.25 -0.60
N SER A 63 22.66 16.74 -0.47
CA SER A 63 21.63 17.49 0.24
C SER A 63 21.85 17.46 1.74
N ASN A 64 22.43 16.38 2.27
CA ASN A 64 22.83 16.38 3.69
C ASN A 64 24.22 17.02 3.75
N GLY A 65 24.23 18.34 3.60
CA GLY A 65 25.44 19.09 3.32
C GLY A 65 26.42 19.15 4.47
N HIS A 66 25.98 18.84 5.70
CA HIS A 66 26.91 18.76 6.82
C HIS A 66 27.98 17.71 6.58
N GLY A 67 27.72 16.73 5.72
CA GLY A 67 28.72 15.74 5.41
C GLY A 67 29.64 16.21 4.31
N SER A 68 30.06 17.49 4.37
CA SER A 68 30.86 18.09 3.30
C SER A 68 32.13 17.32 2.98
N MET A 69 32.74 16.65 3.97
CA MET A 69 33.94 15.87 3.68
C MET A 69 33.68 14.72 2.71
N LEU A 70 32.43 14.28 2.57
CA LEU A 70 32.12 13.25 1.58
C LEU A 70 32.34 13.77 0.17
N ILE A 71 31.78 14.94 -0.15
CA ILE A 71 31.94 15.46 -1.52
C ILE A 71 33.36 15.96 -1.74
N TYR A 72 34.00 16.54 -0.71
CA TYR A 72 35.40 16.96 -0.88
C TYR A 72 36.32 15.77 -1.11
N SER A 73 36.12 14.67 -0.39
CA SER A 73 36.92 13.47 -0.61
C SER A 73 36.72 12.93 -2.04
N LEU A 74 35.46 12.82 -2.47
CA LEU A 74 35.15 12.33 -3.81
C LEU A 74 35.80 13.20 -4.87
N LEU A 75 35.64 14.52 -4.76
CA LEU A 75 36.26 15.42 -5.73
C LEU A 75 37.76 15.25 -5.74
N HIS A 76 38.38 15.18 -4.55
CA HIS A 76 39.83 14.99 -4.51
C HIS A 76 40.22 13.65 -5.12
N LEU A 77 39.51 12.60 -4.74
CA LEU A 77 39.91 11.25 -5.14
C LEU A 77 39.73 11.03 -6.64
N THR A 78 38.69 11.59 -7.26
CA THR A 78 38.45 11.29 -8.66
C THR A 78 39.23 12.20 -9.60
N GLY A 79 39.94 13.19 -9.08
CA GLY A 79 40.87 13.95 -9.87
C GLY A 79 40.48 15.37 -10.18
N TYR A 80 39.53 15.94 -9.46
CA TYR A 80 39.24 17.34 -9.64
C TYR A 80 40.40 18.17 -9.08
N ASP A 81 40.37 19.47 -9.38
CA ASP A 81 41.38 20.42 -8.91
C ASP A 81 41.07 20.79 -7.45
N LEU A 82 41.25 19.79 -6.60
CA LEU A 82 41.02 19.91 -5.15
C LEU A 82 42.04 18.99 -4.50
N SER A 83 43.01 19.57 -3.82
CA SER A 83 44.21 18.84 -3.41
C SER A 83 44.14 18.42 -1.96
N ILE A 84 45.09 17.58 -1.55
CA ILE A 84 45.26 17.27 -0.12
C ILE A 84 45.44 18.55 0.69
N GLU A 85 46.18 19.52 0.16
CA GLU A 85 46.36 20.79 0.85
C GLU A 85 45.02 21.49 1.05
N ASP A 86 44.10 21.35 0.09
CA ASP A 86 42.76 21.90 0.27
C ASP A 86 42.03 21.18 1.40
N LEU A 87 42.13 19.85 1.48
CA LEU A 87 41.46 19.13 2.56
C LEU A 87 42.07 19.48 3.91
N LYS A 88 43.37 19.77 3.92
CA LYS A 88 44.02 20.23 5.14
C LYS A 88 43.56 21.62 5.56
N GLN A 89 42.92 22.37 4.67
CA GLN A 89 42.38 23.69 5.01
C GLN A 89 40.88 23.65 5.20
N PHE A 90 40.31 22.46 5.44
CA PHE A 90 38.89 22.32 5.73
C PHE A 90 38.47 23.29 6.84
N ARG A 91 37.42 24.06 6.57
CA ARG A 91 36.85 25.01 7.51
C ARG A 91 37.79 26.17 7.89
N GLN A 92 38.81 26.47 7.08
CA GLN A 92 39.72 27.57 7.35
C GLN A 92 39.45 28.73 6.40
N LEU A 93 39.81 29.93 6.85
CA LEU A 93 39.47 31.15 6.14
C LEU A 93 39.96 31.10 4.69
N HIS A 94 39.05 31.38 3.75
CA HIS A 94 39.30 31.42 2.31
C HIS A 94 39.68 30.08 1.69
N SER A 95 39.46 28.96 2.39
CA SER A 95 39.77 27.69 1.74
C SER A 95 38.73 27.36 0.68
N LYS A 96 39.06 26.40 -0.19
CA LYS A 96 38.09 25.85 -1.11
C LYS A 96 37.19 24.82 -0.44
N THR A 97 37.42 24.55 0.84
CA THR A 97 36.70 23.52 1.59
C THR A 97 36.00 24.12 2.82
N PRO A 98 35.02 24.98 2.61
CA PRO A 98 34.23 25.47 3.75
C PRO A 98 33.39 24.36 4.39
N GLY A 99 32.94 24.64 5.62
CA GLY A 99 32.29 23.63 6.45
C GLY A 99 31.07 23.00 5.81
N HIS A 100 30.33 23.77 5.02
CA HIS A 100 29.31 23.24 4.13
C HIS A 100 29.69 23.56 2.69
N PRO A 101 29.43 22.64 1.75
CA PRO A 101 29.90 22.85 0.37
C PRO A 101 29.28 24.10 -0.22
N GLU A 102 30.11 24.90 -0.89
CA GLU A 102 29.64 26.16 -1.46
C GLU A 102 29.90 26.18 -2.95
N TYR A 103 28.87 26.53 -3.71
CA TYR A 103 28.98 26.61 -5.14
C TYR A 103 30.02 27.66 -5.52
N GLY A 104 30.93 27.29 -6.41
CA GLY A 104 31.99 28.17 -6.83
C GLY A 104 33.23 28.16 -5.96
N TYR A 105 33.14 27.57 -4.76
CA TYR A 105 34.32 27.56 -3.90
C TYR A 105 35.26 26.41 -4.24
N ALA A 106 34.69 25.27 -4.65
CA ALA A 106 35.46 24.13 -5.09
C ALA A 106 34.91 23.65 -6.42
N PRO A 107 35.76 23.18 -7.33
CA PRO A 107 35.23 22.64 -8.59
C PRO A 107 34.41 21.39 -8.33
N GLY A 108 33.28 21.29 -9.01
CA GLY A 108 32.45 20.11 -8.95
C GLY A 108 31.32 20.18 -7.94
N VAL A 109 31.30 21.20 -7.10
CA VAL A 109 30.19 21.43 -6.18
C VAL A 109 29.07 22.11 -6.97
N GLU A 110 27.92 21.44 -7.10
CA GLU A 110 26.89 21.92 -8.01
C GLU A 110 25.93 22.92 -7.38
N THR A 111 25.86 22.97 -6.06
CA THR A 111 24.98 23.89 -5.37
C THR A 111 25.51 24.00 -3.94
N THR A 112 25.08 25.04 -3.25
CA THR A 112 25.45 25.24 -1.87
C THR A 112 24.41 24.58 -0.98
N THR A 113 24.83 23.67 -0.11
CA THR A 113 23.88 23.02 0.78
C THR A 113 24.27 23.30 2.22
N GLY A 114 23.51 22.75 3.16
CA GLY A 114 23.62 23.17 4.53
C GLY A 114 22.23 23.31 5.12
N PRO A 115 21.44 24.25 4.60
CA PRO A 115 20.03 24.32 4.99
C PRO A 115 19.30 23.08 4.50
N LEU A 116 18.85 22.23 5.43
CA LEU A 116 18.36 20.91 5.07
C LEU A 116 17.11 21.01 4.21
N GLY A 117 16.96 20.04 3.31
CA GLY A 117 15.84 20.00 2.40
C GLY A 117 16.03 20.79 1.11
N GLN A 118 16.91 21.78 1.09
CA GLN A 118 17.04 22.58 -0.11
C GLN A 118 17.92 21.94 -1.17
N GLY A 119 18.83 21.05 -0.77
CA GLY A 119 19.60 20.31 -1.75
C GLY A 119 18.73 19.46 -2.67
N ILE A 120 17.90 18.58 -2.09
CA ILE A 120 17.02 17.75 -2.92
C ILE A 120 16.11 18.64 -3.76
N THR A 121 15.68 19.77 -3.19
CA THR A 121 14.80 20.66 -3.94
C THR A 121 15.54 21.34 -5.09
N ASN A 122 16.80 21.76 -4.88
CA ASN A 122 17.61 22.24 -6.00
C ASN A 122 17.74 21.17 -7.07
N ALA A 123 17.92 19.91 -6.65
CA ALA A 123 18.12 18.82 -7.59
C ALA A 123 16.86 18.53 -8.39
N VAL A 124 15.68 18.65 -7.77
CA VAL A 124 14.45 18.61 -8.55
C VAL A 124 14.47 19.70 -9.63
N GLY A 125 14.96 20.89 -9.28
CA GLY A 125 15.08 21.96 -10.26
C GLY A 125 16.02 21.62 -11.41
N MET A 126 17.22 21.08 -11.10
CA MET A 126 18.16 20.67 -12.15
C MET A 126 17.57 19.55 -13.01
N ALA A 127 16.81 18.64 -12.42
CA ALA A 127 16.21 17.59 -13.24
C ALA A 127 15.10 18.15 -14.13
N ILE A 128 14.37 19.17 -13.66
CA ILE A 128 13.38 19.82 -14.51
C ILE A 128 14.07 20.54 -15.66
N ALA A 129 15.19 21.21 -15.38
CA ALA A 129 15.91 21.93 -16.44
C ALA A 129 16.48 20.96 -17.48
N GLU A 130 17.04 19.83 -17.06
CA GLU A 130 17.54 18.86 -18.04
C GLU A 130 16.41 18.36 -18.93
N LYS A 131 15.29 17.97 -18.31
CA LYS A 131 14.15 17.44 -19.05
C LYS A 131 13.60 18.47 -20.01
N THR A 132 13.46 19.72 -19.54
CA THR A 132 12.90 20.77 -20.37
C THR A 132 13.88 21.21 -21.47
N LEU A 133 15.19 21.27 -21.14
CA LEU A 133 16.18 21.64 -22.15
C LEU A 133 16.32 20.55 -23.21
N ALA A 134 16.21 19.29 -22.80
CA ALA A 134 16.18 18.19 -23.75
C ALA A 134 14.95 18.31 -24.65
N GLY A 135 13.81 18.68 -24.07
CA GLY A 135 12.61 18.86 -24.87
C GLY A 135 12.74 19.98 -25.89
N GLN A 136 13.53 21.01 -25.58
CA GLN A 136 13.66 22.15 -26.48
C GLN A 136 14.70 21.93 -27.57
N PHE A 137 15.81 21.23 -27.26
CA PHE A 137 16.98 21.22 -28.13
C PHE A 137 17.29 19.89 -28.78
N ASN A 138 16.83 18.77 -28.23
CA ASN A 138 17.17 17.48 -28.82
C ASN A 138 16.45 17.33 -30.16
N ARG A 139 17.09 16.64 -31.08
CA ARG A 139 16.51 16.36 -32.38
C ARG A 139 16.76 14.89 -32.70
N GLU A 140 15.93 14.36 -33.61
CA GLU A 140 16.08 12.98 -34.07
C GLU A 140 17.52 12.74 -34.50
N GLY A 141 18.17 11.75 -33.86
CA GLY A 141 19.57 11.49 -34.06
C GLY A 141 20.52 12.38 -33.28
N HIS A 142 20.03 13.39 -32.56
CA HIS A 142 20.90 14.38 -31.94
C HIS A 142 20.43 14.61 -30.51
N GLU A 143 20.65 13.63 -29.65
CA GLU A 143 20.24 13.74 -28.25
C GLU A 143 21.39 14.38 -27.46
N ILE A 144 21.56 15.69 -27.66
CA ILE A 144 22.67 16.40 -27.03
C ILE A 144 22.42 16.77 -25.58
N VAL A 145 21.18 16.69 -25.09
CA VAL A 145 20.90 16.85 -23.66
C VAL A 145 20.43 15.51 -23.12
N ASP A 146 21.23 14.91 -22.26
CA ASP A 146 20.87 13.61 -21.68
C ASP A 146 21.78 13.38 -20.47
N HIS A 147 21.30 13.72 -19.27
CA HIS A 147 22.10 13.43 -18.08
C HIS A 147 21.20 13.27 -16.88
N HIS A 148 21.71 12.53 -15.91
CA HIS A 148 21.01 12.21 -14.68
C HIS A 148 21.29 13.25 -13.59
N THR A 149 20.39 13.29 -12.61
CA THR A 149 20.54 14.08 -11.40
C THR A 149 20.50 13.12 -10.22
N TYR A 150 21.62 13.03 -9.48
CA TYR A 150 21.74 12.14 -8.32
C TYR A 150 21.76 12.99 -7.06
N VAL A 151 21.09 12.51 -6.00
CA VAL A 151 21.06 13.21 -4.71
C VAL A 151 21.37 12.24 -3.58
N PHE A 152 22.18 12.70 -2.63
CA PHE A 152 22.29 12.08 -1.31
C PHE A 152 21.48 12.93 -0.34
N LEU A 153 20.69 12.28 0.50
CA LEU A 153 19.90 13.04 1.47
C LEU A 153 19.73 12.17 2.71
N GLY A 154 19.42 12.80 3.84
CA GLY A 154 19.32 12.08 5.10
C GLY A 154 18.00 12.31 5.81
N ASP A 155 17.94 11.99 7.11
CA ASP A 155 16.66 12.08 7.82
C ASP A 155 16.19 13.51 7.94
N GLY A 156 17.12 14.46 8.15
CA GLY A 156 16.71 15.85 8.28
C GLY A 156 16.02 16.37 7.03
N CYS A 157 16.58 16.07 5.86
CA CYS A 157 15.97 16.49 4.60
C CYS A 157 14.57 15.94 4.44
N LEU A 158 14.35 14.68 4.81
CA LEU A 158 13.03 14.09 4.62
C LEU A 158 12.01 14.60 5.63
N MET A 159 12.48 15.05 6.80
CA MET A 159 11.58 15.61 7.80
C MET A 159 11.09 17.01 7.41
N GLU A 160 11.94 17.78 6.73
CA GLU A 160 11.59 19.14 6.35
C GLU A 160 10.40 19.15 5.40
N GLY A 161 9.50 20.12 5.62
CA GLY A 161 8.35 20.26 4.74
C GLY A 161 8.73 20.48 3.29
N ILE A 162 9.86 21.13 3.04
CA ILE A 162 10.17 21.43 1.64
C ILE A 162 10.40 20.14 0.85
N SER A 163 10.86 19.05 1.51
CA SER A 163 11.01 17.80 0.76
C SER A 163 9.68 17.31 0.25
N HIS A 164 8.60 17.58 0.98
CA HIS A 164 7.28 17.18 0.53
C HIS A 164 6.85 17.99 -0.69
N GLU A 165 7.20 19.27 -0.73
CA GLU A 165 6.83 20.10 -1.88
C GLU A 165 7.59 19.65 -3.12
N ALA A 166 8.91 19.44 -2.97
CA ALA A 166 9.78 19.14 -4.10
C ALA A 166 9.50 17.75 -4.66
N CYS A 167 9.37 16.76 -3.78
CA CYS A 167 9.23 15.39 -4.27
C CYS A 167 7.81 15.09 -4.74
N SER A 168 6.81 15.79 -4.21
CA SER A 168 5.46 15.70 -4.76
C SER A 168 5.43 16.19 -6.21
N LEU A 169 6.03 17.35 -6.46
CA LEU A 169 6.04 17.88 -7.82
C LEU A 169 6.91 17.02 -8.73
N ALA A 170 8.02 16.49 -8.20
CA ALA A 170 8.89 15.65 -9.02
C ALA A 170 8.18 14.41 -9.51
N GLY A 171 7.33 13.82 -8.67
CA GLY A 171 6.57 12.67 -9.12
C GLY A 171 5.55 13.05 -10.16
N THR A 172 4.89 14.20 -9.98
CA THR A 172 3.88 14.67 -10.92
C THR A 172 4.49 14.94 -12.28
N LEU A 173 5.71 15.49 -12.32
CA LEU A 173 6.35 15.82 -13.58
C LEU A 173 7.09 14.64 -14.19
N GLY A 174 7.09 13.48 -13.51
CA GLY A 174 7.74 12.28 -14.01
C GLY A 174 9.22 12.43 -14.29
N LEU A 175 9.99 12.86 -13.29
CA LEU A 175 11.42 13.13 -13.48
C LEU A 175 12.21 11.82 -13.41
N GLY A 176 12.12 11.04 -14.49
CA GLY A 176 12.76 9.73 -14.56
C GLY A 176 14.28 9.73 -14.40
N LYS A 177 14.94 10.86 -14.64
CA LYS A 177 16.38 10.92 -14.47
C LYS A 177 16.81 11.40 -13.10
N LEU A 178 15.87 11.65 -12.19
CA LEU A 178 16.19 11.98 -10.82
C LEU A 178 16.32 10.69 -10.01
N ILE A 179 17.48 10.48 -9.41
CA ILE A 179 17.73 9.30 -8.58
C ILE A 179 18.33 9.75 -7.25
N ALA A 180 17.63 9.45 -6.15
CA ALA A 180 18.04 9.87 -4.81
C ALA A 180 18.37 8.67 -3.93
N PHE A 181 19.46 8.80 -3.16
CA PHE A 181 19.87 7.80 -2.17
C PHE A 181 19.60 8.36 -0.77
N TYR A 182 18.74 7.70 -0.02
CA TYR A 182 18.38 8.16 1.31
C TYR A 182 19.30 7.45 2.31
N ASP A 183 20.09 8.24 3.02
CA ASP A 183 20.97 7.79 4.12
C ASP A 183 20.10 7.45 5.32
N ASP A 184 19.52 6.25 5.30
CA ASP A 184 18.54 5.84 6.31
C ASP A 184 19.29 5.22 7.48
N ASN A 185 19.80 6.08 8.37
CA ASN A 185 20.69 5.63 9.44
C ASN A 185 20.07 5.69 10.83
N ASN A 186 18.78 6.01 10.94
CA ASN A 186 18.05 6.03 12.20
C ASN A 186 18.56 7.10 13.17
N ILE A 187 19.37 8.05 12.70
CA ILE A 187 20.03 8.99 13.61
C ILE A 187 19.79 10.42 13.15
N SER A 188 19.45 11.30 14.10
CA SER A 188 19.53 12.74 13.89
C SER A 188 20.18 13.32 15.15
N ILE A 189 20.24 14.65 15.24
CA ILE A 189 21.08 15.25 16.29
C ILE A 189 20.55 14.90 17.67
N ASP A 190 19.22 14.83 17.82
CA ASP A 190 18.64 14.49 19.12
C ASP A 190 18.83 13.01 19.48
N GLY A 191 19.31 12.18 18.54
CA GLY A 191 19.57 10.78 18.79
C GLY A 191 18.84 9.84 17.83
N HIS A 192 18.38 8.70 18.33
CA HIS A 192 17.64 7.75 17.51
C HIS A 192 16.26 8.30 17.18
N VAL A 193 15.90 8.29 15.90
CA VAL A 193 14.84 9.18 15.42
C VAL A 193 13.42 8.68 15.64
N ASP A 194 13.23 7.43 16.09
CA ASP A 194 11.88 6.87 16.25
C ASP A 194 10.95 7.74 17.11
N GLY A 195 11.50 8.44 18.11
CA GLY A 195 10.66 9.27 18.95
C GLY A 195 10.09 10.50 18.28
N TRP A 196 10.64 10.90 17.11
CA TRP A 196 10.13 12.08 16.41
C TRP A 196 9.99 11.90 14.90
N PHE A 197 10.33 10.75 14.35
CA PHE A 197 10.34 10.54 12.90
C PHE A 197 10.07 9.05 12.69
N SER A 198 8.84 8.73 12.28
CA SER A 198 8.42 7.34 12.13
C SER A 198 7.67 7.11 10.82
N ASP A 199 7.79 8.03 9.85
CA ASP A 199 7.13 7.85 8.55
C ASP A 199 7.42 6.49 7.96
N ASP A 200 6.43 5.90 7.28
CA ASP A 200 6.76 4.85 6.32
C ASP A 200 7.23 5.56 5.06
N THR A 201 8.53 5.84 5.01
CA THR A 201 9.08 6.67 3.93
C THR A 201 8.86 6.02 2.56
N ALA A 202 9.04 4.70 2.47
CA ALA A 202 8.80 4.01 1.20
C ALA A 202 7.39 4.27 0.68
N GLU A 203 6.37 4.07 1.54
CA GLU A 203 4.99 4.27 1.13
C GLU A 203 4.69 5.75 0.87
N ARG A 204 5.32 6.67 1.62
CA ARG A 204 5.22 8.10 1.32
C ARG A 204 5.69 8.41 -0.10
N PHE A 205 6.83 7.87 -0.49
CA PHE A 205 7.34 8.26 -1.80
C PHE A 205 6.60 7.54 -2.92
N GLU A 206 6.08 6.35 -2.67
CA GLU A 206 5.19 5.72 -3.64
C GLU A 206 3.92 6.54 -3.83
N ALA A 207 3.43 7.19 -2.77
CA ALA A 207 2.29 8.09 -2.91
C ALA A 207 2.61 9.31 -3.75
N TYR A 208 3.88 9.72 -3.84
CA TYR A 208 4.26 10.78 -4.74
C TYR A 208 4.44 10.32 -6.18
N GLY A 209 4.31 9.03 -6.46
CA GLY A 209 4.61 8.52 -7.79
C GLY A 209 6.08 8.25 -8.05
N TRP A 210 6.87 8.01 -7.01
CA TRP A 210 8.27 7.61 -7.20
C TRP A 210 8.35 6.10 -7.21
N GLN A 211 9.36 5.58 -7.89
CA GLN A 211 9.81 4.22 -7.63
C GLN A 211 10.64 4.22 -6.36
N VAL A 212 10.43 3.21 -5.52
CA VAL A 212 11.19 3.08 -4.27
C VAL A 212 11.87 1.71 -4.28
N ILE A 213 13.18 1.70 -4.06
CA ILE A 213 13.93 0.48 -3.80
C ILE A 213 14.12 0.40 -2.29
N ARG A 214 13.42 -0.53 -1.64
CA ARG A 214 13.50 -0.64 -0.19
C ARG A 214 14.69 -1.46 0.28
N ASN A 215 15.14 -1.16 1.49
CA ASN A 215 15.95 -2.05 2.31
C ASN A 215 17.26 -2.45 1.62
N VAL A 216 17.92 -1.49 1.00
CA VAL A 216 19.21 -1.73 0.40
C VAL A 216 20.26 -1.62 1.50
N ASP A 217 21.12 -2.63 1.61
CA ASP A 217 22.22 -2.58 2.57
C ASP A 217 23.23 -1.54 2.11
N GLY A 218 23.29 -0.41 2.80
CA GLY A 218 24.16 0.67 2.39
C GLY A 218 25.64 0.38 2.50
N HIS A 219 26.03 -0.80 2.99
CA HIS A 219 27.44 -1.16 3.05
C HIS A 219 27.77 -2.38 2.20
N ASP A 220 26.88 -2.75 1.26
CA ASP A 220 27.08 -3.89 0.36
C ASP A 220 27.09 -3.33 -1.07
N ALA A 221 28.29 -3.17 -1.64
CA ALA A 221 28.41 -2.56 -2.96
C ALA A 221 27.54 -3.26 -4.00
N GLU A 222 27.39 -4.57 -3.89
CA GLU A 222 26.59 -5.30 -4.89
C GLU A 222 25.11 -4.90 -4.83
N GLN A 223 24.55 -4.77 -3.63
CA GLN A 223 23.15 -4.34 -3.52
C GLN A 223 22.99 -2.91 -3.98
N ILE A 224 23.92 -2.04 -3.63
CA ILE A 224 23.84 -0.65 -4.08
C ILE A 224 23.88 -0.59 -5.60
N ARG A 225 24.78 -1.37 -6.21
CA ARG A 225 24.86 -1.38 -7.66
C ARG A 225 23.56 -1.90 -8.27
N ALA A 226 22.99 -2.96 -7.69
CA ALA A 226 21.76 -3.53 -8.24
C ALA A 226 20.60 -2.53 -8.13
N ALA A 227 20.50 -1.85 -6.99
CA ALA A 227 19.44 -0.85 -6.82
C ALA A 227 19.59 0.27 -7.83
N THR A 228 20.82 0.71 -8.08
CA THR A 228 21.04 1.82 -9.00
C THR A 228 20.69 1.42 -10.42
N ILE A 229 21.00 0.18 -10.81
CA ILE A 229 20.62 -0.31 -12.13
C ILE A 229 19.11 -0.26 -12.30
N LEU A 230 18.36 -0.68 -11.27
CA LEU A 230 16.90 -0.62 -11.37
C LEU A 230 16.40 0.81 -11.35
N ALA A 231 17.11 1.71 -10.67
CA ALA A 231 16.75 3.13 -10.71
C ALA A 231 16.99 3.71 -12.10
N GLN A 232 18.09 3.35 -12.75
CA GLN A 232 18.33 3.87 -14.08
C GLN A 232 17.34 3.30 -15.08
N ALA A 233 16.83 2.09 -14.84
CA ALA A 233 15.92 1.47 -15.80
C ALA A 233 14.53 2.10 -15.79
N GLU A 234 14.19 2.81 -14.72
CA GLU A 234 12.88 3.45 -14.59
C GLU A 234 12.95 4.82 -15.27
N LYS A 235 12.35 4.93 -16.45
CA LYS A 235 12.45 6.17 -17.24
C LYS A 235 11.34 7.16 -16.96
N GLY A 236 10.25 6.73 -16.33
CA GLY A 236 9.11 7.61 -16.17
C GLY A 236 8.92 8.21 -14.78
N LYS A 237 9.68 7.75 -13.79
CA LYS A 237 9.48 8.20 -12.41
C LYS A 237 10.83 8.45 -11.76
N PRO A 238 10.91 9.43 -10.86
CA PRO A 238 12.10 9.54 -10.02
C PRO A 238 12.14 8.36 -9.05
N THR A 239 13.34 8.00 -8.63
CA THR A 239 13.54 6.83 -7.78
C THR A 239 14.17 7.23 -6.45
N LEU A 240 13.66 6.66 -5.36
CA LEU A 240 14.30 6.78 -4.06
C LEU A 240 14.93 5.43 -3.72
N ILE A 241 16.22 5.41 -3.45
CA ILE A 241 16.91 4.21 -3.01
C ILE A 241 17.12 4.33 -1.49
N ILE A 242 16.39 3.54 -0.72
CA ILE A 242 16.47 3.59 0.76
C ILE A 242 17.66 2.73 1.20
N CYS A 243 18.75 3.39 1.61
CA CYS A 243 20.00 2.72 1.98
C CYS A 243 20.15 2.70 3.50
N LYS A 244 20.06 1.51 4.08
CA LYS A 244 20.30 1.36 5.51
C LYS A 244 21.79 1.49 5.77
N THR A 245 22.19 2.51 6.51
CA THR A 245 23.60 2.78 6.79
C THR A 245 23.79 2.89 8.29
N ILE A 246 25.05 2.79 8.70
CA ILE A 246 25.47 2.97 10.09
C ILE A 246 26.26 4.26 10.13
N ILE A 247 25.71 5.28 10.79
CA ILE A 247 26.43 6.55 10.88
C ILE A 247 27.78 6.30 11.54
N GLY A 248 28.82 6.94 11.00
CA GLY A 248 30.16 6.76 11.52
C GLY A 248 30.69 5.35 11.35
N PHE A 249 30.24 4.64 10.32
CA PHE A 249 30.70 3.28 10.03
C PHE A 249 32.21 3.15 10.22
N GLY A 250 32.62 2.21 11.06
CA GLY A 250 34.00 1.91 11.31
C GLY A 250 34.48 2.31 12.69
N SER A 251 33.90 3.36 13.26
CA SER A 251 34.26 3.78 14.61
C SER A 251 33.69 2.80 15.62
N PRO A 252 34.51 2.06 16.38
CA PRO A 252 33.92 1.07 17.29
C PRO A 252 33.10 1.69 18.42
N ASN A 253 33.40 2.91 18.84
CA ASN A 253 32.67 3.44 19.99
C ASN A 253 31.59 4.44 19.64
N LYS A 254 31.62 5.06 18.47
CA LYS A 254 30.66 6.09 18.15
C LYS A 254 29.82 5.82 16.92
N SER A 255 30.05 4.70 16.22
CA SER A 255 29.19 4.36 15.08
C SER A 255 27.79 4.01 15.56
N GLY A 256 26.81 4.30 14.70
CA GLY A 256 25.42 4.10 15.07
C GLY A 256 24.93 5.00 16.18
N SER A 257 25.64 6.09 16.45
CA SER A 257 25.26 7.01 17.53
C SER A 257 25.29 8.44 17.01
N HIS A 258 24.45 9.30 17.59
CA HIS A 258 24.60 10.72 17.27
C HIS A 258 25.93 11.30 17.76
N ASP A 259 26.66 10.56 18.60
CA ASP A 259 28.01 10.98 18.99
C ASP A 259 28.94 11.14 17.79
N SER A 260 28.68 10.44 16.69
CA SER A 260 29.52 10.60 15.51
C SER A 260 28.96 11.61 14.51
N HIS A 261 27.85 12.28 14.82
CA HIS A 261 27.21 13.12 13.81
C HIS A 261 28.02 14.37 13.50
N GLY A 262 28.49 15.08 14.53
CA GLY A 262 28.96 16.44 14.29
C GLY A 262 30.09 16.98 15.16
N ALA A 263 31.01 16.13 15.56
CA ALA A 263 32.18 16.53 16.31
C ALA A 263 33.34 15.65 15.88
N PRO A 264 34.59 16.12 15.98
CA PRO A 264 35.73 15.24 15.73
C PRO A 264 35.63 13.97 16.56
N LEU A 265 36.01 12.85 15.95
CA LEU A 265 35.96 11.60 16.69
C LEU A 265 36.98 11.58 17.82
N GLY A 266 38.06 12.33 17.71
CA GLY A 266 39.12 12.19 18.69
C GLY A 266 40.26 11.33 18.18
N ASP A 267 41.49 11.68 18.57
CA ASP A 267 42.68 11.01 18.04
C ASP A 267 42.66 9.53 18.39
N GLU A 268 42.32 9.19 19.63
CA GLU A 268 42.28 7.78 20.01
C GLU A 268 41.22 7.02 19.22
N GLU A 269 40.02 7.58 19.07
CA GLU A 269 38.98 6.87 18.32
C GLU A 269 39.37 6.71 16.86
N ILE A 270 40.12 7.67 16.32
CA ILE A 270 40.54 7.56 14.92
C ILE A 270 41.52 6.41 14.75
N ASP A 271 42.41 6.22 15.72
CA ASP A 271 43.36 5.11 15.66
C ASP A 271 42.65 3.77 15.73
N LEU A 272 41.64 3.65 16.61
CA LEU A 272 40.85 2.42 16.68
C LEU A 272 40.04 2.20 15.41
N THR A 273 39.51 3.28 14.81
CA THR A 273 38.79 3.16 13.55
C THR A 273 39.70 2.66 12.44
N ARG A 274 40.91 3.21 12.35
CA ARG A 274 41.90 2.73 11.38
C ARG A 274 42.14 1.23 11.55
N LYS A 275 42.32 0.79 12.80
CA LYS A 275 42.53 -0.63 13.07
C LYS A 275 41.30 -1.45 12.68
N ALA A 276 40.10 -0.99 13.05
CA ALA A 276 38.90 -1.75 12.70
C ALA A 276 38.70 -1.81 11.19
N LEU A 277 39.12 -0.77 10.46
CA LEU A 277 38.99 -0.77 9.00
C LEU A 277 40.16 -1.42 8.29
N GLY A 278 41.19 -1.88 9.02
CA GLY A 278 42.37 -2.42 8.36
C GLY A 278 43.11 -1.40 7.54
N TRP A 279 43.03 -0.13 7.93
CA TRP A 279 43.62 0.97 7.19
C TRP A 279 44.97 1.30 7.81
N GLU A 280 46.04 1.19 7.01
CA GLU A 280 47.41 1.21 7.52
C GLU A 280 48.17 2.49 7.18
N TYR A 281 47.53 3.50 6.59
CA TYR A 281 48.25 4.67 6.12
C TYR A 281 48.00 5.88 7.03
N ALA A 282 49.06 6.69 7.20
CA ALA A 282 49.03 7.86 8.06
C ALA A 282 48.04 8.91 7.53
N PRO A 283 47.70 9.90 8.34
CA PRO A 283 46.75 10.94 7.90
C PRO A 283 47.14 11.63 6.60
N PHE A 284 46.13 11.77 5.72
CA PHE A 284 46.22 12.39 4.40
C PHE A 284 47.11 11.64 3.43
N GLU A 285 47.45 10.38 3.73
CA GLU A 285 48.22 9.52 2.83
C GLU A 285 47.28 8.55 2.11
N ILE A 286 47.19 8.66 0.80
CA ILE A 286 46.39 7.77 -0.03
C ILE A 286 47.37 7.10 -0.98
N PRO A 287 47.49 5.77 -0.97
CA PRO A 287 48.48 5.13 -1.85
C PRO A 287 48.15 5.35 -3.32
N ALA A 288 49.21 5.33 -4.14
CA ALA A 288 49.06 5.58 -5.57
C ALA A 288 48.04 4.66 -6.21
N GLU A 289 48.00 3.39 -5.78
CA GLU A 289 47.04 2.43 -6.35
C GLU A 289 45.60 2.88 -6.12
N TYR A 290 45.31 3.45 -4.94
CA TYR A 290 43.95 3.89 -4.67
C TYR A 290 43.60 5.12 -5.52
N TYR A 291 44.57 6.02 -5.74
CA TYR A 291 44.34 7.13 -6.64
C TYR A 291 44.07 6.65 -8.07
N ALA A 292 44.82 5.65 -8.52
CA ALA A 292 44.67 5.18 -9.89
C ALA A 292 43.29 4.57 -10.11
N GLU A 293 42.79 3.82 -9.12
CA GLU A 293 41.49 3.19 -9.26
C GLU A 293 40.33 4.16 -9.00
N TRP A 294 40.55 5.20 -8.19
CA TRP A 294 39.53 6.24 -8.03
C TRP A 294 39.47 7.21 -9.20
N SER A 295 40.53 7.32 -10.01
CA SER A 295 40.59 8.39 -11.00
C SER A 295 39.48 8.28 -12.03
N ALA A 296 38.78 9.40 -12.24
CA ALA A 296 37.77 9.51 -13.30
C ALA A 296 38.30 10.24 -14.52
N LYS A 297 39.61 10.52 -14.59
CA LYS A 297 40.10 11.40 -15.65
C LYS A 297 39.98 10.73 -17.01
N GLU A 298 40.35 9.45 -17.13
CA GLU A 298 40.32 8.81 -18.44
C GLU A 298 38.89 8.55 -18.91
N LYS A 299 38.06 7.96 -18.04
CA LYS A 299 36.66 7.76 -18.38
C LYS A 299 35.97 9.07 -18.69
N GLY A 300 36.23 10.10 -17.88
CA GLY A 300 35.56 11.39 -18.08
C GLY A 300 35.97 12.10 -19.35
N ALA A 301 37.26 12.05 -19.68
CA ALA A 301 37.73 12.72 -20.89
C ALA A 301 37.15 12.05 -22.14
N ALA A 302 37.06 10.72 -22.13
CA ALA A 302 36.43 10.00 -23.24
C ALA A 302 34.94 10.32 -23.33
N ALA A 303 34.27 10.47 -22.19
CA ALA A 303 32.83 10.76 -22.20
C ALA A 303 32.56 12.16 -22.74
N GLU A 304 33.38 13.13 -22.36
CA GLU A 304 33.16 14.48 -22.87
C GLU A 304 33.54 14.57 -24.35
N LYS A 305 34.63 13.91 -24.76
CA LYS A 305 35.02 13.94 -26.16
C LYS A 305 33.92 13.34 -27.04
N SER A 306 33.33 12.23 -26.57
CA SER A 306 32.23 11.62 -27.30
C SER A 306 31.05 12.57 -27.39
N TRP A 307 30.78 13.34 -26.33
CA TRP A 307 29.70 14.32 -26.41
C TRP A 307 30.07 15.50 -27.31
N GLU A 308 31.35 15.93 -27.29
CA GLU A 308 31.73 17.03 -28.16
C GLU A 308 31.54 16.65 -29.63
N GLU A 309 31.82 15.39 -29.97
CA GLU A 309 31.59 14.92 -31.33
C GLU A 309 30.10 14.90 -31.65
N LYS A 310 29.25 14.48 -30.70
CA LYS A 310 27.80 14.57 -30.94
C LYS A 310 27.35 16.01 -31.13
N PHE A 311 27.93 16.94 -30.35
CA PHE A 311 27.51 18.32 -30.50
C PHE A 311 27.95 18.89 -31.85
N ALA A 312 29.14 18.50 -32.32
CA ALA A 312 29.60 18.96 -33.62
C ALA A 312 28.69 18.48 -34.73
N ALA A 313 28.24 17.22 -34.67
CA ALA A 313 27.31 16.72 -35.68
C ALA A 313 25.99 17.45 -35.60
N TYR A 314 25.56 17.77 -34.37
CA TYR A 314 24.34 18.53 -34.15
C TYR A 314 24.44 19.94 -34.73
N ALA A 315 25.58 20.61 -34.51
CA ALA A 315 25.76 21.96 -35.02
C ALA A 315 25.87 21.99 -36.54
N LYS A 316 26.32 20.88 -37.15
CA LYS A 316 26.33 20.81 -38.61
C LYS A 316 24.91 20.76 -39.16
N ALA A 317 24.02 19.98 -38.53
CA ALA A 317 22.64 19.84 -39.00
C ALA A 317 21.76 21.02 -38.56
N TYR A 318 22.01 21.56 -37.38
CA TYR A 318 21.18 22.63 -36.82
C TYR A 318 22.08 23.75 -36.31
N PRO A 319 22.71 24.51 -37.22
CA PRO A 319 23.65 25.53 -36.75
C PRO A 319 23.01 26.58 -35.85
N GLU A 320 21.81 27.06 -36.19
CA GLU A 320 21.18 28.09 -35.37
C GLU A 320 20.77 27.53 -34.01
N LEU A 321 20.20 26.32 -33.98
CA LEU A 321 19.86 25.69 -32.70
C LEU A 321 21.09 25.55 -31.82
N ALA A 322 22.19 25.07 -32.39
CA ALA A 322 23.41 24.85 -31.61
C ALA A 322 23.93 26.17 -31.05
N ALA A 323 23.90 27.24 -31.85
CA ALA A 323 24.34 28.52 -31.32
C ALA A 323 23.42 29.01 -30.22
N GLU A 324 22.11 28.74 -30.33
CA GLU A 324 21.18 29.08 -29.25
C GLU A 324 21.50 28.27 -27.99
N PHE A 325 21.82 26.99 -28.15
CA PHE A 325 22.20 26.18 -27.00
C PHE A 325 23.41 26.77 -26.30
N LYS A 326 24.43 27.15 -27.06
CA LYS A 326 25.64 27.67 -26.46
C LYS A 326 25.39 29.02 -25.79
N ARG A 327 24.60 29.87 -26.43
CA ARG A 327 24.27 31.15 -25.82
C ARG A 327 23.53 30.95 -24.51
N ARG A 328 22.46 30.13 -24.53
CA ARG A 328 21.61 30.02 -23.36
C ARG A 328 22.32 29.32 -22.20
N VAL A 329 23.21 28.37 -22.49
CA VAL A 329 23.95 27.69 -21.45
C VAL A 329 24.99 28.63 -20.82
N SER A 330 25.58 29.52 -21.62
CA SER A 330 26.50 30.51 -21.06
C SER A 330 25.81 31.59 -20.25
N GLY A 331 24.52 31.84 -20.49
CA GLY A 331 23.80 32.88 -19.78
C GLY A 331 23.77 34.23 -20.46
N GLU A 332 24.43 34.37 -21.61
CA GLU A 332 24.42 35.61 -22.36
C GLU A 332 23.03 35.86 -22.95
N LEU A 333 22.68 37.10 -23.07
CA LEU A 333 21.38 37.46 -23.61
C LEU A 333 21.47 37.58 -25.12
N PRO A 334 20.33 37.56 -25.84
CA PRO A 334 20.39 37.68 -27.30
C PRO A 334 20.88 39.03 -27.77
N THR A 335 21.46 39.06 -28.97
CA THR A 335 22.08 40.28 -29.46
C THR A 335 21.07 41.41 -29.60
N ASN A 336 19.81 41.09 -29.93
CA ASN A 336 18.80 42.12 -30.09
C ASN A 336 18.09 42.49 -28.78
N TRP A 337 18.56 41.97 -27.64
CA TRP A 337 17.86 42.24 -26.38
C TRP A 337 17.95 43.71 -26.00
N ALA A 338 19.15 44.28 -26.06
CA ALA A 338 19.33 45.67 -25.65
C ALA A 338 18.40 46.59 -26.41
N ALA A 339 18.24 46.38 -27.72
CA ALA A 339 17.42 47.28 -28.51
C ALA A 339 15.94 46.99 -28.33
N GLU A 340 15.56 45.72 -28.26
CA GLU A 340 14.14 45.40 -28.11
C GLU A 340 13.59 45.86 -26.77
N SER A 341 14.35 45.64 -25.68
CA SER A 341 13.85 46.07 -24.38
C SER A 341 13.77 47.59 -24.30
N LYS A 342 14.77 48.29 -24.84
CA LYS A 342 14.74 49.75 -24.86
C LYS A 342 13.53 50.26 -25.63
N ALA A 343 13.26 49.69 -26.81
CA ALA A 343 12.13 50.15 -27.59
C ALA A 343 10.82 49.90 -26.84
N PHE A 344 10.70 48.76 -26.16
CA PHE A 344 9.49 48.50 -25.39
C PHE A 344 9.29 49.53 -24.28
N ILE A 345 10.36 49.90 -23.59
CA ILE A 345 10.24 50.83 -22.46
C ILE A 345 9.89 52.23 -22.96
N GLU A 346 10.53 52.67 -24.04
CA GLU A 346 10.22 53.97 -24.61
C GLU A 346 8.80 54.01 -25.16
N LYS A 347 8.30 52.89 -25.71
CA LYS A 347 6.92 52.86 -26.17
C LYS A 347 5.94 53.04 -25.01
N LEU A 348 6.24 52.46 -23.86
CA LEU A 348 5.35 52.61 -22.71
C LEU A 348 5.37 54.03 -22.17
N GLN A 349 6.56 54.66 -22.11
CA GLN A 349 6.63 56.04 -21.64
C GLN A 349 5.82 56.97 -22.53
N ALA A 350 5.68 56.63 -23.82
CA ALA A 350 4.96 57.47 -24.76
C ALA A 350 3.46 57.21 -24.80
N ASN A 351 2.98 56.10 -24.26
CA ASN A 351 1.55 55.76 -24.32
C ASN A 351 1.08 55.49 -22.90
N PRO A 352 0.85 56.54 -22.11
CA PRO A 352 0.53 56.35 -20.69
C PRO A 352 -0.70 55.47 -20.49
N ALA A 353 -0.63 54.60 -19.49
CA ALA A 353 -1.76 53.79 -19.09
C ALA A 353 -1.74 53.68 -17.57
N SER A 354 -2.91 53.78 -16.96
CA SER A 354 -3.04 53.66 -15.52
C SER A 354 -3.51 52.25 -15.22
N ILE A 355 -2.53 51.34 -15.03
CA ILE A 355 -2.82 49.93 -14.85
C ILE A 355 -2.13 49.46 -13.57
N ALA A 356 -2.61 48.33 -13.05
CA ALA A 356 -1.94 47.73 -11.89
C ALA A 356 -0.56 47.27 -12.32
N SER A 357 0.42 47.43 -11.43
CA SER A 357 1.77 47.04 -11.85
C SER A 357 1.90 45.53 -12.04
N ARG A 358 1.02 44.72 -11.43
CA ARG A 358 1.00 43.30 -11.78
C ARG A 358 0.60 43.08 -13.24
N LYS A 359 -0.30 43.92 -13.77
CA LYS A 359 -0.62 43.86 -15.19
C LYS A 359 0.53 44.40 -16.01
N ALA A 360 1.18 45.46 -15.53
CA ALA A 360 2.39 45.96 -16.18
C ALA A 360 3.47 44.87 -16.23
N SER A 361 3.57 44.06 -15.16
CA SER A 361 4.53 42.97 -15.16
C SER A 361 4.20 41.93 -16.22
N GLN A 362 2.92 41.58 -16.36
CA GLN A 362 2.52 40.61 -17.39
C GLN A 362 2.83 41.14 -18.79
N ASN A 363 2.51 42.42 -19.04
CA ASN A 363 2.87 43.05 -20.31
C ASN A 363 4.37 42.98 -20.57
N ALA A 364 5.18 43.18 -19.54
CA ALA A 364 6.63 43.09 -19.70
C ALA A 364 7.06 41.66 -20.01
N ILE A 365 6.51 40.69 -19.29
CA ILE A 365 6.76 39.29 -19.61
C ILE A 365 6.41 39.00 -21.07
N GLU A 366 5.25 39.50 -21.52
CA GLU A 366 4.83 39.22 -22.90
C GLU A 366 5.83 39.76 -23.91
N ALA A 367 6.27 41.01 -23.73
CA ALA A 367 7.22 41.60 -24.67
C ALA A 367 8.58 40.91 -24.59
N TYR A 368 9.07 40.66 -23.38
CA TYR A 368 10.41 40.11 -23.23
C TYR A 368 10.47 38.63 -23.60
N ALA A 369 9.39 37.87 -23.36
CA ALA A 369 9.42 36.44 -23.68
C ALA A 369 9.53 36.20 -25.18
N HIS A 370 9.07 37.16 -25.99
CA HIS A 370 9.30 37.07 -27.43
C HIS A 370 10.78 37.16 -27.75
N VAL A 371 11.56 37.83 -26.90
CA VAL A 371 12.99 37.97 -27.12
C VAL A 371 13.79 36.89 -26.39
N LEU A 372 13.26 36.33 -25.30
CA LEU A 372 14.00 35.43 -24.42
C LEU A 372 13.37 34.05 -24.39
N PRO A 373 13.71 33.18 -25.33
CA PRO A 373 13.21 31.79 -25.25
C PRO A 373 13.70 31.05 -24.01
N GLU A 374 14.76 31.54 -23.34
CA GLU A 374 15.24 30.92 -22.12
C GLU A 374 14.35 31.16 -20.91
N PHE A 375 13.34 32.03 -21.02
CA PHE A 375 12.43 32.27 -19.89
C PHE A 375 11.74 30.97 -19.50
N LEU A 376 11.81 30.62 -18.22
CA LEU A 376 11.07 29.48 -17.67
C LEU A 376 10.26 30.01 -16.49
N GLY A 377 8.99 30.35 -16.75
CA GLY A 377 8.19 31.05 -15.77
C GLY A 377 7.36 30.11 -14.92
N GLY A 378 6.63 30.71 -13.99
CA GLY A 378 5.74 29.92 -13.17
C GLY A 378 5.08 30.77 -12.11
N SER A 379 4.16 30.14 -11.41
CA SER A 379 3.51 30.75 -10.27
C SER A 379 3.10 29.64 -9.31
N ALA A 380 3.03 29.98 -8.03
CA ALA A 380 2.62 29.01 -7.01
C ALA A 380 1.10 29.02 -6.88
N ASP A 381 0.42 28.43 -7.87
CA ASP A 381 -1.05 28.32 -7.92
C ASP A 381 -1.72 29.70 -8.00
N LEU A 382 -1.05 30.70 -8.56
CA LEU A 382 -1.65 32.03 -8.59
C LEU A 382 -1.50 32.69 -9.96
N ALA A 383 -1.49 31.91 -11.05
CA ALA A 383 -1.31 32.49 -12.38
C ALA A 383 -2.30 33.63 -12.65
N SER A 384 -3.57 33.45 -12.23
CA SER A 384 -4.59 34.45 -12.50
C SER A 384 -4.49 35.69 -11.61
N SER A 385 -3.84 35.60 -10.46
CA SER A 385 -3.63 36.75 -9.59
C SER A 385 -2.27 37.42 -9.81
N ASN A 386 -1.20 36.63 -9.94
CA ASN A 386 0.12 37.18 -10.18
C ASN A 386 0.32 37.64 -11.63
N LEU A 387 -0.45 37.07 -12.57
CA LEU A 387 -0.37 37.38 -14.00
C LEU A 387 0.98 36.99 -14.61
N THR A 388 1.31 35.70 -14.55
CA THR A 388 2.60 35.19 -14.99
C THR A 388 2.55 34.51 -16.36
N LEU A 389 1.37 34.21 -16.87
CA LEU A 389 1.24 33.61 -18.20
C LEU A 389 1.34 34.68 -19.26
N TRP A 390 2.03 34.36 -20.35
CA TRP A 390 1.98 35.14 -21.58
C TRP A 390 1.37 34.29 -22.68
N SER A 391 1.14 34.90 -23.84
CA SER A 391 0.44 34.22 -24.92
C SER A 391 1.18 32.96 -25.37
N GLY A 392 2.51 32.96 -25.28
CA GLY A 392 3.27 31.79 -25.65
C GLY A 392 3.54 30.80 -24.53
N SER A 393 2.90 30.96 -23.36
CA SER A 393 3.10 30.02 -22.26
C SER A 393 2.68 28.61 -22.65
N LYS A 394 3.57 27.65 -22.40
CA LYS A 394 3.31 26.22 -22.61
C LYS A 394 3.55 25.49 -21.29
N PRO A 395 2.52 25.31 -20.47
CA PRO A 395 2.74 24.71 -19.14
C PRO A 395 3.26 23.28 -19.26
N ILE A 396 4.39 23.04 -18.59
CA ILE A 396 5.11 21.76 -18.68
C ILE A 396 4.38 20.70 -17.88
N ARG A 397 4.23 19.51 -18.48
CA ARG A 397 3.68 18.33 -17.83
C ARG A 397 4.62 17.16 -18.06
N ALA A 398 4.30 16.02 -17.45
CA ALA A 398 5.16 14.83 -17.53
C ALA A 398 5.31 14.34 -18.97
N HIS A 399 4.23 14.34 -19.74
CA HIS A 399 4.24 13.80 -21.10
C HIS A 399 3.65 14.79 -22.11
N GLU A 400 3.52 16.05 -21.74
CA GLU A 400 2.94 17.07 -22.59
C GLU A 400 3.69 18.37 -22.36
N ASN A 401 3.96 19.11 -23.44
CA ASN A 401 4.72 20.34 -23.37
C ASN A 401 6.06 20.11 -22.68
N VAL A 402 6.73 19.03 -23.09
CA VAL A 402 7.96 18.67 -22.42
C VAL A 402 9.04 19.68 -22.75
N GLY A 403 8.92 20.34 -23.91
CA GLY A 403 9.77 21.46 -24.26
C GLY A 403 9.10 22.78 -23.97
N GLY A 404 8.20 22.80 -22.99
CA GLY A 404 7.48 24.00 -22.63
C GLY A 404 8.35 24.99 -21.87
N ASN A 405 7.66 25.99 -21.30
CA ASN A 405 8.35 27.15 -20.73
C ASN A 405 7.64 27.72 -19.50
N TYR A 406 6.76 26.98 -18.86
CA TYR A 406 6.01 27.50 -17.73
C TYR A 406 5.72 26.35 -16.78
N ILE A 407 5.75 26.62 -15.47
CA ILE A 407 5.50 25.57 -14.47
C ILE A 407 4.36 26.00 -13.55
N ASN A 408 3.31 25.19 -13.49
CA ASN A 408 2.33 25.32 -12.41
C ASN A 408 2.95 24.68 -11.18
N TYR A 409 3.45 25.49 -10.24
CA TYR A 409 4.14 24.95 -9.08
C TYR A 409 3.20 24.44 -8.00
N GLY A 410 1.90 24.72 -8.09
CA GLY A 410 0.98 24.45 -7.00
C GLY A 410 1.27 25.36 -5.81
N VAL A 411 0.58 25.07 -4.70
CA VAL A 411 0.74 25.88 -3.49
C VAL A 411 2.02 25.47 -2.76
N ARG A 412 3.18 25.83 -3.30
CA ARG A 412 4.48 25.39 -2.79
C ARG A 412 5.50 26.53 -3.01
N GLU A 413 5.39 27.60 -2.21
CA GLU A 413 6.26 28.76 -2.39
C GLU A 413 7.73 28.40 -2.14
N PHE A 414 8.01 27.73 -1.03
CA PHE A 414 9.38 27.39 -0.68
C PHE A 414 9.98 26.46 -1.72
N GLY A 415 9.24 25.40 -2.07
CA GLY A 415 9.74 24.47 -3.08
C GLY A 415 9.94 25.12 -4.44
N MET A 416 8.98 25.94 -4.87
CA MET A 416 9.13 26.75 -6.08
C MET A 416 10.47 27.48 -6.11
N SER A 417 10.76 28.20 -5.04
CA SER A 417 11.90 29.10 -5.03
C SER A 417 13.20 28.32 -5.07
N ALA A 418 13.30 27.23 -4.32
CA ALA A 418 14.52 26.45 -4.35
C ALA A 418 14.63 25.62 -5.62
N ILE A 419 13.50 25.25 -6.24
CA ILE A 419 13.55 24.62 -7.56
C ILE A 419 14.09 25.59 -8.59
N MET A 420 13.61 26.84 -8.56
CA MET A 420 14.13 27.89 -9.44
C MET A 420 15.64 28.07 -9.28
N ASN A 421 16.13 28.02 -8.04
CA ASN A 421 17.57 28.08 -7.83
C ASN A 421 18.28 26.93 -8.56
N GLY A 422 17.72 25.72 -8.49
CA GLY A 422 18.32 24.61 -9.22
C GLY A 422 18.23 24.81 -10.73
N ILE A 423 17.13 25.39 -11.21
CA ILE A 423 17.00 25.67 -12.63
C ILE A 423 18.06 26.67 -13.07
N ALA A 424 18.30 27.70 -12.24
CA ALA A 424 19.31 28.70 -12.57
C ALA A 424 20.71 28.10 -12.55
N LEU A 425 20.99 27.24 -11.55
CA LEU A 425 22.30 26.59 -11.48
C LEU A 425 22.55 25.69 -12.68
N HIS A 426 21.51 25.03 -13.18
CA HIS A 426 21.68 24.07 -14.27
C HIS A 426 22.24 24.72 -15.52
N GLY A 427 21.74 25.90 -15.88
CA GLY A 427 22.11 26.54 -17.12
C GLY A 427 21.07 26.34 -18.20
N GLY A 428 20.95 27.34 -19.08
CA GLY A 428 20.06 27.28 -20.20
C GLY A 428 18.74 28.01 -20.03
N PHE A 429 18.44 28.49 -18.82
CA PHE A 429 17.16 29.10 -18.51
C PHE A 429 17.33 30.34 -17.65
N ILE A 430 16.35 31.23 -17.75
CA ILE A 430 16.20 32.31 -16.78
C ILE A 430 14.88 32.05 -16.05
N PRO A 431 14.91 31.50 -14.85
CA PRO A 431 13.65 31.16 -14.19
C PRO A 431 13.05 32.37 -13.49
N TYR A 432 11.73 32.50 -13.58
CA TYR A 432 10.99 33.40 -12.72
C TYR A 432 9.79 32.66 -12.14
N GLY A 433 9.40 33.08 -10.94
CA GLY A 433 8.28 32.46 -10.25
C GLY A 433 7.59 33.43 -9.31
N ALA A 434 6.27 33.37 -9.25
CA ALA A 434 5.48 34.37 -8.55
C ALA A 434 4.64 33.77 -7.44
N THR A 435 4.46 34.57 -6.38
CA THR A 435 3.43 34.34 -5.37
C THR A 435 3.06 35.71 -4.81
N PHE A 436 2.14 35.72 -3.84
CA PHE A 436 1.87 36.97 -3.13
C PHE A 436 3.10 37.37 -2.31
N LEU A 437 3.28 38.68 -2.15
CA LEU A 437 4.43 39.15 -1.39
C LEU A 437 4.47 38.56 0.02
N MET A 438 3.30 38.39 0.65
CA MET A 438 3.28 37.87 2.02
C MET A 438 4.03 36.55 2.11
N PHE A 439 3.87 35.70 1.09
CA PHE A 439 4.32 34.33 1.18
C PHE A 439 5.74 34.15 0.71
N TYR A 440 6.46 35.24 0.47
CA TYR A 440 7.90 35.10 0.42
C TYR A 440 8.42 34.66 1.79
N GLU A 441 7.66 34.92 2.87
CA GLU A 441 8.07 34.44 4.20
C GLU A 441 8.10 32.92 4.26
N TYR A 442 7.27 32.25 3.45
CA TYR A 442 7.35 30.80 3.32
C TYR A 442 8.64 30.39 2.63
N ALA A 443 9.08 31.18 1.66
CA ALA A 443 10.20 30.82 0.80
C ALA A 443 11.49 31.55 1.17
N HIS A 444 11.47 32.28 2.30
CA HIS A 444 12.53 33.18 2.73
C HIS A 444 13.95 32.66 2.50
N ASN A 445 14.27 31.51 3.06
CA ASN A 445 15.67 31.05 2.99
C ASN A 445 16.10 30.67 1.57
N ALA A 446 15.16 30.31 0.69
CA ALA A 446 15.56 30.02 -0.70
C ALA A 446 15.92 31.30 -1.44
N VAL A 447 15.28 32.42 -1.09
CA VAL A 447 15.67 33.72 -1.64
C VAL A 447 17.07 34.08 -1.18
N ARG A 448 17.36 33.88 0.11
CA ARG A 448 18.70 34.14 0.62
C ARG A 448 19.73 33.25 -0.07
N MET A 449 19.38 31.98 -0.31
CA MET A 449 20.33 31.05 -0.91
C MET A 449 20.67 31.44 -2.35
N ALA A 450 19.69 31.96 -3.10
CA ALA A 450 19.96 32.47 -4.44
C ALA A 450 20.96 33.62 -4.39
N ALA A 451 20.77 34.53 -3.43
CA ALA A 451 21.71 35.64 -3.28
C ALA A 451 23.09 35.15 -2.86
N LEU A 452 23.14 34.22 -1.90
CA LEU A 452 24.43 33.66 -1.48
C LEU A 452 25.17 33.04 -2.67
N MET A 453 24.46 32.27 -3.49
CA MET A 453 25.02 31.54 -4.63
C MET A 453 25.19 32.43 -5.88
N LYS A 454 24.81 33.71 -5.79
CA LYS A 454 24.90 34.67 -6.90
C LYS A 454 24.14 34.18 -8.13
N GLN A 455 22.95 33.65 -7.93
CA GLN A 455 22.18 33.09 -9.03
C GLN A 455 21.14 34.09 -9.53
N ARG A 456 21.00 34.16 -10.86
CA ARG A 456 19.93 34.96 -11.47
C ARG A 456 18.62 34.18 -11.39
N THR A 457 17.97 34.28 -10.25
CA THR A 457 16.62 33.78 -10.04
C THR A 457 15.71 34.99 -9.88
N LEU A 458 14.56 34.99 -10.57
CA LEU A 458 13.65 36.13 -10.56
C LEU A 458 12.45 35.80 -9.70
N PHE A 459 12.36 36.43 -8.53
CA PHE A 459 11.27 36.21 -7.58
C PHE A 459 10.23 37.30 -7.79
N VAL A 460 9.05 36.92 -8.27
CA VAL A 460 7.96 37.86 -8.55
C VAL A 460 6.96 37.83 -7.40
N TYR A 461 6.58 39.00 -6.91
CA TYR A 461 5.60 39.13 -5.83
C TYR A 461 4.54 40.14 -6.23
N THR A 462 3.27 39.79 -6.02
CA THR A 462 2.17 40.72 -6.27
C THR A 462 1.37 40.89 -4.99
N HIS A 463 0.43 41.84 -5.01
CA HIS A 463 -0.39 42.20 -3.85
C HIS A 463 0.49 42.65 -2.68
N ASP A 464 1.05 43.85 -2.86
CA ASP A 464 2.22 44.29 -2.12
C ASP A 464 1.96 45.15 -0.88
N SER A 465 0.70 45.46 -0.55
CA SER A 465 0.44 46.38 0.55
C SER A 465 -1.00 46.23 1.01
N ILE A 466 -1.40 47.10 1.95
CA ILE A 466 -2.82 47.25 2.31
C ILE A 466 -3.65 47.55 1.07
N GLY A 467 -3.00 47.96 -0.03
CA GLY A 467 -3.65 48.13 -1.32
C GLY A 467 -4.43 46.92 -1.82
N LEU A 468 -4.12 45.72 -1.34
CA LEU A 468 -4.88 44.55 -1.78
C LEU A 468 -6.26 44.50 -1.14
N GLY A 469 -6.46 45.12 0.01
CA GLY A 469 -7.80 45.38 0.50
C GLY A 469 -8.32 44.29 1.42
N GLU A 470 -9.42 43.65 1.01
CA GLU A 470 -10.32 42.99 1.94
C GLU A 470 -9.79 41.67 2.51
N ASP A 471 -8.80 41.03 1.85
CA ASP A 471 -8.28 39.78 2.38
C ASP A 471 -7.67 39.96 3.77
N GLY A 472 -7.20 41.16 4.12
CA GLY A 472 -6.91 41.47 5.50
C GLY A 472 -5.49 41.19 5.96
N PRO A 473 -5.26 41.30 7.27
CA PRO A 473 -3.89 41.41 7.78
C PRO A 473 -3.04 40.13 7.63
N THR A 474 -3.63 38.96 7.41
CA THR A 474 -2.80 37.79 7.12
C THR A 474 -2.19 37.83 5.73
N HIS A 475 -2.72 38.66 4.83
CA HIS A 475 -2.24 38.75 3.46
C HIS A 475 -1.56 40.06 3.14
N GLN A 476 -1.85 41.13 3.88
CA GLN A 476 -1.39 42.47 3.55
C GLN A 476 0.05 42.68 4.01
N PRO A 477 1.00 42.80 3.09
CA PRO A 477 2.39 43.02 3.49
C PRO A 477 2.53 44.33 4.22
N VAL A 478 3.45 44.35 5.19
CA VAL A 478 3.81 45.60 5.84
C VAL A 478 5.33 45.64 5.92
N GLU A 479 5.91 44.62 6.54
CA GLU A 479 7.34 44.58 6.76
C GLU A 479 8.09 43.70 5.77
N GLN A 480 7.40 43.08 4.82
CA GLN A 480 8.05 42.11 3.93
C GLN A 480 9.02 42.77 2.96
N THR A 481 8.66 43.95 2.43
CA THR A 481 9.57 44.57 1.46
C THR A 481 10.87 45.01 2.14
N ALA A 482 10.78 45.57 3.35
CA ALA A 482 11.99 45.99 4.05
C ALA A 482 12.86 44.79 4.37
N SER A 483 12.24 43.68 4.74
CA SER A 483 13.02 42.48 5.06
CA SER A 483 13.02 42.47 5.05
C SER A 483 13.71 41.92 3.82
N LEU A 484 13.03 41.94 2.67
CA LEU A 484 13.69 41.58 1.42
C LEU A 484 14.89 42.49 1.14
N ARG A 485 14.75 43.79 1.42
CA ARG A 485 15.83 44.74 1.14
C ARG A 485 17.08 44.46 1.98
N LEU A 486 16.95 43.72 3.08
CA LEU A 486 18.11 43.50 3.96
C LEU A 486 19.00 42.38 3.47
N ILE A 487 18.51 41.55 2.56
CA ILE A 487 19.26 40.37 2.11
C ILE A 487 20.44 40.81 1.27
N PRO A 488 21.68 40.51 1.68
CA PRO A 488 22.84 40.82 0.84
C PRO A 488 22.71 40.19 -0.54
N ASN A 489 23.10 40.95 -1.56
CA ASN A 489 23.18 40.55 -2.96
C ASN A 489 21.82 40.28 -3.59
N LEU A 490 20.72 40.62 -2.93
CA LEU A 490 19.42 40.68 -3.58
C LEU A 490 19.09 42.13 -3.95
N GLU A 491 18.57 42.33 -5.16
CA GLU A 491 18.05 43.62 -5.59
C GLU A 491 16.53 43.56 -5.61
N THR A 492 15.89 44.37 -4.78
CA THR A 492 14.45 44.42 -4.66
C THR A 492 13.94 45.67 -5.37
N TRP A 493 12.97 45.49 -6.26
CA TRP A 493 12.38 46.58 -7.05
C TRP A 493 10.92 46.72 -6.67
N ARG A 494 10.47 47.96 -6.45
CA ARG A 494 9.07 48.26 -6.17
C ARG A 494 8.62 49.37 -7.11
N PRO A 495 8.35 49.04 -8.37
CA PRO A 495 8.14 50.09 -9.37
C PRO A 495 6.80 50.80 -9.20
N CYS A 496 6.79 52.07 -9.60
CA CYS A 496 5.62 52.92 -9.38
C CYS A 496 4.65 52.98 -10.56
N ASP A 497 4.99 52.45 -11.73
CA ASP A 497 4.05 52.45 -12.84
C ASP A 497 4.52 51.45 -13.89
N GLN A 498 3.79 51.40 -15.02
CA GLN A 498 4.10 50.38 -16.02
C GLN A 498 5.48 50.56 -16.63
N VAL A 499 6.02 51.79 -16.58
CA VAL A 499 7.33 52.05 -17.16
C VAL A 499 8.43 51.57 -16.24
N GLU A 500 8.37 51.97 -14.97
CA GLU A 500 9.29 51.41 -13.99
C GLU A 500 9.17 49.90 -13.90
N SER A 501 7.95 49.37 -14.08
CA SER A 501 7.78 47.92 -14.06
C SER A 501 8.58 47.25 -15.18
N ALA A 502 8.52 47.80 -16.39
CA ALA A 502 9.27 47.20 -17.49
C ALA A 502 10.77 47.34 -17.28
N ILE A 503 11.22 48.45 -16.68
CA ILE A 503 12.65 48.63 -16.45
C ILE A 503 13.14 47.70 -15.35
N ALA A 504 12.32 47.48 -14.33
CA ALA A 504 12.69 46.53 -13.26
C ALA A 504 12.88 45.12 -13.82
N TRP A 505 11.96 44.67 -14.67
CA TRP A 505 12.16 43.37 -15.32
C TRP A 505 13.44 43.36 -16.13
N GLN A 506 13.68 44.43 -16.89
CA GLN A 506 14.89 44.50 -17.72
C GLN A 506 16.14 44.38 -16.87
N GLN A 507 16.24 45.13 -15.77
CA GLN A 507 17.43 45.05 -14.95
C GLN A 507 17.57 43.68 -14.31
N ALA A 508 16.47 43.07 -13.88
CA ALA A 508 16.56 41.74 -13.30
C ALA A 508 17.09 40.73 -14.33
N VAL A 509 16.58 40.79 -15.55
CA VAL A 509 17.07 39.89 -16.61
C VAL A 509 18.56 40.10 -16.83
N GLU A 510 19.01 41.35 -16.79
CA GLU A 510 20.41 41.67 -17.08
C GLU A 510 21.35 41.40 -15.92
N ARG A 511 20.83 41.08 -14.74
CA ARG A 511 21.68 40.87 -13.57
C ARG A 511 22.16 39.42 -13.55
N GLN A 512 23.37 39.18 -14.06
CA GLN A 512 23.83 37.79 -14.10
C GLN A 512 24.40 37.29 -12.78
N ASP A 513 24.79 38.18 -11.87
CA ASP A 513 25.53 37.83 -10.66
C ASP A 513 24.66 37.79 -9.40
N GLY A 514 23.34 37.79 -9.53
CA GLY A 514 22.49 37.69 -8.36
C GLY A 514 21.02 37.79 -8.67
N PRO A 515 20.18 37.48 -7.68
CA PRO A 515 18.74 37.44 -7.88
C PRO A 515 18.10 38.81 -7.74
N SER A 516 16.84 38.88 -8.17
CA SER A 516 16.02 40.06 -8.02
C SER A 516 14.67 39.68 -7.43
N ALA A 517 14.09 40.62 -6.68
CA ALA A 517 12.72 40.51 -6.20
C ALA A 517 11.94 41.66 -6.81
N LEU A 518 10.87 41.36 -7.52
CA LEU A 518 10.06 42.34 -8.25
C LEU A 518 8.69 42.38 -7.62
N ILE A 519 8.31 43.53 -7.09
CA ILE A 519 7.15 43.67 -6.23
C ILE A 519 6.10 44.52 -6.95
N PHE A 520 4.92 43.95 -7.16
CA PHE A 520 3.89 44.59 -7.98
C PHE A 520 2.56 44.68 -7.24
N THR A 521 1.72 45.62 -7.69
CA THR A 521 0.48 45.96 -7.01
C THR A 521 -0.72 45.26 -7.62
N ARG A 522 -1.77 45.15 -6.82
CA ARG A 522 -3.07 44.72 -7.34
C ARG A 522 -3.89 45.88 -7.90
N GLN A 523 -3.72 47.09 -7.36
CA GLN A 523 -4.51 48.25 -7.76
C GLN A 523 -3.79 49.10 -8.82
N ASN A 524 -4.59 49.88 -9.56
CA ASN A 524 -4.10 50.66 -10.69
C ASN A 524 -3.14 51.75 -10.24
N LEU A 525 -2.10 52.00 -11.04
CA LEU A 525 -1.08 53.00 -10.76
C LEU A 525 -0.99 53.99 -11.91
N ALA A 526 -0.89 55.27 -11.57
CA ALA A 526 -0.83 56.33 -12.56
C ALA A 526 0.57 56.44 -13.14
N GLN A 527 0.66 56.53 -14.46
CA GLN A 527 1.97 56.68 -15.08
C GLN A 527 2.52 58.08 -14.86
N MET A 528 3.81 58.16 -14.61
CA MET A 528 4.48 59.45 -14.41
C MET A 528 5.19 59.90 -15.68
N ASP A 529 5.27 61.22 -15.84
CA ASP A 529 6.00 61.82 -16.95
C ASP A 529 7.49 61.71 -16.70
N ARG A 530 8.22 61.33 -17.74
CA ARG A 530 9.67 61.22 -17.63
C ARG A 530 10.28 61.78 -18.90
N THR A 531 11.31 62.60 -18.74
CA THR A 531 12.11 63.00 -19.88
C THR A 531 12.97 61.82 -20.32
N SER A 532 13.76 62.03 -21.37
CA SER A 532 14.67 60.98 -21.83
C SER A 532 15.77 60.74 -20.80
N ALA A 533 16.20 61.77 -20.11
CA ALA A 533 17.24 61.58 -19.10
C ALA A 533 16.66 60.95 -17.83
N GLN A 534 15.42 61.30 -17.48
CA GLN A 534 14.76 60.64 -16.36
C GLN A 534 14.53 59.16 -16.66
N LEU A 535 14.02 58.85 -17.85
CA LEU A 535 13.82 57.46 -18.24
C LEU A 535 15.11 56.66 -18.08
N ASP A 536 16.23 57.24 -18.50
CA ASP A 536 17.51 56.56 -18.46
C ASP A 536 17.99 56.32 -17.02
N ALA A 537 17.56 57.16 -16.09
CA ALA A 537 18.08 57.08 -14.73
C ALA A 537 17.31 56.09 -13.85
N VAL A 538 16.19 55.56 -14.32
CA VAL A 538 15.38 54.66 -13.48
C VAL A 538 16.20 53.46 -13.04
N LYS A 539 17.03 52.93 -13.94
CA LYS A 539 17.88 51.79 -13.64
C LYS A 539 18.98 52.09 -12.61
N ARG A 540 19.15 53.34 -12.21
CA ARG A 540 20.07 53.64 -11.12
C ARG A 540 19.41 53.52 -9.75
N GLY A 541 18.17 53.06 -9.70
CA GLY A 541 17.53 52.72 -8.42
C GLY A 541 16.77 53.83 -7.72
N ALA A 542 17.29 55.06 -7.78
CA ALA A 542 16.52 56.24 -7.40
C ALA A 542 16.95 57.39 -8.31
N TYR A 543 16.01 58.30 -8.57
CA TYR A 543 16.27 59.42 -9.47
C TYR A 543 15.30 60.55 -9.13
N VAL A 544 15.65 61.75 -9.59
CA VAL A 544 14.80 62.91 -9.41
C VAL A 544 13.65 62.83 -10.40
N LEU A 545 12.41 62.82 -9.89
CA LEU A 545 11.22 62.74 -10.73
C LEU A 545 10.55 64.09 -10.92
N LYS A 546 10.42 64.86 -9.85
CA LYS A 546 9.99 66.26 -9.89
C LYS A 546 11.07 67.08 -9.23
N ASP A 547 11.49 68.16 -9.88
CA ASP A 547 12.52 69.02 -9.30
C ASP A 547 12.05 70.47 -9.31
N CYS A 548 12.41 71.18 -8.25
CA CYS A 548 12.28 72.63 -8.22
C CYS A 548 13.50 73.26 -8.87
N ASP A 549 13.38 74.56 -9.16
CA ASP A 549 14.55 75.33 -9.58
C ASP A 549 15.38 75.69 -8.36
N GLY A 550 16.68 75.43 -8.43
CA GLY A 550 17.56 75.68 -7.31
C GLY A 550 17.47 74.60 -6.24
N THR A 551 18.23 74.79 -5.18
CA THR A 551 18.30 73.80 -4.11
C THR A 551 16.94 73.66 -3.43
N PRO A 552 16.40 72.44 -3.30
CA PRO A 552 15.13 72.26 -2.59
C PRO A 552 15.30 72.45 -1.10
N GLU A 553 14.20 72.80 -0.44
CA GLU A 553 14.15 72.82 1.00
C GLU A 553 13.45 71.60 1.58
N LEU A 554 12.95 70.70 0.73
CA LEU A 554 12.22 69.52 1.16
C LEU A 554 12.32 68.48 0.07
N ILE A 555 12.75 67.27 0.41
CA ILE A 555 12.82 66.16 -0.54
C ILE A 555 11.81 65.10 -0.13
N PHE A 556 10.88 64.80 -1.02
CA PHE A 556 10.01 63.64 -0.89
C PHE A 556 10.72 62.43 -1.51
N ILE A 557 10.73 61.32 -0.79
CA ILE A 557 11.20 60.03 -1.31
C ILE A 557 10.03 59.06 -1.25
N ALA A 558 9.68 58.47 -2.39
CA ALA A 558 8.55 57.55 -2.40
C ALA A 558 8.87 56.38 -3.32
N THR A 559 8.10 55.30 -3.17
CA THR A 559 8.29 54.10 -3.96
C THR A 559 6.94 53.57 -4.39
N GLY A 560 6.95 52.83 -5.50
CA GLY A 560 5.79 52.05 -5.87
C GLY A 560 4.50 52.85 -5.91
N SER A 561 3.47 52.32 -5.24
CA SER A 561 2.14 52.89 -5.31
C SER A 561 2.03 54.26 -4.65
N GLU A 562 3.05 54.71 -3.91
CA GLU A 562 2.95 55.98 -3.19
C GLU A 562 3.63 57.14 -3.92
N VAL A 563 4.20 56.92 -5.10
CA VAL A 563 4.84 58.03 -5.81
C VAL A 563 3.81 59.08 -6.23
N GLU A 564 2.62 58.65 -6.69
CA GLU A 564 1.60 59.62 -7.06
C GLU A 564 1.18 60.49 -5.88
N LEU A 565 1.09 59.90 -4.68
CA LEU A 565 0.78 60.68 -3.49
C LEU A 565 1.88 61.70 -3.20
N ALA A 566 3.14 61.32 -3.42
CA ALA A 566 4.24 62.25 -3.18
C ALA A 566 4.25 63.38 -4.20
N VAL A 567 3.90 63.09 -5.46
CA VAL A 567 3.79 64.13 -6.47
C VAL A 567 2.68 65.11 -6.11
N GLN A 568 1.51 64.56 -5.75
CA GLN A 568 0.36 65.38 -5.39
C GLN A 568 0.65 66.31 -4.22
N ALA A 569 1.27 65.77 -3.16
CA ALA A 569 1.61 66.59 -2.00
C ALA A 569 2.67 67.63 -2.34
N ALA A 570 3.62 67.29 -3.21
CA ALA A 570 4.63 68.26 -3.62
C ALA A 570 4.01 69.39 -4.42
N GLU A 571 3.02 69.09 -5.26
CA GLU A 571 2.35 70.15 -6.02
C GLU A 571 1.59 71.09 -5.09
N ALA A 572 0.92 70.54 -4.07
CA ALA A 572 0.23 71.39 -3.11
C ALA A 572 1.21 72.29 -2.37
N LEU A 573 2.39 71.78 -2.04
CA LEU A 573 3.37 72.59 -1.32
C LEU A 573 4.07 73.58 -2.24
N SER A 574 4.31 73.21 -3.49
CA SER A 574 4.95 74.14 -4.42
C SER A 574 4.01 75.30 -4.76
N ALA A 575 2.70 75.02 -4.88
CA ALA A 575 1.71 76.08 -5.08
C ALA A 575 1.67 77.08 -3.92
N GLU A 576 2.31 76.76 -2.79
CA GLU A 576 2.45 77.68 -1.68
C GLU A 576 3.81 78.38 -1.67
N GLY A 577 4.65 78.13 -2.68
CA GLY A 577 5.93 78.78 -2.81
C GLY A 577 7.12 77.99 -2.31
N LYS A 578 6.90 76.84 -1.68
CA LYS A 578 8.00 76.05 -1.16
C LYS A 578 8.73 75.33 -2.30
N LYS A 579 10.05 75.16 -2.10
CA LYS A 579 10.91 74.51 -3.08
C LYS A 579 11.00 73.02 -2.73
N VAL A 580 10.34 72.18 -3.52
CA VAL A 580 10.18 70.78 -3.17
C VAL A 580 10.61 69.90 -4.34
N ARG A 581 11.28 68.79 -4.02
CA ARG A 581 11.73 67.78 -4.98
C ARG A 581 11.10 66.44 -4.65
N VAL A 582 10.72 65.67 -5.67
CA VAL A 582 10.17 64.32 -5.51
C VAL A 582 11.19 63.33 -6.07
N VAL A 583 11.61 62.38 -5.25
CA VAL A 583 12.53 61.32 -5.66
C VAL A 583 11.78 60.00 -5.68
N SER A 584 11.77 59.33 -6.84
CA SER A 584 11.25 57.98 -6.94
C SER A 584 12.39 57.01 -6.73
N MET A 585 12.19 56.02 -5.87
CA MET A 585 13.27 55.09 -5.50
C MET A 585 12.75 53.67 -5.72
N PRO A 586 12.66 53.23 -6.97
CA PRO A 586 12.14 51.88 -7.22
C PRO A 586 13.01 50.76 -6.68
N SER A 587 14.33 50.96 -6.54
CA SER A 587 15.16 49.97 -5.85
C SER A 587 16.17 50.67 -4.94
N THR A 588 15.94 50.58 -3.64
CA THR A 588 16.92 51.07 -2.65
C THR A 588 18.27 50.40 -2.84
N ASN A 589 18.27 49.09 -3.11
CA ASN A 589 19.53 48.35 -3.20
C ASN A 589 20.36 48.83 -4.38
N ARG A 590 19.73 48.94 -5.55
CA ARG A 590 20.41 49.46 -6.74
C ARG A 590 20.97 50.85 -6.48
N PHE A 591 20.14 51.72 -5.89
CA PHE A 591 20.57 53.09 -5.60
C PHE A 591 21.79 53.10 -4.71
N ASP A 592 21.77 52.26 -3.66
CA ASP A 592 22.89 52.20 -2.72
C ASP A 592 24.22 51.89 -3.42
N LYS A 593 24.19 51.20 -4.56
CA LYS A 593 25.42 50.85 -5.26
C LYS A 593 25.90 51.93 -6.23
N GLN A 594 25.15 53.01 -6.41
CA GLN A 594 25.59 54.07 -7.32
C GLN A 594 26.74 54.84 -6.69
N ASP A 595 27.54 55.50 -7.53
CA ASP A 595 28.69 56.24 -7.03
C ASP A 595 28.25 57.44 -6.19
N ALA A 596 29.19 57.97 -5.40
CA ALA A 596 28.84 59.02 -4.45
C ALA A 596 28.30 60.26 -5.15
N ALA A 597 28.89 60.63 -6.29
CA ALA A 597 28.43 61.79 -7.04
C ALA A 597 26.97 61.64 -7.46
N TYR A 598 26.58 60.47 -7.96
CA TYR A 598 25.19 60.32 -8.38
C TYR A 598 24.25 60.39 -7.17
N ARG A 599 24.59 59.69 -6.09
CA ARG A 599 23.73 59.70 -4.92
C ARG A 599 23.55 61.11 -4.38
N GLU A 600 24.63 61.89 -4.35
CA GLU A 600 24.56 63.28 -3.93
C GLU A 600 23.69 64.11 -4.86
N SER A 601 23.74 63.83 -6.16
CA SER A 601 22.89 64.56 -7.09
C SER A 601 21.41 64.32 -6.80
N VAL A 602 21.06 63.17 -6.25
CA VAL A 602 19.67 62.83 -5.99
C VAL A 602 19.24 63.23 -4.59
N LEU A 603 20.06 62.87 -3.59
CA LEU A 603 19.82 63.20 -2.18
C LEU A 603 21.01 64.01 -1.69
N PRO A 604 21.03 65.33 -1.97
CA PRO A 604 22.13 66.16 -1.47
C PRO A 604 22.18 66.16 0.05
N ALA A 605 23.38 65.92 0.59
CA ALA A 605 23.54 65.78 2.03
C ALA A 605 23.13 67.05 2.78
N ALA A 606 23.23 68.21 2.14
CA ALA A 606 22.88 69.45 2.82
C ALA A 606 21.38 69.63 2.99
N VAL A 607 20.56 68.91 2.23
CA VAL A 607 19.11 68.96 2.39
C VAL A 607 18.71 67.85 3.36
N THR A 608 18.52 68.20 4.62
CA THR A 608 18.20 67.22 5.66
C THR A 608 16.71 67.12 5.93
N LYS A 609 15.89 67.90 5.24
CA LYS A 609 14.44 67.85 5.42
C LYS A 609 13.87 66.89 4.38
N ARG A 610 13.68 65.63 4.78
CA ARG A 610 13.27 64.57 3.87
C ARG A 610 12.06 63.87 4.44
N VAL A 611 11.11 63.54 3.57
CA VAL A 611 9.92 62.80 3.94
C VAL A 611 9.84 61.58 3.05
N ALA A 612 9.93 60.39 3.65
CA ALA A 612 9.78 59.16 2.90
C ALA A 612 8.33 58.72 3.00
N ILE A 613 7.81 58.19 1.90
CA ILE A 613 6.42 57.75 1.81
C ILE A 613 6.40 56.36 1.18
N GLU A 614 5.83 55.39 1.89
CA GLU A 614 5.79 54.00 1.45
C GLU A 614 4.81 53.24 2.33
N ALA A 615 3.90 52.49 1.73
CA ALA A 615 2.93 51.73 2.51
C ALA A 615 3.56 50.46 3.06
N GLY A 616 4.61 50.66 3.87
CA GLY A 616 5.36 49.58 4.47
C GLY A 616 5.96 50.05 5.78
N ILE A 617 6.69 49.15 6.45
CA ILE A 617 7.19 49.42 7.79
C ILE A 617 8.05 50.68 7.74
N ALA A 618 7.73 51.64 8.63
CA ALA A 618 8.32 52.97 8.55
C ALA A 618 9.78 52.97 8.93
N ASP A 619 10.18 52.12 9.87
CA ASP A 619 11.51 52.22 10.48
C ASP A 619 12.63 52.04 9.46
N PHE A 620 12.35 51.39 8.33
CA PHE A 620 13.39 51.18 7.33
C PHE A 620 13.95 52.50 6.80
N TRP A 621 13.12 53.53 6.73
CA TRP A 621 13.47 54.70 5.94
C TRP A 621 14.35 55.70 6.66
N TYR A 622 14.65 55.51 7.95
CA TYR A 622 15.54 56.43 8.65
C TYR A 622 16.92 56.45 8.02
N LYS A 623 17.31 55.36 7.36
CA LYS A 623 18.57 55.37 6.65
C LYS A 623 18.65 56.51 5.65
N TYR A 624 17.51 56.90 5.07
CA TYR A 624 17.48 57.96 4.08
C TYR A 624 16.93 59.29 4.58
N VAL A 625 16.21 59.31 5.70
CA VAL A 625 15.65 60.57 6.18
C VAL A 625 16.29 61.07 7.47
N GLY A 626 16.96 60.20 8.24
CA GLY A 626 17.64 60.63 9.45
C GLY A 626 16.71 61.08 10.59
N PHE A 627 17.33 61.72 11.57
CA PHE A 627 16.61 62.15 12.78
C PHE A 627 15.65 63.31 12.51
N ASN A 628 15.90 64.12 11.49
CA ASN A 628 15.13 65.33 11.26
C ASN A 628 14.13 65.19 10.12
N GLY A 629 13.98 63.99 9.56
CA GLY A 629 12.98 63.74 8.54
C GLY A 629 11.73 63.11 9.14
N ARG A 630 10.81 62.73 8.24
CA ARG A 630 9.59 62.05 8.63
C ARG A 630 9.36 60.87 7.69
N VAL A 631 8.62 59.88 8.17
CA VAL A 631 8.24 58.73 7.36
C VAL A 631 6.72 58.64 7.38
N ILE A 632 6.11 58.67 6.19
CA ILE A 632 4.70 58.34 6.04
C ILE A 632 4.66 56.83 5.79
N GLY A 633 4.59 56.07 6.89
CA GLY A 633 4.73 54.64 6.79
C GLY A 633 3.71 53.86 7.59
N MET A 634 3.97 52.57 7.74
CA MET A 634 3.14 51.65 8.49
C MET A 634 3.88 51.33 9.78
N ASN A 635 3.14 51.09 10.85
CA ASN A 635 3.80 50.58 12.05
C ASN A 635 2.91 49.57 12.78
N SER A 636 2.00 48.92 12.06
CA SER A 636 1.06 47.98 12.62
C SER A 636 0.72 46.96 11.56
N PHE A 637 -0.02 45.93 11.97
CA PHE A 637 -0.64 45.05 10.98
C PHE A 637 -1.75 45.79 10.24
N GLY A 638 -2.17 45.24 9.10
CA GLY A 638 -3.25 45.81 8.33
C GLY A 638 -4.62 45.53 8.94
N GLU A 639 -5.66 45.74 8.13
CA GLU A 639 -7.03 45.49 8.52
C GLU A 639 -7.82 45.01 7.31
N SER A 640 -8.87 44.23 7.56
CA SER A 640 -9.72 43.73 6.48
C SER A 640 -10.76 44.78 6.15
N ALA A 641 -10.55 45.49 5.04
CA ALA A 641 -11.47 46.53 4.56
C ALA A 641 -11.09 46.88 3.11
N PRO A 642 -11.99 47.54 2.37
CA PRO A 642 -11.62 48.03 1.04
C PRO A 642 -10.34 48.86 1.09
N ALA A 643 -9.53 48.73 0.04
CA ALA A 643 -8.22 49.36 0.01
C ALA A 643 -8.31 50.88 0.18
N ASP A 644 -9.25 51.51 -0.51
CA ASP A 644 -9.31 52.96 -0.47
C ASP A 644 -9.51 53.47 0.95
N GLN A 645 -10.34 52.75 1.73
CA GLN A 645 -10.52 53.13 3.13
C GLN A 645 -9.25 52.89 3.93
N LEU A 646 -8.50 51.83 3.61
CA LEU A 646 -7.29 51.53 4.37
C LEU A 646 -6.24 52.61 4.16
N PHE A 647 -6.11 53.14 2.95
CA PHE A 647 -5.12 54.17 2.71
C PHE A 647 -5.44 55.42 3.51
N LYS A 648 -6.72 55.81 3.57
CA LYS A 648 -7.10 56.93 4.43
C LYS A 648 -6.83 56.62 5.89
N LEU A 649 -7.31 55.46 6.36
CA LEU A 649 -7.15 55.09 7.77
C LEU A 649 -5.69 55.15 8.21
N PHE A 650 -4.77 54.73 7.35
CA PHE A 650 -3.36 54.68 7.72
C PHE A 650 -2.60 55.92 7.31
N GLY A 651 -3.30 57.00 6.96
CA GLY A 651 -2.64 58.28 6.73
C GLY A 651 -1.98 58.47 5.38
N PHE A 652 -2.33 57.67 4.37
CA PHE A 652 -1.76 57.87 3.04
C PHE A 652 -2.65 58.80 2.22
N THR A 653 -2.73 60.05 2.71
CA THR A 653 -3.51 61.11 2.08
C THR A 653 -2.63 62.33 1.88
N VAL A 654 -3.01 63.17 0.89
CA VAL A 654 -2.25 64.39 0.61
C VAL A 654 -2.21 65.29 1.85
N GLU A 655 -3.35 65.40 2.53
CA GLU A 655 -3.43 66.26 3.72
C GLU A 655 -2.50 65.76 4.81
N ASN A 656 -2.43 64.44 5.02
CA ASN A 656 -1.52 63.93 6.04
C ASN A 656 -0.07 64.15 5.64
N VAL A 657 0.26 63.86 4.38
CA VAL A 657 1.65 64.04 3.93
C VAL A 657 2.05 65.51 4.04
N VAL A 658 1.19 66.43 3.61
CA VAL A 658 1.52 67.85 3.69
C VAL A 658 1.70 68.28 5.14
N ALA A 659 0.79 67.85 6.03
CA ALA A 659 0.91 68.14 7.45
C ALA A 659 2.27 67.73 8.01
N LYS A 660 2.73 66.51 7.66
CA LYS A 660 4.02 66.07 8.20
C LYS A 660 5.17 66.83 7.57
N ALA A 661 5.01 67.26 6.31
CA ALA A 661 6.05 68.07 5.68
C ALA A 661 6.17 69.43 6.36
N LYS A 662 5.04 70.03 6.74
CA LYS A 662 5.10 71.31 7.42
C LYS A 662 5.71 71.18 8.81
N GLU A 663 5.59 70.01 9.43
CA GLU A 663 6.17 69.82 10.76
C GLU A 663 7.69 70.03 10.76
N ILE A 664 8.34 69.82 9.62
CA ILE A 664 9.79 70.00 9.54
C ILE A 664 10.18 71.26 8.80
N LEU A 665 9.31 71.82 7.97
CA LEU A 665 9.62 73.03 7.22
C LEU A 665 9.66 74.26 8.15
N ALA B 2 -36.96 20.86 9.57
CA ALA B 2 -36.22 20.94 8.32
C ALA B 2 -35.30 19.74 8.12
N THR B 3 -35.00 19.41 6.87
CA THR B 3 -34.08 18.32 6.58
C THR B 3 -32.64 18.77 6.85
N ARG B 4 -31.75 17.79 6.99
CA ARG B 4 -30.34 18.09 7.15
C ARG B 4 -29.81 18.92 5.98
N ARG B 5 -30.21 18.57 4.76
CA ARG B 5 -29.75 19.34 3.60
C ARG B 5 -30.28 20.77 3.62
N GLN B 6 -31.54 20.95 4.01
CA GLN B 6 -32.08 22.30 4.17
C GLN B 6 -31.29 23.09 5.22
N LEU B 7 -30.93 22.45 6.34
CA LEU B 7 -30.15 23.15 7.35
C LEU B 7 -28.78 23.51 6.81
N ALA B 8 -28.17 22.61 6.04
CA ALA B 8 -26.87 22.91 5.45
C ALA B 8 -26.97 24.04 4.44
N ASN B 9 -28.09 24.16 3.74
CA ASN B 9 -28.26 25.22 2.74
C ASN B 9 -28.31 26.60 3.39
N ALA B 10 -28.71 26.69 4.66
CA ALA B 10 -28.64 27.98 5.35
C ALA B 10 -27.21 28.52 5.34
N ILE B 11 -26.22 27.65 5.48
CA ILE B 11 -24.83 28.09 5.37
C ILE B 11 -24.54 28.54 3.95
N ARG B 12 -24.99 27.76 2.96
CA ARG B 12 -24.70 28.09 1.57
C ARG B 12 -25.24 29.46 1.21
N VAL B 13 -26.47 29.76 1.62
CA VAL B 13 -27.07 31.01 1.20
C VAL B 13 -26.50 32.17 2.00
N LEU B 14 -26.23 31.98 3.30
CA LEU B 14 -25.57 33.04 4.06
C LEU B 14 -24.21 33.36 3.49
N ALA B 15 -23.48 32.33 3.03
CA ALA B 15 -22.18 32.55 2.42
C ALA B 15 -22.30 33.35 1.14
N MET B 16 -23.15 32.91 0.21
CA MET B 16 -23.14 33.63 -1.06
C MET B 16 -23.77 35.02 -0.93
N ASP B 17 -24.74 35.19 -0.02
CA ASP B 17 -25.31 36.52 0.15
C ASP B 17 -24.33 37.49 0.82
N SER B 18 -23.47 37.00 1.73
CA SER B 18 -22.54 37.90 2.41
C SER B 18 -21.40 38.29 1.48
N VAL B 19 -20.89 37.33 0.69
CA VAL B 19 -19.92 37.65 -0.33
C VAL B 19 -20.49 38.67 -1.32
N GLN B 20 -21.75 38.49 -1.71
CA GLN B 20 -22.34 39.39 -2.70
C GLN B 20 -22.48 40.79 -2.12
N LYS B 21 -23.01 40.92 -0.89
CA LYS B 21 -23.11 42.25 -0.30
C LYS B 21 -21.74 42.88 -0.14
N ALA B 22 -20.71 42.08 0.13
CA ALA B 22 -19.36 42.62 0.27
C ALA B 22 -18.69 42.91 -1.08
N LYS B 23 -19.20 42.33 -2.17
CA LYS B 23 -18.55 42.38 -3.47
C LYS B 23 -17.14 41.80 -3.39
N SER B 24 -16.95 40.82 -2.50
CA SER B 24 -15.63 40.31 -2.16
C SER B 24 -15.78 39.03 -1.35
N GLY B 25 -14.89 38.08 -1.57
CA GLY B 25 -14.86 36.86 -0.77
C GLY B 25 -14.95 35.61 -1.62
N HIS B 26 -15.00 34.49 -0.91
CA HIS B 26 -14.88 33.15 -1.52
C HIS B 26 -16.13 32.33 -1.22
N PRO B 27 -17.08 32.22 -2.17
CA PRO B 27 -18.30 31.44 -1.89
C PRO B 27 -18.13 29.93 -2.02
N GLY B 28 -17.13 29.47 -2.78
CA GLY B 28 -17.05 28.08 -3.24
C GLY B 28 -16.84 27.01 -2.19
N ALA B 29 -15.78 27.13 -1.39
CA ALA B 29 -15.56 26.16 -0.33
C ALA B 29 -16.65 26.16 0.73
N PRO B 30 -17.19 27.30 1.20
CA PRO B 30 -18.33 27.22 2.13
C PRO B 30 -19.48 26.41 1.57
N MET B 31 -19.81 26.61 0.29
CA MET B 31 -20.90 25.88 -0.33
C MET B 31 -20.56 24.41 -0.48
N GLY B 32 -19.29 24.10 -0.74
CA GLY B 32 -18.89 22.71 -0.90
C GLY B 32 -18.88 21.93 0.41
N MET B 33 -18.65 22.61 1.53
CA MET B 33 -18.44 21.92 2.79
C MET B 33 -19.61 22.03 3.75
N ALA B 34 -20.74 22.58 3.29
CA ALA B 34 -21.84 22.87 4.20
C ALA B 34 -22.48 21.59 4.76
N ASP B 35 -22.58 20.52 3.95
CA ASP B 35 -23.19 19.29 4.45
C ASP B 35 -22.30 18.64 5.51
N ILE B 36 -20.98 18.64 5.28
CA ILE B 36 -20.05 18.13 6.29
C ILE B 36 -20.15 18.95 7.55
N ALA B 37 -20.22 20.28 7.42
CA ALA B 37 -20.29 21.14 8.59
C ALA B 37 -21.56 20.87 9.39
N GLU B 38 -22.69 20.68 8.70
CA GLU B 38 -23.95 20.43 9.39
C GLU B 38 -23.86 19.16 10.23
N VAL B 39 -23.31 18.09 9.68
CA VAL B 39 -23.19 16.84 10.45
C VAL B 39 -22.26 17.05 11.63
N LEU B 40 -21.08 17.62 11.38
CA LEU B 40 -20.07 17.73 12.42
C LEU B 40 -20.55 18.65 13.54
N TRP B 41 -21.07 19.82 13.18
CA TRP B 41 -21.47 20.76 14.22
C TRP B 41 -22.71 20.28 14.96
N ARG B 42 -23.72 19.76 14.24
CA ARG B 42 -24.96 19.43 14.92
C ARG B 42 -24.92 18.09 15.65
N ASP B 43 -24.17 17.10 15.14
CA ASP B 43 -24.18 15.76 15.74
C ASP B 43 -23.00 15.47 16.65
N PHE B 44 -21.84 16.10 16.46
CA PHE B 44 -20.68 15.67 17.23
C PHE B 44 -20.05 16.76 18.07
N LEU B 45 -19.92 17.98 17.54
CA LEU B 45 -19.09 18.99 18.18
C LEU B 45 -19.61 19.32 19.59
N LYS B 46 -18.71 19.28 20.58
CA LYS B 46 -19.06 19.60 21.96
C LYS B 46 -18.62 21.03 22.26
N HIS B 47 -19.57 21.95 22.35
CA HIS B 47 -19.24 23.35 22.53
C HIS B 47 -20.42 24.06 23.14
N ASN B 48 -20.16 25.24 23.71
CA ASN B 48 -21.19 26.08 24.33
C ASN B 48 -21.10 27.48 23.75
N PRO B 49 -22.06 27.90 22.91
CA PRO B 49 -22.01 29.25 22.33
C PRO B 49 -21.99 30.38 23.34
N THR B 50 -22.52 30.17 24.54
CA THR B 50 -22.55 31.27 25.50
C THR B 50 -21.25 31.38 26.29
N ASN B 51 -20.41 30.35 26.28
CA ASN B 51 -19.06 30.46 26.82
C ASN B 51 -18.08 29.88 25.80
N PRO B 52 -17.66 30.69 24.82
CA PRO B 52 -16.65 30.21 23.86
C PRO B 52 -15.31 29.92 24.51
N LYS B 53 -15.11 30.28 25.78
CA LYS B 53 -13.86 29.99 26.48
C LYS B 53 -13.95 28.83 27.44
N TRP B 54 -15.04 28.05 27.38
CA TRP B 54 -15.14 26.80 28.15
C TRP B 54 -13.92 25.92 27.92
N ALA B 55 -13.24 25.56 29.01
CA ALA B 55 -11.92 24.96 28.93
C ALA B 55 -11.92 23.60 28.25
N ASP B 56 -13.01 22.84 28.36
CA ASP B 56 -13.06 21.50 27.83
C ASP B 56 -13.84 21.39 26.52
N ARG B 57 -14.16 22.51 25.88
CA ARG B 57 -14.80 22.47 24.57
C ARG B 57 -13.92 21.74 23.57
N ASP B 58 -14.57 21.06 22.61
CA ASP B 58 -13.89 20.65 21.39
C ASP B 58 -13.36 21.89 20.69
N ARG B 59 -12.26 21.72 19.95
CA ARG B 59 -11.70 22.80 19.14
C ARG B 59 -11.96 22.51 17.67
N PHE B 60 -12.55 23.49 16.98
CA PHE B 60 -12.74 23.40 15.54
C PHE B 60 -11.82 24.41 14.84
N VAL B 61 -11.15 23.97 13.78
CA VAL B 61 -10.22 24.83 13.06
C VAL B 61 -10.54 24.76 11.57
N LEU B 62 -10.81 25.91 10.98
CA LEU B 62 -11.00 26.01 9.53
C LEU B 62 -9.66 26.34 8.91
N SER B 63 -8.96 25.32 8.41
CA SER B 63 -7.62 25.54 7.87
C SER B 63 -7.65 26.14 6.47
N ASN B 64 -8.65 25.82 5.65
CA ASN B 64 -8.82 26.54 4.39
C ASN B 64 -9.57 27.84 4.70
N GLY B 65 -8.81 28.80 5.23
CA GLY B 65 -9.39 29.98 5.86
C GLY B 65 -10.06 30.95 4.90
N HIS B 66 -9.81 30.81 3.59
CA HIS B 66 -10.53 31.65 2.63
C HIS B 66 -12.02 31.38 2.67
N GLY B 67 -12.43 30.17 3.04
CA GLY B 67 -13.84 29.87 3.21
C GLY B 67 -14.39 30.39 4.53
N SER B 68 -14.05 31.63 4.88
CA SER B 68 -14.39 32.18 6.19
C SER B 68 -15.89 32.30 6.41
N MET B 69 -16.71 32.37 5.36
CA MET B 69 -18.15 32.49 5.59
C MET B 69 -18.74 31.18 6.11
N LEU B 70 -18.02 30.07 5.94
CA LEU B 70 -18.44 28.81 6.57
C LEU B 70 -18.42 28.94 8.09
N ILE B 71 -17.32 29.41 8.66
CA ILE B 71 -17.25 29.50 10.12
C ILE B 71 -18.15 30.61 10.63
N TYR B 72 -18.23 31.73 9.91
CA TYR B 72 -19.12 32.82 10.35
C TYR B 72 -20.56 32.37 10.38
N SER B 73 -21.01 31.65 9.34
CA SER B 73 -22.37 31.12 9.32
C SER B 73 -22.59 30.13 10.47
N LEU B 74 -21.61 29.25 10.70
CA LEU B 74 -21.76 28.25 11.76
C LEU B 74 -21.86 28.91 13.12
N LEU B 75 -21.05 29.94 13.36
CA LEU B 75 -21.11 30.61 14.64
C LEU B 75 -22.42 31.36 14.80
N HIS B 76 -22.88 32.02 13.74
CA HIS B 76 -24.16 32.72 13.80
C HIS B 76 -25.32 31.75 14.01
N LEU B 77 -25.36 30.66 13.22
CA LEU B 77 -26.53 29.79 13.24
C LEU B 77 -26.66 29.04 14.56
N THR B 78 -25.53 28.61 15.17
CA THR B 78 -25.64 27.78 16.37
C THR B 78 -25.80 28.58 17.64
N GLY B 79 -25.73 29.92 17.59
CA GLY B 79 -26.08 30.72 18.74
C GLY B 79 -24.99 31.59 19.35
N TYR B 80 -23.84 31.71 18.69
CA TYR B 80 -22.78 32.57 19.23
C TYR B 80 -23.18 34.04 19.08
N ASP B 81 -22.42 34.90 19.78
CA ASP B 81 -22.63 36.35 19.75
C ASP B 81 -22.08 36.94 18.46
N LEU B 82 -22.61 36.45 17.34
CA LEU B 82 -22.26 36.93 16.00
C LEU B 82 -23.56 37.04 15.22
N SER B 83 -23.95 38.27 14.89
CA SER B 83 -25.30 38.58 14.45
C SER B 83 -25.41 38.64 12.92
N ILE B 84 -26.65 38.65 12.44
CA ILE B 84 -26.91 38.90 11.02
C ILE B 84 -26.25 40.20 10.59
N GLU B 85 -26.27 41.20 11.46
CA GLU B 85 -25.62 42.47 11.15
C GLU B 85 -24.12 42.30 10.99
N ASP B 86 -23.52 41.43 11.80
CA ASP B 86 -22.10 41.12 11.63
C ASP B 86 -21.83 40.50 10.26
N LEU B 87 -22.69 39.56 9.82
CA LEU B 87 -22.48 38.94 8.50
C LEU B 87 -22.64 39.96 7.38
N LYS B 88 -23.52 40.95 7.57
CA LYS B 88 -23.71 42.04 6.62
C LYS B 88 -22.53 42.98 6.59
N GLN B 89 -21.63 42.90 7.57
CA GLN B 89 -20.40 43.67 7.61
C GLN B 89 -19.18 42.85 7.21
N PHE B 90 -19.40 41.71 6.55
CA PHE B 90 -18.30 40.89 6.04
C PHE B 90 -17.30 41.75 5.27
N ARG B 91 -16.02 41.62 5.64
CA ARG B 91 -14.90 42.29 4.98
C ARG B 91 -14.95 43.81 5.11
N GLN B 92 -15.71 44.35 6.05
CA GLN B 92 -15.79 45.79 6.26
C GLN B 92 -14.95 46.20 7.48
N LEU B 93 -14.43 47.43 7.43
CA LEU B 93 -13.50 47.92 8.45
C LEU B 93 -14.06 47.78 9.86
N HIS B 94 -13.27 47.14 10.73
CA HIS B 94 -13.56 46.98 12.16
C HIS B 94 -14.76 46.09 12.43
N SER B 95 -15.18 45.27 11.47
CA SER B 95 -16.23 44.30 11.72
C SER B 95 -15.66 43.09 12.46
N LYS B 96 -16.58 42.29 12.99
CA LYS B 96 -16.27 41.01 13.60
C LYS B 96 -16.01 39.91 12.58
N THR B 97 -16.23 40.19 11.30
CA THR B 97 -16.18 39.19 10.23
C THR B 97 -15.19 39.59 9.15
N PRO B 98 -13.89 39.67 9.48
CA PRO B 98 -12.88 40.00 8.46
C PRO B 98 -12.77 38.89 7.41
N GLY B 99 -12.13 39.24 6.28
CA GLY B 99 -12.08 38.36 5.12
C GLY B 99 -11.52 36.97 5.41
N HIS B 100 -10.55 36.89 6.32
CA HIS B 100 -10.11 35.63 6.86
C HIS B 100 -10.34 35.63 8.37
N PRO B 101 -10.80 34.53 8.95
CA PRO B 101 -11.22 34.56 10.36
C PRO B 101 -10.04 34.89 11.26
N GLU B 102 -10.27 35.81 12.20
CA GLU B 102 -9.21 36.27 13.10
C GLU B 102 -9.57 35.95 14.55
N TYR B 103 -8.68 35.22 15.21
CA TYR B 103 -8.78 35.02 16.65
C TYR B 103 -8.96 36.35 17.36
N GLY B 104 -9.93 36.41 18.28
CA GLY B 104 -10.23 37.62 19.02
C GLY B 104 -11.30 38.52 18.40
N TYR B 105 -11.65 38.31 17.13
CA TYR B 105 -12.63 39.15 16.44
C TYR B 105 -14.04 38.62 16.59
N ALA B 106 -14.24 37.36 16.26
CA ALA B 106 -15.52 36.73 16.44
C ALA B 106 -15.41 35.70 17.55
N PRO B 107 -16.40 35.58 18.43
CA PRO B 107 -16.36 34.51 19.42
C PRO B 107 -16.47 33.16 18.72
N GLY B 108 -15.60 32.22 19.12
CA GLY B 108 -15.62 30.88 18.59
C GLY B 108 -14.62 30.61 17.49
N VAL B 109 -13.95 31.63 16.97
CA VAL B 109 -12.82 31.45 16.07
C VAL B 109 -11.60 31.08 16.91
N GLU B 110 -11.07 29.86 16.69
CA GLU B 110 -10.01 29.35 17.57
C GLU B 110 -8.62 29.79 17.15
N THR B 111 -8.46 30.25 15.92
CA THR B 111 -7.15 30.60 15.42
C THR B 111 -7.37 31.47 14.20
N THR B 112 -6.35 32.26 13.88
CA THR B 112 -6.38 33.06 12.67
C THR B 112 -5.78 32.22 11.54
N THR B 113 -6.58 32.00 10.50
CA THR B 113 -6.09 31.28 9.33
C THR B 113 -6.15 32.17 8.11
N GLY B 114 -5.73 31.63 6.97
CA GLY B 114 -5.47 32.44 5.81
C GLY B 114 -4.23 31.92 5.09
N PRO B 115 -3.08 31.99 5.76
CA PRO B 115 -1.88 31.35 5.20
C PRO B 115 -2.03 29.84 5.25
N LEU B 116 -2.10 29.25 4.08
CA LEU B 116 -2.43 27.83 3.96
C LEU B 116 -1.43 26.95 4.71
N GLY B 117 -1.94 25.88 5.31
CA GLY B 117 -1.14 24.93 6.04
C GLY B 117 -0.96 25.24 7.50
N GLN B 118 -1.10 26.49 7.92
CA GLN B 118 -0.90 26.76 9.34
C GLN B 118 -2.11 26.37 10.18
N GLY B 119 -3.30 26.33 9.57
CA GLY B 119 -4.48 25.90 10.29
C GLY B 119 -4.34 24.50 10.86
N ILE B 120 -4.12 23.51 9.98
CA ILE B 120 -3.94 22.14 10.43
C ILE B 120 -2.76 22.07 11.40
N THR B 121 -1.72 22.88 11.20
CA THR B 121 -0.58 22.82 12.12
C THR B 121 -0.93 23.41 13.49
N ASN B 122 -1.67 24.52 13.53
CA ASN B 122 -2.20 24.99 14.81
C ASN B 122 -3.02 23.90 15.49
N ALA B 123 -3.86 23.21 14.71
CA ALA B 123 -4.71 22.16 15.26
C ALA B 123 -3.89 21.01 15.83
N VAL B 124 -2.80 20.65 15.15
CA VAL B 124 -1.91 19.63 15.72
C VAL B 124 -1.41 20.07 17.09
N GLY B 125 -0.96 21.33 17.20
CA GLY B 125 -0.58 21.87 18.51
C GLY B 125 -1.70 21.83 19.52
N MET B 126 -2.92 22.18 19.11
CA MET B 126 -4.05 22.13 20.06
C MET B 126 -4.29 20.70 20.56
N ALA B 127 -4.17 19.71 19.66
CA ALA B 127 -4.36 18.33 20.07
C ALA B 127 -3.20 17.82 20.93
N ILE B 128 -1.97 18.29 20.67
CA ILE B 128 -0.86 17.99 21.56
C ILE B 128 -1.11 18.58 22.94
N ALA B 129 -1.64 19.80 22.98
CA ALA B 129 -1.85 20.43 24.28
C ALA B 129 -2.96 19.72 25.06
N GLU B 130 -4.04 19.30 24.38
CA GLU B 130 -5.10 18.56 25.06
C GLU B 130 -4.56 17.25 25.64
N LYS B 131 -3.81 16.49 24.84
CA LYS B 131 -3.29 15.21 25.29
C LYS B 131 -2.32 15.37 26.46
N THR B 132 -1.48 16.40 26.42
CA THR B 132 -0.50 16.64 27.46
C THR B 132 -1.14 17.18 28.72
N LEU B 133 -2.09 18.11 28.58
CA LEU B 133 -2.81 18.61 29.75
C LEU B 133 -3.60 17.50 30.42
N ALA B 134 -4.22 16.63 29.63
CA ALA B 134 -4.88 15.45 30.16
C ALA B 134 -3.91 14.55 30.90
N GLY B 135 -2.72 14.34 30.32
CA GLY B 135 -1.72 13.53 30.97
C GLY B 135 -1.23 14.15 32.26
N GLN B 136 -1.27 15.47 32.35
CA GLN B 136 -0.78 16.13 33.56
C GLN B 136 -1.84 16.23 34.64
N PHE B 137 -3.12 16.42 34.27
CA PHE B 137 -4.15 16.76 35.24
C PHE B 137 -5.20 15.69 35.49
N ASN B 138 -5.46 14.78 34.54
CA ASN B 138 -6.51 13.80 34.75
C ASN B 138 -6.10 12.81 35.84
N ARG B 139 -7.08 12.38 36.63
CA ARG B 139 -6.85 11.39 37.67
C ARG B 139 -7.94 10.34 37.56
N GLU B 140 -7.70 9.20 38.21
CA GLU B 140 -8.67 8.12 38.14
C GLU B 140 -10.00 8.58 38.69
N GLY B 141 -11.05 8.45 37.89
CA GLY B 141 -12.36 8.96 38.25
C GLY B 141 -12.59 10.43 37.95
N HIS B 142 -11.59 11.14 37.45
CA HIS B 142 -11.66 12.60 37.27
C HIS B 142 -11.00 12.93 35.93
N GLU B 143 -11.72 12.69 34.83
CA GLU B 143 -11.21 12.98 33.50
C GLU B 143 -11.69 14.37 33.11
N ILE B 144 -11.00 15.38 33.63
CA ILE B 144 -11.44 16.75 33.42
C ILE B 144 -10.94 17.34 32.11
N VAL B 145 -9.95 16.73 31.47
CA VAL B 145 -9.49 17.13 30.15
C VAL B 145 -9.87 16.02 29.18
N ASP B 146 -10.78 16.32 28.25
CA ASP B 146 -11.25 15.33 27.31
C ASP B 146 -12.00 16.03 26.19
N HIS B 147 -11.29 16.43 25.14
CA HIS B 147 -11.98 17.06 24.02
C HIS B 147 -11.22 16.78 22.74
N HIS B 148 -11.96 16.84 21.63
CA HIS B 148 -11.44 16.56 20.29
C HIS B 148 -10.98 17.83 19.63
N THR B 149 -10.16 17.67 18.59
CA THR B 149 -9.70 18.77 17.74
C THR B 149 -10.11 18.42 16.32
N TYR B 150 -11.02 19.21 15.77
CA TYR B 150 -11.56 18.98 14.43
C TYR B 150 -10.99 20.03 13.47
N VAL B 151 -10.64 19.60 12.26
CA VAL B 151 -10.05 20.48 11.25
C VAL B 151 -10.74 20.26 9.93
N PHE B 152 -11.08 21.36 9.25
CA PHE B 152 -11.39 21.34 7.82
C PHE B 152 -10.16 21.84 7.05
N LEU B 153 -9.82 21.15 5.96
CA LEU B 153 -8.66 21.57 5.19
C LEU B 153 -8.88 21.24 3.72
N GLY B 154 -8.14 21.96 2.86
CA GLY B 154 -8.27 21.78 1.42
C GLY B 154 -6.98 21.40 0.69
N ASP B 155 -7.02 21.46 -0.65
CA ASP B 155 -5.88 21.02 -1.47
C ASP B 155 -4.65 21.87 -1.22
N GLY B 156 -4.84 23.18 -1.07
CA GLY B 156 -3.69 24.05 -0.82
C GLY B 156 -2.98 23.65 0.46
N CYS B 157 -3.76 23.34 1.50
CA CYS B 157 -3.16 22.95 2.77
C CYS B 157 -2.32 21.70 2.62
N LEU B 158 -2.77 20.74 1.82
CA LEU B 158 -2.04 19.49 1.66
C LEU B 158 -0.83 19.62 0.74
N MET B 159 -0.81 20.61 -0.14
CA MET B 159 0.37 20.82 -0.97
C MET B 159 1.51 21.45 -0.18
N GLU B 160 1.18 22.31 0.77
CA GLU B 160 2.19 23.05 1.54
C GLU B 160 3.07 22.09 2.33
N GLY B 161 4.38 22.35 2.31
CA GLY B 161 5.30 21.52 3.07
C GLY B 161 4.99 21.45 4.55
N ILE B 162 4.41 22.52 5.10
CA ILE B 162 4.16 22.50 6.53
C ILE B 162 3.12 21.44 6.89
N SER B 163 2.23 21.07 5.97
CA SER B 163 1.32 19.96 6.27
C SER B 163 2.08 18.65 6.49
N HIS B 164 3.19 18.46 5.78
CA HIS B 164 3.98 17.25 5.99
C HIS B 164 4.67 17.28 7.35
N GLU B 165 5.19 18.43 7.76
CA GLU B 165 5.79 18.53 9.08
C GLU B 165 4.78 18.23 10.17
N ALA B 166 3.63 18.93 10.14
CA ALA B 166 2.65 18.79 11.20
C ALA B 166 2.06 17.40 11.25
N CYS B 167 1.73 16.81 10.10
CA CYS B 167 0.99 15.56 10.13
C CYS B 167 1.90 14.35 10.33
N SER B 168 3.16 14.45 9.90
CA SER B 168 4.14 13.43 10.26
C SER B 168 4.34 13.37 11.77
N LEU B 169 4.47 14.52 12.42
CA LEU B 169 4.64 14.52 13.86
C LEU B 169 3.36 14.08 14.56
N ALA B 170 2.19 14.53 14.05
CA ALA B 170 0.92 14.14 14.65
C ALA B 170 0.77 12.61 14.70
N GLY B 171 1.17 11.92 13.63
CA GLY B 171 1.09 10.49 13.62
C GLY B 171 2.05 9.84 14.61
N THR B 172 3.27 10.38 14.71
CA THR B 172 4.25 9.85 15.65
C THR B 172 3.77 10.00 17.10
N LEU B 173 3.09 11.11 17.40
CA LEU B 173 2.62 11.36 18.75
C LEU B 173 1.26 10.71 19.02
N GLY B 174 0.70 9.98 18.06
CA GLY B 174 -0.54 9.23 18.26
C GLY B 174 -1.72 10.08 18.71
N LEU B 175 -1.99 11.16 17.99
CA LEU B 175 -3.02 12.12 18.41
C LEU B 175 -4.39 11.58 18.00
N GLY B 176 -4.91 10.66 18.82
CA GLY B 176 -6.16 9.99 18.51
C GLY B 176 -7.38 10.91 18.51
N LYS B 177 -7.29 12.08 19.14
CA LYS B 177 -8.42 12.99 19.18
C LYS B 177 -8.38 14.04 18.07
N LEU B 178 -7.41 13.95 17.17
CA LEU B 178 -7.35 14.84 16.03
C LEU B 178 -8.08 14.17 14.87
N ILE B 179 -9.11 14.85 14.34
CA ILE B 179 -9.90 14.33 13.22
C ILE B 179 -10.00 15.44 12.17
N ALA B 180 -9.48 15.19 10.97
CA ALA B 180 -9.42 16.19 9.92
C ALA B 180 -10.31 15.79 8.73
N PHE B 181 -11.05 16.74 8.21
CA PHE B 181 -11.91 16.53 7.05
C PHE B 181 -11.24 17.21 5.87
N TYR B 182 -10.88 16.42 4.86
CA TYR B 182 -10.24 16.95 3.65
C TYR B 182 -11.31 17.27 2.60
N ASP B 183 -11.35 18.54 2.19
CA ASP B 183 -12.25 19.03 1.13
C ASP B 183 -11.63 18.68 -0.23
N ASP B 184 -11.86 17.44 -0.65
CA ASP B 184 -11.27 16.90 -1.87
C ASP B 184 -12.20 17.24 -3.03
N ASN B 185 -12.03 18.45 -3.58
CA ASN B 185 -12.89 18.96 -4.63
C ASN B 185 -12.16 19.10 -5.97
N ASN B 186 -10.91 18.63 -6.05
CA ASN B 186 -10.13 18.58 -7.30
C ASN B 186 -9.86 19.97 -7.88
N ILE B 187 -9.96 21.02 -7.07
CA ILE B 187 -9.88 22.40 -7.54
C ILE B 187 -8.89 23.17 -6.69
N SER B 188 -8.02 23.94 -7.34
CA SER B 188 -7.32 25.04 -6.67
C SER B 188 -7.41 26.27 -7.56
N ILE B 189 -6.63 27.30 -7.27
CA ILE B 189 -6.80 28.56 -7.99
C ILE B 189 -6.43 28.39 -9.46
N ASP B 190 -5.36 27.63 -9.75
CA ASP B 190 -4.95 27.47 -11.14
C ASP B 190 -5.90 26.59 -11.95
N GLY B 191 -6.84 25.89 -11.30
CA GLY B 191 -7.79 25.06 -12.03
C GLY B 191 -7.93 23.66 -11.48
N HIS B 192 -8.15 22.67 -12.34
CA HIS B 192 -8.18 21.29 -11.88
C HIS B 192 -6.77 20.82 -11.53
N VAL B 193 -6.61 20.31 -10.30
CA VAL B 193 -5.31 20.19 -9.65
C VAL B 193 -4.42 19.09 -10.22
N ASP B 194 -4.94 18.19 -11.05
CA ASP B 194 -4.14 17.02 -11.49
C ASP B 194 -2.82 17.44 -12.10
N GLY B 195 -2.76 18.60 -12.75
CA GLY B 195 -1.53 19.02 -13.40
C GLY B 195 -0.40 19.36 -12.46
N TRP B 196 -0.70 19.68 -11.19
CA TRP B 196 0.34 20.05 -10.24
C TRP B 196 0.19 19.37 -8.87
N PHE B 197 -0.83 18.52 -8.68
CA PHE B 197 -1.08 17.89 -7.39
C PHE B 197 -1.68 16.52 -7.67
N SER B 198 -0.86 15.47 -7.56
CA SER B 198 -1.35 14.13 -7.85
C SER B 198 -0.93 13.11 -6.80
N ASP B 199 -0.61 13.52 -5.57
CA ASP B 199 -0.34 12.56 -4.50
C ASP B 199 -1.49 11.58 -4.36
N ASP B 200 -1.16 10.33 -4.07
CA ASP B 200 -2.13 9.44 -3.44
C ASP B 200 -2.17 9.87 -1.97
N THR B 201 -3.11 10.78 -1.67
CA THR B 201 -3.17 11.40 -0.34
C THR B 201 -3.51 10.38 0.74
N ALA B 202 -4.44 9.48 0.45
CA ALA B 202 -4.75 8.39 1.39
C ALA B 202 -3.49 7.62 1.76
N GLU B 203 -2.70 7.21 0.76
CA GLU B 203 -1.50 6.43 1.05
C GLU B 203 -0.46 7.29 1.79
N ARG B 204 -0.32 8.56 1.40
CA ARG B 204 0.55 9.48 2.12
C ARG B 204 0.22 9.51 3.61
N PHE B 205 -1.06 9.68 3.93
CA PHE B 205 -1.42 9.85 5.34
C PHE B 205 -1.35 8.53 6.09
N GLU B 206 -1.63 7.41 5.41
CA GLU B 206 -1.35 6.12 6.03
C GLU B 206 0.13 5.97 6.35
N ALA B 207 1.01 6.51 5.51
CA ALA B 207 2.44 6.45 5.78
C ALA B 207 2.81 7.23 7.03
N TYR B 208 2.08 8.31 7.34
CA TYR B 208 2.28 9.04 8.58
C TYR B 208 1.73 8.32 9.82
N GLY B 209 1.04 7.21 9.66
CA GLY B 209 0.39 6.59 10.81
C GLY B 209 -0.97 7.15 11.16
N TRP B 210 -1.63 7.79 10.21
CA TRP B 210 -3.01 8.22 10.37
C TRP B 210 -3.96 7.10 9.95
N GLN B 211 -5.15 7.11 10.54
CA GLN B 211 -6.26 6.40 9.94
C GLN B 211 -6.83 7.24 8.80
N VAL B 212 -7.14 6.59 7.69
CA VAL B 212 -7.73 7.28 6.53
C VAL B 212 -9.04 6.60 6.18
N ILE B 213 -10.09 7.41 6.07
CA ILE B 213 -11.39 6.97 5.60
C ILE B 213 -11.56 7.55 4.19
N ARG B 214 -11.47 6.69 3.18
CA ARG B 214 -11.43 7.13 1.79
C ARG B 214 -12.83 7.37 1.24
N ASN B 215 -12.90 8.25 0.24
CA ASN B 215 -14.00 8.30 -0.72
C ASN B 215 -15.36 8.50 -0.04
N VAL B 216 -15.42 9.38 0.94
CA VAL B 216 -16.69 9.76 1.55
C VAL B 216 -17.40 10.74 0.63
N ASP B 217 -18.68 10.50 0.37
CA ASP B 217 -19.51 11.48 -0.34
C ASP B 217 -19.75 12.68 0.57
N GLY B 218 -19.08 13.79 0.28
CA GLY B 218 -19.21 14.97 1.11
C GLY B 218 -20.58 15.63 1.09
N HIS B 219 -21.53 15.13 0.30
CA HIS B 219 -22.88 15.69 0.31
C HIS B 219 -23.91 14.68 0.78
N ASP B 220 -23.45 13.59 1.41
CA ASP B 220 -24.32 12.55 1.97
C ASP B 220 -24.12 12.51 3.48
N ALA B 221 -25.08 13.06 4.21
CA ALA B 221 -24.96 13.19 5.67
C ALA B 221 -24.75 11.84 6.35
N GLU B 222 -25.44 10.80 5.88
CA GLU B 222 -25.25 9.49 6.50
C GLU B 222 -23.83 8.97 6.33
N GLN B 223 -23.20 9.28 5.19
CA GLN B 223 -21.81 8.85 4.97
C GLN B 223 -20.83 9.64 5.84
N ILE B 224 -20.97 10.97 5.88
CA ILE B 224 -20.13 11.80 6.75
C ILE B 224 -20.26 11.35 8.20
N ARG B 225 -21.49 11.05 8.61
CA ARG B 225 -21.73 10.62 9.99
C ARG B 225 -21.03 9.29 10.27
N ALA B 226 -21.19 8.31 9.37
CA ALA B 226 -20.54 7.03 9.54
C ALA B 226 -19.03 7.18 9.63
N ALA B 227 -18.44 8.03 8.77
CA ALA B 227 -16.99 8.23 8.81
C ALA B 227 -16.56 8.88 10.11
N THR B 228 -17.31 9.86 10.59
CA THR B 228 -16.94 10.53 11.85
C THR B 228 -16.98 9.53 13.00
N ILE B 229 -17.94 8.61 12.99
CA ILE B 229 -18.03 7.59 14.05
C ILE B 229 -16.79 6.70 14.06
N LEU B 230 -16.34 6.25 12.88
CA LEU B 230 -15.16 5.39 12.84
C LEU B 230 -13.91 6.19 13.18
N ALA B 231 -13.90 7.48 12.85
CA ALA B 231 -12.82 8.37 13.25
C ALA B 231 -12.75 8.50 14.76
N GLN B 232 -13.91 8.67 15.42
CA GLN B 232 -13.92 8.80 16.88
C GLN B 232 -13.56 7.49 17.57
N ALA B 233 -13.88 6.34 16.95
CA ALA B 233 -13.59 5.06 17.56
C ALA B 233 -12.10 4.74 17.57
N GLU B 234 -11.32 5.40 16.70
CA GLU B 234 -9.87 5.23 16.65
C GLU B 234 -9.24 6.12 17.72
N LYS B 235 -8.72 5.52 18.80
CA LYS B 235 -8.19 6.28 19.93
C LYS B 235 -6.68 6.51 19.85
N GLY B 236 -5.96 5.82 18.96
CA GLY B 236 -4.52 5.86 18.96
C GLY B 236 -3.89 6.65 17.83
N LYS B 237 -4.64 6.96 16.77
CA LYS B 237 -4.11 7.65 15.61
C LYS B 237 -5.01 8.81 15.21
N PRO B 238 -4.45 9.90 14.69
CA PRO B 238 -5.27 10.93 14.05
C PRO B 238 -5.96 10.35 12.82
N THR B 239 -7.05 10.98 12.40
CA THR B 239 -7.84 10.46 11.29
C THR B 239 -8.03 11.51 10.23
N LEU B 240 -7.83 11.12 8.96
CA LEU B 240 -8.15 11.96 7.83
C LEU B 240 -9.38 11.39 7.11
N ILE B 241 -10.46 12.16 7.08
CA ILE B 241 -11.66 11.79 6.35
C ILE B 241 -11.63 12.51 5.02
N ILE B 242 -11.52 11.76 3.94
CA ILE B 242 -11.43 12.33 2.59
C ILE B 242 -12.85 12.46 2.04
N CYS B 243 -13.35 13.69 1.98
CA CYS B 243 -14.71 13.99 1.54
C CYS B 243 -14.68 14.48 0.10
N LYS B 244 -15.37 13.75 -0.78
CA LYS B 244 -15.53 14.18 -2.16
C LYS B 244 -16.62 15.24 -2.20
N THR B 245 -16.26 16.46 -2.57
CA THR B 245 -17.22 17.55 -2.62
C THR B 245 -17.17 18.24 -3.97
N ILE B 246 -18.22 18.99 -4.25
CA ILE B 246 -18.30 19.86 -5.42
C ILE B 246 -18.15 21.29 -4.93
N ILE B 247 -17.04 21.94 -5.29
CA ILE B 247 -16.87 23.34 -4.91
C ILE B 247 -18.01 24.16 -5.50
N GLY B 248 -18.56 25.06 -4.69
CA GLY B 248 -19.69 25.86 -5.13
C GLY B 248 -20.96 25.07 -5.33
N PHE B 249 -21.11 23.94 -4.62
CA PHE B 249 -22.29 23.09 -4.72
C PHE B 249 -23.57 23.90 -4.76
N GLY B 250 -24.42 23.60 -5.73
CA GLY B 250 -25.68 24.28 -5.91
C GLY B 250 -25.70 25.32 -7.01
N SER B 251 -24.54 25.80 -7.42
CA SER B 251 -24.46 26.79 -8.50
C SER B 251 -24.49 26.07 -9.84
N PRO B 252 -25.51 26.29 -10.68
CA PRO B 252 -25.56 25.54 -11.94
C PRO B 252 -24.39 25.81 -12.87
N ASN B 253 -23.87 27.03 -12.90
CA ASN B 253 -22.86 27.39 -13.89
C ASN B 253 -21.46 27.57 -13.33
N LYS B 254 -21.28 27.59 -12.00
CA LYS B 254 -19.95 27.79 -11.44
C LYS B 254 -19.48 26.65 -10.53
N SER B 255 -20.36 25.70 -10.18
CA SER B 255 -19.95 24.58 -9.35
C SER B 255 -18.96 23.69 -10.10
N GLY B 256 -18.06 23.06 -9.33
CA GLY B 256 -17.09 22.15 -9.91
C GLY B 256 -15.98 22.81 -10.69
N SER B 257 -15.79 24.11 -10.50
CA SER B 257 -14.84 24.89 -11.29
C SER B 257 -14.20 25.94 -10.39
N HIS B 258 -13.00 26.39 -10.76
CA HIS B 258 -12.35 27.44 -9.98
C HIS B 258 -13.02 28.80 -10.18
N ASP B 259 -13.99 28.92 -11.10
CA ASP B 259 -14.77 30.14 -11.21
C ASP B 259 -15.55 30.44 -9.93
N SER B 260 -15.78 29.44 -9.07
CA SER B 260 -16.45 29.67 -7.80
C SER B 260 -15.49 29.78 -6.61
N HIS B 261 -14.17 29.67 -6.83
CA HIS B 261 -13.25 29.68 -5.70
C HIS B 261 -13.26 31.01 -4.96
N GLY B 262 -13.09 32.12 -5.68
CA GLY B 262 -12.83 33.37 -4.99
C GLY B 262 -13.43 34.65 -5.55
N ALA B 263 -14.63 34.57 -6.12
CA ALA B 263 -15.29 35.75 -6.64
C ALA B 263 -16.78 35.69 -6.30
N PRO B 264 -17.42 36.84 -6.14
CA PRO B 264 -18.88 36.85 -6.00
C PRO B 264 -19.55 36.08 -7.14
N LEU B 265 -20.59 35.33 -6.79
CA LEU B 265 -21.30 34.55 -7.79
C LEU B 265 -22.09 35.45 -8.74
N GLY B 266 -22.50 36.63 -8.28
CA GLY B 266 -23.33 37.51 -9.08
C GLY B 266 -24.81 37.30 -8.82
N ASP B 267 -25.58 38.37 -9.01
CA ASP B 267 -26.99 38.35 -8.65
C ASP B 267 -27.76 37.30 -9.44
N GLU B 268 -27.48 37.19 -10.74
CA GLU B 268 -28.20 36.23 -11.57
C GLU B 268 -27.88 34.79 -11.15
N GLU B 269 -26.60 34.47 -10.98
CA GLU B 269 -26.20 33.13 -10.56
C GLU B 269 -26.76 32.80 -9.18
N ILE B 270 -26.82 33.79 -8.28
CA ILE B 270 -27.32 33.54 -6.93
C ILE B 270 -28.79 33.14 -6.98
N ASP B 271 -29.58 33.82 -7.82
CA ASP B 271 -30.98 33.43 -8.01
C ASP B 271 -31.08 32.01 -8.56
N LEU B 272 -30.30 31.69 -9.59
CA LEU B 272 -30.29 30.32 -10.12
C LEU B 272 -29.86 29.31 -9.06
N THR B 273 -28.99 29.72 -8.12
CA THR B 273 -28.56 28.80 -7.07
C THR B 273 -29.69 28.58 -6.05
N ARG B 274 -30.36 29.66 -5.63
CA ARG B 274 -31.49 29.51 -4.74
C ARG B 274 -32.51 28.52 -5.29
N LYS B 275 -32.76 28.58 -6.59
CA LYS B 275 -33.74 27.69 -7.20
C LYS B 275 -33.22 26.26 -7.26
N ALA B 276 -31.96 26.07 -7.64
CA ALA B 276 -31.41 24.72 -7.65
C ALA B 276 -31.33 24.14 -6.24
N LEU B 277 -31.18 24.99 -5.22
CA LEU B 277 -31.21 24.54 -3.84
C LEU B 277 -32.62 24.46 -3.28
N GLY B 278 -33.62 25.01 -3.97
CA GLY B 278 -34.95 25.04 -3.41
C GLY B 278 -35.06 25.96 -2.21
N TRP B 279 -34.33 27.06 -2.22
CA TRP B 279 -34.27 27.98 -1.09
C TRP B 279 -35.12 29.20 -1.40
N GLU B 280 -36.19 29.41 -0.64
CA GLU B 280 -37.20 30.38 -1.01
C GLU B 280 -37.17 31.66 -0.17
N TYR B 281 -36.10 31.92 0.59
CA TYR B 281 -36.06 33.07 1.46
C TYR B 281 -35.08 34.13 0.94
N ALA B 282 -35.42 35.40 1.21
CA ALA B 282 -34.65 36.55 0.73
C ALA B 282 -33.31 36.62 1.46
N PRO B 283 -32.38 37.45 1.00
CA PRO B 283 -31.03 37.46 1.59
C PRO B 283 -31.03 37.81 3.07
N PHE B 284 -30.27 37.04 3.84
CA PHE B 284 -30.10 37.19 5.28
C PHE B 284 -31.37 36.88 6.08
N GLU B 285 -32.34 36.22 5.45
CA GLU B 285 -33.53 35.76 6.16
C GLU B 285 -33.38 34.27 6.42
N ILE B 286 -33.37 33.91 7.69
CA ILE B 286 -33.29 32.51 8.12
C ILE B 286 -34.55 32.23 8.92
N PRO B 287 -35.38 31.27 8.51
CA PRO B 287 -36.63 31.02 9.24
C PRO B 287 -36.36 30.56 10.66
N ALA B 288 -37.24 31.00 11.58
CA ALA B 288 -37.10 30.66 12.99
C ALA B 288 -36.92 29.16 13.20
N GLU B 289 -37.61 28.35 12.40
CA GLU B 289 -37.46 26.90 12.52
C GLU B 289 -36.01 26.47 12.38
N TYR B 290 -35.28 27.13 11.46
CA TYR B 290 -33.89 26.74 11.20
C TYR B 290 -32.99 27.12 12.37
N TYR B 291 -33.18 28.33 12.91
CA TYR B 291 -32.46 28.72 14.11
C TYR B 291 -32.68 27.75 15.26
N ALA B 292 -33.92 27.27 15.41
CA ALA B 292 -34.21 26.36 16.51
C ALA B 292 -33.45 25.05 16.36
N GLU B 293 -33.32 24.55 15.13
CA GLU B 293 -32.67 23.27 14.91
C GLU B 293 -31.16 23.39 14.82
N TRP B 294 -30.66 24.55 14.45
CA TRP B 294 -29.23 24.84 14.47
C TRP B 294 -28.72 25.16 15.87
N SER B 295 -29.58 25.64 16.75
CA SER B 295 -29.14 26.15 18.05
C SER B 295 -28.39 25.08 18.83
N ALA B 296 -27.20 25.44 19.31
CA ALA B 296 -26.43 24.60 20.21
C ALA B 296 -26.48 25.09 21.65
N LYS B 297 -27.34 26.06 21.96
CA LYS B 297 -27.29 26.67 23.28
C LYS B 297 -27.66 25.67 24.37
N GLU B 298 -28.73 24.89 24.15
CA GLU B 298 -29.22 24.02 25.21
C GLU B 298 -28.29 22.84 25.42
N LYS B 299 -27.83 22.22 24.34
CA LYS B 299 -26.88 21.13 24.45
C LYS B 299 -25.56 21.61 25.02
N GLY B 300 -25.10 22.79 24.60
CA GLY B 300 -23.85 23.32 25.10
C GLY B 300 -23.90 23.68 26.57
N ALA B 301 -24.98 24.33 27.01
CA ALA B 301 -25.10 24.70 28.43
C ALA B 301 -25.11 23.46 29.32
N ALA B 302 -25.80 22.40 28.88
CA ALA B 302 -25.82 21.17 29.67
C ALA B 302 -24.45 20.49 29.70
N ALA B 303 -23.75 20.51 28.56
CA ALA B 303 -22.41 19.92 28.53
C ALA B 303 -21.47 20.65 29.49
N GLU B 304 -21.51 21.98 29.51
CA GLU B 304 -20.60 22.71 30.40
C GLU B 304 -21.00 22.57 31.88
N LYS B 305 -22.30 22.64 32.17
CA LYS B 305 -22.75 22.45 33.55
C LYS B 305 -22.31 21.08 34.07
N SER B 306 -22.39 20.06 33.22
CA SER B 306 -21.89 18.73 33.59
C SER B 306 -20.38 18.73 33.84
N TRP B 307 -19.62 19.41 33.00
CA TRP B 307 -18.19 19.48 33.22
C TRP B 307 -17.87 20.27 34.50
N GLU B 308 -18.64 21.33 34.79
CA GLU B 308 -18.41 22.09 36.01
C GLU B 308 -18.63 21.23 37.25
N GLU B 309 -19.62 20.34 37.20
CA GLU B 309 -19.86 19.44 38.30
C GLU B 309 -18.71 18.44 38.45
N LYS B 310 -18.19 17.93 37.33
CA LYS B 310 -17.05 17.03 37.39
C LYS B 310 -15.84 17.75 37.96
N PHE B 311 -15.64 19.02 37.58
CA PHE B 311 -14.50 19.78 38.07
C PHE B 311 -14.64 20.05 39.56
N ALA B 312 -15.86 20.36 40.00
CA ALA B 312 -16.10 20.57 41.43
C ALA B 312 -15.68 19.35 42.23
N ALA B 313 -16.10 18.16 41.82
CA ALA B 313 -15.69 16.96 42.53
C ALA B 313 -14.18 16.73 42.44
N TYR B 314 -13.59 17.04 41.29
CA TYR B 314 -12.14 16.93 41.14
C TYR B 314 -11.42 17.85 42.13
N ALA B 315 -11.93 19.07 42.31
CA ALA B 315 -11.30 20.04 43.20
C ALA B 315 -11.32 19.57 44.65
N LYS B 316 -12.32 18.77 45.03
CA LYS B 316 -12.37 18.28 46.42
C LYS B 316 -11.30 17.24 46.64
N ALA B 317 -11.08 16.36 45.65
CA ALA B 317 -10.05 15.34 45.76
C ALA B 317 -8.65 15.88 45.50
N TYR B 318 -8.50 16.85 44.61
CA TYR B 318 -7.18 17.34 44.21
C TYR B 318 -7.21 18.86 44.25
N PRO B 319 -7.16 19.45 45.44
CA PRO B 319 -7.29 20.91 45.53
C PRO B 319 -6.15 21.65 44.84
N GLU B 320 -4.92 21.15 44.91
CA GLU B 320 -3.83 21.89 44.29
C GLU B 320 -3.83 21.72 42.77
N LEU B 321 -4.11 20.51 42.28
CA LEU B 321 -4.30 20.32 40.84
C LEU B 321 -5.38 21.25 40.30
N ALA B 322 -6.51 21.34 41.00
CA ALA B 322 -7.61 22.14 40.46
C ALA B 322 -7.23 23.61 40.41
N ALA B 323 -6.56 24.11 41.46
CA ALA B 323 -6.08 25.49 41.45
C ALA B 323 -5.05 25.71 40.35
N GLU B 324 -4.11 24.76 40.18
CA GLU B 324 -3.14 24.87 39.09
C GLU B 324 -3.81 24.87 37.72
N PHE B 325 -4.84 24.03 37.55
CA PHE B 325 -5.57 24.00 36.28
C PHE B 325 -6.16 25.37 35.96
N LYS B 326 -6.94 25.92 36.90
CA LYS B 326 -7.55 27.22 36.67
C LYS B 326 -6.49 28.30 36.44
N ARG B 327 -5.42 28.30 37.25
CA ARG B 327 -4.36 29.27 37.05
C ARG B 327 -3.76 29.16 35.65
N ARG B 328 -3.32 27.95 35.27
CA ARG B 328 -2.59 27.79 34.03
C ARG B 328 -3.49 28.02 32.82
N VAL B 329 -4.75 27.58 32.89
CA VAL B 329 -5.66 27.82 31.78
C VAL B 329 -5.91 29.32 31.61
N SER B 330 -5.97 30.07 32.72
CA SER B 330 -6.13 31.52 32.63
C SER B 330 -4.87 32.24 32.15
N GLY B 331 -3.71 31.57 32.17
CA GLY B 331 -2.45 32.18 31.77
C GLY B 331 -1.73 32.98 32.85
N GLU B 332 -2.28 33.07 34.06
CA GLU B 332 -1.62 33.82 35.12
C GLU B 332 -0.39 33.08 35.61
N LEU B 333 0.60 33.85 36.10
CA LEU B 333 1.81 33.26 36.63
C LEU B 333 1.64 32.89 38.10
N PRO B 334 2.50 32.01 38.64
CA PRO B 334 2.41 31.67 40.06
C PRO B 334 2.72 32.85 40.96
N THR B 335 2.17 32.81 42.18
CA THR B 335 2.28 33.97 43.05
C THR B 335 3.71 34.20 43.52
N ASN B 336 4.51 33.15 43.62
CA ASN B 336 5.92 33.35 43.94
C ASN B 336 6.79 33.71 42.72
N TRP B 337 6.22 33.80 41.50
CA TRP B 337 7.04 34.04 40.31
C TRP B 337 7.86 35.33 40.44
N ALA B 338 7.22 36.41 40.89
CA ALA B 338 7.90 37.70 40.90
C ALA B 338 9.13 37.66 41.81
N ALA B 339 9.01 37.06 42.99
CA ALA B 339 10.11 37.06 43.95
C ALA B 339 11.21 36.08 43.55
N GLU B 340 10.84 34.88 43.05
CA GLU B 340 11.87 33.90 42.72
C GLU B 340 12.65 34.31 41.46
N SER B 341 11.96 34.85 40.45
CA SER B 341 12.70 35.28 39.25
C SER B 341 13.60 36.46 39.56
N LYS B 342 13.11 37.41 40.37
CA LYS B 342 13.98 38.51 40.82
C LYS B 342 15.19 37.98 41.57
N ALA B 343 14.97 37.07 42.52
CA ALA B 343 16.08 36.57 43.33
C ALA B 343 17.10 35.83 42.47
N PHE B 344 16.62 35.12 41.44
CA PHE B 344 17.53 34.42 40.55
C PHE B 344 18.37 35.42 39.75
N ILE B 345 17.74 36.46 39.22
CA ILE B 345 18.46 37.45 38.43
C ILE B 345 19.51 38.17 39.29
N GLU B 346 19.14 38.54 40.52
CA GLU B 346 20.10 39.19 41.41
C GLU B 346 21.25 38.27 41.78
N LYS B 347 20.96 36.98 42.00
CA LYS B 347 22.04 36.04 42.28
C LYS B 347 23.05 36.01 41.13
N LEU B 348 22.56 36.00 39.89
CA LEU B 348 23.49 35.99 38.75
C LEU B 348 24.30 37.27 38.70
N GLN B 349 23.66 38.42 38.92
CA GLN B 349 24.41 39.68 38.89
C GLN B 349 25.53 39.68 39.94
N ALA B 350 25.30 39.01 41.08
CA ALA B 350 26.26 38.99 42.17
C ALA B 350 27.28 37.86 42.04
N ASN B 351 27.08 36.90 41.14
CA ASN B 351 27.99 35.77 40.97
C ASN B 351 28.35 35.69 39.49
N PRO B 352 29.27 36.55 39.03
CA PRO B 352 29.59 36.63 37.60
C PRO B 352 30.07 35.30 37.06
N ALA B 353 29.74 35.06 35.78
CA ALA B 353 30.24 33.91 35.07
C ALA B 353 30.31 34.29 33.60
N SER B 354 31.40 33.90 32.96
CA SER B 354 31.61 34.16 31.55
C SER B 354 31.22 32.89 30.80
N ILE B 355 29.98 32.84 30.29
CA ILE B 355 29.45 31.68 29.59
C ILE B 355 28.76 32.15 28.31
N ALA B 356 28.52 31.20 27.41
CA ALA B 356 27.72 31.49 26.23
C ALA B 356 26.29 31.80 26.65
N SER B 357 25.65 32.76 25.98
CA SER B 357 24.29 33.08 26.39
C SER B 357 23.33 31.93 26.13
N ARG B 358 23.67 31.00 25.22
CA ARG B 358 22.86 29.79 25.10
C ARG B 358 22.94 28.95 26.37
N LYS B 359 24.08 28.98 27.07
CA LYS B 359 24.19 28.32 28.36
C LYS B 359 23.40 29.07 29.44
N ALA B 360 23.51 30.40 29.43
CA ALA B 360 22.70 31.21 30.33
C ALA B 360 21.21 30.96 30.09
N SER B 361 20.83 30.75 28.83
CA SER B 361 19.43 30.44 28.51
C SER B 361 19.01 29.14 29.19
N GLN B 362 19.84 28.10 29.07
CA GLN B 362 19.54 26.83 29.72
C GLN B 362 19.47 27.00 31.24
N ASN B 363 20.37 27.81 31.79
CA ASN B 363 20.35 28.05 33.23
C ASN B 363 19.07 28.73 33.63
N ALA B 364 18.61 29.71 32.84
CA ALA B 364 17.36 30.38 33.13
C ALA B 364 16.19 29.41 33.05
N ILE B 365 16.19 28.54 32.04
CA ILE B 365 15.12 27.55 31.92
C ILE B 365 15.11 26.66 33.15
N GLU B 366 16.28 26.21 33.58
CA GLU B 366 16.39 25.33 34.75
C GLU B 366 15.77 26.00 35.98
N ALA B 367 16.11 27.26 36.21
CA ALA B 367 15.57 27.97 37.38
C ALA B 367 14.07 28.23 37.22
N TYR B 368 13.66 28.74 36.07
CA TYR B 368 12.26 29.15 35.95
C TYR B 368 11.32 27.95 35.85
N ALA B 369 11.80 26.85 35.26
CA ALA B 369 10.98 25.65 35.13
C ALA B 369 10.62 25.07 36.49
N HIS B 370 11.45 25.27 37.51
CA HIS B 370 11.06 24.84 38.85
C HIS B 370 9.85 25.61 39.36
N VAL B 371 9.61 26.81 38.82
CA VAL B 371 8.47 27.64 39.23
C VAL B 371 7.28 27.51 38.27
N LEU B 372 7.51 27.12 37.02
CA LEU B 372 6.51 27.17 35.95
C LEU B 372 6.26 25.77 35.43
N PRO B 373 5.41 24.99 36.09
CA PRO B 373 5.05 23.69 35.52
C PRO B 373 4.36 23.81 34.16
N GLU B 374 3.88 25.00 33.80
CA GLU B 374 3.24 25.18 32.50
C GLU B 374 4.24 25.23 31.34
N PHE B 375 5.55 25.30 31.59
CA PHE B 375 6.52 25.31 30.49
C PHE B 375 6.36 24.05 29.64
N LEU B 376 6.23 24.22 28.33
CA LEU B 376 6.20 23.08 27.42
C LEU B 376 7.26 23.39 26.38
N GLY B 377 8.48 22.89 26.60
CA GLY B 377 9.65 23.27 25.82
C GLY B 377 9.94 22.32 24.68
N GLY B 378 10.92 22.69 23.86
CA GLY B 378 11.31 21.82 22.77
C GLY B 378 12.39 22.45 21.91
N SER B 379 12.82 21.68 20.91
CA SER B 379 13.82 22.09 19.95
C SER B 379 13.57 21.32 18.66
N ALA B 380 13.90 21.95 17.52
CA ALA B 380 13.77 21.29 16.24
C ALA B 380 15.04 20.46 15.97
N ASP B 381 15.15 19.35 16.71
CA ASP B 381 16.26 18.40 16.63
C ASP B 381 17.60 19.00 17.06
N LEU B 382 17.60 20.02 17.91
CA LEU B 382 18.85 20.69 18.30
C LEU B 382 18.99 20.82 19.82
N ALA B 383 18.52 19.83 20.59
CA ALA B 383 18.51 19.98 22.04
C ALA B 383 19.92 20.24 22.57
N SER B 384 20.91 19.48 22.10
CA SER B 384 22.27 19.61 22.61
C SER B 384 23.00 20.84 22.11
N SER B 385 22.50 21.51 21.07
CA SER B 385 23.08 22.77 20.62
C SER B 385 22.34 23.98 21.13
N ASN B 386 21.00 23.94 21.11
CA ASN B 386 20.17 25.02 21.64
C ASN B 386 20.10 25.03 23.17
N LEU B 387 20.35 23.89 23.83
CA LEU B 387 20.36 23.76 25.29
C LEU B 387 18.99 24.08 25.90
N THR B 388 17.98 23.33 25.43
CA THR B 388 16.58 23.53 25.80
C THR B 388 16.09 22.51 26.82
N LEU B 389 16.86 21.46 27.11
CA LEU B 389 16.47 20.53 28.16
C LEU B 389 16.91 21.05 29.52
N TRP B 390 16.09 20.81 30.53
CA TRP B 390 16.46 21.03 31.92
C TRP B 390 16.39 19.69 32.66
N SER B 391 16.79 19.70 33.94
CA SER B 391 16.92 18.44 34.66
C SER B 391 15.59 17.73 34.81
N GLY B 392 14.47 18.47 34.79
CA GLY B 392 13.14 17.87 34.84
C GLY B 392 12.43 17.70 33.51
N SER B 393 13.13 17.83 32.39
CA SER B 393 12.51 17.61 31.08
C SER B 393 12.03 16.18 30.93
N LYS B 394 10.81 16.02 30.41
CA LYS B 394 10.22 14.71 30.16
C LYS B 394 9.72 14.72 28.72
N PRO B 395 10.51 14.21 27.77
CA PRO B 395 10.09 14.27 26.36
C PRO B 395 8.83 13.44 26.12
N ILE B 396 7.84 14.07 25.50
CA ILE B 396 6.54 13.44 25.28
C ILE B 396 6.63 12.44 24.13
N ARG B 397 5.95 11.31 24.29
CA ARG B 397 5.81 10.28 23.25
C ARG B 397 4.35 9.83 23.23
N ALA B 398 4.00 9.00 22.25
CA ALA B 398 2.60 8.61 22.08
C ALA B 398 2.07 7.88 23.31
N HIS B 399 2.91 7.02 23.92
CA HIS B 399 2.52 6.19 25.07
C HIS B 399 3.51 6.32 26.23
N GLU B 400 4.36 7.32 26.22
CA GLU B 400 5.35 7.50 27.26
C GLU B 400 5.45 8.99 27.58
N ASN B 401 5.63 9.32 28.86
CA ASN B 401 5.67 10.71 29.30
C ASN B 401 4.51 11.51 28.70
N VAL B 402 3.31 10.94 28.79
CA VAL B 402 2.16 11.57 28.17
C VAL B 402 1.83 12.88 28.87
N GLY B 403 2.14 12.97 30.16
CA GLY B 403 2.01 14.24 30.87
C GLY B 403 3.35 14.94 31.01
N GLY B 404 4.21 14.76 30.00
CA GLY B 404 5.55 15.32 30.03
C GLY B 404 5.56 16.80 29.70
N ASN B 405 6.76 17.32 29.41
CA ASN B 405 6.88 18.76 29.31
C ASN B 405 7.86 19.21 28.23
N TYR B 406 8.14 18.36 27.24
CA TYR B 406 9.16 18.67 26.25
C TYR B 406 8.86 17.91 24.98
N ILE B 407 9.11 18.54 23.83
CA ILE B 407 8.80 17.95 22.54
C ILE B 407 10.05 17.92 21.69
N ASN B 408 10.44 16.72 21.27
CA ASN B 408 11.42 16.56 20.20
C ASN B 408 10.67 16.79 18.89
N TYR B 409 10.81 17.99 18.34
CA TYR B 409 10.05 18.37 17.15
C TYR B 409 10.60 17.78 15.87
N GLY B 410 11.81 17.19 15.88
CA GLY B 410 12.42 16.79 14.62
C GLY B 410 12.87 18.03 13.84
N VAL B 411 13.26 17.80 12.57
CA VAL B 411 13.83 18.88 11.75
C VAL B 411 12.65 19.54 11.04
N ARG B 412 11.93 20.38 11.78
CA ARG B 412 10.61 20.90 11.39
C ARG B 412 10.39 22.27 12.05
N GLU B 413 11.15 23.29 11.63
CA GLU B 413 11.09 24.59 12.28
C GLU B 413 9.74 25.26 12.05
N PHE B 414 9.24 25.22 10.81
CA PHE B 414 7.96 25.84 10.52
C PHE B 414 6.85 25.14 11.29
N GLY B 415 6.85 23.80 11.23
CA GLY B 415 5.84 23.04 11.94
C GLY B 415 5.89 23.25 13.45
N MET B 416 7.10 23.22 14.03
CA MET B 416 7.23 23.48 15.46
C MET B 416 6.65 24.83 15.83
N SER B 417 6.99 25.87 15.04
CA SER B 417 6.57 27.21 15.37
C SER B 417 5.05 27.34 15.31
N ALA B 418 4.43 26.83 14.24
CA ALA B 418 2.97 26.91 14.16
C ALA B 418 2.29 25.96 15.15
N ILE B 419 2.93 24.83 15.48
CA ILE B 419 2.39 23.98 16.54
C ILE B 419 2.39 24.74 17.88
N MET B 420 3.47 25.48 18.13
CA MET B 420 3.56 26.24 19.38
C MET B 420 2.48 27.31 19.46
N ASN B 421 2.13 27.92 18.33
CA ASN B 421 0.99 28.84 18.31
C ASN B 421 -0.28 28.13 18.75
N GLY B 422 -0.53 26.93 18.21
CA GLY B 422 -1.69 26.16 18.64
C GLY B 422 -1.64 25.78 20.11
N ILE B 423 -0.45 25.45 20.62
CA ILE B 423 -0.32 25.16 22.04
C ILE B 423 -0.67 26.40 22.87
N ALA B 424 -0.14 27.56 22.47
CA ALA B 424 -0.42 28.80 23.19
C ALA B 424 -1.89 29.16 23.14
N LEU B 425 -2.51 29.02 21.96
CA LEU B 425 -3.94 29.30 21.82
C LEU B 425 -4.77 28.40 22.73
N HIS B 426 -4.34 27.14 22.89
CA HIS B 426 -5.15 26.17 23.60
C HIS B 426 -5.34 26.56 25.06
N GLY B 427 -4.31 27.14 25.67
CA GLY B 427 -4.37 27.40 27.11
C GLY B 427 -3.76 26.27 27.92
N GLY B 428 -3.19 26.65 29.07
CA GLY B 428 -2.61 25.68 29.98
C GLY B 428 -1.11 25.59 29.92
N PHE B 429 -0.47 26.16 28.90
CA PHE B 429 0.97 26.02 28.71
C PHE B 429 1.57 27.36 28.32
N ILE B 430 2.88 27.46 28.56
CA ILE B 430 3.74 28.46 27.94
C ILE B 430 4.74 27.70 27.07
N PRO B 431 4.54 27.68 25.75
CA PRO B 431 5.46 26.90 24.91
C PRO B 431 6.69 27.72 24.58
N TYR B 432 7.83 27.03 24.54
CA TYR B 432 9.04 27.55 23.94
C TYR B 432 9.63 26.49 23.03
N GLY B 433 10.29 26.94 21.97
CA GLY B 433 10.89 26.01 21.04
C GLY B 433 12.06 26.63 20.32
N ALA B 434 13.15 25.89 20.16
CA ALA B 434 14.38 26.49 19.69
C ALA B 434 14.83 25.92 18.36
N THR B 435 15.62 26.72 17.67
CA THR B 435 16.40 26.28 16.52
C THR B 435 17.56 27.25 16.41
N PHE B 436 18.41 27.04 15.39
CA PHE B 436 19.41 28.04 15.05
C PHE B 436 18.71 29.30 14.52
N LEU B 437 19.29 30.46 14.84
CA LEU B 437 18.72 31.73 14.36
C LEU B 437 18.50 31.74 12.85
N MET B 438 19.43 31.13 12.10
CA MET B 438 19.28 31.15 10.64
C MET B 438 17.93 30.59 10.20
N PHE B 439 17.49 29.52 10.85
CA PHE B 439 16.34 28.75 10.41
C PHE B 439 15.03 29.29 10.98
N TYR B 440 15.10 30.42 11.69
CA TYR B 440 13.95 31.33 11.77
C TYR B 440 13.34 31.56 10.39
N GLU B 441 14.16 31.58 9.34
CA GLU B 441 13.62 31.90 8.03
C GLU B 441 12.71 30.78 7.49
N TYR B 442 12.90 29.54 7.96
CA TYR B 442 11.96 28.48 7.60
C TYR B 442 10.61 28.67 8.28
N ALA B 443 10.61 29.26 9.47
CA ALA B 443 9.42 29.36 10.29
C ALA B 443 8.83 30.75 10.27
N HIS B 444 9.36 31.63 9.40
CA HIS B 444 9.12 33.06 9.48
C HIS B 444 7.64 33.40 9.66
N ASN B 445 6.78 32.89 8.77
CA ASN B 445 5.39 33.33 8.87
C ASN B 445 4.68 32.83 10.12
N ALA B 446 5.11 31.73 10.73
CA ALA B 446 4.46 31.33 11.97
C ALA B 446 4.79 32.30 13.09
N VAL B 447 6.00 32.86 13.07
CA VAL B 447 6.38 33.87 14.06
C VAL B 447 5.50 35.11 13.91
N ARG B 448 5.29 35.55 12.66
CA ARG B 448 4.42 36.69 12.40
C ARG B 448 3.00 36.39 12.83
N MET B 449 2.55 35.15 12.61
CA MET B 449 1.19 34.77 12.99
C MET B 449 1.02 34.83 14.50
N ALA B 450 2.04 34.40 15.26
CA ALA B 450 1.98 34.54 16.72
C ALA B 450 1.81 35.99 17.12
N ALA B 451 2.55 36.90 16.46
CA ALA B 451 2.44 38.32 16.77
C ALA B 451 1.07 38.88 16.43
N LEU B 452 0.54 38.51 15.26
CA LEU B 452 -0.79 38.97 14.87
C LEU B 452 -1.86 38.47 15.83
N MET B 453 -1.75 37.22 16.30
CA MET B 453 -2.73 36.66 17.24
C MET B 453 -2.45 37.04 18.69
N LYS B 454 -1.41 37.84 18.95
CA LYS B 454 -1.03 38.24 20.31
C LYS B 454 -0.88 37.04 21.25
N GLN B 455 -0.17 36.02 20.76
CA GLN B 455 0.02 34.79 21.52
C GLN B 455 1.38 34.80 22.19
N ARG B 456 1.42 34.33 23.43
CA ARG B 456 2.67 34.20 24.17
C ARG B 456 3.31 32.89 23.73
N THR B 457 4.05 32.96 22.63
CA THR B 457 4.90 31.89 22.15
C THR B 457 6.34 32.35 22.29
N LEU B 458 7.20 31.51 22.85
CA LEU B 458 8.59 31.90 23.08
C LEU B 458 9.45 31.26 22.01
N PHE B 459 9.95 32.06 21.08
CA PHE B 459 10.81 31.56 20.02
C PHE B 459 12.26 31.72 20.46
N VAL B 460 12.95 30.60 20.62
CA VAL B 460 14.35 30.59 21.08
C VAL B 460 15.24 30.34 19.87
N TYR B 461 16.26 31.17 19.70
CA TYR B 461 17.22 31.03 18.63
C TYR B 461 18.63 31.09 19.20
N THR B 462 19.48 30.14 18.82
CA THR B 462 20.87 30.18 19.24
C THR B 462 21.79 30.22 18.00
N HIS B 463 23.09 30.46 18.24
CA HIS B 463 24.09 30.58 17.19
C HIS B 463 23.75 31.77 16.26
N ASP B 464 23.98 32.96 16.83
CA ASP B 464 23.29 34.18 16.43
C ASP B 464 24.08 35.07 15.47
N SER B 465 25.30 34.71 15.11
CA SER B 465 26.14 35.59 14.29
C SER B 465 27.31 34.77 13.75
N ILE B 466 28.24 35.46 13.08
CA ILE B 466 29.50 34.84 12.69
C ILE B 466 30.23 34.26 13.89
N GLY B 467 29.89 34.68 15.10
CA GLY B 467 30.41 34.04 16.30
C GLY B 467 30.29 32.52 16.31
N LEU B 468 29.39 31.95 15.51
CA LEU B 468 29.29 30.48 15.51
C LEU B 468 30.46 29.81 14.79
N GLY B 469 31.13 30.50 13.88
CA GLY B 469 32.42 30.04 13.39
C GLY B 469 32.30 29.16 12.15
N GLU B 470 32.86 27.95 12.22
CA GLU B 470 33.24 27.18 11.04
C GLU B 470 32.06 26.68 10.19
N ASP B 471 30.84 26.57 10.72
CA ASP B 471 29.74 26.09 9.89
C ASP B 471 29.47 27.01 8.70
N GLY B 472 29.81 28.30 8.81
CA GLY B 472 29.91 29.14 7.63
C GLY B 472 28.62 29.87 7.24
N PRO B 473 28.63 30.47 6.05
CA PRO B 473 27.62 31.50 5.71
C PRO B 473 26.21 30.99 5.52
N THR B 474 25.99 29.71 5.22
CA THR B 474 24.61 29.22 5.21
C THR B 474 24.02 29.18 6.62
N HIS B 475 24.86 29.18 7.66
CA HIS B 475 24.41 29.11 9.04
C HIS B 475 24.57 30.42 9.81
N GLN B 476 25.53 31.26 9.43
CA GLN B 476 25.82 32.45 10.22
C GLN B 476 24.80 33.55 9.95
N PRO B 477 24.01 33.93 10.94
CA PRO B 477 23.03 34.99 10.71
C PRO B 477 23.72 36.32 10.47
N VAL B 478 23.06 37.15 9.66
CA VAL B 478 23.51 38.52 9.41
C VAL B 478 22.32 39.48 9.49
N GLU B 479 21.29 39.21 8.68
CA GLU B 479 20.12 40.08 8.61
C GLU B 479 18.94 39.56 9.42
N GLN B 480 19.08 38.41 10.09
CA GLN B 480 17.92 37.74 10.68
C GLN B 480 17.40 38.49 11.89
N THR B 481 18.29 39.00 12.75
CA THR B 481 17.84 39.72 13.94
C THR B 481 17.07 40.98 13.55
N ALA B 482 17.61 41.74 12.59
CA ALA B 482 16.93 42.93 12.09
C ALA B 482 15.58 42.58 11.50
N SER B 483 15.49 41.45 10.79
CA SER B 483 14.21 41.05 10.19
C SER B 483 13.19 40.71 11.26
N LEU B 484 13.62 40.01 12.32
CA LEU B 484 12.71 39.74 13.43
C LEU B 484 12.26 41.04 14.09
N ARG B 485 13.14 42.05 14.17
CA ARG B 485 12.79 43.30 14.82
C ARG B 485 11.68 44.05 14.10
N LEU B 486 11.49 43.80 12.81
CA LEU B 486 10.48 44.49 12.03
C LEU B 486 9.08 43.93 12.22
N ILE B 487 8.92 42.77 12.84
CA ILE B 487 7.61 42.16 13.01
C ILE B 487 6.81 42.94 14.05
N PRO B 488 5.70 43.58 13.67
CA PRO B 488 4.89 44.28 14.67
C PRO B 488 4.47 43.34 15.78
N ASN B 489 4.51 43.82 17.02
CA ASN B 489 4.08 43.12 18.22
C ASN B 489 4.95 41.90 18.57
N LEU B 490 6.11 41.75 17.97
CA LEU B 490 7.10 40.79 18.45
C LEU B 490 8.18 41.56 19.20
N GLU B 491 8.55 41.06 20.38
CA GLU B 491 9.67 41.61 21.14
C GLU B 491 10.88 40.69 20.99
N THR B 492 11.96 41.22 20.41
CA THR B 492 13.16 40.47 20.14
C THR B 492 14.25 40.89 21.13
N TRP B 493 14.88 39.89 21.76
CA TRP B 493 15.89 40.10 22.79
C TRP B 493 17.20 39.48 22.34
N ARG B 494 18.27 40.26 22.40
CA ARG B 494 19.63 39.77 22.11
C ARG B 494 20.49 40.12 23.32
N PRO B 495 20.44 39.32 24.38
CA PRO B 495 21.11 39.69 25.64
C PRO B 495 22.62 39.52 25.60
N CYS B 496 23.29 40.29 26.44
CA CYS B 496 24.74 40.43 26.36
C CYS B 496 25.50 39.60 27.37
N ASP B 497 24.84 38.95 28.32
CA ASP B 497 25.51 38.11 29.32
C ASP B 497 24.44 37.28 30.02
N GLN B 498 24.85 36.53 31.04
CA GLN B 498 23.90 35.63 31.68
C GLN B 498 22.79 36.37 32.39
N VAL B 499 23.04 37.62 32.84
CA VAL B 499 22.03 38.37 33.56
C VAL B 499 20.97 38.90 32.60
N GLU B 500 21.38 39.56 31.52
CA GLU B 500 20.41 40.01 30.53
C GLU B 500 19.63 38.83 29.95
N SER B 501 20.25 37.64 29.91
CA SER B 501 19.60 36.44 29.39
C SER B 501 18.49 35.96 30.33
N ALA B 502 18.75 35.97 31.64
CA ALA B 502 17.70 35.63 32.59
C ALA B 502 16.58 36.66 32.59
N ILE B 503 16.91 37.93 32.34
CA ILE B 503 15.88 38.97 32.34
C ILE B 503 15.04 38.89 31.06
N ALA B 504 15.68 38.58 29.93
CA ALA B 504 14.92 38.42 28.69
C ALA B 504 13.93 37.26 28.80
N TRP B 505 14.35 36.14 29.39
CA TRP B 505 13.42 35.03 29.63
C TRP B 505 12.27 35.46 30.53
N GLN B 506 12.58 36.17 31.62
CA GLN B 506 11.55 36.66 32.53
C GLN B 506 10.56 37.57 31.82
N GLN B 507 11.07 38.50 30.99
CA GLN B 507 10.16 39.43 30.31
C GLN B 507 9.30 38.70 29.29
N ALA B 508 9.86 37.70 28.62
CA ALA B 508 9.08 36.92 27.65
C ALA B 508 7.97 36.13 28.34
N VAL B 509 8.28 35.54 29.50
CA VAL B 509 7.28 34.78 30.26
C VAL B 509 6.15 35.70 30.72
N GLU B 510 6.48 36.94 31.10
CA GLU B 510 5.48 37.87 31.59
C GLU B 510 4.69 38.55 30.48
N ARG B 511 5.11 38.42 29.23
CA ARG B 511 4.43 39.10 28.14
C ARG B 511 3.24 38.27 27.69
N GLN B 512 2.05 38.58 28.18
CA GLN B 512 0.92 37.74 27.82
C GLN B 512 0.18 38.21 26.56
N ASP B 513 0.46 39.41 26.05
CA ASP B 513 -0.21 39.89 24.84
C ASP B 513 0.64 39.78 23.58
N GLY B 514 1.68 38.93 23.58
CA GLY B 514 2.44 38.75 22.36
C GLY B 514 3.66 37.89 22.54
N PRO B 515 4.27 37.47 21.43
CA PRO B 515 5.41 36.55 21.49
C PRO B 515 6.72 37.27 21.69
N SER B 516 7.75 36.49 21.96
CA SER B 516 9.10 37.00 22.10
C SER B 516 10.04 36.14 21.29
N ALA B 517 11.11 36.74 20.80
CA ALA B 517 12.21 36.04 20.18
C ALA B 517 13.45 36.27 21.04
N LEU B 518 14.09 35.18 21.47
CA LEU B 518 15.22 35.21 22.39
C LEU B 518 16.44 34.68 21.65
N ILE B 519 17.44 35.54 21.47
CA ILE B 519 18.56 35.27 20.58
C ILE B 519 19.83 35.06 21.41
N PHE B 520 20.42 33.88 21.33
CA PHE B 520 21.56 33.52 22.16
C PHE B 520 22.78 33.11 21.35
N THR B 521 23.96 33.17 21.98
CA THR B 521 25.23 32.94 21.31
C THR B 521 25.78 31.54 21.54
N ARG B 522 26.62 31.10 20.61
CA ARG B 522 27.40 29.89 20.87
C ARG B 522 28.62 30.17 21.73
N GLN B 523 29.25 31.35 21.60
CA GLN B 523 30.51 31.64 22.27
C GLN B 523 30.29 32.30 23.63
N ASN B 524 31.30 32.21 24.49
CA ASN B 524 31.24 32.78 25.83
C ASN B 524 31.13 34.31 25.81
N LEU B 525 30.35 34.86 26.74
CA LEU B 525 30.12 36.29 26.86
C LEU B 525 30.54 36.75 28.25
N ALA B 526 31.31 37.83 28.32
CA ALA B 526 31.69 38.40 29.61
C ALA B 526 30.51 39.08 30.29
N GLN B 527 30.37 38.87 31.59
CA GLN B 527 29.32 39.53 32.35
C GLN B 527 29.68 40.97 32.67
N MET B 528 28.71 41.88 32.51
CA MET B 528 28.88 43.29 32.80
C MET B 528 28.42 43.61 34.23
N ASP B 529 29.10 44.57 34.86
CA ASP B 529 28.70 45.05 36.18
C ASP B 529 27.47 45.94 36.07
N ARG B 530 26.55 45.78 37.01
CA ARG B 530 25.36 46.61 37.04
C ARG B 530 25.06 46.99 38.49
N THR B 531 24.74 48.24 38.71
CA THR B 531 24.15 48.63 39.97
C THR B 531 22.71 48.13 40.03
N SER B 532 22.11 48.25 41.22
CA SER B 532 20.72 47.85 41.37
C SER B 532 19.83 48.60 40.37
N ALA B 533 20.07 49.88 40.16
CA ALA B 533 19.25 50.66 39.23
C ALA B 533 19.49 50.26 37.78
N GLN B 534 20.71 49.87 37.42
CA GLN B 534 20.93 49.39 36.06
C GLN B 534 20.25 48.04 35.85
N LEU B 535 20.34 47.16 36.85
CA LEU B 535 19.68 45.87 36.81
C LEU B 535 18.18 46.02 36.60
N ASP B 536 17.55 46.97 37.30
CA ASP B 536 16.12 47.23 37.14
C ASP B 536 15.78 47.75 35.75
N ALA B 537 16.73 48.39 35.08
CA ALA B 537 16.43 49.04 33.81
C ALA B 537 16.64 48.14 32.60
N VAL B 538 17.20 46.93 32.78
CA VAL B 538 17.40 46.03 31.64
C VAL B 538 16.06 45.75 30.94
N LYS B 539 15.00 45.53 31.71
CA LYS B 539 13.69 45.24 31.15
C LYS B 539 13.09 46.41 30.39
N ARG B 540 13.72 47.58 30.43
CA ARG B 540 13.28 48.70 29.63
C ARG B 540 13.85 48.66 28.21
N GLY B 541 14.62 47.63 27.86
CA GLY B 541 15.06 47.40 26.50
C GLY B 541 16.41 47.99 26.14
N ALA B 542 16.70 49.18 26.66
CA ALA B 542 18.02 49.80 26.54
C ALA B 542 18.24 50.65 27.78
N TYR B 543 19.49 50.71 28.23
CA TYR B 543 19.82 51.43 29.45
C TYR B 543 21.28 51.85 29.38
N VAL B 544 21.62 52.81 30.24
CA VAL B 544 22.99 53.32 30.32
C VAL B 544 23.81 52.33 31.12
N LEU B 545 24.85 51.77 30.50
CA LEU B 545 25.70 50.78 31.13
C LEU B 545 27.01 51.37 31.63
N LYS B 546 27.67 52.21 30.84
CA LYS B 546 28.80 53.02 31.29
C LYS B 546 28.50 54.46 30.95
N ASP B 547 28.74 55.35 31.91
CA ASP B 547 28.41 56.76 31.75
C ASP B 547 29.63 57.60 32.09
N CYS B 548 29.71 58.76 31.48
CA CYS B 548 30.72 59.75 31.81
C CYS B 548 30.10 60.83 32.69
N ASP B 549 30.97 61.62 33.32
CA ASP B 549 30.49 62.79 34.03
C ASP B 549 30.10 63.88 33.03
N GLY B 550 28.85 64.31 33.08
CA GLY B 550 28.37 65.32 32.16
C GLY B 550 27.84 64.75 30.86
N THR B 551 27.46 65.67 29.98
CA THR B 551 26.95 65.28 28.67
C THR B 551 28.01 64.49 27.91
N PRO B 552 27.65 63.32 27.37
CA PRO B 552 28.63 62.58 26.55
C PRO B 552 28.93 63.32 25.26
N GLU B 553 30.18 63.25 24.81
CA GLU B 553 30.49 63.66 23.45
C GLU B 553 30.22 62.57 22.43
N LEU B 554 30.13 61.31 22.88
CA LEU B 554 29.89 60.19 21.99
C LEU B 554 29.15 59.10 22.77
N ILE B 555 28.18 58.46 22.13
CA ILE B 555 27.45 57.34 22.72
C ILE B 555 27.69 56.09 21.86
N PHE B 556 28.17 55.04 22.50
CA PHE B 556 28.19 53.70 21.90
C PHE B 556 26.89 52.99 22.22
N ILE B 557 26.27 52.41 21.20
CA ILE B 557 25.08 51.56 21.36
C ILE B 557 25.46 50.15 20.94
N ALA B 558 25.25 49.17 21.81
CA ALA B 558 25.67 47.81 21.51
C ALA B 558 24.64 46.82 22.01
N THR B 559 24.57 45.67 21.33
CA THR B 559 23.70 44.58 21.75
C THR B 559 24.52 43.32 21.90
N GLY B 560 23.99 42.40 22.70
CA GLY B 560 24.47 41.03 22.71
C GLY B 560 25.97 40.91 22.86
N SER B 561 26.58 40.09 22.01
CA SER B 561 27.98 39.76 22.14
C SER B 561 28.91 40.93 21.86
N GLU B 562 28.39 42.04 21.32
CA GLU B 562 29.25 43.17 21.00
C GLU B 562 29.33 44.21 22.13
N VAL B 563 28.64 43.99 23.25
CA VAL B 563 28.66 44.97 24.34
C VAL B 563 30.06 45.09 24.94
N GLU B 564 30.76 43.95 25.14
CA GLU B 564 32.11 44.03 25.68
C GLU B 564 33.03 44.84 24.78
N LEU B 565 32.93 44.64 23.47
CA LEU B 565 33.70 45.44 22.53
C LEU B 565 33.41 46.93 22.69
N ALA B 566 32.13 47.29 22.82
CA ALA B 566 31.79 48.69 23.02
C ALA B 566 32.40 49.23 24.31
N VAL B 567 32.37 48.41 25.37
CA VAL B 567 32.91 48.85 26.65
C VAL B 567 34.41 49.05 26.55
N GLN B 568 35.11 48.15 25.84
CA GLN B 568 36.56 48.25 25.74
C GLN B 568 36.97 49.45 24.89
N ALA B 569 36.22 49.73 23.83
CA ALA B 569 36.53 50.90 23.01
C ALA B 569 36.21 52.20 23.74
N ALA B 570 35.13 52.19 24.53
CA ALA B 570 34.84 53.36 25.36
C ALA B 570 35.97 53.59 26.36
N GLU B 571 36.50 52.51 26.94
CA GLU B 571 37.59 52.66 27.90
C GLU B 571 38.81 53.32 27.26
N ALA B 572 39.19 52.84 26.07
CA ALA B 572 40.31 53.43 25.36
C ALA B 572 40.10 54.93 25.13
N LEU B 573 38.92 55.30 24.61
CA LEU B 573 38.66 56.71 24.37
C LEU B 573 38.65 57.51 25.66
N SER B 574 38.07 56.93 26.73
CA SER B 574 38.00 57.64 28.01
C SER B 574 39.40 57.94 28.56
N ALA B 575 40.32 56.99 28.40
CA ALA B 575 41.69 57.20 28.82
C ALA B 575 42.39 58.30 28.02
N GLU B 576 41.79 58.77 26.94
CA GLU B 576 42.27 59.94 26.22
C GLU B 576 41.53 61.21 26.62
N GLY B 577 40.68 61.15 27.63
CA GLY B 577 39.96 62.32 28.12
C GLY B 577 38.62 62.57 27.46
N LYS B 578 38.19 61.71 26.54
CA LYS B 578 36.90 61.88 25.91
C LYS B 578 35.79 61.37 26.83
N LYS B 579 34.63 62.03 26.73
CA LYS B 579 33.46 61.71 27.54
C LYS B 579 32.54 60.83 26.71
N VAL B 580 32.48 59.54 27.05
CA VAL B 580 31.77 58.56 26.23
C VAL B 580 30.79 57.79 27.11
N ARG B 581 29.61 57.52 26.55
CA ARG B 581 28.56 56.73 27.19
C ARG B 581 28.40 55.41 26.44
N VAL B 582 28.13 54.33 27.17
CA VAL B 582 27.84 53.02 26.58
C VAL B 582 26.41 52.65 26.93
N VAL B 583 25.59 52.46 25.90
CA VAL B 583 24.22 52.02 26.03
C VAL B 583 24.16 50.57 25.58
N SER B 584 23.69 49.69 26.43
CA SER B 584 23.36 48.33 26.02
C SER B 584 21.88 48.30 25.65
N MET B 585 21.57 47.66 24.52
CA MET B 585 20.20 47.64 23.98
C MET B 585 19.79 46.19 23.75
N PRO B 586 19.48 45.44 24.82
CA PRO B 586 19.03 44.05 24.61
C PRO B 586 17.78 43.94 23.75
N SER B 587 16.85 44.91 23.79
CA SER B 587 15.66 44.82 22.96
C SER B 587 15.28 46.20 22.44
N THR B 588 15.53 46.41 21.14
CA THR B 588 15.09 47.64 20.49
C THR B 588 13.58 47.80 20.56
N ASN B 589 12.84 46.68 20.43
CA ASN B 589 11.38 46.74 20.45
C ASN B 589 10.88 47.22 21.81
N ARG B 590 11.44 46.66 22.88
CA ARG B 590 11.01 47.04 24.22
C ARG B 590 11.37 48.50 24.50
N PHE B 591 12.58 48.92 24.08
CA PHE B 591 13.00 50.30 24.28
C PHE B 591 12.11 51.29 23.55
N ASP B 592 11.70 50.96 22.31
CA ASP B 592 10.83 51.85 21.55
C ASP B 592 9.53 52.14 22.27
N LYS B 593 9.10 51.25 23.15
CA LYS B 593 7.84 51.39 23.88
C LYS B 593 7.97 52.26 25.13
N GLN B 594 9.19 52.58 25.57
CA GLN B 594 9.37 53.40 26.76
C GLN B 594 8.92 54.83 26.49
N ASP B 595 8.52 55.52 27.57
CA ASP B 595 8.11 56.92 27.41
C ASP B 595 9.29 57.77 26.94
N ALA B 596 8.96 58.94 26.37
CA ALA B 596 9.97 59.78 25.73
C ALA B 596 10.98 60.32 26.74
N ALA B 597 10.57 60.52 28.00
CA ALA B 597 11.52 60.97 29.02
C ALA B 597 12.61 59.92 29.25
N TYR B 598 12.22 58.65 29.35
CA TYR B 598 13.22 57.61 29.55
C TYR B 598 14.11 57.44 28.32
N ARG B 599 13.53 57.50 27.12
CA ARG B 599 14.35 57.35 25.93
C ARG B 599 15.35 58.50 25.78
N GLU B 600 14.91 59.73 26.07
CA GLU B 600 15.82 60.87 26.04
C GLU B 600 16.92 60.74 27.10
N SER B 601 16.63 60.09 28.23
CA SER B 601 17.66 59.91 29.25
C SER B 601 18.72 58.90 28.81
N VAL B 602 18.36 57.97 27.94
CA VAL B 602 19.33 57.00 27.40
C VAL B 602 20.05 57.56 26.19
N LEU B 603 19.29 58.06 25.21
CA LEU B 603 19.83 58.61 23.96
C LEU B 603 19.41 60.07 23.86
N PRO B 604 20.14 60.98 24.50
CA PRO B 604 19.77 62.41 24.42
C PRO B 604 19.82 62.92 22.99
N ALA B 605 18.73 63.60 22.59
CA ALA B 605 18.65 64.18 21.26
C ALA B 605 19.85 65.07 20.94
N ALA B 606 20.41 65.74 21.94
CA ALA B 606 21.49 66.71 21.68
C ALA B 606 22.80 66.05 21.30
N VAL B 607 22.98 64.76 21.59
CA VAL B 607 24.22 64.04 21.30
C VAL B 607 23.98 63.23 20.03
N THR B 608 24.44 63.75 18.90
CA THR B 608 24.25 63.10 17.60
C THR B 608 25.45 62.28 17.14
N LYS B 609 26.53 62.25 17.92
CA LYS B 609 27.69 61.43 17.58
C LYS B 609 27.50 60.06 18.22
N ARG B 610 27.01 59.10 17.43
CA ARG B 610 26.63 57.79 17.93
C ARG B 610 27.24 56.69 17.08
N VAL B 611 27.73 55.65 17.75
CA VAL B 611 28.30 54.49 17.11
C VAL B 611 27.54 53.26 17.58
N ALA B 612 26.86 52.58 16.66
CA ALA B 612 26.20 51.32 16.97
C ALA B 612 27.13 50.17 16.60
N ILE B 613 27.19 49.16 17.46
CA ILE B 613 28.04 47.99 17.25
C ILE B 613 27.20 46.73 17.37
N GLU B 614 27.14 45.95 16.29
CA GLU B 614 26.39 44.69 16.30
C GLU B 614 26.86 43.85 15.12
N ALA B 615 27.11 42.57 15.36
CA ALA B 615 27.52 41.67 14.29
C ALA B 615 26.31 41.23 13.47
N GLY B 616 25.64 42.23 12.90
CA GLY B 616 24.45 42.03 12.10
C GLY B 616 24.37 43.14 11.07
N ILE B 617 23.37 43.03 10.20
CA ILE B 617 23.22 43.96 9.08
C ILE B 617 23.12 45.39 9.61
N ALA B 618 23.86 46.30 8.97
CA ALA B 618 24.06 47.65 9.51
C ALA B 618 22.86 48.56 9.29
N ASP B 619 22.13 48.38 8.18
CA ASP B 619 21.08 49.31 7.76
C ASP B 619 20.00 49.52 8.82
N PHE B 620 19.83 48.57 9.74
CA PHE B 620 18.79 48.70 10.74
C PHE B 620 19.06 49.87 11.69
N TRP B 621 20.33 50.18 11.95
CA TRP B 621 20.71 51.00 13.08
C TRP B 621 20.61 52.51 12.85
N TYR B 622 20.34 52.96 11.63
CA TYR B 622 20.22 54.39 11.38
C TYR B 622 19.04 55.00 12.11
N LYS B 623 18.05 54.20 12.51
CA LYS B 623 17.00 54.73 13.36
C LYS B 623 17.56 55.29 14.67
N TYR B 624 18.68 54.72 15.16
CA TYR B 624 19.25 55.15 16.43
C TYR B 624 20.52 55.98 16.32
N VAL B 625 21.21 55.97 15.19
CA VAL B 625 22.44 56.73 15.05
C VAL B 625 22.31 57.93 14.11
N GLY B 626 21.33 57.95 13.21
CA GLY B 626 21.09 59.10 12.35
C GLY B 626 22.22 59.36 11.36
N PHE B 627 22.12 60.53 10.71
CA PHE B 627 23.09 60.88 9.67
C PHE B 627 24.48 61.11 10.24
N ASN B 628 24.56 61.62 11.46
CA ASN B 628 25.84 61.97 12.06
C ASN B 628 26.49 60.78 12.77
N GLY B 629 25.78 59.67 12.88
CA GLY B 629 26.32 58.49 13.53
C GLY B 629 27.02 57.57 12.55
N ARG B 630 27.43 56.42 13.09
CA ARG B 630 28.14 55.39 12.34
C ARG B 630 27.73 54.03 12.87
N VAL B 631 27.63 53.04 11.98
CA VAL B 631 27.32 51.67 12.36
C VAL B 631 28.54 50.79 12.13
N ILE B 632 28.92 50.05 13.17
CA ILE B 632 29.95 49.01 13.07
C ILE B 632 29.20 47.70 12.95
N GLY B 633 28.87 47.30 11.72
CA GLY B 633 28.06 46.12 11.53
C GLY B 633 28.55 45.23 10.40
N MET B 634 27.63 44.50 9.79
CA MET B 634 27.90 43.59 8.68
C MET B 634 27.23 44.14 7.43
N ASN B 635 27.82 43.88 6.28
CA ASN B 635 27.09 44.20 5.05
C ASN B 635 27.27 43.11 4.01
N SER B 636 27.68 41.92 4.42
CA SER B 636 27.90 40.81 3.53
C SER B 636 27.48 39.52 4.24
N PHE B 637 27.45 38.44 3.48
CA PHE B 637 27.38 37.12 4.09
C PHE B 637 28.70 36.83 4.82
N GLY B 638 28.65 35.82 5.70
CA GLY B 638 29.83 35.42 6.45
C GLY B 638 30.77 34.55 5.63
N GLU B 639 31.72 33.95 6.34
CA GLU B 639 32.67 33.00 5.75
C GLU B 639 32.90 31.87 6.74
N SER B 640 33.24 30.70 6.21
CA SER B 640 33.55 29.53 7.03
C SER B 640 34.98 29.65 7.58
N ALA B 641 35.09 29.92 8.87
CA ALA B 641 36.38 30.05 9.54
C ALA B 641 36.13 30.11 11.03
N PRO B 642 37.17 29.88 11.85
CA PRO B 642 37.01 30.04 13.30
C PRO B 642 36.52 31.44 13.64
N ALA B 643 35.76 31.52 14.74
CA ALA B 643 35.03 32.74 15.05
C ALA B 643 35.97 33.91 15.32
N ASP B 644 37.06 33.68 16.05
CA ASP B 644 37.94 34.79 16.38
C ASP B 644 38.52 35.42 15.12
N GLN B 645 38.89 34.61 14.12
CA GLN B 645 39.36 35.17 12.86
C GLN B 645 38.26 35.91 12.12
N LEU B 646 37.01 35.44 12.22
CA LEU B 646 35.92 36.13 11.55
C LEU B 646 35.66 37.49 12.19
N PHE B 647 35.68 37.57 13.52
CA PHE B 647 35.43 38.85 14.17
C PHE B 647 36.49 39.87 13.77
N LYS B 648 37.75 39.43 13.66
CA LYS B 648 38.79 40.33 13.17
C LYS B 648 38.56 40.68 11.71
N LEU B 649 38.23 39.69 10.90
CA LEU B 649 38.04 39.94 9.47
C LEU B 649 36.99 41.01 9.24
N PHE B 650 35.90 40.98 10.00
CA PHE B 650 34.76 41.84 9.73
C PHE B 650 34.77 43.11 10.57
N GLY B 651 35.87 43.39 11.27
CA GLY B 651 36.11 44.68 11.86
C GLY B 651 35.67 44.82 13.30
N PHE B 652 35.34 43.73 13.98
CA PHE B 652 34.87 43.81 15.35
C PHE B 652 36.07 43.70 16.28
N THR B 653 36.91 44.72 16.18
CA THR B 653 38.13 44.86 16.98
C THR B 653 38.12 46.23 17.65
N VAL B 654 38.81 46.32 18.78
CA VAL B 654 38.87 47.59 19.51
C VAL B 654 39.56 48.65 18.65
N GLU B 655 40.63 48.27 17.95
CA GLU B 655 41.30 49.21 17.07
C GLU B 655 40.33 49.80 16.05
N ASN B 656 39.59 48.94 15.34
CA ASN B 656 38.70 49.46 14.31
C ASN B 656 37.61 50.35 14.89
N VAL B 657 37.01 49.93 16.02
CA VAL B 657 35.92 50.71 16.58
C VAL B 657 36.43 52.07 17.04
N VAL B 658 37.56 52.08 17.77
CA VAL B 658 38.15 53.34 18.20
C VAL B 658 38.45 54.23 17.00
N ALA B 659 39.00 53.65 15.93
CA ALA B 659 39.33 54.45 14.74
C ALA B 659 38.08 55.07 14.12
N LYS B 660 37.03 54.27 13.95
CA LYS B 660 35.80 54.81 13.38
C LYS B 660 35.16 55.83 14.31
N ALA B 661 35.26 55.62 15.63
CA ALA B 661 34.71 56.60 16.57
C ALA B 661 35.44 57.93 16.44
N LYS B 662 36.77 57.88 16.38
CA LYS B 662 37.56 59.11 16.29
C LYS B 662 37.25 59.89 15.02
N GLU B 663 36.88 59.20 13.94
CA GLU B 663 36.55 59.89 12.71
C GLU B 663 35.33 60.79 12.88
N ILE B 664 34.30 60.30 13.57
CA ILE B 664 33.13 61.17 13.71
C ILE B 664 33.37 62.22 14.79
N LEU B 665 34.22 61.93 15.77
CA LEU B 665 34.61 62.97 16.71
C LEU B 665 35.38 64.10 16.02
N GLU B 666 36.14 63.77 14.98
CA GLU B 666 36.82 64.79 14.21
C GLU B 666 35.96 65.36 13.08
N ASN B 667 34.67 65.00 13.03
CA ASN B 667 33.72 65.49 12.03
C ASN B 667 34.16 65.16 10.61
N LEU B 668 34.82 64.01 10.45
CA LEU B 668 35.28 63.56 9.15
C LEU B 668 34.25 62.65 8.46
N ALA C 2 -35.83 -3.72 24.46
CA ALA C 2 -34.55 -4.31 24.80
C ALA C 2 -33.42 -3.54 24.13
N THR C 3 -32.23 -3.54 24.73
CA THR C 3 -31.07 -2.97 24.05
C THR C 3 -30.61 -3.88 22.92
N ARG C 4 -29.79 -3.32 22.02
CA ARG C 4 -29.26 -4.12 20.93
C ARG C 4 -28.43 -5.29 21.46
N ARG C 5 -27.67 -5.06 22.53
CA ARG C 5 -26.87 -6.15 23.10
C ARG C 5 -27.79 -7.24 23.66
N GLN C 6 -28.86 -6.85 24.34
CA GLN C 6 -29.79 -7.85 24.85
C GLN C 6 -30.38 -8.66 23.70
N LEU C 7 -30.81 -7.98 22.64
CA LEU C 7 -31.34 -8.68 21.48
C LEU C 7 -30.30 -9.62 20.88
N ALA C 8 -29.04 -9.16 20.79
CA ALA C 8 -27.97 -10.01 20.28
C ALA C 8 -27.77 -11.23 21.17
N ASN C 9 -27.84 -11.04 22.50
CA ASN C 9 -27.64 -12.14 23.43
C ASN C 9 -28.68 -13.23 23.27
N ALA C 10 -29.84 -12.92 22.70
CA ALA C 10 -30.81 -13.97 22.38
C ALA C 10 -30.21 -14.99 21.42
N ILE C 11 -29.39 -14.52 20.46
CA ILE C 11 -28.68 -15.44 19.57
C ILE C 11 -27.67 -16.27 20.36
N ARG C 12 -26.91 -15.62 21.24
CA ARG C 12 -25.88 -16.33 21.99
C ARG C 12 -26.49 -17.45 22.82
N VAL C 13 -27.62 -17.17 23.48
CA VAL C 13 -28.22 -18.13 24.38
C VAL C 13 -28.93 -19.25 23.62
N LEU C 14 -29.64 -18.92 22.54
CA LEU C 14 -30.23 -19.99 21.73
C LEU C 14 -29.15 -20.91 21.18
N ALA C 15 -27.99 -20.35 20.81
CA ALA C 15 -26.90 -21.16 20.25
C ALA C 15 -26.34 -22.12 21.30
N MET C 16 -25.90 -21.58 22.45
CA MET C 16 -25.27 -22.48 23.42
C MET C 16 -26.29 -23.45 24.02
N ASP C 17 -27.57 -23.06 24.09
CA ASP C 17 -28.56 -24.01 24.61
C ASP C 17 -28.86 -25.11 23.61
N SER C 18 -29.02 -24.76 22.33
CA SER C 18 -29.31 -25.80 21.33
C SER C 18 -28.11 -26.71 21.14
N VAL C 19 -26.88 -26.15 21.20
CA VAL C 19 -25.68 -26.99 21.15
C VAL C 19 -25.61 -27.91 22.35
N GLN C 20 -25.94 -27.40 23.55
CA GLN C 20 -25.84 -28.24 24.73
C GLN C 20 -26.85 -29.37 24.68
N LYS C 21 -28.07 -29.10 24.21
CA LYS C 21 -29.09 -30.13 24.14
C LYS C 21 -28.68 -31.22 23.15
N ALA C 22 -28.04 -30.85 22.05
CA ALA C 22 -27.56 -31.82 21.07
C ALA C 22 -26.30 -32.54 21.53
N LYS C 23 -25.60 -32.00 22.54
CA LYS C 23 -24.27 -32.49 22.93
C LYS C 23 -23.33 -32.51 21.73
N SER C 24 -23.48 -31.52 20.86
CA SER C 24 -22.78 -31.50 19.59
C SER C 24 -22.99 -30.13 18.95
N GLY C 25 -21.95 -29.60 18.32
CA GLY C 25 -22.06 -28.36 17.59
C GLY C 25 -21.03 -27.33 18.03
N HIS C 26 -21.17 -26.13 17.47
CA HIS C 26 -20.16 -25.06 17.56
C HIS C 26 -20.79 -23.80 18.15
N PRO C 27 -20.60 -23.53 19.44
CA PRO C 27 -21.13 -22.28 20.02
C PRO C 27 -20.25 -21.06 19.79
N GLY C 28 -18.96 -21.23 19.54
CA GLY C 28 -18.03 -20.10 19.49
C GLY C 28 -18.33 -19.01 18.49
N ALA C 29 -18.38 -19.36 17.21
CA ALA C 29 -18.62 -18.35 16.18
C ALA C 29 -19.99 -17.68 16.28
N PRO C 30 -21.11 -18.39 16.56
CA PRO C 30 -22.38 -17.67 16.77
C PRO C 30 -22.30 -16.66 17.90
N MET C 31 -21.65 -17.03 19.01
CA MET C 31 -21.49 -16.09 20.11
C MET C 31 -20.65 -14.90 19.71
N GLY C 32 -19.61 -15.13 18.89
CA GLY C 32 -18.75 -14.03 18.48
C GLY C 32 -19.39 -13.04 17.50
N MET C 33 -20.31 -13.51 16.66
CA MET C 33 -20.84 -12.66 15.60
C MET C 33 -22.24 -12.11 15.89
N ALA C 34 -22.77 -12.35 17.09
CA ALA C 34 -24.17 -12.04 17.33
C ALA C 34 -24.47 -10.56 17.22
N ASP C 35 -23.56 -9.70 17.70
CA ASP C 35 -23.78 -8.26 17.62
C ASP C 35 -23.74 -7.77 16.18
N ILE C 36 -22.82 -8.30 15.38
CA ILE C 36 -22.82 -7.97 13.95
C ILE C 36 -24.14 -8.43 13.31
N ALA C 37 -24.58 -9.64 13.64
CA ALA C 37 -25.81 -10.17 13.05
C ALA C 37 -27.01 -9.29 13.41
N GLU C 38 -27.08 -8.84 14.67
CA GLU C 38 -28.19 -8.00 15.10
C GLU C 38 -28.26 -6.72 14.29
N VAL C 39 -27.13 -6.03 14.11
CA VAL C 39 -27.10 -4.84 13.27
C VAL C 39 -27.51 -5.17 11.84
N LEU C 40 -26.83 -6.14 11.21
CA LEU C 40 -27.08 -6.40 9.80
C LEU C 40 -28.55 -6.75 9.56
N TRP C 41 -29.08 -7.68 10.34
CA TRP C 41 -30.42 -8.19 10.08
C TRP C 41 -31.49 -7.16 10.44
N ARG C 42 -31.35 -6.49 11.60
CA ARG C 42 -32.42 -5.62 12.04
C ARG C 42 -32.38 -4.27 11.34
N ASP C 43 -31.20 -3.74 11.00
CA ASP C 43 -31.13 -2.44 10.37
C ASP C 43 -31.09 -2.48 8.84
N PHE C 44 -30.44 -3.47 8.22
CA PHE C 44 -30.14 -3.34 6.80
C PHE C 44 -30.77 -4.39 5.91
N LEU C 45 -30.81 -5.65 6.34
CA LEU C 45 -31.20 -6.75 5.46
C LEU C 45 -32.62 -6.59 4.94
N LYS C 46 -32.79 -6.74 3.64
CA LYS C 46 -34.11 -6.62 3.02
C LYS C 46 -34.63 -8.03 2.74
N HIS C 47 -35.62 -8.45 3.52
CA HIS C 47 -36.07 -9.83 3.42
C HIS C 47 -37.48 -9.95 3.99
N ASN C 48 -38.20 -10.97 3.53
CA ASN C 48 -39.56 -11.24 4.03
C ASN C 48 -39.64 -12.65 4.59
N PRO C 49 -39.77 -12.81 5.92
CA PRO C 49 -39.82 -14.15 6.49
C PRO C 49 -41.01 -14.98 6.03
N THR C 50 -42.12 -14.36 5.64
CA THR C 50 -43.25 -15.12 5.13
C THR C 50 -43.03 -15.58 3.70
N ASN C 51 -42.16 -14.93 2.93
CA ASN C 51 -41.80 -15.40 1.60
C ASN C 51 -40.28 -15.49 1.43
N PRO C 52 -39.66 -16.59 1.89
CA PRO C 52 -38.21 -16.74 1.72
C PRO C 52 -37.77 -16.86 0.25
N LYS C 53 -38.71 -17.01 -0.68
CA LYS C 53 -38.38 -17.14 -2.09
C LYS C 53 -38.67 -15.85 -2.87
N TRP C 54 -38.96 -14.77 -2.18
CA TRP C 54 -39.15 -13.46 -2.81
C TRP C 54 -37.95 -13.13 -3.68
N ALA C 55 -38.21 -12.90 -4.98
CA ALA C 55 -37.13 -12.86 -5.96
C ALA C 55 -36.16 -11.71 -5.71
N ASP C 56 -36.62 -10.59 -5.16
CA ASP C 56 -35.75 -9.44 -4.99
C ASP C 56 -35.20 -9.30 -3.57
N ARG C 57 -35.32 -10.36 -2.76
CA ARG C 57 -34.75 -10.33 -1.42
C ARG C 57 -33.23 -10.18 -1.49
N ASP C 58 -32.67 -9.54 -0.47
CA ASP C 58 -31.23 -9.63 -0.22
C ASP C 58 -30.87 -11.08 0.05
N ARG C 59 -29.65 -11.45 -0.28
CA ARG C 59 -29.16 -12.80 0.00
C ARG C 59 -28.14 -12.74 1.14
N PHE C 60 -28.33 -13.59 2.15
CA PHE C 60 -27.39 -13.73 3.24
C PHE C 60 -26.78 -15.12 3.18
N VAL C 61 -25.46 -15.20 3.33
CA VAL C 61 -24.75 -16.47 3.27
C VAL C 61 -23.82 -16.55 4.47
N LEU C 62 -23.97 -17.60 5.26
CA LEU C 62 -23.05 -17.85 6.38
C LEU C 62 -21.96 -18.79 5.87
N SER C 63 -20.80 -18.22 5.51
CA SER C 63 -19.74 -19.03 4.91
C SER C 63 -18.98 -19.86 5.94
N ASN C 64 -18.87 -19.39 7.18
CA ASN C 64 -18.34 -20.21 8.27
C ASN C 64 -19.49 -21.05 8.81
N GLY C 65 -19.88 -22.04 8.01
CA GLY C 65 -21.10 -22.82 8.23
C GLY C 65 -21.13 -23.62 9.52
N HIS C 66 -19.97 -23.88 10.14
CA HIS C 66 -19.98 -24.54 11.43
C HIS C 66 -20.76 -23.73 12.46
N GLY C 67 -20.86 -22.40 12.29
CA GLY C 67 -21.70 -21.60 13.15
C GLY C 67 -23.17 -21.63 12.78
N SER C 68 -23.67 -22.84 12.45
CA SER C 68 -25.05 -23.00 12.00
C SER C 68 -26.09 -22.43 12.98
N MET C 69 -25.80 -22.47 14.28
CA MET C 69 -26.80 -21.98 15.22
C MET C 69 -27.01 -20.48 15.10
N LEU C 70 -26.08 -19.76 14.49
CA LEU C 70 -26.30 -18.35 14.22
C LEU C 70 -27.43 -18.14 13.22
N ILE C 71 -27.38 -18.84 12.07
CA ILE C 71 -28.41 -18.62 11.08
C ILE C 71 -29.74 -19.20 11.57
N TYR C 72 -29.71 -20.35 12.25
CA TYR C 72 -30.96 -20.90 12.78
C TYR C 72 -31.61 -19.94 13.77
N SER C 73 -30.83 -19.34 14.67
CA SER C 73 -31.38 -18.38 15.62
C SER C 73 -31.95 -17.16 14.90
N LEU C 74 -31.21 -16.62 13.92
CA LEU C 74 -31.67 -15.46 13.17
C LEU C 74 -33.00 -15.74 12.48
N LEU C 75 -33.09 -16.89 11.81
CA LEU C 75 -34.33 -17.25 11.13
C LEU C 75 -35.48 -17.42 12.13
N HIS C 76 -35.24 -18.10 13.25
CA HIS C 76 -36.29 -18.25 14.24
C HIS C 76 -36.72 -16.89 14.80
N LEU C 77 -35.74 -16.05 15.17
CA LEU C 77 -36.06 -14.81 15.87
C LEU C 77 -36.75 -13.79 14.97
N THR C 78 -36.43 -13.73 13.68
CA THR C 78 -37.07 -12.75 12.81
C THR C 78 -38.41 -13.22 12.26
N GLY C 79 -38.79 -14.47 12.52
CA GLY C 79 -40.12 -14.95 12.20
C GLY C 79 -40.28 -15.89 11.01
N TYR C 80 -39.20 -16.50 10.53
CA TYR C 80 -39.33 -17.55 9.52
C TYR C 80 -40.02 -18.77 10.14
N ASP C 81 -40.45 -19.69 9.27
CA ASP C 81 -41.09 -20.94 9.70
C ASP C 81 -40.02 -21.93 10.21
N LEU C 82 -39.42 -21.55 11.33
CA LEU C 82 -38.43 -22.38 12.02
C LEU C 82 -38.65 -22.12 13.51
N SER C 83 -39.12 -23.14 14.22
CA SER C 83 -39.68 -23.00 15.56
C SER C 83 -38.66 -23.33 16.65
N ILE C 84 -39.02 -22.99 17.89
CA ILE C 84 -38.27 -23.46 19.05
C ILE C 84 -38.11 -24.98 19.00
N GLU C 85 -39.16 -25.69 18.59
CA GLU C 85 -39.07 -27.14 18.49
C GLU C 85 -37.99 -27.56 17.48
N ASP C 86 -37.92 -26.88 16.34
CA ASP C 86 -36.83 -27.12 15.39
C ASP C 86 -35.46 -26.92 16.03
N LEU C 87 -35.31 -25.85 16.81
CA LEU C 87 -34.02 -25.61 17.47
C LEU C 87 -33.72 -26.71 18.48
N LYS C 88 -34.76 -27.24 19.12
CA LYS C 88 -34.56 -28.34 20.05
C LYS C 88 -34.23 -29.63 19.33
N GLN C 89 -34.35 -29.67 17.99
CA GLN C 89 -33.99 -30.84 17.21
C GLN C 89 -32.70 -30.61 16.40
N PHE C 90 -31.86 -29.67 16.83
CA PHE C 90 -30.55 -29.44 16.23
C PHE C 90 -29.75 -30.74 16.14
N ARG C 91 -29.25 -31.05 14.94
CA ARG C 91 -28.39 -32.20 14.69
C ARG C 91 -29.09 -33.55 14.95
N GLN C 92 -30.42 -33.57 14.95
CA GLN C 92 -31.18 -34.82 15.11
C GLN C 92 -31.78 -35.23 13.77
N LEU C 93 -31.96 -36.54 13.61
CA LEU C 93 -32.34 -37.14 12.34
C LEU C 93 -33.59 -36.50 11.74
N HIS C 94 -33.48 -36.06 10.49
CA HIS C 94 -34.58 -35.50 9.68
C HIS C 94 -35.11 -34.19 10.25
N SER C 95 -34.35 -33.49 11.08
CA SER C 95 -34.75 -32.16 11.53
C SER C 95 -34.50 -31.12 10.44
N LYS C 96 -35.08 -29.95 10.62
CA LYS C 96 -34.82 -28.80 9.76
C LYS C 96 -33.54 -28.07 10.14
N THR C 97 -32.84 -28.53 11.18
CA THR C 97 -31.65 -27.87 11.70
C THR C 97 -30.47 -28.85 11.72
N PRO C 98 -29.98 -29.27 10.57
CA PRO C 98 -28.77 -30.13 10.56
C PRO C 98 -27.55 -29.37 11.05
N GLY C 99 -26.50 -30.15 11.36
CA GLY C 99 -25.31 -29.57 11.98
C GLY C 99 -24.66 -28.47 11.15
N HIS C 100 -24.70 -28.60 9.82
CA HIS C 100 -24.33 -27.49 8.95
C HIS C 100 -25.56 -27.12 8.13
N PRO C 101 -25.79 -25.84 7.85
CA PRO C 101 -27.05 -25.45 7.21
C PRO C 101 -27.14 -26.03 5.81
N GLU C 102 -28.29 -26.62 5.50
CA GLU C 102 -28.54 -27.22 4.21
C GLU C 102 -29.66 -26.47 3.50
N TYR C 103 -29.41 -26.10 2.25
CA TYR C 103 -30.42 -25.54 1.38
C TYR C 103 -31.61 -26.48 1.28
N GLY C 104 -32.82 -25.93 1.43
CA GLY C 104 -34.05 -26.71 1.37
C GLY C 104 -34.51 -27.27 2.70
N TYR C 105 -33.62 -27.43 3.67
CA TYR C 105 -34.03 -28.00 4.96
C TYR C 105 -34.71 -26.97 5.85
N ALA C 106 -34.20 -25.74 5.88
CA ALA C 106 -34.84 -24.68 6.62
C ALA C 106 -35.15 -23.50 5.71
N PRO C 107 -36.29 -22.85 5.88
CA PRO C 107 -36.58 -21.68 5.04
C PRO C 107 -35.64 -20.55 5.40
N GLY C 108 -35.08 -19.92 4.37
CA GLY C 108 -34.15 -18.83 4.55
C GLY C 108 -32.69 -19.21 4.47
N VAL C 109 -32.36 -20.50 4.49
CA VAL C 109 -30.98 -20.93 4.24
C VAL C 109 -30.76 -20.85 2.73
N GLU C 110 -29.85 -19.97 2.30
CA GLU C 110 -29.66 -19.70 0.87
C GLU C 110 -28.73 -20.69 0.19
N THR C 111 -27.87 -21.37 0.93
CA THR C 111 -26.97 -22.36 0.35
C THR C 111 -26.53 -23.31 1.45
N THR C 112 -26.00 -24.45 1.04
CA THR C 112 -25.43 -25.38 2.00
C THR C 112 -23.98 -25.01 2.24
N THR C 113 -23.61 -24.81 3.50
CA THR C 113 -22.22 -24.53 3.81
C THR C 113 -21.68 -25.59 4.76
N GLY C 114 -20.39 -25.47 5.08
CA GLY C 114 -19.70 -26.51 5.80
C GLY C 114 -18.29 -26.66 5.27
N PRO C 115 -18.15 -27.00 3.98
CA PRO C 115 -16.82 -26.98 3.36
C PRO C 115 -16.34 -25.55 3.24
N LEU C 116 -15.28 -25.23 3.98
CA LEU C 116 -14.85 -23.84 4.11
C LEU C 116 -14.45 -23.26 2.76
N GLY C 117 -14.77 -21.98 2.57
CA GLY C 117 -14.46 -21.26 1.36
C GLY C 117 -15.55 -21.28 0.31
N GLN C 118 -16.44 -22.26 0.33
CA GLN C 118 -17.45 -22.33 -0.72
C GLN C 118 -18.64 -21.42 -0.46
N GLY C 119 -18.88 -21.04 0.79
CA GLY C 119 -19.95 -20.09 1.06
C GLY C 119 -19.71 -18.74 0.40
N ILE C 120 -18.53 -18.16 0.64
CA ILE C 120 -18.21 -16.87 0.03
C ILE C 120 -18.19 -17.00 -1.48
N THR C 121 -17.69 -18.13 -2.00
CA THR C 121 -17.70 -18.35 -3.45
C THR C 121 -19.12 -18.48 -4.00
N ASN C 122 -20.01 -19.20 -3.30
CA ASN C 122 -21.41 -19.21 -3.69
C ASN C 122 -21.95 -17.79 -3.74
N ALA C 123 -21.60 -16.98 -2.73
CA ALA C 123 -22.13 -15.65 -2.62
C ALA C 123 -21.61 -14.74 -3.73
N VAL C 124 -20.38 -14.97 -4.20
CA VAL C 124 -19.91 -14.24 -5.38
C VAL C 124 -20.77 -14.60 -6.59
N GLY C 125 -21.11 -15.89 -6.74
CA GLY C 125 -22.01 -16.28 -7.82
C GLY C 125 -23.38 -15.65 -7.72
N MET C 126 -23.92 -15.55 -6.49
CA MET C 126 -25.20 -14.91 -6.31
C MET C 126 -25.14 -13.43 -6.69
N ALA C 127 -24.04 -12.75 -6.35
CA ALA C 127 -23.94 -11.34 -6.70
C ALA C 127 -23.74 -11.16 -8.20
N ILE C 128 -22.95 -12.03 -8.83
CA ILE C 128 -22.85 -12.00 -10.30
C ILE C 128 -24.22 -12.20 -10.92
N ALA C 129 -25.03 -13.11 -10.36
CA ALA C 129 -26.36 -13.34 -10.92
C ALA C 129 -27.24 -12.09 -10.77
N GLU C 130 -27.23 -11.47 -9.59
CA GLU C 130 -28.00 -10.24 -9.39
C GLU C 130 -27.56 -9.15 -10.36
N LYS C 131 -26.25 -8.97 -10.53
CA LYS C 131 -25.77 -7.91 -11.40
C LYS C 131 -26.14 -8.17 -12.85
N THR C 132 -26.01 -9.44 -13.29
CA THR C 132 -26.30 -9.79 -14.69
C THR C 132 -27.79 -9.82 -14.95
N LEU C 133 -28.60 -10.29 -13.99
CA LEU C 133 -30.05 -10.24 -14.14
C LEU C 133 -30.55 -8.81 -14.22
N ALA C 134 -30.00 -7.92 -13.38
CA ALA C 134 -30.35 -6.50 -13.44
C ALA C 134 -29.98 -5.91 -14.79
N GLY C 135 -28.81 -6.26 -15.32
CA GLY C 135 -28.42 -5.76 -16.62
C GLY C 135 -29.31 -6.28 -17.72
N GLN C 136 -29.89 -7.48 -17.55
CA GLN C 136 -30.74 -8.04 -18.59
C GLN C 136 -32.15 -7.46 -18.52
N PHE C 137 -32.68 -7.19 -17.32
CA PHE C 137 -34.11 -6.93 -17.18
C PHE C 137 -34.48 -5.52 -16.74
N ASN C 138 -33.63 -4.82 -15.99
CA ASN C 138 -33.98 -3.47 -15.57
C ASN C 138 -34.08 -2.56 -16.79
N ARG C 139 -35.03 -1.62 -16.73
CA ARG C 139 -35.20 -0.62 -17.76
C ARG C 139 -35.37 0.73 -17.07
N GLU C 140 -35.22 1.81 -17.85
CA GLU C 140 -35.38 3.16 -17.28
C GLU C 140 -36.72 3.27 -16.55
N GLY C 141 -36.66 3.68 -15.28
CA GLY C 141 -37.85 3.80 -14.48
C GLY C 141 -38.38 2.49 -13.93
N HIS C 142 -37.66 1.36 -14.14
CA HIS C 142 -38.15 0.03 -13.76
C HIS C 142 -36.96 -0.80 -13.28
N GLU C 143 -36.54 -0.56 -12.05
CA GLU C 143 -35.40 -1.26 -11.48
C GLU C 143 -35.92 -2.45 -10.68
N ILE C 144 -36.29 -3.51 -11.39
CA ILE C 144 -36.95 -4.62 -10.72
C ILE C 144 -35.98 -5.62 -10.10
N VAL C 145 -34.71 -5.59 -10.48
CA VAL C 145 -33.67 -6.38 -9.83
C VAL C 145 -32.76 -5.42 -9.07
N ASP C 146 -32.77 -5.50 -7.74
CA ASP C 146 -31.93 -4.61 -6.94
C ASP C 146 -31.82 -5.16 -5.52
N HIS C 147 -30.80 -5.98 -5.28
CA HIS C 147 -30.61 -6.51 -3.94
C HIS C 147 -29.14 -6.82 -3.67
N HIS C 148 -28.79 -6.81 -2.40
CA HIS C 148 -27.41 -7.02 -1.95
C HIS C 148 -27.16 -8.47 -1.62
N THR C 149 -25.88 -8.83 -1.55
CA THR C 149 -25.44 -10.16 -1.16
C THR C 149 -24.51 -9.97 0.03
N TYR C 150 -24.93 -10.47 1.20
CA TYR C 150 -24.17 -10.33 2.44
C TYR C 150 -23.57 -11.66 2.84
N VAL C 151 -22.32 -11.65 3.30
CA VAL C 151 -21.58 -12.86 3.68
C VAL C 151 -20.91 -12.67 5.04
N PHE C 152 -21.04 -13.66 5.91
CA PHE C 152 -20.18 -13.82 7.08
C PHE C 152 -19.12 -14.87 6.76
N LEU C 153 -17.87 -14.60 7.08
CA LEU C 153 -16.81 -15.56 6.82
C LEU C 153 -15.80 -15.45 7.94
N GLY C 154 -14.92 -16.44 8.04
CA GLY C 154 -13.92 -16.48 9.09
C GLY C 154 -12.51 -16.74 8.59
N ASP C 155 -11.60 -17.08 9.50
CA ASP C 155 -10.20 -17.29 9.13
C ASP C 155 -10.04 -18.48 8.19
N GLY C 156 -10.75 -19.57 8.48
CA GLY C 156 -10.60 -20.75 7.64
C GLY C 156 -10.99 -20.47 6.20
N CYS C 157 -12.08 -19.70 6.01
CA CYS C 157 -12.51 -19.31 4.67
C CYS C 157 -11.43 -18.51 3.95
N LEU C 158 -10.76 -17.59 4.65
CA LEU C 158 -9.74 -16.77 4.01
C LEU C 158 -8.44 -17.52 3.77
N MET C 159 -8.16 -18.60 4.53
CA MET C 159 -6.99 -19.42 4.24
C MET C 159 -7.19 -20.28 2.99
N GLU C 160 -8.42 -20.75 2.75
CA GLU C 160 -8.68 -21.62 1.61
C GLU C 160 -8.34 -20.92 0.30
N GLY C 161 -7.74 -21.66 -0.62
CA GLY C 161 -7.36 -21.06 -1.89
C GLY C 161 -8.55 -20.61 -2.69
N ILE C 162 -9.71 -21.25 -2.51
CA ILE C 162 -10.87 -20.87 -3.29
C ILE C 162 -11.31 -19.46 -2.96
N SER C 163 -11.00 -18.96 -1.76
CA SER C 163 -11.34 -17.57 -1.48
C SER C 163 -10.51 -16.61 -2.35
N HIS C 164 -9.27 -16.99 -2.66
CA HIS C 164 -8.49 -16.20 -3.60
C HIS C 164 -9.15 -16.19 -4.98
N GLU C 165 -9.60 -17.35 -5.47
CA GLU C 165 -10.23 -17.37 -6.80
C GLU C 165 -11.49 -16.53 -6.82
N ALA C 166 -12.35 -16.71 -5.82
CA ALA C 166 -13.65 -16.04 -5.78
C ALA C 166 -13.51 -14.54 -5.62
N CYS C 167 -12.66 -14.11 -4.70
CA CYS C 167 -12.60 -12.69 -4.39
C CYS C 167 -11.77 -11.91 -5.41
N SER C 168 -10.75 -12.55 -6.00
CA SER C 168 -10.05 -11.93 -7.13
C SER C 168 -11.02 -11.62 -8.27
N LEU C 169 -11.88 -12.59 -8.62
CA LEU C 169 -12.81 -12.39 -9.72
C LEU C 169 -13.91 -11.38 -9.35
N ALA C 170 -14.34 -11.38 -8.09
CA ALA C 170 -15.33 -10.40 -7.65
C ALA C 170 -14.79 -8.97 -7.77
N GLY C 171 -13.52 -8.76 -7.44
CA GLY C 171 -12.92 -7.46 -7.66
C GLY C 171 -12.90 -7.09 -9.14
N THR C 172 -12.53 -8.05 -9.99
CA THR C 172 -12.45 -7.76 -11.42
C THR C 172 -13.81 -7.38 -11.98
N LEU C 173 -14.87 -8.04 -11.52
CA LEU C 173 -16.19 -7.75 -12.06
C LEU C 173 -16.91 -6.63 -11.32
N GLY C 174 -16.25 -6.00 -10.34
CA GLY C 174 -16.82 -4.83 -9.68
C GLY C 174 -18.16 -5.08 -9.02
N LEU C 175 -18.23 -6.07 -8.14
CA LEU C 175 -19.50 -6.50 -7.55
C LEU C 175 -19.84 -5.61 -6.36
N GLY C 176 -20.30 -4.38 -6.67
CA GLY C 176 -20.57 -3.38 -5.63
C GLY C 176 -21.65 -3.77 -4.63
N LYS C 177 -22.52 -4.71 -4.97
CA LYS C 177 -23.56 -5.14 -4.05
C LYS C 177 -23.13 -6.28 -3.13
N LEU C 178 -21.89 -6.73 -3.25
CA LEU C 178 -21.36 -7.79 -2.39
C LEU C 178 -20.70 -7.17 -1.16
N ILE C 179 -21.12 -7.59 0.04
CA ILE C 179 -20.61 -7.04 1.29
C ILE C 179 -20.33 -8.18 2.26
N ALA C 180 -19.06 -8.32 2.66
CA ALA C 180 -18.60 -9.44 3.46
C ALA C 180 -18.14 -8.98 4.83
N PHE C 181 -18.58 -9.67 5.88
CA PHE C 181 -18.13 -9.39 7.24
C PHE C 181 -17.15 -10.50 7.63
N TYR C 182 -15.91 -10.11 7.95
CA TYR C 182 -14.87 -11.05 8.33
C TYR C 182 -14.81 -11.15 9.86
N ASP C 183 -15.11 -12.35 10.38
CA ASP C 183 -14.99 -12.67 11.80
C ASP C 183 -13.52 -12.79 12.18
N ASP C 184 -12.89 -11.65 12.42
CA ASP C 184 -11.46 -11.61 12.75
C ASP C 184 -11.34 -11.81 14.26
N ASN C 185 -11.29 -13.09 14.65
CA ASN C 185 -11.24 -13.48 16.05
C ASN C 185 -9.93 -14.15 16.44
N ASN C 186 -8.95 -14.19 15.52
CA ASN C 186 -7.60 -14.69 15.78
C ASN C 186 -7.56 -16.18 16.09
N ILE C 187 -8.63 -16.93 15.77
CA ILE C 187 -8.79 -18.31 16.22
C ILE C 187 -9.17 -19.22 15.06
N SER C 188 -8.47 -20.36 14.94
CA SER C 188 -8.93 -21.53 14.20
C SER C 188 -8.71 -22.75 15.09
N ILE C 189 -9.03 -23.94 14.56
CA ILE C 189 -9.09 -25.14 15.41
C ILE C 189 -7.74 -25.44 16.07
N ASP C 190 -6.63 -25.22 15.36
CA ASP C 190 -5.33 -25.48 15.98
C ASP C 190 -4.96 -24.46 17.06
N GLY C 191 -5.71 -23.37 17.21
CA GLY C 191 -5.42 -22.38 18.24
C GLY C 191 -5.34 -20.97 17.70
N HIS C 192 -4.49 -20.13 18.32
CA HIS C 192 -4.28 -18.78 17.79
C HIS C 192 -3.53 -18.84 16.47
N VAL C 193 -4.06 -18.15 15.46
CA VAL C 193 -3.72 -18.43 14.06
C VAL C 193 -2.38 -17.87 13.62
N ASP C 194 -1.69 -17.10 14.47
CA ASP C 194 -0.47 -16.42 14.05
C ASP C 194 0.58 -17.39 13.55
N GLY C 195 0.59 -18.62 14.06
CA GLY C 195 1.62 -19.57 13.65
C GLY C 195 1.46 -20.09 12.25
N TRP C 196 0.27 -19.93 11.64
CA TRP C 196 0.03 -20.45 10.30
C TRP C 196 -0.76 -19.51 9.42
N PHE C 197 -1.16 -18.34 9.90
CA PHE C 197 -2.00 -17.43 9.13
C PHE C 197 -1.65 -16.01 9.58
N SER C 198 -0.84 -15.33 8.80
CA SER C 198 -0.39 -13.99 9.13
C SER C 198 -0.52 -13.04 7.96
N ASP C 199 -1.42 -13.33 7.01
CA ASP C 199 -1.72 -12.41 5.92
C ASP C 199 -2.05 -11.03 6.48
N ASP C 200 -1.56 -9.99 5.82
CA ASP C 200 -2.16 -8.68 5.96
C ASP C 200 -3.42 -8.71 5.10
N THR C 201 -4.52 -9.12 5.73
CA THR C 201 -5.73 -9.46 4.99
C THR C 201 -6.31 -8.23 4.31
N ALA C 202 -6.25 -7.09 4.99
CA ALA C 202 -6.76 -5.85 4.43
C ALA C 202 -6.01 -5.47 3.16
N GLU C 203 -4.69 -5.63 3.15
CA GLU C 203 -3.94 -5.29 1.96
C GLU C 203 -4.15 -6.34 0.86
N ARG C 204 -4.32 -7.61 1.22
CA ARG C 204 -4.72 -8.62 0.24
C ARG C 204 -5.99 -8.22 -0.49
N PHE C 205 -7.02 -7.80 0.25
CA PHE C 205 -8.29 -7.54 -0.41
C PHE C 205 -8.29 -6.22 -1.16
N GLU C 206 -7.53 -5.23 -0.70
CA GLU C 206 -7.30 -4.05 -1.52
C GLU C 206 -6.62 -4.43 -2.83
N ALA C 207 -5.69 -5.39 -2.78
CA ALA C 207 -5.05 -5.88 -4.01
C ALA C 207 -6.07 -6.49 -4.98
N TYR C 208 -7.17 -7.03 -4.47
CA TYR C 208 -8.23 -7.53 -5.34
C TYR C 208 -9.14 -6.43 -5.87
N GLY C 209 -8.93 -5.18 -5.49
CA GLY C 209 -9.89 -4.16 -5.88
C GLY C 209 -11.11 -4.07 -5.01
N TRP C 210 -11.07 -4.62 -3.81
CA TRP C 210 -12.15 -4.47 -2.85
C TRP C 210 -11.97 -3.18 -2.04
N GLN C 211 -13.09 -2.61 -1.60
CA GLN C 211 -13.03 -1.67 -0.48
C GLN C 211 -12.88 -2.47 0.81
N VAL C 212 -12.01 -2.00 1.70
CA VAL C 212 -11.79 -2.67 2.98
C VAL C 212 -12.02 -1.66 4.10
N ILE C 213 -12.83 -2.05 5.08
CA ILE C 213 -13.04 -1.23 6.25
C ILE C 213 -12.36 -1.94 7.41
N ARG C 214 -11.26 -1.35 7.90
CA ARG C 214 -10.38 -1.99 8.85
C ARG C 214 -10.86 -1.80 10.29
N ASN C 215 -10.51 -2.76 11.14
CA ASN C 215 -10.48 -2.57 12.59
C ASN C 215 -11.82 -2.10 13.16
N VAL C 216 -12.90 -2.69 12.67
CA VAL C 216 -14.22 -2.43 13.22
C VAL C 216 -14.40 -3.28 14.47
N ASP C 217 -14.86 -2.66 15.55
CA ASP C 217 -15.18 -3.38 16.78
C ASP C 217 -16.47 -4.16 16.59
N GLY C 218 -16.37 -5.49 16.46
CA GLY C 218 -17.53 -6.33 16.21
C GLY C 218 -18.50 -6.45 17.37
N HIS C 219 -18.23 -5.80 18.50
CA HIS C 219 -19.18 -5.77 19.60
C HIS C 219 -19.68 -4.37 19.89
N ASP C 220 -19.48 -3.44 18.96
CA ASP C 220 -19.96 -2.07 19.07
C ASP C 220 -20.92 -1.83 17.90
N ALA C 221 -22.21 -1.79 18.20
CA ALA C 221 -23.23 -1.71 17.16
C ALA C 221 -23.07 -0.45 16.30
N GLU C 222 -22.69 0.67 16.91
CA GLU C 222 -22.59 1.90 16.11
C GLU C 222 -21.43 1.82 15.12
N GLN C 223 -20.33 1.16 15.50
CA GLN C 223 -19.26 0.96 14.54
C GLN C 223 -19.66 0.02 13.41
N ILE C 224 -20.33 -1.10 13.74
CA ILE C 224 -20.78 -2.03 12.71
C ILE C 224 -21.71 -1.32 11.73
N ARG C 225 -22.61 -0.49 12.27
CA ARG C 225 -23.57 0.24 11.45
C ARG C 225 -22.86 1.25 10.56
N ALA C 226 -21.91 2.00 11.12
CA ALA C 226 -21.15 2.96 10.32
C ALA C 226 -20.38 2.27 9.21
N ALA C 227 -19.80 1.11 9.49
CA ALA C 227 -19.07 0.41 8.43
C ALA C 227 -20.01 -0.08 7.34
N THR C 228 -21.16 -0.66 7.73
CA THR C 228 -22.11 -1.16 6.75
C THR C 228 -22.61 -0.03 5.85
N ILE C 229 -22.74 1.17 6.39
CA ILE C 229 -23.19 2.31 5.60
C ILE C 229 -22.14 2.67 4.55
N LEU C 230 -20.86 2.66 4.92
CA LEU C 230 -19.82 2.96 3.93
C LEU C 230 -19.68 1.84 2.90
N ALA C 231 -19.94 0.59 3.30
CA ALA C 231 -19.95 -0.53 2.35
C ALA C 231 -21.10 -0.40 1.35
N GLN C 232 -22.27 0.03 1.83
CA GLN C 232 -23.41 0.23 0.93
C GLN C 232 -23.18 1.39 -0.04
N ALA C 233 -22.44 2.42 0.40
CA ALA C 233 -22.21 3.59 -0.44
C ALA C 233 -21.26 3.32 -1.58
N GLU C 234 -20.38 2.34 -1.42
CA GLU C 234 -19.41 1.97 -2.45
C GLU C 234 -20.13 1.11 -3.48
N LYS C 235 -20.38 1.66 -4.67
CA LYS C 235 -21.20 0.95 -5.67
C LYS C 235 -20.39 0.20 -6.72
N GLY C 236 -19.08 0.42 -6.78
CA GLY C 236 -18.30 -0.21 -7.85
C GLY C 236 -17.40 -1.35 -7.42
N LYS C 237 -17.26 -1.55 -6.11
CA LYS C 237 -16.39 -2.58 -5.57
C LYS C 237 -17.10 -3.38 -4.49
N PRO C 238 -16.77 -4.66 -4.36
CA PRO C 238 -17.19 -5.40 -3.15
C PRO C 238 -16.44 -4.88 -1.95
N THR C 239 -17.04 -5.02 -0.77
CA THR C 239 -16.46 -4.49 0.46
C THR C 239 -16.21 -5.61 1.46
N LEU C 240 -15.04 -5.60 2.07
CA LEU C 240 -14.75 -6.48 3.19
C LEU C 240 -14.73 -5.63 4.45
N ILE C 241 -15.58 -5.97 5.42
CA ILE C 241 -15.59 -5.30 6.72
C ILE C 241 -14.89 -6.22 7.71
N ILE C 242 -13.75 -5.78 8.22
CA ILE C 242 -12.94 -6.60 9.12
C ILE C 242 -13.41 -6.31 10.55
N CYS C 243 -14.12 -7.27 11.14
CA CYS C 243 -14.71 -7.13 12.47
C CYS C 243 -13.86 -7.88 13.49
N LYS C 244 -13.27 -7.14 14.42
CA LYS C 244 -12.55 -7.75 15.54
C LYS C 244 -13.57 -8.29 16.54
N THR C 245 -13.57 -9.61 16.73
CA THR C 245 -14.53 -10.24 17.62
C THR C 245 -13.84 -11.20 18.58
N ILE C 246 -14.54 -11.49 19.67
CA ILE C 246 -14.12 -12.47 20.65
C ILE C 246 -14.94 -13.73 20.43
N ILE C 247 -14.29 -14.83 20.04
CA ILE C 247 -15.02 -16.09 19.88
C ILE C 247 -15.58 -16.51 21.23
N GLY C 248 -16.80 -17.05 21.22
CA GLY C 248 -17.45 -17.44 22.46
C GLY C 248 -17.74 -16.28 23.39
N PHE C 249 -17.88 -15.07 22.85
CA PHE C 249 -18.13 -13.86 23.64
C PHE C 249 -19.19 -14.11 24.71
N GLY C 250 -18.84 -13.76 25.95
CA GLY C 250 -19.73 -13.98 27.08
C GLY C 250 -19.25 -15.07 28.02
N SER C 251 -18.74 -16.17 27.46
CA SER C 251 -18.18 -17.26 28.25
C SER C 251 -16.97 -16.76 29.04
N PRO C 252 -17.02 -16.73 30.37
CA PRO C 252 -15.84 -16.25 31.12
C PRO C 252 -14.60 -17.09 30.91
N ASN C 253 -14.74 -18.40 30.70
CA ASN C 253 -13.59 -19.30 30.67
C ASN C 253 -13.23 -19.84 29.31
N LYS C 254 -14.11 -19.73 28.32
CA LYS C 254 -13.81 -20.28 27.00
C LYS C 254 -13.84 -19.24 25.89
N SER C 255 -14.10 -17.97 26.22
CA SER C 255 -14.03 -16.91 25.22
C SER C 255 -12.58 -16.63 24.82
N GLY C 256 -12.41 -16.19 23.57
CA GLY C 256 -11.08 -15.93 23.03
C GLY C 256 -10.18 -17.15 22.91
N SER C 257 -10.77 -18.34 22.81
CA SER C 257 -10.02 -19.58 22.80
C SER C 257 -10.67 -20.55 21.83
N HIS C 258 -9.83 -21.40 21.22
CA HIS C 258 -10.40 -22.49 20.41
C HIS C 258 -11.16 -23.50 21.26
N ASP C 259 -11.15 -23.37 22.58
CA ASP C 259 -11.94 -24.25 23.44
C ASP C 259 -13.43 -24.08 23.21
N SER C 260 -13.86 -22.89 22.77
CA SER C 260 -15.27 -22.64 22.48
C SER C 260 -15.62 -22.87 21.01
N HIS C 261 -14.68 -23.37 20.19
CA HIS C 261 -14.94 -23.43 18.75
C HIS C 261 -15.99 -24.48 18.40
N GLY C 262 -15.80 -25.72 18.85
CA GLY C 262 -16.59 -26.80 18.30
C GLY C 262 -16.99 -27.89 19.27
N ALA C 263 -17.16 -27.53 20.54
CA ALA C 263 -17.63 -28.45 21.55
C ALA C 263 -18.67 -27.73 22.41
N PRO C 264 -19.65 -28.46 22.94
CA PRO C 264 -20.58 -27.86 23.90
C PRO C 264 -19.84 -27.20 25.05
N LEU C 265 -20.36 -26.04 25.49
CA LEU C 265 -19.71 -25.30 26.57
C LEU C 265 -19.74 -26.07 27.89
N GLY C 266 -20.72 -26.94 28.09
CA GLY C 266 -20.91 -27.58 29.38
C GLY C 266 -21.91 -26.84 30.25
N ASP C 267 -22.70 -27.59 31.03
CA ASP C 267 -23.76 -26.98 31.83
C ASP C 267 -23.21 -25.89 32.76
N GLU C 268 -22.05 -26.13 33.38
CA GLU C 268 -21.52 -25.14 34.31
C GLU C 268 -21.15 -23.85 33.60
N GLU C 269 -20.40 -23.93 32.51
CA GLU C 269 -19.99 -22.74 31.78
C GLU C 269 -21.18 -21.96 31.23
N ILE C 270 -22.24 -22.66 30.82
CA ILE C 270 -23.43 -21.99 30.29
C ILE C 270 -24.08 -21.13 31.37
N ASP C 271 -24.23 -21.68 32.58
CA ASP C 271 -24.77 -20.89 33.68
C ASP C 271 -23.89 -19.66 33.95
N LEU C 272 -22.58 -19.86 34.05
CA LEU C 272 -21.67 -18.74 34.24
C LEU C 272 -21.76 -17.74 33.09
N THR C 273 -22.00 -18.24 31.86
CA THR C 273 -22.12 -17.33 30.72
C THR C 273 -23.42 -16.53 30.80
N ARG C 274 -24.53 -17.19 31.16
CA ARG C 274 -25.78 -16.47 31.36
C ARG C 274 -25.62 -15.36 32.38
N LYS C 275 -24.95 -15.66 33.50
CA LYS C 275 -24.76 -14.63 34.51
C LYS C 275 -23.93 -13.49 33.97
N ALA C 276 -22.82 -13.81 33.27
CA ALA C 276 -21.97 -12.76 32.71
C ALA C 276 -22.71 -11.92 31.67
N LEU C 277 -23.63 -12.52 30.92
CA LEU C 277 -24.42 -11.73 29.97
C LEU C 277 -25.64 -11.06 30.60
N GLY C 278 -25.93 -11.31 31.87
CA GLY C 278 -27.14 -10.78 32.47
C GLY C 278 -28.40 -11.36 31.90
N TRP C 279 -28.37 -12.64 31.51
CA TRP C 279 -29.49 -13.30 30.85
C TRP C 279 -30.25 -14.11 31.89
N GLU C 280 -31.49 -13.69 32.18
CA GLU C 280 -32.26 -14.27 33.25
C GLU C 280 -33.18 -15.41 32.80
N TYR C 281 -33.29 -15.68 31.51
CA TYR C 281 -34.32 -16.59 31.01
C TYR C 281 -33.81 -18.02 30.84
N ALA C 282 -34.73 -18.98 31.02
CA ALA C 282 -34.45 -20.40 30.95
C ALA C 282 -34.17 -20.84 29.51
N PRO C 283 -33.63 -22.05 29.32
CA PRO C 283 -33.29 -22.49 27.96
C PRO C 283 -34.51 -22.51 27.04
N PHE C 284 -34.31 -21.96 25.84
CA PHE C 284 -35.34 -21.88 24.79
C PHE C 284 -36.51 -21.01 25.19
N GLU C 285 -36.36 -20.20 26.23
CA GLU C 285 -37.38 -19.22 26.59
C GLU C 285 -36.92 -17.85 26.07
N ILE C 286 -37.73 -17.27 25.19
CA ILE C 286 -37.48 -15.93 24.66
C ILE C 286 -38.69 -15.08 25.02
N PRO C 287 -38.52 -13.95 25.68
CA PRO C 287 -39.69 -13.12 26.06
C PRO C 287 -40.38 -12.51 24.86
N ALA C 288 -41.67 -12.21 25.06
CA ALA C 288 -42.47 -11.61 24.00
C ALA C 288 -41.83 -10.36 23.43
N GLU C 289 -41.27 -9.51 24.30
CA GLU C 289 -40.71 -8.24 23.84
C GLU C 289 -39.55 -8.45 22.87
N TYR C 290 -38.75 -9.50 23.08
CA TYR C 290 -37.62 -9.76 22.18
C TYR C 290 -38.11 -10.24 20.83
N TYR C 291 -39.10 -11.12 20.79
CA TYR C 291 -39.68 -11.54 19.51
C TYR C 291 -40.22 -10.34 18.75
N ALA C 292 -40.90 -9.43 19.46
CA ALA C 292 -41.51 -8.29 18.78
C ALA C 292 -40.46 -7.39 18.17
N GLU C 293 -39.32 -7.23 18.86
CA GLU C 293 -38.28 -6.34 18.36
C GLU C 293 -37.41 -7.01 17.32
N TRP C 294 -37.31 -8.35 17.34
CA TRP C 294 -36.60 -9.09 16.30
C TRP C 294 -37.45 -9.31 15.05
N SER C 295 -38.78 -9.26 15.16
CA SER C 295 -39.64 -9.63 14.03
C SER C 295 -39.34 -8.80 12.79
N ALA C 296 -39.15 -9.48 11.67
CA ALA C 296 -38.99 -8.85 10.37
C ALA C 296 -40.27 -8.86 9.56
N LYS C 297 -41.37 -9.38 10.11
CA LYS C 297 -42.58 -9.64 9.33
C LYS C 297 -43.15 -8.36 8.73
N GLU C 298 -43.24 -7.30 9.53
CA GLU C 298 -43.94 -6.10 9.06
C GLU C 298 -43.08 -5.35 8.04
N LYS C 299 -41.80 -5.14 8.38
CA LYS C 299 -40.90 -4.49 7.43
C LYS C 299 -40.76 -5.32 6.16
N GLY C 300 -40.69 -6.65 6.30
CA GLY C 300 -40.48 -7.50 5.14
C GLY C 300 -41.69 -7.53 4.21
N ALA C 301 -42.90 -7.61 4.78
CA ALA C 301 -44.11 -7.64 3.95
C ALA C 301 -44.31 -6.33 3.21
N ALA C 302 -43.98 -5.19 3.85
CA ALA C 302 -44.12 -3.92 3.17
C ALA C 302 -43.09 -3.78 2.04
N ALA C 303 -41.88 -4.30 2.26
CA ALA C 303 -40.87 -4.25 1.21
C ALA C 303 -41.28 -5.09 0.00
N GLU C 304 -41.83 -6.28 0.24
CA GLU C 304 -42.23 -7.13 -0.86
C GLU C 304 -43.45 -6.59 -1.57
N LYS C 305 -44.41 -6.06 -0.80
CA LYS C 305 -45.59 -5.46 -1.42
C LYS C 305 -45.19 -4.31 -2.32
N SER C 306 -44.26 -3.47 -1.86
CA SER C 306 -43.77 -2.37 -2.68
C SER C 306 -43.08 -2.89 -3.95
N TRP C 307 -42.31 -3.97 -3.83
CA TRP C 307 -41.71 -4.58 -5.02
C TRP C 307 -42.77 -5.16 -5.95
N GLU C 308 -43.80 -5.81 -5.39
CA GLU C 308 -44.87 -6.35 -6.23
C GLU C 308 -45.56 -5.25 -7.05
N GLU C 309 -45.67 -4.05 -6.48
CA GLU C 309 -46.22 -2.93 -7.23
C GLU C 309 -45.27 -2.47 -8.33
N LYS C 310 -43.97 -2.42 -8.03
CA LYS C 310 -43.01 -2.11 -9.08
C LYS C 310 -43.07 -3.12 -10.21
N PHE C 311 -43.22 -4.41 -9.87
CA PHE C 311 -43.28 -5.41 -10.92
C PHE C 311 -44.55 -5.27 -11.76
N ALA C 312 -45.67 -4.89 -11.11
CA ALA C 312 -46.91 -4.69 -11.87
C ALA C 312 -46.76 -3.56 -12.87
N ALA C 313 -46.14 -2.45 -12.46
CA ALA C 313 -45.86 -1.37 -13.41
C ALA C 313 -44.92 -1.84 -14.51
N TYR C 314 -43.88 -2.57 -14.12
CA TYR C 314 -42.95 -3.15 -15.08
C TYR C 314 -43.68 -4.01 -16.12
N ALA C 315 -44.56 -4.89 -15.66
CA ALA C 315 -45.26 -5.80 -16.55
C ALA C 315 -46.23 -5.05 -17.47
N LYS C 316 -46.77 -3.92 -17.04
CA LYS C 316 -47.62 -3.15 -17.95
C LYS C 316 -46.78 -2.48 -19.04
N ALA C 317 -45.58 -2.01 -18.68
CA ALA C 317 -44.76 -1.30 -19.67
C ALA C 317 -43.97 -2.25 -20.56
N TYR C 318 -43.57 -3.41 -20.02
CA TYR C 318 -42.75 -4.39 -20.74
C TYR C 318 -43.32 -5.77 -20.51
N PRO C 319 -44.47 -6.08 -21.13
CA PRO C 319 -45.07 -7.39 -20.87
C PRO C 319 -44.17 -8.55 -21.27
N GLU C 320 -43.40 -8.42 -22.36
CA GLU C 320 -42.54 -9.52 -22.79
C GLU C 320 -41.40 -9.77 -21.81
N LEU C 321 -40.87 -8.70 -21.21
CA LEU C 321 -39.78 -8.88 -20.25
C LEU C 321 -40.29 -9.47 -18.95
N ALA C 322 -41.45 -8.99 -18.47
CA ALA C 322 -41.98 -9.51 -17.22
C ALA C 322 -42.31 -10.98 -17.33
N ALA C 323 -42.88 -11.40 -18.47
CA ALA C 323 -43.13 -12.82 -18.68
C ALA C 323 -41.82 -13.61 -18.67
N GLU C 324 -40.77 -13.10 -19.32
CA GLU C 324 -39.49 -13.81 -19.32
C GLU C 324 -38.88 -13.85 -17.91
N PHE C 325 -39.01 -12.75 -17.17
CA PHE C 325 -38.51 -12.72 -15.79
C PHE C 325 -39.17 -13.79 -14.95
N LYS C 326 -40.50 -13.81 -14.95
CA LYS C 326 -41.26 -14.81 -14.19
C LYS C 326 -40.85 -16.22 -14.60
N ARG C 327 -40.74 -16.46 -15.91
CA ARG C 327 -40.39 -17.79 -16.37
C ARG C 327 -39.01 -18.20 -15.87
N ARG C 328 -38.00 -17.37 -16.14
CA ARG C 328 -36.62 -17.74 -15.84
C ARG C 328 -36.38 -17.88 -14.35
N VAL C 329 -37.02 -17.04 -13.54
CA VAL C 329 -36.84 -17.12 -12.10
C VAL C 329 -37.43 -18.42 -11.56
N SER C 330 -38.55 -18.88 -12.14
CA SER C 330 -39.12 -20.16 -11.75
C SER C 330 -38.32 -21.35 -12.24
N GLY C 331 -37.46 -21.17 -13.24
CA GLY C 331 -36.69 -22.27 -13.76
C GLY C 331 -37.38 -23.08 -14.85
N GLU C 332 -38.59 -22.71 -15.27
CA GLU C 332 -39.23 -23.42 -16.36
C GLU C 332 -38.59 -23.08 -17.69
N LEU C 333 -38.56 -24.06 -18.57
CA LEU C 333 -38.07 -23.90 -19.93
C LEU C 333 -39.14 -23.25 -20.81
N PRO C 334 -38.74 -22.63 -21.92
CA PRO C 334 -39.73 -22.01 -22.81
C PRO C 334 -40.65 -23.04 -23.44
N THR C 335 -41.83 -22.58 -23.88
CA THR C 335 -42.83 -23.51 -24.38
C THR C 335 -42.38 -24.18 -25.67
N ASN C 336 -41.51 -23.55 -26.45
CA ASN C 336 -41.03 -24.17 -27.67
C ASN C 336 -39.75 -24.97 -27.47
N TRP C 337 -39.28 -25.15 -26.23
CA TRP C 337 -38.03 -25.90 -26.03
C TRP C 337 -38.17 -27.36 -26.47
N ALA C 338 -39.27 -28.01 -26.10
CA ALA C 338 -39.40 -29.44 -26.37
C ALA C 338 -39.37 -29.72 -27.87
N ALA C 339 -40.11 -28.94 -28.65
CA ALA C 339 -40.15 -29.15 -30.10
C ALA C 339 -38.84 -28.74 -30.77
N GLU C 340 -38.23 -27.64 -30.34
CA GLU C 340 -37.06 -27.15 -31.04
C GLU C 340 -35.83 -27.99 -30.74
N SER C 341 -35.68 -28.43 -29.48
CA SER C 341 -34.58 -29.34 -29.18
C SER C 341 -34.77 -30.67 -29.91
N LYS C 342 -35.99 -31.19 -29.94
CA LYS C 342 -36.22 -32.44 -30.65
C LYS C 342 -35.90 -32.31 -32.14
N ALA C 343 -36.31 -31.20 -32.76
CA ALA C 343 -36.05 -31.05 -34.19
C ALA C 343 -34.56 -30.90 -34.46
N PHE C 344 -33.82 -30.27 -33.54
CA PHE C 344 -32.38 -30.16 -33.71
C PHE C 344 -31.73 -31.55 -33.64
N ILE C 345 -32.11 -32.36 -32.65
CA ILE C 345 -31.53 -33.69 -32.49
C ILE C 345 -31.82 -34.54 -33.72
N GLU C 346 -33.06 -34.48 -34.22
CA GLU C 346 -33.45 -35.28 -35.38
C GLU C 346 -32.72 -34.82 -36.63
N LYS C 347 -32.56 -33.51 -36.81
CA LYS C 347 -31.75 -33.00 -37.92
C LYS C 347 -30.33 -33.57 -37.88
N LEU C 348 -29.74 -33.65 -36.69
CA LEU C 348 -28.38 -34.18 -36.62
C LEU C 348 -28.36 -35.67 -36.96
N GLN C 349 -29.36 -36.43 -36.48
CA GLN C 349 -29.39 -37.85 -36.78
C GLN C 349 -29.53 -38.07 -38.28
N ALA C 350 -30.30 -37.21 -38.95
CA ALA C 350 -30.50 -37.32 -40.40
C ALA C 350 -29.34 -36.77 -41.21
N ASN C 351 -28.38 -36.08 -40.59
CA ASN C 351 -27.29 -35.43 -41.33
C ASN C 351 -25.96 -35.76 -40.68
N PRO C 352 -25.47 -36.98 -40.87
CA PRO C 352 -24.30 -37.45 -40.12
C PRO C 352 -23.08 -36.58 -40.37
N ALA C 353 -22.28 -36.41 -39.33
CA ALA C 353 -21.01 -35.72 -39.44
C ALA C 353 -20.04 -36.31 -38.43
N SER C 354 -18.80 -36.49 -38.85
CA SER C 354 -17.72 -37.00 -38.01
C SER C 354 -16.98 -35.80 -37.46
N ILE C 355 -17.38 -35.34 -36.27
CA ILE C 355 -16.73 -34.21 -35.63
C ILE C 355 -16.35 -34.59 -34.20
N ALA C 356 -15.48 -33.80 -33.61
CA ALA C 356 -15.18 -33.98 -32.20
C ALA C 356 -16.40 -33.65 -31.38
N SER C 357 -16.65 -34.43 -30.31
CA SER C 357 -17.84 -34.12 -29.53
C SER C 357 -17.71 -32.80 -28.78
N ARG C 358 -16.50 -32.25 -28.60
CA ARG C 358 -16.43 -30.88 -28.10
C ARG C 358 -17.00 -29.89 -29.12
N LYS C 359 -16.82 -30.17 -30.41
CA LYS C 359 -17.46 -29.37 -31.46
C LYS C 359 -18.96 -29.61 -31.48
N ALA C 360 -19.38 -30.87 -31.33
CA ALA C 360 -20.81 -31.16 -31.21
C ALA C 360 -21.41 -30.45 -30.00
N SER C 361 -20.63 -30.32 -28.93
CA SER C 361 -21.08 -29.56 -27.76
C SER C 361 -21.30 -28.09 -28.12
N GLN C 362 -20.31 -27.48 -28.78
CA GLN C 362 -20.48 -26.09 -29.22
C GLN C 362 -21.68 -25.92 -30.13
N ASN C 363 -21.93 -26.91 -31.00
CA ASN C 363 -23.08 -26.83 -31.89
C ASN C 363 -24.38 -26.92 -31.10
N ALA C 364 -24.42 -27.76 -30.07
CA ALA C 364 -25.62 -27.83 -29.26
C ALA C 364 -25.85 -26.52 -28.51
N ILE C 365 -24.78 -25.93 -27.98
CA ILE C 365 -24.90 -24.63 -27.32
C ILE C 365 -25.45 -23.60 -28.28
N GLU C 366 -24.85 -23.50 -29.46
CA GLU C 366 -25.31 -22.56 -30.48
C GLU C 366 -26.80 -22.69 -30.73
N ALA C 367 -27.28 -23.93 -30.90
CA ALA C 367 -28.70 -24.13 -31.20
C ALA C 367 -29.56 -23.84 -29.97
N TYR C 368 -29.18 -24.37 -28.81
CA TYR C 368 -30.04 -24.22 -27.64
C TYR C 368 -30.01 -22.80 -27.08
N ALA C 369 -28.88 -22.09 -27.22
CA ALA C 369 -28.80 -20.72 -26.70
C ALA C 369 -29.73 -19.77 -27.44
N HIS C 370 -30.12 -20.11 -28.67
CA HIS C 370 -31.15 -19.35 -29.36
C HIS C 370 -32.52 -19.53 -28.72
N VAL C 371 -32.71 -20.58 -27.94
CA VAL C 371 -33.99 -20.88 -27.31
C VAL C 371 -33.96 -20.52 -25.83
N LEU C 372 -32.76 -20.51 -25.23
CA LEU C 372 -32.58 -20.33 -23.79
C LEU C 372 -31.77 -19.06 -23.50
N PRO C 373 -32.41 -17.90 -23.44
CA PRO C 373 -31.66 -16.69 -23.04
C PRO C 373 -31.15 -16.76 -21.61
N GLU C 374 -31.58 -17.74 -20.81
CA GLU C 374 -31.08 -17.90 -19.45
C GLU C 374 -29.72 -18.60 -19.37
N PHE C 375 -29.18 -19.12 -20.48
CA PHE C 375 -27.81 -19.64 -20.45
C PHE C 375 -26.84 -18.57 -19.95
N LEU C 376 -26.03 -18.92 -18.95
CA LEU C 376 -24.92 -18.08 -18.50
C LEU C 376 -23.69 -18.98 -18.56
N GLY C 377 -23.01 -18.97 -19.70
CA GLY C 377 -21.92 -19.89 -19.96
C GLY C 377 -20.58 -19.32 -19.55
N GLY C 378 -19.55 -20.13 -19.72
CA GLY C 378 -18.22 -19.72 -19.30
C GLY C 378 -17.24 -20.86 -19.42
N SER C 379 -15.97 -20.50 -19.28
CA SER C 379 -14.90 -21.48 -19.27
C SER C 379 -13.76 -20.95 -18.41
N ALA C 380 -13.03 -21.88 -17.80
CA ALA C 380 -11.90 -21.52 -16.94
C ALA C 380 -10.66 -21.33 -17.83
N ASP C 381 -10.67 -20.22 -18.57
CA ASP C 381 -9.59 -19.79 -19.46
C ASP C 381 -9.39 -20.74 -20.63
N LEU C 382 -10.42 -21.51 -21.00
CA LEU C 382 -10.23 -22.48 -22.09
C LEU C 382 -11.32 -22.36 -23.15
N ALA C 383 -11.79 -21.14 -23.42
CA ALA C 383 -12.90 -20.96 -24.35
C ALA C 383 -12.60 -21.59 -25.70
N SER C 384 -11.38 -21.42 -26.20
CA SER C 384 -11.01 -21.91 -27.52
C SER C 384 -10.70 -23.40 -27.56
N SER C 385 -10.44 -24.04 -26.41
CA SER C 385 -10.28 -25.49 -26.37
C SER C 385 -11.55 -26.22 -25.95
N ASN C 386 -12.32 -25.65 -25.02
CA ASN C 386 -13.59 -26.24 -24.59
C ASN C 386 -14.74 -25.94 -25.56
N LEU C 387 -14.63 -24.88 -26.35
CA LEU C 387 -15.62 -24.49 -27.36
C LEU C 387 -16.95 -24.10 -26.71
N THR C 388 -16.87 -23.17 -25.75
CA THR C 388 -18.03 -22.74 -24.97
C THR C 388 -18.67 -21.46 -25.49
N LEU C 389 -18.04 -20.77 -26.43
CA LEU C 389 -18.64 -19.57 -27.00
C LEU C 389 -19.59 -19.95 -28.12
N TRP C 390 -20.68 -19.18 -28.23
CA TRP C 390 -21.56 -19.27 -29.38
C TRP C 390 -21.61 -17.88 -30.01
N SER C 391 -22.27 -17.81 -31.18
CA SER C 391 -22.30 -16.56 -31.93
C SER C 391 -22.86 -15.40 -31.11
N GLY C 392 -23.74 -15.66 -30.16
CA GLY C 392 -24.34 -14.62 -29.35
C GLY C 392 -23.71 -14.39 -28.00
N SER C 393 -22.56 -15.00 -27.71
CA SER C 393 -21.90 -14.82 -26.41
C SER C 393 -21.50 -13.37 -26.19
N LYS C 394 -21.80 -12.85 -25.00
CA LYS C 394 -21.43 -11.49 -24.64
C LYS C 394 -20.66 -11.55 -23.33
N PRO C 395 -19.33 -11.56 -23.36
CA PRO C 395 -18.57 -11.78 -22.12
C PRO C 395 -18.75 -10.62 -21.15
N ILE C 396 -19.10 -10.95 -19.92
CA ILE C 396 -19.47 -9.97 -18.92
C ILE C 396 -18.22 -9.32 -18.35
N ARG C 397 -18.26 -8.00 -18.18
CA ARG C 397 -17.20 -7.23 -17.53
C ARG C 397 -17.85 -6.30 -16.52
N ALA C 398 -17.00 -5.57 -15.77
CA ALA C 398 -17.50 -4.74 -14.68
C ALA C 398 -18.44 -3.65 -15.20
N HIS C 399 -18.09 -3.03 -16.33
CA HIS C 399 -18.86 -1.93 -16.91
C HIS C 399 -19.14 -2.11 -18.40
N GLU C 400 -19.04 -3.33 -18.92
CA GLU C 400 -19.44 -3.57 -20.30
C GLU C 400 -20.04 -4.97 -20.36
N ASN C 401 -21.04 -5.14 -21.24
CA ASN C 401 -21.85 -6.35 -21.30
C ASN C 401 -22.34 -6.73 -19.91
N VAL C 402 -22.82 -5.74 -19.16
CA VAL C 402 -23.30 -6.04 -17.82
C VAL C 402 -24.53 -6.94 -17.89
N GLY C 403 -25.30 -6.85 -18.97
CA GLY C 403 -26.36 -7.80 -19.23
C GLY C 403 -25.94 -8.91 -20.19
N GLY C 404 -24.67 -9.31 -20.14
CA GLY C 404 -24.17 -10.36 -21.01
C GLY C 404 -24.56 -11.74 -20.54
N ASN C 405 -23.89 -12.75 -21.12
CA ASN C 405 -24.31 -14.14 -20.94
C ASN C 405 -23.14 -15.11 -20.90
N TYR C 406 -21.93 -14.65 -20.59
CA TYR C 406 -20.73 -15.48 -20.66
C TYR C 406 -19.72 -14.93 -19.67
N ILE C 407 -19.00 -15.82 -18.97
CA ILE C 407 -18.01 -15.42 -17.97
C ILE C 407 -16.67 -16.04 -18.32
N ASN C 408 -15.66 -15.17 -18.55
CA ASN C 408 -14.26 -15.60 -18.58
C ASN C 408 -13.82 -15.81 -17.13
N TYR C 409 -13.82 -17.07 -16.67
CA TYR C 409 -13.51 -17.32 -15.26
C TYR C 409 -12.03 -17.25 -14.94
N GLY C 410 -11.16 -17.15 -15.95
CA GLY C 410 -9.74 -17.25 -15.65
C GLY C 410 -9.40 -18.67 -15.25
N VAL C 411 -8.17 -18.87 -14.76
CA VAL C 411 -7.70 -20.22 -14.41
C VAL C 411 -8.11 -20.55 -12.99
N ARG C 412 -9.42 -20.85 -12.80
CA ARG C 412 -10.05 -20.91 -11.49
C ARG C 412 -11.17 -21.95 -11.55
N GLU C 413 -10.81 -23.23 -11.63
CA GLU C 413 -11.84 -24.28 -11.80
C GLU C 413 -12.71 -24.43 -10.57
N PHE C 414 -12.10 -24.50 -9.38
CA PHE C 414 -12.88 -24.63 -8.14
C PHE C 414 -13.77 -23.40 -7.96
N GLY C 415 -13.18 -22.21 -8.15
CA GLY C 415 -13.95 -20.99 -8.00
C GLY C 415 -15.07 -20.88 -9.00
N MET C 416 -14.78 -21.17 -10.28
CA MET C 416 -15.83 -21.25 -11.30
C MET C 416 -16.96 -22.15 -10.85
N SER C 417 -16.63 -23.34 -10.37
CA SER C 417 -17.66 -24.34 -10.12
C SER C 417 -18.53 -23.92 -8.94
N ALA C 418 -17.94 -23.40 -7.87
CA ALA C 418 -18.76 -22.98 -6.76
C ALA C 418 -19.50 -21.68 -7.07
N ILE C 419 -18.95 -20.84 -7.97
CA ILE C 419 -19.68 -19.63 -8.38
C ILE C 419 -20.92 -20.02 -9.16
N MET C 420 -20.79 -21.05 -10.01
CA MET C 420 -21.94 -21.51 -10.79
C MET C 420 -23.05 -22.05 -9.88
N ASN C 421 -22.66 -22.73 -8.80
CA ASN C 421 -23.65 -23.15 -7.80
C ASN C 421 -24.40 -21.96 -7.23
N GLY C 422 -23.70 -20.87 -6.93
CA GLY C 422 -24.38 -19.67 -6.46
C GLY C 422 -25.27 -19.06 -7.53
N ILE C 423 -24.84 -19.11 -8.78
CA ILE C 423 -25.68 -18.64 -9.88
C ILE C 423 -26.94 -19.50 -9.98
N ALA C 424 -26.77 -20.82 -9.90
CA ALA C 424 -27.93 -21.71 -9.99
C ALA C 424 -28.90 -21.45 -8.83
N LEU C 425 -28.36 -21.30 -7.61
CA LEU C 425 -29.19 -21.04 -6.45
C LEU C 425 -29.95 -19.73 -6.58
N HIS C 426 -29.33 -18.72 -7.19
CA HIS C 426 -29.92 -17.39 -7.22
C HIS C 426 -31.23 -17.38 -8.00
N GLY C 427 -31.28 -18.12 -9.11
CA GLY C 427 -32.46 -18.08 -9.94
C GLY C 427 -32.29 -17.15 -11.12
N GLY C 428 -32.93 -17.50 -12.25
CA GLY C 428 -32.92 -16.68 -13.43
C GLY C 428 -31.98 -17.15 -14.52
N PHE C 429 -31.09 -18.11 -14.24
CA PHE C 429 -30.07 -18.54 -15.17
C PHE C 429 -29.92 -20.06 -15.15
N ILE C 430 -29.41 -20.58 -16.26
CA ILE C 430 -28.90 -21.94 -16.30
C ILE C 430 -27.40 -21.83 -16.52
N PRO C 431 -26.57 -22.05 -15.51
CA PRO C 431 -25.13 -21.86 -15.69
C PRO C 431 -24.46 -23.10 -16.24
N TYR C 432 -23.51 -22.89 -17.15
CA TYR C 432 -22.59 -23.95 -17.54
C TYR C 432 -21.17 -23.39 -17.57
N GLY C 433 -20.21 -24.26 -17.28
CA GLY C 433 -18.82 -23.83 -17.25
C GLY C 433 -17.93 -25.00 -17.56
N ALA C 434 -16.87 -24.77 -18.33
CA ALA C 434 -16.03 -25.85 -18.86
C ALA C 434 -14.59 -25.75 -18.39
N THR C 435 -13.96 -26.91 -18.27
CA THR C 435 -12.51 -27.00 -18.22
C THR C 435 -12.12 -28.34 -18.85
N PHE C 436 -10.83 -28.64 -18.86
CA PHE C 436 -10.42 -30.01 -19.19
C PHE C 436 -10.94 -30.95 -18.11
N LEU C 437 -11.34 -32.16 -18.54
CA LEU C 437 -11.83 -33.17 -17.61
C LEU C 437 -10.85 -33.39 -16.45
N MET C 438 -9.54 -33.40 -16.73
CA MET C 438 -8.58 -33.63 -15.65
C MET C 438 -8.82 -32.69 -14.47
N PHE C 439 -9.16 -31.44 -14.76
CA PHE C 439 -9.19 -30.42 -13.72
C PHE C 439 -10.54 -30.31 -13.04
N TYR C 440 -11.46 -31.25 -13.30
CA TYR C 440 -12.56 -31.40 -12.36
C TYR C 440 -12.02 -31.74 -10.97
N GLU C 441 -10.86 -32.39 -10.89
CA GLU C 441 -10.26 -32.69 -9.59
C GLU C 441 -9.96 -31.43 -8.81
N TYR C 442 -9.65 -30.32 -9.48
CA TYR C 442 -9.48 -29.06 -8.75
C TYR C 442 -10.81 -28.61 -8.16
N ALA C 443 -11.91 -28.86 -8.85
CA ALA C 443 -13.23 -28.38 -8.45
C ALA C 443 -14.09 -29.45 -7.80
N HIS C 444 -13.50 -30.60 -7.46
CA HIS C 444 -14.24 -31.81 -7.08
C HIS C 444 -15.35 -31.52 -6.06
N ASN C 445 -15.02 -30.84 -4.95
CA ASN C 445 -16.04 -30.72 -3.92
C ASN C 445 -17.16 -29.77 -4.31
N ALA C 446 -16.93 -28.83 -5.23
CA ALA C 446 -18.04 -27.97 -5.67
C ALA C 446 -19.04 -28.76 -6.52
N VAL C 447 -18.55 -29.71 -7.31
CA VAL C 447 -19.43 -30.58 -8.07
C VAL C 447 -20.29 -31.41 -7.11
N ARG C 448 -19.68 -31.97 -6.08
CA ARG C 448 -20.43 -32.72 -5.08
C ARG C 448 -21.46 -31.84 -4.37
N MET C 449 -21.11 -30.58 -4.07
CA MET C 449 -22.06 -29.69 -3.43
C MET C 449 -23.24 -29.35 -4.35
N ALA C 450 -23.00 -29.21 -5.65
CA ALA C 450 -24.12 -29.04 -6.56
C ALA C 450 -25.08 -30.22 -6.45
N ALA C 451 -24.54 -31.44 -6.41
CA ALA C 451 -25.38 -32.64 -6.34
C ALA C 451 -26.11 -32.72 -5.00
N LEU C 452 -25.42 -32.36 -3.92
CA LEU C 452 -26.05 -32.38 -2.60
C LEU C 452 -27.17 -31.34 -2.50
N MET C 453 -26.98 -30.16 -3.07
CA MET C 453 -28.00 -29.12 -3.05
C MET C 453 -29.03 -29.25 -4.17
N LYS C 454 -28.95 -30.28 -5.00
CA LYS C 454 -29.95 -30.52 -6.05
C LYS C 454 -30.05 -29.34 -7.02
N GLN C 455 -28.90 -28.80 -7.41
CA GLN C 455 -28.84 -27.61 -8.26
C GLN C 455 -28.57 -28.02 -9.69
N ARG C 456 -29.29 -27.39 -10.62
CA ARG C 456 -29.03 -27.58 -12.05
C ARG C 456 -27.84 -26.71 -12.42
N THR C 457 -26.65 -27.26 -12.23
CA THR C 457 -25.39 -26.68 -12.67
C THR C 457 -24.81 -27.60 -13.73
N LEU C 458 -24.35 -27.04 -14.85
CA LEU C 458 -23.88 -27.84 -15.97
C LEU C 458 -22.35 -27.80 -16.01
N PHE C 459 -21.72 -28.89 -15.61
CA PHE C 459 -20.26 -29.00 -15.63
C PHE C 459 -19.84 -29.61 -16.97
N VAL C 460 -19.19 -28.81 -17.79
CA VAL C 460 -18.70 -29.22 -19.11
C VAL C 460 -17.23 -29.57 -18.98
N TYR C 461 -16.83 -30.72 -19.51
CA TYR C 461 -15.44 -31.16 -19.50
C TYR C 461 -15.07 -31.64 -20.89
N THR C 462 -13.92 -31.18 -21.40
CA THR C 462 -13.43 -31.66 -22.69
C THR C 462 -12.06 -32.29 -22.52
N HIS C 463 -11.58 -32.91 -23.60
CA HIS C 463 -10.28 -33.60 -23.60
C HIS C 463 -10.32 -34.72 -22.59
N ASP C 464 -11.00 -35.81 -22.94
CA ASP C 464 -11.56 -36.74 -21.98
C ASP C 464 -10.76 -38.02 -21.80
N SER C 465 -9.69 -38.23 -22.55
CA SER C 465 -8.97 -39.50 -22.46
C SER C 465 -7.57 -39.32 -23.03
N ILE C 466 -6.84 -40.44 -23.15
CA ILE C 466 -5.58 -40.46 -23.90
C ILE C 466 -5.77 -39.93 -25.31
N GLY C 467 -7.02 -39.90 -25.78
CA GLY C 467 -7.31 -39.32 -27.08
C GLY C 467 -6.84 -37.88 -27.25
N LEU C 468 -6.54 -37.17 -26.15
CA LEU C 468 -6.01 -35.82 -26.29
C LEU C 468 -4.57 -35.80 -26.78
N GLY C 469 -3.81 -36.89 -26.56
CA GLY C 469 -2.50 -37.04 -27.19
C GLY C 469 -1.37 -36.41 -26.39
N GLU C 470 -0.64 -35.47 -27.02
CA GLU C 470 0.73 -35.15 -26.63
C GLU C 470 0.87 -34.45 -25.27
N ASP C 471 -0.18 -33.78 -24.78
CA ASP C 471 -0.07 -33.11 -23.49
C ASP C 471 0.29 -34.08 -22.37
N GLY C 472 -0.04 -35.36 -22.52
CA GLY C 472 0.56 -36.38 -21.69
C GLY C 472 -0.18 -36.62 -20.40
N PRO C 473 0.42 -37.41 -19.49
CA PRO C 473 -0.34 -38.04 -18.40
C PRO C 473 -0.84 -37.10 -17.31
N THR C 474 -0.29 -35.89 -17.15
CA THR C 474 -0.88 -34.98 -16.18
C THR C 474 -2.18 -34.37 -16.67
N HIS C 475 -2.47 -34.49 -17.96
CA HIS C 475 -3.69 -33.98 -18.55
C HIS C 475 -4.66 -35.08 -18.97
N GLN C 476 -4.15 -36.30 -19.22
CA GLN C 476 -4.94 -37.36 -19.82
C GLN C 476 -5.81 -38.04 -18.78
N PRO C 477 -7.12 -37.82 -18.81
CA PRO C 477 -7.99 -38.51 -17.85
C PRO C 477 -7.92 -40.01 -18.01
N VAL C 478 -8.02 -40.69 -16.88
CA VAL C 478 -8.09 -42.14 -16.84
C VAL C 478 -9.19 -42.54 -15.87
N GLU C 479 -9.09 -42.06 -14.63
CA GLU C 479 -10.05 -42.45 -13.61
C GLU C 479 -11.10 -41.38 -13.31
N GLN C 480 -11.01 -40.21 -13.97
CA GLN C 480 -11.84 -39.07 -13.60
C GLN C 480 -13.32 -39.31 -13.91
N THR C 481 -13.63 -39.92 -15.05
CA THR C 481 -15.02 -40.18 -15.40
C THR C 481 -15.68 -41.13 -14.39
N ALA C 482 -14.99 -42.22 -14.05
CA ALA C 482 -15.51 -43.15 -13.05
C ALA C 482 -15.71 -42.45 -11.71
N SER C 483 -14.79 -41.54 -11.37
CA SER C 483 -14.91 -40.80 -10.12
C SER C 483 -16.12 -39.88 -10.12
N LEU C 484 -16.39 -39.19 -11.25
CA LEU C 484 -17.60 -38.40 -11.37
C LEU C 484 -18.85 -39.27 -11.23
N ARG C 485 -18.82 -40.48 -11.80
CA ARG C 485 -19.99 -41.35 -11.78
C ARG C 485 -20.40 -41.77 -10.38
N LEU C 486 -19.49 -41.69 -9.41
CA LEU C 486 -19.75 -42.15 -8.05
C LEU C 486 -20.46 -41.11 -7.21
N ILE C 487 -20.57 -39.87 -7.68
CA ILE C 487 -21.18 -38.80 -6.89
C ILE C 487 -22.69 -39.00 -6.90
N PRO C 488 -23.32 -39.19 -5.75
CA PRO C 488 -24.78 -39.34 -5.73
C PRO C 488 -25.43 -38.09 -6.30
N ASN C 489 -26.51 -38.30 -7.07
CA ASN C 489 -27.34 -37.25 -7.68
C ASN C 489 -26.61 -36.43 -8.74
N LEU C 490 -25.43 -36.83 -9.18
CA LEU C 490 -24.85 -36.25 -10.38
C LEU C 490 -25.09 -37.21 -11.54
N GLU C 491 -25.51 -36.67 -12.69
CA GLU C 491 -25.64 -37.47 -13.90
C GLU C 491 -24.49 -37.14 -14.84
N THR C 492 -23.68 -38.15 -15.17
CA THR C 492 -22.51 -37.98 -16.01
C THR C 492 -22.78 -38.57 -17.39
N TRP C 493 -22.53 -37.76 -18.43
CA TRP C 493 -22.80 -38.13 -19.82
C TRP C 493 -21.48 -38.14 -20.57
N ARG C 494 -21.23 -39.23 -21.29
CA ARG C 494 -20.05 -39.37 -22.15
C ARG C 494 -20.52 -39.74 -23.55
N PRO C 495 -21.05 -38.76 -24.29
CA PRO C 495 -21.70 -39.07 -25.59
C PRO C 495 -20.74 -39.53 -26.66
N CYS C 496 -21.24 -40.38 -27.55
CA CYS C 496 -20.39 -41.04 -28.53
C CYS C 496 -20.34 -40.33 -29.88
N ASP C 497 -21.23 -39.36 -30.12
CA ASP C 497 -21.24 -38.66 -31.41
C ASP C 497 -22.02 -37.36 -31.24
N GLN C 498 -22.26 -36.66 -32.35
CA GLN C 498 -22.89 -35.35 -32.25
C GLN C 498 -24.34 -35.46 -31.80
N VAL C 499 -24.98 -36.61 -32.08
CA VAL C 499 -26.37 -36.79 -31.70
C VAL C 499 -26.48 -37.00 -30.18
N GLU C 500 -25.75 -37.99 -29.65
CA GLU C 500 -25.75 -38.18 -28.20
C GLU C 500 -25.27 -36.92 -27.48
N SER C 501 -24.41 -36.13 -28.13
CA SER C 501 -23.97 -34.88 -27.51
C SER C 501 -25.12 -33.89 -27.38
N ALA C 502 -25.94 -33.77 -28.42
CA ALA C 502 -27.07 -32.85 -28.34
C ALA C 502 -28.09 -33.35 -27.32
N ILE C 503 -28.32 -34.65 -27.27
CA ILE C 503 -29.24 -35.23 -26.29
C ILE C 503 -28.70 -35.04 -24.87
N ALA C 504 -27.40 -35.26 -24.66
CA ALA C 504 -26.84 -35.09 -23.33
C ALA C 504 -27.08 -33.66 -22.82
N TRP C 505 -26.80 -32.65 -23.66
CA TRP C 505 -27.09 -31.26 -23.30
C TRP C 505 -28.58 -31.07 -23.06
N GLN C 506 -29.43 -31.65 -23.91
CA GLN C 506 -30.87 -31.52 -23.73
C GLN C 506 -31.31 -32.06 -22.37
N GLN C 507 -30.81 -33.25 -22.00
CA GLN C 507 -31.21 -33.83 -20.72
C GLN C 507 -30.67 -33.03 -19.53
N ALA C 508 -29.47 -32.46 -19.68
CA ALA C 508 -28.90 -31.66 -18.58
C ALA C 508 -29.72 -30.39 -18.36
N VAL C 509 -30.12 -29.72 -19.44
CA VAL C 509 -30.98 -28.54 -19.35
C VAL C 509 -32.30 -28.87 -18.65
N GLU C 510 -32.88 -30.05 -18.94
CA GLU C 510 -34.19 -30.40 -18.40
C GLU C 510 -34.11 -30.98 -16.99
N ARG C 511 -32.91 -31.21 -16.48
CA ARG C 511 -32.73 -31.79 -15.16
C ARG C 511 -32.96 -30.69 -14.12
N GLN C 512 -34.15 -30.62 -13.56
CA GLN C 512 -34.42 -29.60 -12.55
C GLN C 512 -33.83 -29.94 -11.18
N ASP C 513 -33.66 -31.22 -10.87
CA ASP C 513 -33.36 -31.67 -9.52
C ASP C 513 -31.88 -32.00 -9.29
N GLY C 514 -30.97 -31.54 -10.15
CA GLY C 514 -29.58 -31.87 -9.95
C GLY C 514 -28.67 -31.52 -11.10
N PRO C 515 -27.36 -31.66 -10.90
CA PRO C 515 -26.39 -31.22 -11.90
C PRO C 515 -26.02 -32.33 -12.87
N SER C 516 -25.26 -31.95 -13.89
CA SER C 516 -24.80 -32.87 -14.90
C SER C 516 -23.35 -32.57 -15.26
N ALA C 517 -22.57 -33.62 -15.51
CA ALA C 517 -21.24 -33.53 -16.09
C ALA C 517 -21.34 -34.01 -17.53
N LEU C 518 -20.91 -33.18 -18.47
CA LEU C 518 -20.94 -33.51 -19.89
C LEU C 518 -19.52 -33.62 -20.40
N ILE C 519 -19.15 -34.80 -20.90
CA ILE C 519 -17.74 -35.12 -21.16
C ILE C 519 -17.54 -35.28 -22.66
N PHE C 520 -16.66 -34.47 -23.21
CA PHE C 520 -16.48 -34.41 -24.67
C PHE C 520 -15.02 -34.62 -25.06
N THR C 521 -14.83 -35.00 -26.32
CA THR C 521 -13.53 -35.41 -26.83
C THR C 521 -12.89 -34.30 -27.65
N ARG C 522 -11.57 -34.40 -27.79
CA ARG C 522 -10.82 -33.56 -28.71
C ARG C 522 -10.84 -34.13 -30.12
N GLN C 523 -10.84 -35.45 -30.27
CA GLN C 523 -10.74 -36.08 -31.57
C GLN C 523 -12.13 -36.38 -32.17
N ASN C 524 -12.15 -36.54 -33.49
CA ASN C 524 -13.40 -36.76 -34.22
C ASN C 524 -14.03 -38.11 -33.86
N LEU C 525 -15.36 -38.13 -33.76
CA LEU C 525 -16.13 -39.34 -33.50
C LEU C 525 -17.11 -39.57 -34.65
N ALA C 526 -17.16 -40.81 -35.13
CA ALA C 526 -18.08 -41.14 -36.22
C ALA C 526 -19.51 -41.23 -35.69
N GLN C 527 -20.47 -40.81 -36.51
CA GLN C 527 -21.85 -40.80 -36.07
C GLN C 527 -22.48 -42.17 -36.30
N MET C 528 -23.23 -42.64 -35.32
CA MET C 528 -23.86 -43.95 -35.41
C MET C 528 -25.30 -43.83 -35.92
N ASP C 529 -25.74 -44.88 -36.62
CA ASP C 529 -27.13 -44.94 -37.12
C ASP C 529 -28.10 -45.22 -35.99
N ARG C 530 -29.24 -44.52 -36.03
CA ARG C 530 -30.31 -44.72 -35.05
C ARG C 530 -31.64 -44.55 -35.76
N THR C 531 -32.57 -45.46 -35.48
CA THR C 531 -33.97 -45.25 -35.79
C THR C 531 -34.55 -44.21 -34.83
N SER C 532 -35.77 -43.77 -35.13
CA SER C 532 -36.42 -42.84 -34.21
C SER C 532 -36.60 -43.45 -32.82
N ALA C 533 -36.87 -44.76 -32.75
CA ALA C 533 -37.04 -45.40 -31.44
C ALA C 533 -35.73 -45.42 -30.66
N GLN C 534 -34.63 -45.79 -31.32
CA GLN C 534 -33.33 -45.74 -30.65
C GLN C 534 -32.96 -44.31 -30.27
N LEU C 535 -33.24 -43.35 -31.15
CA LEU C 535 -33.03 -41.94 -30.82
C LEU C 535 -33.76 -41.59 -29.52
N ASP C 536 -35.00 -42.08 -29.36
CA ASP C 536 -35.76 -41.80 -28.16
C ASP C 536 -35.20 -42.48 -26.92
N ALA C 537 -34.44 -43.57 -27.10
CA ALA C 537 -33.92 -44.33 -25.96
C ALA C 537 -32.61 -43.77 -25.40
N VAL C 538 -31.95 -42.87 -26.12
CA VAL C 538 -30.66 -42.35 -25.68
C VAL C 538 -30.79 -41.72 -24.30
N LYS C 539 -31.86 -40.97 -24.08
CA LYS C 539 -32.10 -40.33 -22.79
C LYS C 539 -32.34 -41.33 -21.66
N ARG C 540 -32.45 -42.62 -21.96
CA ARG C 540 -32.53 -43.61 -20.90
C ARG C 540 -31.15 -44.08 -20.46
N GLY C 541 -30.08 -43.47 -20.98
CA GLY C 541 -28.73 -43.65 -20.47
C GLY C 541 -27.96 -44.79 -21.07
N ALA C 542 -28.64 -45.89 -21.41
CA ALA C 542 -28.08 -46.95 -22.21
C ALA C 542 -29.18 -47.53 -23.06
N TYR C 543 -28.80 -48.03 -24.24
CA TYR C 543 -29.80 -48.50 -25.20
C TYR C 543 -29.12 -49.44 -26.17
N VAL C 544 -29.93 -50.26 -26.83
CA VAL C 544 -29.42 -51.21 -27.82
C VAL C 544 -29.15 -50.46 -29.11
N LEU C 545 -27.89 -50.42 -29.52
CA LEU C 545 -27.50 -49.72 -30.74
C LEU C 545 -27.42 -50.65 -31.94
N LYS C 546 -26.78 -51.81 -31.79
CA LYS C 546 -26.80 -52.86 -32.81
C LYS C 546 -27.30 -54.13 -32.14
N ASP C 547 -28.20 -54.83 -32.81
CA ASP C 547 -28.74 -56.06 -32.26
C ASP C 547 -28.68 -57.18 -33.29
N CYS C 548 -28.61 -58.39 -32.79
CA CYS C 548 -28.70 -59.59 -33.59
C CYS C 548 -30.11 -60.13 -33.54
N ASP C 549 -30.38 -61.11 -34.41
CA ASP C 549 -31.67 -61.81 -34.38
C ASP C 549 -31.62 -62.88 -33.29
N GLY C 550 -32.54 -62.79 -32.32
CA GLY C 550 -32.54 -63.70 -31.20
C GLY C 550 -31.63 -63.24 -30.07
N THR C 551 -31.49 -64.13 -29.10
CA THR C 551 -30.72 -63.81 -27.90
C THR C 551 -29.23 -63.70 -28.24
N PRO C 552 -28.57 -62.60 -27.86
CA PRO C 552 -27.14 -62.47 -28.16
C PRO C 552 -26.29 -63.46 -27.36
N GLU C 553 -25.23 -63.94 -28.00
CA GLU C 553 -24.22 -64.71 -27.28
C GLU C 553 -23.29 -63.82 -26.49
N LEU C 554 -23.09 -62.59 -26.93
CA LEU C 554 -22.14 -61.66 -26.34
C LEU C 554 -22.67 -60.26 -26.48
N ILE C 555 -22.50 -59.45 -25.45
CA ILE C 555 -22.92 -58.05 -25.46
C ILE C 555 -21.68 -57.18 -25.26
N PHE C 556 -21.45 -56.24 -26.19
CA PHE C 556 -20.49 -55.17 -26.00
C PHE C 556 -21.19 -53.98 -25.35
N ILE C 557 -20.58 -53.43 -24.30
CA ILE C 557 -20.99 -52.17 -23.72
C ILE C 557 -19.87 -51.16 -23.97
N ALA C 558 -20.22 -50.02 -24.57
CA ALA C 558 -19.22 -48.99 -24.85
C ALA C 558 -19.81 -47.62 -24.58
N THR C 559 -18.94 -46.66 -24.34
CA THR C 559 -19.34 -45.27 -24.14
C THR C 559 -18.46 -44.40 -25.02
N GLY C 560 -18.97 -43.22 -25.33
CA GLY C 560 -18.13 -42.14 -25.84
C GLY C 560 -17.36 -42.53 -27.07
N SER C 561 -16.08 -42.18 -27.07
CA SER C 561 -15.23 -42.38 -28.24
C SER C 561 -15.01 -43.85 -28.57
N GLU C 562 -15.37 -44.79 -27.68
CA GLU C 562 -15.10 -46.20 -27.92
C GLU C 562 -16.28 -46.94 -28.56
N VAL C 563 -17.39 -46.28 -28.85
CA VAL C 563 -18.54 -46.99 -29.42
C VAL C 563 -18.23 -47.50 -30.82
N GLU C 564 -17.55 -46.68 -31.65
CA GLU C 564 -17.20 -47.14 -32.99
C GLU C 564 -16.32 -48.38 -32.95
N LEU C 565 -15.37 -48.40 -32.02
CA LEU C 565 -14.54 -49.60 -31.88
C LEU C 565 -15.39 -50.81 -31.52
N ALA C 566 -16.35 -50.64 -30.60
CA ALA C 566 -17.26 -51.73 -30.29
C ALA C 566 -18.07 -52.16 -31.51
N VAL C 567 -18.55 -51.21 -32.31
CA VAL C 567 -19.35 -51.58 -33.49
C VAL C 567 -18.51 -52.37 -34.49
N GLN C 568 -17.25 -51.95 -34.68
CA GLN C 568 -16.40 -52.61 -35.67
C GLN C 568 -16.05 -54.02 -35.24
N ALA C 569 -15.80 -54.22 -33.94
CA ALA C 569 -15.50 -55.55 -33.45
C ALA C 569 -16.72 -56.46 -33.52
N ALA C 570 -17.91 -55.92 -33.19
CA ALA C 570 -19.13 -56.71 -33.33
C ALA C 570 -19.36 -57.12 -34.79
N GLU C 571 -19.03 -56.23 -35.73
CA GLU C 571 -19.16 -56.58 -37.15
C GLU C 571 -18.25 -57.74 -37.50
N ALA C 572 -16.98 -57.71 -37.04
CA ALA C 572 -16.05 -58.80 -37.31
C ALA C 572 -16.52 -60.11 -36.70
N LEU C 573 -17.10 -60.06 -35.50
CA LEU C 573 -17.57 -61.30 -34.90
C LEU C 573 -18.85 -61.79 -35.56
N SER C 574 -19.73 -60.86 -35.96
CA SER C 574 -20.93 -61.24 -36.70
C SER C 574 -20.58 -61.88 -38.03
N ALA C 575 -19.50 -61.45 -38.68
CA ALA C 575 -19.14 -62.01 -39.96
C ALA C 575 -18.70 -63.47 -39.83
N GLU C 576 -18.22 -63.87 -38.65
CA GLU C 576 -17.92 -65.26 -38.35
C GLU C 576 -19.13 -66.03 -37.85
N GLY C 577 -20.33 -65.47 -37.96
CA GLY C 577 -21.55 -66.15 -37.57
C GLY C 577 -21.94 -66.01 -36.11
N LYS C 578 -21.36 -65.07 -35.37
CA LYS C 578 -21.69 -64.90 -33.97
C LYS C 578 -22.89 -63.98 -33.79
N LYS C 579 -23.65 -64.21 -32.72
CA LYS C 579 -24.81 -63.39 -32.37
C LYS C 579 -24.35 -62.34 -31.36
N VAL C 580 -24.19 -61.09 -31.82
CA VAL C 580 -23.60 -60.03 -30.99
C VAL C 580 -24.57 -58.85 -30.91
N ARG C 581 -24.59 -58.21 -29.74
CA ARG C 581 -25.33 -56.97 -29.52
C ARG C 581 -24.36 -55.88 -29.04
N VAL C 582 -24.54 -54.65 -29.52
CA VAL C 582 -23.77 -53.51 -29.04
C VAL C 582 -24.70 -52.59 -28.29
N VAL C 583 -24.37 -52.32 -27.03
CA VAL C 583 -25.10 -51.36 -26.20
C VAL C 583 -24.25 -50.10 -26.07
N SER C 584 -24.85 -48.95 -26.37
CA SER C 584 -24.21 -47.66 -26.09
C SER C 584 -24.71 -47.17 -24.74
N MET C 585 -23.77 -46.78 -23.85
CA MET C 585 -24.13 -46.36 -22.50
C MET C 585 -23.65 -44.92 -22.27
N PRO C 586 -24.29 -43.93 -22.91
CA PRO C 586 -23.85 -42.54 -22.70
C PRO C 586 -23.90 -42.08 -21.26
N SER C 587 -24.80 -42.63 -20.43
CA SER C 587 -24.83 -42.25 -19.02
C SER C 587 -25.20 -43.44 -18.15
N THR C 588 -24.21 -43.97 -17.44
CA THR C 588 -24.46 -45.02 -16.45
C THR C 588 -25.43 -44.55 -15.39
N ASN C 589 -25.31 -43.31 -14.92
CA ASN C 589 -26.18 -42.83 -13.87
C ASN C 589 -27.64 -42.84 -14.31
N ARG C 590 -27.90 -42.31 -15.50
CA ARG C 590 -29.28 -42.28 -16.01
C ARG C 590 -29.81 -43.70 -16.21
N PHE C 591 -28.96 -44.60 -16.73
CA PHE C 591 -29.40 -45.97 -17.00
C PHE C 591 -29.78 -46.70 -15.73
N ASP C 592 -29.01 -46.50 -14.65
CA ASP C 592 -29.26 -47.15 -13.39
C ASP C 592 -30.62 -46.77 -12.81
N LYS C 593 -31.16 -45.61 -13.20
CA LYS C 593 -32.45 -45.19 -12.71
C LYS C 593 -33.61 -45.74 -13.52
N GLN C 594 -33.35 -46.35 -14.67
CA GLN C 594 -34.45 -46.90 -15.46
C GLN C 594 -35.06 -48.09 -14.73
N ASP C 595 -36.35 -48.33 -14.99
CA ASP C 595 -37.02 -49.46 -14.36
C ASP C 595 -36.39 -50.78 -14.80
N ALA C 596 -36.63 -51.82 -14.01
CA ALA C 596 -35.94 -53.09 -14.20
C ALA C 596 -36.27 -53.74 -15.55
N ALA C 597 -37.49 -53.54 -16.05
CA ALA C 597 -37.85 -54.14 -17.33
C ALA C 597 -37.05 -53.51 -18.47
N TYR C 598 -36.89 -52.19 -18.45
CA TYR C 598 -36.04 -51.57 -19.47
C TYR C 598 -34.60 -52.06 -19.35
N ARG C 599 -34.06 -52.08 -18.12
CA ARG C 599 -32.66 -52.50 -17.97
C ARG C 599 -32.47 -53.93 -18.44
N GLU C 600 -33.41 -54.82 -18.11
CA GLU C 600 -33.32 -56.21 -18.56
C GLU C 600 -33.40 -56.31 -20.09
N SER C 601 -34.14 -55.43 -20.74
CA SER C 601 -34.20 -55.45 -22.20
C SER C 601 -32.89 -55.01 -22.86
N VAL C 602 -32.07 -54.23 -22.17
CA VAL C 602 -30.78 -53.78 -22.71
C VAL C 602 -29.67 -54.77 -22.38
N LEU C 603 -29.59 -55.18 -21.10
CA LEU C 603 -28.60 -56.12 -20.62
C LEU C 603 -29.34 -57.32 -20.01
N PRO C 604 -29.77 -58.28 -20.83
CA PRO C 604 -30.53 -59.41 -20.27
C PRO C 604 -29.68 -60.20 -19.29
N ALA C 605 -30.26 -60.48 -18.12
CA ALA C 605 -29.51 -61.12 -17.05
C ALA C 605 -28.98 -62.50 -17.47
N ALA C 606 -29.69 -63.19 -18.37
CA ALA C 606 -29.24 -64.50 -18.82
C ALA C 606 -27.95 -64.44 -19.66
N VAL C 607 -27.61 -63.30 -20.25
CA VAL C 607 -26.42 -63.21 -21.09
C VAL C 607 -25.28 -62.65 -20.24
N THR C 608 -24.35 -63.51 -19.84
CA THR C 608 -23.26 -63.13 -18.95
C THR C 608 -21.94 -62.89 -19.67
N LYS C 609 -21.86 -63.20 -20.95
CA LYS C 609 -20.67 -62.91 -21.74
C LYS C 609 -20.77 -61.46 -22.21
N ARG C 610 -20.05 -60.57 -21.53
CA ARG C 610 -20.14 -59.13 -21.73
C ARG C 610 -18.76 -58.53 -21.77
N VAL C 611 -18.54 -57.58 -22.67
CA VAL C 611 -17.26 -56.91 -22.83
C VAL C 611 -17.51 -55.40 -22.83
N ALA C 612 -16.96 -54.70 -21.83
CA ALA C 612 -17.07 -53.25 -21.76
C ALA C 612 -15.82 -52.64 -22.38
N ILE C 613 -16.02 -51.57 -23.17
CA ILE C 613 -14.92 -50.87 -23.81
C ILE C 613 -15.00 -49.38 -23.47
N GLU C 614 -13.95 -48.84 -22.84
CA GLU C 614 -13.90 -47.43 -22.48
C GLU C 614 -12.45 -47.05 -22.18
N ALA C 615 -12.01 -45.92 -22.73
CA ALA C 615 -10.66 -45.41 -22.49
C ALA C 615 -10.54 -44.75 -21.12
N GLY C 616 -10.82 -45.54 -20.09
CA GLY C 616 -10.88 -45.09 -18.71
C GLY C 616 -10.57 -46.25 -17.79
N ILE C 617 -10.56 -45.97 -16.49
CA ILE C 617 -10.16 -46.99 -15.51
C ILE C 617 -11.11 -48.17 -15.64
N ALA C 618 -10.53 -49.38 -15.70
CA ALA C 618 -11.31 -50.55 -16.07
C ALA C 618 -12.22 -51.03 -14.96
N ASP C 619 -11.80 -50.85 -13.69
CA ASP C 619 -12.45 -51.47 -12.54
C ASP C 619 -13.90 -51.01 -12.36
N PHE C 620 -14.26 -49.87 -12.93
CA PHE C 620 -15.65 -49.42 -12.82
C PHE C 620 -16.62 -50.41 -13.46
N TRP C 621 -16.21 -51.09 -14.52
CA TRP C 621 -17.15 -51.79 -15.39
C TRP C 621 -17.57 -53.16 -14.89
N TYR C 622 -17.02 -53.63 -13.77
CA TYR C 622 -17.43 -54.93 -13.24
C TYR C 622 -18.87 -54.91 -12.76
N LYS C 623 -19.40 -53.73 -12.43
CA LYS C 623 -20.81 -53.62 -12.11
C LYS C 623 -21.69 -54.11 -13.28
N TYR C 624 -21.24 -53.95 -14.52
CA TYR C 624 -22.03 -54.33 -15.69
C TYR C 624 -21.55 -55.57 -16.42
N VAL C 625 -20.32 -56.02 -16.21
CA VAL C 625 -19.84 -57.22 -16.92
C VAL C 625 -19.59 -58.41 -16.00
N GLY C 626 -19.57 -58.23 -14.68
CA GLY C 626 -19.44 -59.37 -13.76
C GLY C 626 -18.15 -60.18 -13.93
N PHE C 627 -18.15 -61.35 -13.29
CA PHE C 627 -16.98 -62.22 -13.27
C PHE C 627 -16.73 -62.87 -14.63
N ASN C 628 -17.76 -63.10 -15.42
CA ASN C 628 -17.61 -63.83 -16.68
C ASN C 628 -17.35 -62.92 -17.88
N GLY C 629 -17.19 -61.61 -17.66
CA GLY C 629 -16.96 -60.66 -18.71
C GLY C 629 -15.55 -60.11 -18.70
N ARG C 630 -15.27 -59.24 -19.68
CA ARG C 630 -13.98 -58.55 -19.78
C ARG C 630 -14.22 -57.05 -19.88
N VAL C 631 -13.19 -56.29 -19.47
CA VAL C 631 -13.15 -54.85 -19.65
C VAL C 631 -11.94 -54.52 -20.52
N ILE C 632 -12.16 -53.78 -21.60
CA ILE C 632 -11.09 -53.22 -22.41
C ILE C 632 -10.95 -51.77 -21.95
N GLY C 633 -10.13 -51.54 -20.94
CA GLY C 633 -10.03 -50.25 -20.29
C GLY C 633 -8.59 -49.87 -20.03
N MET C 634 -8.36 -48.97 -19.08
CA MET C 634 -7.01 -48.58 -18.67
C MET C 634 -6.74 -49.07 -17.25
N ASN C 635 -5.46 -49.28 -16.95
CA ASN C 635 -5.06 -49.56 -15.57
C ASN C 635 -3.75 -48.87 -15.22
N SER C 636 -3.48 -47.73 -15.84
CA SER C 636 -2.25 -46.99 -15.62
C SER C 636 -2.47 -45.55 -16.03
N PHE C 637 -1.53 -44.69 -15.66
CA PHE C 637 -1.49 -43.36 -16.23
C PHE C 637 -1.19 -43.42 -17.73
N GLY C 638 -1.43 -42.31 -18.41
CA GLY C 638 -1.16 -42.24 -19.83
C GLY C 638 0.31 -42.02 -20.15
N GLU C 639 0.56 -41.58 -21.38
CA GLU C 639 1.90 -41.26 -21.84
C GLU C 639 1.80 -40.10 -22.82
N SER C 640 2.88 -39.34 -22.94
CA SER C 640 2.91 -38.23 -23.87
C SER C 640 3.26 -38.74 -25.27
N ALA C 641 2.29 -38.74 -26.18
CA ALA C 641 2.50 -39.19 -27.55
C ALA C 641 1.24 -38.87 -28.37
N PRO C 642 1.34 -38.86 -29.70
CA PRO C 642 0.13 -38.67 -30.52
C PRO C 642 -0.97 -39.66 -30.13
N ALA C 643 -2.23 -39.23 -30.26
CA ALA C 643 -3.37 -40.00 -29.79
C ALA C 643 -3.44 -41.39 -30.45
N ASP C 644 -3.21 -41.48 -31.77
CA ASP C 644 -3.42 -42.78 -32.41
C ASP C 644 -2.39 -43.81 -31.93
N GLN C 645 -1.17 -43.37 -31.63
CA GLN C 645 -0.21 -44.30 -31.04
C GLN C 645 -0.63 -44.73 -29.64
N LEU C 646 -1.27 -43.84 -28.88
CA LEU C 646 -1.67 -44.19 -27.53
C LEU C 646 -2.82 -45.21 -27.56
N PHE C 647 -3.82 -44.99 -28.42
CA PHE C 647 -4.93 -45.93 -28.49
C PHE C 647 -4.44 -47.33 -28.86
N LYS C 648 -3.46 -47.42 -29.76
CA LYS C 648 -2.89 -48.72 -30.13
C LYS C 648 -2.10 -49.30 -28.97
N LEU C 649 -1.25 -48.49 -28.34
CA LEU C 649 -0.46 -48.97 -27.22
C LEU C 649 -1.33 -49.55 -26.11
N PHE C 650 -2.46 -48.92 -25.81
CA PHE C 650 -3.26 -49.34 -24.67
C PHE C 650 -4.35 -50.34 -25.05
N GLY C 651 -4.28 -50.91 -26.26
CA GLY C 651 -5.16 -52.01 -26.65
C GLY C 651 -6.51 -51.63 -27.21
N PHE C 652 -6.73 -50.38 -27.61
CA PHE C 652 -8.04 -50.02 -28.18
C PHE C 652 -7.98 -50.20 -29.69
N THR C 653 -7.93 -51.47 -30.08
CA THR C 653 -7.86 -51.87 -31.47
C THR C 653 -8.87 -52.98 -31.72
N VAL C 654 -9.35 -53.07 -32.97
CA VAL C 654 -10.32 -54.11 -33.31
C VAL C 654 -9.74 -55.50 -33.01
N GLU C 655 -8.48 -55.72 -33.42
CA GLU C 655 -7.82 -57.00 -33.17
C GLU C 655 -7.85 -57.36 -31.69
N ASN C 656 -7.47 -56.42 -30.83
CA ASN C 656 -7.43 -56.72 -29.40
C ASN C 656 -8.82 -56.98 -28.85
N VAL C 657 -9.79 -56.14 -29.22
CA VAL C 657 -11.15 -56.32 -28.73
C VAL C 657 -11.69 -57.69 -29.16
N VAL C 658 -11.57 -58.00 -30.45
CA VAL C 658 -12.05 -59.29 -30.95
C VAL C 658 -11.35 -60.44 -30.23
N ALA C 659 -10.05 -60.33 -30.00
CA ALA C 659 -9.33 -61.41 -29.32
C ALA C 659 -9.84 -61.60 -27.90
N LYS C 660 -10.12 -60.49 -27.20
CA LYS C 660 -10.64 -60.58 -25.83
C LYS C 660 -12.05 -61.16 -25.81
N ALA C 661 -12.88 -60.82 -26.79
CA ALA C 661 -14.22 -61.41 -26.85
C ALA C 661 -14.14 -62.91 -27.12
N LYS C 662 -13.31 -63.32 -28.07
CA LYS C 662 -13.19 -64.76 -28.37
C LYS C 662 -12.73 -65.54 -27.16
N GLU C 663 -11.99 -64.89 -26.25
CA GLU C 663 -11.53 -65.56 -25.05
C GLU C 663 -12.69 -66.08 -24.22
N ILE C 664 -13.68 -65.22 -23.96
CA ILE C 664 -14.81 -65.67 -23.15
C ILE C 664 -15.85 -66.43 -23.98
N LEU C 665 -15.86 -66.24 -25.30
CA LEU C 665 -16.79 -66.99 -26.14
C LEU C 665 -16.40 -68.45 -26.25
N GLU C 666 -15.11 -68.73 -26.37
CA GLU C 666 -14.65 -70.11 -26.58
C GLU C 666 -14.46 -70.86 -25.27
N ASN C 667 -14.13 -70.15 -24.19
CA ASN C 667 -14.06 -70.75 -22.87
C ASN C 667 -14.56 -69.78 -21.81
N ALA D 2 29.55 -14.87 -27.60
CA ALA D 2 28.18 -14.46 -27.86
C ALA D 2 27.65 -13.51 -26.77
N THR D 3 26.73 -12.64 -27.15
CA THR D 3 26.05 -11.80 -26.19
C THR D 3 25.08 -12.65 -25.34
N ARG D 4 24.65 -12.08 -24.22
CA ARG D 4 23.62 -12.74 -23.42
C ARG D 4 22.34 -12.94 -24.21
N ARG D 5 21.99 -11.99 -25.08
CA ARG D 5 20.76 -12.13 -25.86
C ARG D 5 20.91 -13.26 -26.89
N GLN D 6 22.09 -13.40 -27.47
CA GLN D 6 22.30 -14.48 -28.43
C GLN D 6 22.25 -15.83 -27.73
N LEU D 7 22.86 -15.93 -26.54
CA LEU D 7 22.78 -17.17 -25.77
C LEU D 7 21.33 -17.49 -25.42
N ALA D 8 20.56 -16.48 -24.99
CA ALA D 8 19.14 -16.70 -24.71
C ALA D 8 18.41 -17.18 -25.96
N ASN D 9 18.77 -16.65 -27.13
CA ASN D 9 18.06 -16.99 -28.36
C ASN D 9 18.27 -18.45 -28.76
N ALA D 10 19.36 -19.09 -28.32
CA ALA D 10 19.49 -20.54 -28.46
C ALA D 10 18.30 -21.27 -27.84
N ILE D 11 17.82 -20.80 -26.69
CA ILE D 11 16.62 -21.39 -26.10
C ILE D 11 15.42 -21.16 -27.00
N ARG D 12 15.27 -19.93 -27.50
CA ARG D 12 14.09 -19.60 -28.31
C ARG D 12 14.01 -20.47 -29.55
N VAL D 13 15.13 -20.66 -30.23
CA VAL D 13 15.09 -21.42 -31.48
C VAL D 13 14.90 -22.91 -31.20
N LEU D 14 15.62 -23.46 -30.21
CA LEU D 14 15.40 -24.86 -29.87
C LEU D 14 13.93 -25.12 -29.52
N ALA D 15 13.31 -24.19 -28.77
CA ALA D 15 11.90 -24.34 -28.42
C ALA D 15 11.01 -24.34 -29.66
N MET D 16 11.18 -23.34 -30.54
CA MET D 16 10.23 -23.28 -31.66
C MET D 16 10.50 -24.39 -32.66
N ASP D 17 11.77 -24.76 -32.84
CA ASP D 17 12.06 -25.88 -33.74
C ASP D 17 11.53 -27.21 -33.19
N SER D 18 11.67 -27.43 -31.88
CA SER D 18 11.23 -28.71 -31.31
C SER D 18 9.72 -28.81 -31.33
N VAL D 19 9.02 -27.72 -31.02
CA VAL D 19 7.56 -27.69 -31.12
C VAL D 19 7.13 -27.90 -32.57
N GLN D 20 7.80 -27.25 -33.52
CA GLN D 20 7.40 -27.38 -34.91
C GLN D 20 7.58 -28.82 -35.39
N LYS D 21 8.68 -29.46 -35.00
CA LYS D 21 8.89 -30.84 -35.42
C LYS D 21 7.84 -31.77 -34.82
N ALA D 22 7.48 -31.56 -33.55
CA ALA D 22 6.42 -32.35 -32.94
C ALA D 22 5.04 -31.99 -33.48
N LYS D 23 4.91 -30.83 -34.15
CA LYS D 23 3.60 -30.30 -34.57
C LYS D 23 2.67 -30.13 -33.37
N SER D 24 3.25 -29.84 -32.21
CA SER D 24 2.52 -29.85 -30.95
C SER D 24 3.39 -29.19 -29.90
N GLY D 25 2.78 -28.36 -29.07
CA GLY D 25 3.48 -27.83 -27.91
C GLY D 25 3.31 -26.33 -27.83
N HIS D 26 4.05 -25.73 -26.89
CA HIS D 26 3.85 -24.34 -26.48
C HIS D 26 5.12 -23.53 -26.67
N PRO D 27 5.22 -22.73 -27.73
CA PRO D 27 6.45 -21.93 -27.93
C PRO D 27 6.45 -20.62 -27.16
N GLY D 28 5.29 -20.08 -26.80
CA GLY D 28 5.18 -18.74 -26.26
C GLY D 28 5.96 -18.46 -24.99
N ALA D 29 5.64 -19.17 -23.90
CA ALA D 29 6.35 -18.93 -22.64
C ALA D 29 7.85 -19.21 -22.74
N PRO D 30 8.32 -20.27 -23.40
CA PRO D 30 9.78 -20.44 -23.50
C PRO D 30 10.45 -19.27 -24.18
N MET D 31 9.82 -18.72 -25.21
CA MET D 31 10.37 -17.55 -25.90
C MET D 31 10.29 -16.30 -25.02
N GLY D 32 9.24 -16.20 -24.20
CA GLY D 32 9.10 -15.03 -23.34
C GLY D 32 10.08 -15.02 -22.17
N MET D 33 10.53 -16.19 -21.70
CA MET D 33 11.36 -16.26 -20.50
C MET D 33 12.82 -16.57 -20.79
N ALA D 34 13.25 -16.59 -22.05
CA ALA D 34 14.59 -17.07 -22.36
C ALA D 34 15.67 -16.17 -21.75
N ASP D 35 15.47 -14.86 -21.78
CA ASP D 35 16.48 -13.94 -21.20
C ASP D 35 16.54 -14.10 -19.69
N ILE D 36 15.39 -14.25 -19.02
CA ILE D 36 15.41 -14.54 -17.59
C ILE D 36 16.18 -15.83 -17.31
N ALA D 37 15.91 -16.87 -18.09
CA ALA D 37 16.54 -18.17 -17.87
C ALA D 37 18.05 -18.09 -18.08
N GLU D 38 18.49 -17.36 -19.12
CA GLU D 38 19.91 -17.20 -19.36
C GLU D 38 20.61 -16.59 -18.15
N VAL D 39 20.02 -15.54 -17.56
CA VAL D 39 20.66 -14.91 -16.40
C VAL D 39 20.66 -15.86 -15.21
N LEU D 40 19.49 -16.43 -14.87
CA LEU D 40 19.39 -17.25 -13.66
C LEU D 40 20.35 -18.44 -13.73
N TRP D 41 20.31 -19.17 -14.85
CA TRP D 41 21.06 -20.41 -14.94
C TRP D 41 22.57 -20.15 -15.06
N ARG D 42 22.96 -19.16 -15.88
CA ARG D 42 24.40 -19.00 -16.11
C ARG D 42 25.07 -18.22 -14.98
N ASP D 43 24.39 -17.23 -14.41
CA ASP D 43 25.01 -16.41 -13.36
C ASP D 43 24.77 -16.92 -11.94
N PHE D 44 23.64 -17.56 -11.63
CA PHE D 44 23.33 -17.81 -10.22
C PHE D 44 23.15 -19.28 -9.86
N LEU D 45 22.50 -20.07 -10.70
CA LEU D 45 22.12 -21.43 -10.30
C LEU D 45 23.34 -22.29 -9.98
N LYS D 46 23.32 -22.93 -8.81
CA LYS D 46 24.37 -23.81 -8.35
C LYS D 46 23.89 -25.25 -8.56
N HIS D 47 24.47 -25.93 -9.55
CA HIS D 47 24.03 -27.25 -9.95
C HIS D 47 25.16 -27.92 -10.71
N ASN D 48 25.12 -29.24 -10.79
CA ASN D 48 26.13 -30.01 -11.51
C ASN D 48 25.43 -30.87 -12.53
N PRO D 49 25.57 -30.56 -13.82
CA PRO D 49 24.92 -31.38 -14.85
C PRO D 49 25.30 -32.85 -14.79
N THR D 50 26.51 -33.17 -14.34
CA THR D 50 26.91 -34.57 -14.33
C THR D 50 26.40 -35.31 -13.09
N ASN D 51 25.87 -34.62 -12.10
CA ASN D 51 25.18 -35.29 -10.99
C ASN D 51 23.93 -34.50 -10.63
N PRO D 52 22.82 -34.74 -11.33
CA PRO D 52 21.56 -34.07 -10.98
C PRO D 52 21.02 -34.46 -9.62
N LYS D 53 21.61 -35.46 -8.95
CA LYS D 53 21.14 -35.85 -7.63
C LYS D 53 22.02 -35.32 -6.51
N TRP D 54 22.94 -34.40 -6.83
CA TRP D 54 23.77 -33.77 -5.79
C TRP D 54 22.89 -33.18 -4.70
N ALA D 55 23.14 -33.60 -3.45
CA ALA D 55 22.21 -33.30 -2.36
C ALA D 55 22.07 -31.80 -2.12
N ASP D 56 23.11 -31.00 -2.35
CA ASP D 56 23.04 -29.60 -1.97
C ASP D 56 22.87 -28.68 -3.17
N ARG D 57 22.44 -29.23 -4.32
CA ARG D 57 22.17 -28.42 -5.50
C ARG D 57 21.03 -27.46 -5.24
N ASP D 58 21.07 -26.32 -5.92
CA ASP D 58 19.87 -25.50 -6.01
C ASP D 58 18.77 -26.27 -6.74
N ARG D 59 17.52 -25.93 -6.41
CA ARG D 59 16.35 -26.56 -7.02
C ARG D 59 15.65 -25.55 -7.92
N PHE D 60 15.47 -25.91 -9.19
CA PHE D 60 14.72 -25.11 -10.15
C PHE D 60 13.42 -25.83 -10.50
N VAL D 61 12.31 -25.07 -10.48
CA VAL D 61 10.99 -25.60 -10.79
C VAL D 61 10.32 -24.73 -11.85
N LEU D 62 9.87 -25.34 -12.93
CA LEU D 62 9.12 -24.64 -13.96
C LEU D 62 7.65 -24.87 -13.63
N SER D 63 7.04 -23.93 -12.91
CA SER D 63 5.64 -24.09 -12.53
C SER D 63 4.71 -23.88 -13.71
N ASN D 64 5.05 -23.03 -14.67
CA ASN D 64 4.26 -22.95 -15.89
C ASN D 64 4.77 -24.02 -16.85
N GLY D 65 4.42 -25.27 -16.52
CA GLY D 65 5.04 -26.43 -17.12
C GLY D 65 4.69 -26.66 -18.57
N HIS D 66 3.69 -25.94 -19.10
CA HIS D 66 3.45 -26.02 -20.53
C HIS D 66 4.60 -25.47 -21.32
N GLY D 67 5.42 -24.60 -20.73
CA GLY D 67 6.62 -24.15 -21.40
C GLY D 67 7.77 -25.13 -21.26
N SER D 68 7.47 -26.42 -21.48
CA SER D 68 8.45 -27.47 -21.21
C SER D 68 9.73 -27.33 -22.03
N MET D 69 9.64 -26.81 -23.27
CA MET D 69 10.88 -26.68 -24.04
C MET D 69 11.86 -25.70 -23.41
N LEU D 70 11.41 -24.82 -22.51
CA LEU D 70 12.35 -23.98 -21.78
C LEU D 70 13.29 -24.84 -20.94
N ILE D 71 12.73 -25.75 -20.13
CA ILE D 71 13.61 -26.53 -19.25
C ILE D 71 14.38 -27.59 -20.04
N TYR D 72 13.77 -28.19 -21.06
CA TYR D 72 14.55 -29.12 -21.89
C TYR D 72 15.71 -28.41 -22.57
N SER D 73 15.47 -27.19 -23.09
CA SER D 73 16.55 -26.41 -23.70
C SER D 73 17.64 -26.10 -22.71
N LEU D 74 17.26 -25.70 -21.50
CA LEU D 74 18.25 -25.37 -20.47
C LEU D 74 19.08 -26.59 -20.09
N LEU D 75 18.43 -27.73 -19.86
CA LEU D 75 19.16 -28.96 -19.51
C LEU D 75 20.10 -29.36 -20.64
N HIS D 76 19.63 -29.27 -21.88
CA HIS D 76 20.51 -29.65 -22.99
C HIS D 76 21.70 -28.70 -23.10
N LEU D 77 21.45 -27.39 -22.99
CA LEU D 77 22.51 -26.41 -23.25
C LEU D 77 23.57 -26.40 -22.16
N THR D 78 23.18 -26.58 -20.89
CA THR D 78 24.17 -26.51 -19.83
C THR D 78 24.91 -27.83 -19.65
N GLY D 79 24.51 -28.88 -20.37
CA GLY D 79 25.27 -30.09 -20.44
C GLY D 79 24.74 -31.29 -19.68
N TYR D 80 23.46 -31.30 -19.30
CA TYR D 80 22.87 -32.50 -18.73
C TYR D 80 22.82 -33.60 -19.80
N ASP D 81 22.53 -34.82 -19.34
CA ASP D 81 22.42 -35.98 -20.24
C ASP D 81 21.11 -35.94 -21.01
N LEU D 82 20.92 -34.87 -21.78
CA LEU D 82 19.73 -34.67 -22.59
C LEU D 82 20.20 -34.11 -23.93
N SER D 83 20.03 -34.89 -24.99
CA SER D 83 20.72 -34.65 -26.25
C SER D 83 19.81 -33.96 -27.27
N ILE D 84 20.43 -33.53 -28.38
CA ILE D 84 19.69 -32.98 -29.51
C ILE D 84 18.63 -33.98 -29.99
N GLU D 85 19.01 -35.27 -30.06
CA GLU D 85 18.06 -36.30 -30.46
C GLU D 85 16.87 -36.35 -29.52
N ASP D 86 17.10 -36.09 -28.23
CA ASP D 86 16.01 -36.07 -27.27
C ASP D 86 15.03 -34.93 -27.55
N LEU D 87 15.54 -33.74 -27.85
CA LEU D 87 14.67 -32.63 -28.22
C LEU D 87 13.93 -32.90 -29.52
N LYS D 88 14.56 -33.64 -30.44
CA LYS D 88 13.90 -34.03 -31.68
C LYS D 88 12.81 -35.08 -31.44
N GLN D 89 12.76 -35.67 -30.24
CA GLN D 89 11.67 -36.57 -29.87
C GLN D 89 10.69 -35.92 -28.91
N PHE D 90 10.68 -34.59 -28.83
CA PHE D 90 9.68 -33.87 -28.04
C PHE D 90 8.30 -34.41 -28.32
N ARG D 91 7.57 -34.80 -27.26
CA ARG D 91 6.18 -35.23 -27.31
C ARG D 91 5.98 -36.56 -28.06
N GLN D 92 7.04 -37.35 -28.19
CA GLN D 92 6.94 -38.65 -28.86
C GLN D 92 7.01 -39.77 -27.83
N LEU D 93 6.34 -40.87 -28.17
CA LEU D 93 6.17 -41.99 -27.26
C LEU D 93 7.49 -42.44 -26.65
N HIS D 94 7.52 -42.50 -25.32
CA HIS D 94 8.63 -42.99 -24.51
C HIS D 94 9.86 -42.08 -24.52
N SER D 95 9.75 -40.84 -24.99
CA SER D 95 10.92 -39.99 -25.05
C SER D 95 11.26 -39.44 -23.68
N LYS D 96 12.46 -38.85 -23.57
CA LYS D 96 12.82 -38.15 -22.34
C LYS D 96 12.21 -36.76 -22.27
N THR D 97 11.44 -36.37 -23.29
CA THR D 97 10.92 -35.01 -23.42
C THR D 97 9.41 -35.01 -23.63
N PRO D 98 8.64 -35.46 -22.64
CA PRO D 98 7.17 -35.41 -22.76
C PRO D 98 6.66 -33.97 -22.81
N GLY D 99 5.41 -33.83 -23.24
CA GLY D 99 4.83 -32.51 -23.47
C GLY D 99 4.86 -31.61 -22.25
N HIS D 100 4.68 -32.19 -21.07
CA HIS D 100 4.98 -31.48 -19.84
C HIS D 100 6.12 -32.20 -19.11
N PRO D 101 7.00 -31.48 -18.43
CA PRO D 101 8.18 -32.12 -17.86
C PRO D 101 7.77 -33.12 -16.78
N GLU D 102 8.41 -34.28 -16.79
CA GLU D 102 8.10 -35.33 -15.83
C GLU D 102 9.33 -35.69 -15.02
N TYR D 103 9.16 -35.68 -13.70
CA TYR D 103 10.19 -36.15 -12.79
C TYR D 103 10.60 -37.57 -13.14
N GLY D 104 11.91 -37.81 -13.20
CA GLY D 104 12.43 -39.12 -13.57
C GLY D 104 12.54 -39.39 -15.06
N TYR D 105 11.91 -38.59 -15.92
CA TYR D 105 12.00 -38.83 -17.36
C TYR D 105 13.22 -38.20 -17.98
N ALA D 106 13.73 -37.12 -17.39
CA ALA D 106 14.87 -36.39 -17.90
C ALA D 106 15.68 -35.96 -16.69
N PRO D 107 17.02 -36.03 -16.76
CA PRO D 107 17.82 -35.60 -15.63
C PRO D 107 17.69 -34.10 -15.43
N GLY D 108 17.53 -33.69 -14.17
CA GLY D 108 17.44 -32.30 -13.81
C GLY D 108 16.03 -31.76 -13.71
N VAL D 109 15.03 -32.54 -14.08
CA VAL D 109 13.63 -32.16 -13.89
C VAL D 109 13.27 -32.54 -12.45
N GLU D 110 12.98 -31.53 -11.62
CA GLU D 110 12.86 -31.74 -10.18
C GLU D 110 11.46 -32.14 -9.74
N THR D 111 10.45 -31.90 -10.56
CA THR D 111 9.08 -32.25 -10.23
C THR D 111 8.31 -32.30 -11.54
N THR D 112 7.16 -32.94 -11.51
CA THR D 112 6.30 -32.99 -12.68
C THR D 112 5.33 -31.82 -12.62
N THR D 113 5.29 -31.01 -13.68
CA THR D 113 4.36 -29.89 -13.72
C THR D 113 3.46 -30.00 -14.95
N GLY D 114 2.58 -29.02 -15.10
CA GLY D 114 1.48 -29.14 -16.04
C GLY D 114 0.21 -28.60 -15.44
N PRO D 115 -0.27 -29.24 -14.36
CA PRO D 115 -1.42 -28.68 -13.64
C PRO D 115 -0.97 -27.41 -12.91
N LEU D 116 -1.55 -26.27 -13.32
CA LEU D 116 -1.06 -24.98 -12.86
C LEU D 116 -1.18 -24.86 -11.35
N GLY D 117 -0.26 -24.08 -10.76
CA GLY D 117 -0.23 -23.84 -9.35
C GLY D 117 0.55 -24.85 -8.54
N GLN D 118 0.62 -26.10 -8.98
CA GLN D 118 1.28 -27.11 -8.15
C GLN D 118 2.80 -27.02 -8.20
N GLY D 119 3.37 -26.54 -9.30
CA GLY D 119 4.82 -26.29 -9.32
C GLY D 119 5.30 -25.36 -8.20
N ILE D 120 4.71 -24.16 -8.11
CA ILE D 120 5.14 -23.21 -7.06
C ILE D 120 4.88 -23.81 -5.69
N THR D 121 3.81 -24.59 -5.56
CA THR D 121 3.52 -25.23 -4.28
C THR D 121 4.52 -26.33 -3.96
N ASN D 122 4.92 -27.14 -4.95
CA ASN D 122 6.01 -28.08 -4.71
C ASN D 122 7.28 -27.33 -4.29
N ALA D 123 7.52 -26.18 -4.91
CA ALA D 123 8.73 -25.42 -4.62
C ALA D 123 8.73 -24.90 -3.19
N VAL D 124 7.58 -24.42 -2.69
CA VAL D 124 7.49 -24.06 -1.28
C VAL D 124 7.87 -25.24 -0.41
N GLY D 125 7.37 -26.44 -0.75
CA GLY D 125 7.75 -27.64 -0.01
C GLY D 125 9.25 -27.91 -0.04
N MET D 126 9.86 -27.80 -1.22
CA MET D 126 11.32 -27.98 -1.28
C MET D 126 12.06 -26.93 -0.44
N ALA D 127 11.53 -25.70 -0.39
CA ALA D 127 12.19 -24.68 0.42
C ALA D 127 12.00 -24.95 1.90
N ILE D 128 10.81 -25.42 2.29
CA ILE D 128 10.59 -25.86 3.67
C ILE D 128 11.54 -27.00 4.04
N ALA D 129 11.70 -27.97 3.14
CA ALA D 129 12.59 -29.09 3.40
C ALA D 129 14.03 -28.63 3.58
N GLU D 130 14.51 -27.77 2.67
CA GLU D 130 15.87 -27.25 2.80
C GLU D 130 16.07 -26.56 4.15
N LYS D 131 15.17 -25.63 4.48
CA LYS D 131 15.33 -24.85 5.71
C LYS D 131 15.26 -25.74 6.96
N THR D 132 14.35 -26.72 6.96
CA THR D 132 14.23 -27.65 8.09
C THR D 132 15.42 -28.60 8.15
N LEU D 133 15.87 -29.11 7.01
CA LEU D 133 16.99 -30.03 7.03
C LEU D 133 18.26 -29.34 7.50
N ALA D 134 18.45 -28.09 7.09
CA ALA D 134 19.56 -27.29 7.59
C ALA D 134 19.42 -27.05 9.08
N GLY D 135 18.20 -26.76 9.55
CA GLY D 135 17.98 -26.61 10.98
C GLY D 135 18.30 -27.86 11.75
N GLN D 136 18.11 -29.03 11.16
CA GLN D 136 18.39 -30.27 11.85
C GLN D 136 19.86 -30.67 11.78
N PHE D 137 20.55 -30.34 10.68
CA PHE D 137 21.85 -30.94 10.45
C PHE D 137 23.03 -29.98 10.52
N ASN D 138 22.85 -28.70 10.19
CA ASN D 138 23.99 -27.78 10.17
C ASN D 138 24.55 -27.61 11.59
N ARG D 139 25.86 -27.44 11.65
CA ARG D 139 26.55 -27.18 12.92
C ARG D 139 27.51 -26.02 12.72
N GLU D 140 27.97 -25.44 13.83
CA GLU D 140 28.87 -24.30 13.72
C GLU D 140 30.09 -24.68 12.89
N GLY D 141 30.37 -23.88 11.86
CA GLY D 141 31.46 -24.20 10.97
C GLY D 141 31.18 -25.27 9.95
N HIS D 142 29.97 -25.88 9.93
CA HIS D 142 29.65 -26.96 8.99
C HIS D 142 28.24 -26.73 8.44
N GLU D 143 28.11 -25.79 7.49
CA GLU D 143 26.83 -25.52 6.84
C GLU D 143 26.71 -26.44 5.64
N ILE D 144 26.34 -27.71 5.90
CA ILE D 144 26.28 -28.69 4.82
C ILE D 144 24.98 -28.65 4.04
N VAL D 145 23.95 -27.97 4.55
CA VAL D 145 22.70 -27.75 3.83
C VAL D 145 22.60 -26.26 3.55
N ASP D 146 22.66 -25.89 2.27
CA ASP D 146 22.62 -24.49 1.89
C ASP D 146 22.32 -24.34 0.40
N HIS D 147 21.04 -24.35 0.03
CA HIS D 147 20.71 -24.15 -1.37
C HIS D 147 19.40 -23.38 -1.48
N HIS D 148 19.27 -22.68 -2.59
CA HIS D 148 18.09 -21.89 -2.94
C HIS D 148 17.08 -22.74 -3.70
N THR D 149 15.85 -22.24 -3.74
CA THR D 149 14.79 -22.79 -4.57
C THR D 149 14.27 -21.70 -5.49
N TYR D 150 14.41 -21.89 -6.80
CA TYR D 150 13.99 -20.92 -7.81
C TYR D 150 12.80 -21.46 -8.59
N VAL D 151 11.81 -20.59 -8.85
CA VAL D 151 10.60 -20.98 -9.55
C VAL D 151 10.30 -20.00 -10.68
N PHE D 152 9.90 -20.54 -11.82
CA PHE D 152 9.25 -19.75 -12.86
C PHE D 152 7.75 -20.02 -12.77
N LEU D 153 6.94 -18.98 -12.83
CA LEU D 153 5.50 -19.17 -12.84
C LEU D 153 4.86 -18.10 -13.70
N GLY D 154 3.63 -18.37 -14.15
CA GLY D 154 2.91 -17.40 -14.95
C GLY D 154 1.56 -16.97 -14.39
N ASP D 155 0.73 -16.41 -15.27
CA ASP D 155 -0.55 -15.86 -14.85
C ASP D 155 -1.48 -16.95 -14.32
N GLY D 156 -1.52 -18.10 -15.01
CA GLY D 156 -2.37 -19.18 -14.57
C GLY D 156 -2.03 -19.67 -13.18
N CYS D 157 -0.73 -19.79 -12.86
CA CYS D 157 -0.36 -20.24 -11.53
C CYS D 157 -0.86 -19.26 -10.48
N LEU D 158 -0.80 -17.96 -10.77
CA LEU D 158 -1.19 -16.97 -9.78
C LEU D 158 -2.70 -16.80 -9.66
N MET D 159 -3.47 -17.17 -10.70
CA MET D 159 -4.93 -17.17 -10.55
C MET D 159 -5.41 -18.35 -9.73
N GLU D 160 -4.72 -19.49 -9.81
CA GLU D 160 -5.17 -20.68 -9.11
C GLU D 160 -5.14 -20.45 -7.60
N GLY D 161 -6.18 -20.93 -6.91
CA GLY D 161 -6.24 -20.78 -5.46
C GLY D 161 -5.07 -21.40 -4.74
N ILE D 162 -4.52 -22.50 -5.25
CA ILE D 162 -3.43 -23.16 -4.54
C ILE D 162 -2.23 -22.24 -4.38
N SER D 163 -2.04 -21.30 -5.31
CA SER D 163 -0.95 -20.34 -5.14
C SER D 163 -1.16 -19.45 -3.91
N HIS D 164 -2.42 -19.22 -3.54
CA HIS D 164 -2.67 -18.43 -2.34
C HIS D 164 -2.34 -19.22 -1.08
N GLU D 165 -2.70 -20.52 -1.05
CA GLU D 165 -2.32 -21.36 0.08
C GLU D 165 -0.81 -21.47 0.20
N ALA D 166 -0.12 -21.79 -0.90
CA ALA D 166 1.33 -21.99 -0.86
C ALA D 166 2.06 -20.71 -0.47
N CYS D 167 1.75 -19.60 -1.11
CA CYS D 167 2.56 -18.41 -0.90
C CYS D 167 2.19 -17.69 0.39
N SER D 168 0.95 -17.84 0.88
CA SER D 168 0.61 -17.31 2.19
C SER D 168 1.45 -18.00 3.27
N LEU D 169 1.60 -19.32 3.15
CA LEU D 169 2.34 -20.08 4.15
C LEU D 169 3.85 -19.85 3.99
N ALA D 170 4.32 -19.73 2.74
CA ALA D 170 5.74 -19.45 2.52
C ALA D 170 6.15 -18.15 3.19
N GLY D 171 5.28 -17.13 3.16
CA GLY D 171 5.59 -15.89 3.85
C GLY D 171 5.61 -16.05 5.36
N THR D 172 4.64 -16.79 5.89
CA THR D 172 4.56 -17.04 7.33
C THR D 172 5.80 -17.78 7.85
N LEU D 173 6.31 -18.71 7.06
CA LEU D 173 7.48 -19.47 7.49
C LEU D 173 8.80 -18.79 7.15
N GLY D 174 8.76 -17.60 6.55
CA GLY D 174 9.95 -16.84 6.24
C GLY D 174 10.94 -17.58 5.39
N LEU D 175 10.53 -18.00 4.18
CA LEU D 175 11.38 -18.84 3.35
C LEU D 175 12.29 -17.97 2.49
N GLY D 176 13.33 -17.44 3.12
CA GLY D 176 14.24 -16.54 2.44
C GLY D 176 15.02 -17.14 1.29
N LYS D 177 15.10 -18.47 1.19
CA LYS D 177 15.82 -19.06 0.07
C LYS D 177 14.92 -19.30 -1.14
N LEU D 178 13.66 -18.91 -1.08
CA LEU D 178 12.72 -19.11 -2.18
C LEU D 178 12.64 -17.83 -3.00
N ILE D 179 12.90 -17.95 -4.30
CA ILE D 179 12.96 -16.82 -5.22
C ILE D 179 12.18 -17.20 -6.46
N ALA D 180 11.08 -16.49 -6.71
CA ALA D 180 10.19 -16.82 -7.81
C ALA D 180 10.22 -15.72 -8.86
N PHE D 181 10.29 -16.11 -10.13
CA PHE D 181 10.22 -15.18 -11.24
C PHE D 181 8.84 -15.33 -11.88
N TYR D 182 8.07 -14.25 -11.89
CA TYR D 182 6.73 -14.21 -12.46
C TYR D 182 6.80 -13.74 -13.91
N ASP D 183 6.37 -14.59 -14.83
CA ASP D 183 6.30 -14.26 -16.26
C ASP D 183 5.06 -13.40 -16.48
N ASP D 184 5.22 -12.10 -16.25
CA ASP D 184 4.08 -11.16 -16.29
C ASP D 184 3.93 -10.71 -17.74
N ASN D 185 3.22 -11.52 -18.53
CA ASN D 185 3.15 -11.24 -19.96
C ASN D 185 1.75 -10.81 -20.40
N ASN D 186 0.82 -10.63 -19.48
CA ASN D 186 -0.53 -10.12 -19.76
C ASN D 186 -1.34 -11.06 -20.64
N ILE D 187 -0.92 -12.32 -20.78
CA ILE D 187 -1.53 -13.27 -21.70
C ILE D 187 -1.90 -14.55 -20.98
N SER D 188 -3.12 -15.02 -21.20
CA SER D 188 -3.49 -16.40 -20.90
C SER D 188 -4.24 -16.96 -22.10
N ILE D 189 -4.89 -18.10 -21.96
CA ILE D 189 -5.40 -18.77 -23.16
C ILE D 189 -6.57 -17.99 -23.77
N ASP D 190 -7.42 -17.41 -22.92
CA ASP D 190 -8.54 -16.62 -23.44
C ASP D 190 -8.12 -15.29 -24.06
N GLY D 191 -6.86 -14.87 -23.94
CA GLY D 191 -6.38 -13.62 -24.52
C GLY D 191 -5.68 -12.71 -23.53
N HIS D 192 -5.79 -11.40 -23.71
CA HIS D 192 -5.22 -10.46 -22.75
C HIS D 192 -5.97 -10.54 -21.42
N VAL D 193 -5.24 -10.63 -20.30
CA VAL D 193 -5.87 -11.16 -19.08
C VAL D 193 -6.70 -10.15 -18.30
N ASP D 194 -6.67 -8.86 -18.67
CA ASP D 194 -7.28 -7.84 -17.81
C ASP D 194 -8.77 -8.06 -17.60
N GLY D 195 -9.45 -8.76 -18.51
CA GLY D 195 -10.87 -9.00 -18.37
C GLY D 195 -11.23 -10.02 -17.31
N TRP D 196 -10.24 -10.81 -16.83
CA TRP D 196 -10.48 -11.80 -15.79
C TRP D 196 -9.37 -11.88 -14.74
N PHE D 197 -8.33 -11.05 -14.83
CA PHE D 197 -7.22 -11.13 -13.88
C PHE D 197 -6.65 -9.73 -13.75
N SER D 198 -6.97 -9.05 -12.64
CA SER D 198 -6.57 -7.66 -12.46
C SER D 198 -5.98 -7.41 -11.08
N ASP D 199 -5.55 -8.47 -10.38
CA ASP D 199 -4.89 -8.30 -9.08
C ASP D 199 -3.75 -7.31 -9.14
N ASP D 200 -3.65 -6.46 -8.12
CA ASP D 200 -2.36 -5.83 -7.81
C ASP D 200 -1.45 -6.92 -7.24
N THR D 201 -0.75 -7.65 -8.11
CA THR D 201 -0.05 -8.84 -7.65
C THR D 201 1.07 -8.47 -6.69
N ALA D 202 1.74 -7.34 -6.93
CA ALA D 202 2.77 -6.88 -6.00
C ALA D 202 2.22 -6.67 -4.59
N GLU D 203 1.10 -5.95 -4.47
CA GLU D 203 0.54 -5.71 -3.15
C GLU D 203 0.00 -7.00 -2.54
N ARG D 204 -0.48 -7.92 -3.38
CA ARG D 204 -0.92 -9.23 -2.89
C ARG D 204 0.23 -9.97 -2.22
N PHE D 205 1.38 -10.02 -2.89
CA PHE D 205 2.49 -10.78 -2.33
C PHE D 205 3.17 -10.05 -1.18
N GLU D 206 3.18 -8.71 -1.20
CA GLU D 206 3.59 -7.99 0.01
C GLU D 206 2.66 -8.29 1.18
N ALA D 207 1.36 -8.51 0.92
CA ALA D 207 0.46 -8.93 1.98
C ALA D 207 0.82 -10.30 2.55
N TYR D 208 1.50 -11.14 1.76
CA TYR D 208 1.94 -12.45 2.23
C TYR D 208 3.24 -12.39 3.02
N GLY D 209 3.85 -11.22 3.14
CA GLY D 209 5.16 -11.16 3.76
C GLY D 209 6.30 -11.48 2.82
N TRP D 210 6.08 -11.45 1.51
CA TRP D 210 7.16 -11.62 0.54
C TRP D 210 7.82 -10.28 0.25
N GLN D 211 9.09 -10.33 -0.15
CA GLN D 211 9.69 -9.21 -0.87
C GLN D 211 9.28 -9.25 -2.34
N VAL D 212 8.93 -8.10 -2.91
CA VAL D 212 8.51 -8.02 -4.31
C VAL D 212 9.43 -7.04 -5.04
N ILE D 213 10.00 -7.48 -6.16
CA ILE D 213 10.73 -6.58 -7.04
C ILE D 213 9.80 -6.29 -8.21
N ARG D 214 9.33 -5.04 -8.29
CA ARG D 214 8.36 -4.66 -9.29
C ARG D 214 9.02 -4.33 -10.62
N ASN D 215 8.30 -4.61 -11.70
CA ASN D 215 8.51 -3.96 -12.99
C ASN D 215 9.91 -4.21 -13.56
N VAL D 216 10.40 -5.42 -13.42
CA VAL D 216 11.67 -5.79 -14.02
C VAL D 216 11.44 -6.07 -15.50
N ASP D 217 12.32 -5.52 -16.34
CA ASP D 217 12.25 -5.77 -17.78
C ASP D 217 12.77 -7.17 -18.04
N GLY D 218 11.86 -8.09 -18.37
CA GLY D 218 12.24 -9.47 -18.55
C GLY D 218 13.10 -9.75 -19.75
N HIS D 219 13.41 -8.76 -20.58
CA HIS D 219 14.30 -8.94 -21.72
C HIS D 219 15.59 -8.13 -21.59
N ASP D 220 15.89 -7.65 -20.38
CA ASP D 220 17.10 -6.86 -20.09
C ASP D 220 17.92 -7.61 -19.04
N ALA D 221 19.00 -8.26 -19.48
CA ALA D 221 19.76 -9.14 -18.59
C ALA D 221 20.23 -8.40 -17.34
N GLU D 222 20.65 -7.15 -17.48
CA GLU D 222 21.22 -6.41 -16.37
C GLU D 222 20.17 -6.14 -15.29
N GLN D 223 18.94 -5.80 -15.69
CA GLN D 223 17.85 -5.64 -14.72
C GLN D 223 17.50 -6.94 -14.05
N ILE D 224 17.43 -8.03 -14.83
CA ILE D 224 17.16 -9.34 -14.26
C ILE D 224 18.23 -9.69 -13.23
N ARG D 225 19.48 -9.38 -13.55
CA ARG D 225 20.57 -9.70 -12.64
C ARG D 225 20.49 -8.86 -11.37
N ALA D 226 20.22 -7.56 -11.51
CA ALA D 226 20.06 -6.69 -10.33
C ALA D 226 18.94 -7.18 -9.42
N ALA D 227 17.80 -7.54 -10.02
CA ALA D 227 16.67 -8.02 -9.25
C ALA D 227 17.02 -9.26 -8.46
N THR D 228 17.69 -10.21 -9.09
CA THR D 228 18.07 -11.46 -8.45
C THR D 228 19.05 -11.22 -7.29
N ILE D 229 19.97 -10.27 -7.46
CA ILE D 229 20.89 -9.92 -6.38
C ILE D 229 20.14 -9.41 -5.17
N LEU D 230 19.13 -8.54 -5.38
CA LEU D 230 18.35 -8.05 -4.25
C LEU D 230 17.47 -9.14 -3.65
N ALA D 231 16.99 -10.09 -4.47
CA ALA D 231 16.28 -11.25 -3.91
C ALA D 231 17.21 -12.12 -3.06
N GLN D 232 18.45 -12.34 -3.52
CA GLN D 232 19.38 -13.15 -2.73
C GLN D 232 19.77 -12.45 -1.43
N ALA D 233 19.81 -11.11 -1.43
CA ALA D 233 20.18 -10.40 -0.21
C ALA D 233 19.12 -10.50 0.87
N GLU D 234 17.86 -10.73 0.48
CA GLU D 234 16.80 -10.83 1.47
C GLU D 234 16.81 -12.26 2.02
N LYS D 235 17.22 -12.41 3.28
CA LYS D 235 17.38 -13.72 3.90
C LYS D 235 16.17 -14.15 4.72
N GLY D 236 15.26 -13.23 5.03
CA GLY D 236 14.15 -13.55 5.90
C GLY D 236 12.82 -13.78 5.20
N LYS D 237 12.72 -13.40 3.93
CA LYS D 237 11.45 -13.47 3.21
C LYS D 237 11.64 -14.08 1.83
N PRO D 238 10.67 -14.85 1.36
CA PRO D 238 10.67 -15.24 -0.06
C PRO D 238 10.48 -14.01 -0.94
N THR D 239 10.99 -14.10 -2.16
CA THR D 239 10.95 -12.96 -3.09
C THR D 239 10.19 -13.32 -4.36
N LEU D 240 9.33 -12.41 -4.79
CA LEU D 240 8.67 -12.49 -6.09
C LEU D 240 9.27 -11.40 -6.98
N ILE D 241 9.89 -11.81 -8.08
CA ILE D 241 10.44 -10.90 -9.07
C ILE D 241 9.46 -10.85 -10.23
N ILE D 242 8.84 -9.69 -10.42
CA ILE D 242 7.80 -9.53 -11.43
C ILE D 242 8.47 -9.10 -12.73
N CYS D 243 8.54 -9.99 -13.69
CA CYS D 243 9.26 -9.74 -14.95
C CYS D 243 8.25 -9.45 -16.05
N LYS D 244 8.34 -8.26 -16.63
CA LYS D 244 7.50 -7.92 -17.78
C LYS D 244 8.13 -8.55 -19.01
N THR D 245 7.38 -9.42 -19.68
CA THR D 245 7.88 -10.16 -20.82
C THR D 245 6.85 -10.12 -21.95
N ILE D 246 7.34 -10.39 -23.14
CA ILE D 246 6.53 -10.48 -24.35
C ILE D 246 6.42 -11.96 -24.69
N ILE D 247 5.21 -12.52 -24.56
CA ILE D 247 5.02 -13.92 -24.90
C ILE D 247 5.37 -14.09 -26.38
N GLY D 248 6.06 -15.17 -26.70
CA GLY D 248 6.46 -15.40 -28.08
C GLY D 248 7.48 -14.41 -28.59
N PHE D 249 8.27 -13.81 -27.70
CA PHE D 249 9.25 -12.79 -28.06
C PHE D 249 10.07 -13.22 -29.28
N GLY D 250 10.15 -12.32 -30.26
CA GLY D 250 10.84 -12.56 -31.50
C GLY D 250 9.91 -12.80 -32.67
N SER D 251 8.72 -13.34 -32.43
CA SER D 251 7.81 -13.67 -33.53
C SER D 251 7.11 -12.41 -34.01
N PRO D 252 7.34 -11.97 -35.26
CA PRO D 252 6.72 -10.71 -35.71
C PRO D 252 5.21 -10.70 -35.63
N ASN D 253 4.55 -11.84 -35.86
CA ASN D 253 3.10 -11.84 -35.99
C ASN D 253 2.35 -12.49 -34.83
N LYS D 254 3.04 -13.24 -33.96
CA LYS D 254 2.33 -13.90 -32.88
C LYS D 254 2.83 -13.51 -31.49
N SER D 255 3.90 -12.73 -31.39
CA SER D 255 4.36 -12.26 -30.10
C SER D 255 3.32 -11.35 -29.45
N GLY D 256 3.32 -11.32 -28.12
CA GLY D 256 2.36 -10.49 -27.40
C GLY D 256 0.91 -10.91 -27.57
N SER D 257 0.66 -12.17 -27.92
CA SER D 257 -0.69 -12.61 -28.24
C SER D 257 -0.88 -14.04 -27.78
N HIS D 258 -2.12 -14.42 -27.45
CA HIS D 258 -2.32 -15.82 -27.13
C HIS D 258 -2.12 -16.74 -28.34
N ASP D 259 -1.97 -16.18 -29.55
CA ASP D 259 -1.67 -17.02 -30.72
C ASP D 259 -0.37 -17.81 -30.55
N SER D 260 0.59 -17.29 -29.78
CA SER D 260 1.86 -17.97 -29.57
C SER D 260 1.88 -18.85 -28.31
N HIS D 261 0.77 -18.94 -27.59
CA HIS D 261 0.78 -19.69 -26.33
C HIS D 261 0.94 -21.19 -26.57
N GLY D 262 0.10 -21.78 -27.42
CA GLY D 262 -0.05 -23.22 -27.36
C GLY D 262 -0.15 -23.97 -28.68
N ALA D 263 0.46 -23.44 -29.74
CA ALA D 263 0.49 -24.14 -31.02
C ALA D 263 1.77 -23.80 -31.76
N PRO D 264 2.26 -24.69 -32.63
CA PRO D 264 3.46 -24.37 -33.42
C PRO D 264 3.31 -23.04 -34.13
N LEU D 265 4.41 -22.29 -34.19
CA LEU D 265 4.37 -20.99 -34.86
C LEU D 265 4.10 -21.15 -36.34
N GLY D 266 4.56 -22.25 -36.93
CA GLY D 266 4.57 -22.45 -38.37
C GLY D 266 5.94 -22.18 -38.95
N ASP D 267 6.28 -22.93 -40.01
CA ASP D 267 7.60 -22.83 -40.64
C ASP D 267 7.92 -21.42 -41.13
N GLU D 268 6.95 -20.76 -41.79
CA GLU D 268 7.22 -19.41 -42.29
C GLU D 268 7.43 -18.45 -41.13
N GLU D 269 6.56 -18.52 -40.12
CA GLU D 269 6.75 -17.67 -38.95
C GLU D 269 8.11 -17.93 -38.30
N ILE D 270 8.54 -19.20 -38.27
CA ILE D 270 9.84 -19.50 -37.66
C ILE D 270 10.98 -18.85 -38.44
N ASP D 271 10.91 -18.88 -39.77
CA ASP D 271 11.94 -18.21 -40.55
C ASP D 271 11.92 -16.69 -40.32
N LEU D 272 10.73 -16.11 -40.22
CA LEU D 272 10.63 -14.67 -39.91
C LEU D 272 11.13 -14.37 -38.51
N THR D 273 10.91 -15.27 -37.55
CA THR D 273 11.44 -15.06 -36.21
C THR D 273 12.96 -15.10 -36.21
N ARG D 274 13.54 -16.04 -36.97
CA ARG D 274 14.99 -16.14 -37.02
C ARG D 274 15.62 -14.86 -37.55
N LYS D 275 15.02 -14.30 -38.61
CA LYS D 275 15.49 -13.03 -39.14
C LYS D 275 15.38 -11.92 -38.10
N ALA D 276 14.22 -11.84 -37.43
CA ALA D 276 14.03 -10.79 -36.44
C ALA D 276 14.99 -10.94 -35.26
N LEU D 277 15.38 -12.18 -34.93
CA LEU D 277 16.35 -12.42 -33.86
C LEU D 277 17.80 -12.36 -34.34
N GLY D 278 18.04 -12.32 -35.64
CA GLY D 278 19.40 -12.39 -36.15
C GLY D 278 20.05 -13.75 -35.97
N TRP D 279 19.28 -14.82 -36.07
CA TRP D 279 19.75 -16.18 -35.84
C TRP D 279 19.98 -16.85 -37.19
N GLU D 280 21.23 -17.24 -37.45
CA GLU D 280 21.63 -17.70 -38.79
C GLU D 280 21.73 -19.21 -38.93
N TYR D 281 21.41 -19.99 -37.90
CA TYR D 281 21.69 -21.42 -37.91
C TYR D 281 20.42 -22.23 -38.14
N ALA D 282 20.58 -23.39 -38.78
CA ALA D 282 19.48 -24.26 -39.17
C ALA D 282 18.85 -24.92 -37.94
N PRO D 283 17.68 -25.54 -38.08
CA PRO D 283 17.06 -26.22 -36.93
C PRO D 283 18.01 -27.20 -36.25
N PHE D 284 18.04 -27.11 -34.92
CA PHE D 284 18.78 -28.00 -34.02
C PHE D 284 20.28 -27.85 -34.13
N GLU D 285 20.78 -26.84 -34.85
CA GLU D 285 22.20 -26.55 -34.92
C GLU D 285 22.54 -25.46 -33.90
N ILE D 286 23.39 -25.80 -32.94
CA ILE D 286 23.88 -24.87 -31.94
C ILE D 286 25.39 -24.77 -32.16
N PRO D 287 25.94 -23.60 -32.43
CA PRO D 287 27.38 -23.50 -32.68
C PRO D 287 28.18 -23.84 -31.44
N ALA D 288 29.37 -24.40 -31.69
CA ALA D 288 30.26 -24.83 -30.60
C ALA D 288 30.46 -23.73 -29.56
N GLU D 289 30.57 -22.48 -30.00
CA GLU D 289 30.80 -21.38 -29.08
C GLU D 289 29.65 -21.21 -28.10
N TYR D 290 28.41 -21.47 -28.53
CA TYR D 290 27.26 -21.32 -27.65
C TYR D 290 27.22 -22.42 -26.60
N TYR D 291 27.54 -23.65 -27.01
CA TYR D 291 27.68 -24.74 -26.04
C TYR D 291 28.74 -24.42 -24.99
N ALA D 292 29.88 -23.87 -25.41
CA ALA D 292 30.95 -23.65 -24.46
C ALA D 292 30.57 -22.58 -23.44
N GLU D 293 29.84 -21.55 -23.87
CA GLU D 293 29.43 -20.51 -22.94
C GLU D 293 28.23 -20.93 -22.11
N TRP D 294 27.38 -21.80 -22.64
CA TRP D 294 26.26 -22.31 -21.84
C TRP D 294 26.68 -23.36 -20.82
N SER D 295 27.81 -24.04 -21.04
CA SER D 295 28.12 -25.24 -20.27
C SER D 295 28.30 -24.93 -18.80
N ALA D 296 27.67 -25.74 -17.93
CA ALA D 296 27.84 -25.62 -16.49
C ALA D 296 28.74 -26.72 -15.90
N LYS D 297 29.37 -27.52 -16.76
CA LYS D 297 30.09 -28.70 -16.27
C LYS D 297 31.27 -28.32 -15.38
N GLU D 298 32.12 -27.40 -15.82
CA GLU D 298 33.31 -27.05 -15.04
C GLU D 298 32.92 -26.39 -13.72
N LYS D 299 32.06 -25.39 -13.76
CA LYS D 299 31.62 -24.73 -12.53
C LYS D 299 30.88 -25.71 -11.62
N GLY D 300 30.04 -26.56 -12.20
CA GLY D 300 29.22 -27.45 -11.39
C GLY D 300 30.04 -28.54 -10.72
N ALA D 301 31.00 -29.12 -11.43
CA ALA D 301 31.84 -30.15 -10.82
C ALA D 301 32.66 -29.55 -9.69
N ALA D 302 33.18 -28.33 -9.88
CA ALA D 302 33.94 -27.69 -8.82
C ALA D 302 33.08 -27.43 -7.60
N ALA D 303 31.83 -26.97 -7.82
CA ALA D 303 30.96 -26.65 -6.70
C ALA D 303 30.63 -27.90 -5.88
N GLU D 304 30.43 -29.04 -6.55
CA GLU D 304 30.10 -30.27 -5.83
C GLU D 304 31.34 -30.87 -5.16
N LYS D 305 32.50 -30.82 -5.82
CA LYS D 305 33.74 -31.24 -5.18
C LYS D 305 33.99 -30.44 -3.90
N SER D 306 33.79 -29.13 -3.96
CA SER D 306 33.88 -28.29 -2.77
C SER D 306 32.90 -28.74 -1.70
N TRP D 307 31.69 -29.14 -2.11
CA TRP D 307 30.72 -29.60 -1.12
C TRP D 307 31.09 -30.98 -0.56
N GLU D 308 31.59 -31.89 -1.41
CA GLU D 308 32.04 -33.18 -0.92
C GLU D 308 33.12 -33.03 0.14
N GLU D 309 34.01 -32.04 -0.02
CA GLU D 309 35.06 -31.82 0.97
C GLU D 309 34.49 -31.23 2.25
N LYS D 310 33.53 -30.32 2.12
CA LYS D 310 32.82 -29.80 3.29
C LYS D 310 32.14 -30.93 4.07
N PHE D 311 31.50 -31.86 3.35
CA PHE D 311 30.84 -32.97 4.02
C PHE D 311 31.83 -33.90 4.70
N ALA D 312 32.99 -34.11 4.08
CA ALA D 312 34.03 -34.94 4.72
C ALA D 312 34.44 -34.34 6.06
N ALA D 313 34.74 -33.04 6.10
CA ALA D 313 35.07 -32.39 7.36
C ALA D 313 33.92 -32.48 8.35
N TYR D 314 32.69 -32.35 7.85
CA TYR D 314 31.52 -32.52 8.69
C TYR D 314 31.45 -33.93 9.27
N ALA D 315 31.72 -34.92 8.42
CA ALA D 315 31.63 -36.31 8.85
C ALA D 315 32.70 -36.65 9.87
N LYS D 316 33.89 -36.05 9.78
CA LYS D 316 34.91 -36.31 10.81
C LYS D 316 34.51 -35.70 12.13
N ALA D 317 33.89 -34.52 12.10
CA ALA D 317 33.54 -33.83 13.34
C ALA D 317 32.25 -34.36 13.97
N TYR D 318 31.31 -34.84 13.15
CA TYR D 318 30.00 -35.34 13.62
C TYR D 318 29.68 -36.61 12.86
N PRO D 319 30.36 -37.72 13.16
CA PRO D 319 30.16 -38.93 12.34
C PRO D 319 28.74 -39.47 12.40
N GLU D 320 28.08 -39.43 13.55
CA GLU D 320 26.74 -39.97 13.64
C GLU D 320 25.75 -39.12 12.85
N LEU D 321 25.85 -37.80 12.99
CA LEU D 321 25.00 -36.89 12.21
C LEU D 321 25.18 -37.10 10.72
N ALA D 322 26.43 -37.18 10.26
CA ALA D 322 26.69 -37.32 8.83
C ALA D 322 26.12 -38.63 8.30
N ALA D 323 26.23 -39.70 9.08
CA ALA D 323 25.65 -40.98 8.66
C ALA D 323 24.13 -40.86 8.55
N GLU D 324 23.50 -40.17 9.51
CA GLU D 324 22.06 -39.97 9.46
C GLU D 324 21.65 -39.12 8.26
N PHE D 325 22.46 -38.11 7.94
CA PHE D 325 22.22 -37.30 6.76
C PHE D 325 22.23 -38.16 5.49
N LYS D 326 23.31 -38.93 5.29
CA LYS D 326 23.38 -39.82 4.13
C LYS D 326 22.21 -40.80 4.11
N ARG D 327 21.86 -41.38 5.26
CA ARG D 327 20.76 -42.34 5.27
C ARG D 327 19.47 -41.68 4.84
N ARG D 328 19.15 -40.54 5.47
CA ARG D 328 17.87 -39.89 5.21
C ARG D 328 17.80 -39.33 3.79
N VAL D 329 18.90 -38.82 3.26
CA VAL D 329 18.84 -38.30 1.89
C VAL D 329 18.61 -39.45 0.90
N SER D 330 19.12 -40.65 1.19
CA SER D 330 18.88 -41.79 0.31
C SER D 330 17.48 -42.36 0.44
N GLY D 331 16.75 -42.06 1.52
CA GLY D 331 15.43 -42.60 1.72
C GLY D 331 15.37 -43.94 2.41
N GLU D 332 16.52 -44.54 2.73
CA GLU D 332 16.51 -45.83 3.42
C GLU D 332 16.08 -45.66 4.88
N LEU D 333 15.45 -46.71 5.41
CA LEU D 333 14.97 -46.72 6.79
C LEU D 333 16.09 -47.13 7.75
N PRO D 334 15.95 -46.78 9.04
CA PRO D 334 16.98 -47.19 10.01
C PRO D 334 17.11 -48.70 10.09
N THR D 335 18.31 -49.16 10.45
CA THR D 335 18.56 -50.60 10.46
C THR D 335 17.68 -51.32 11.48
N ASN D 336 17.24 -50.65 12.55
CA ASN D 336 16.38 -51.27 13.54
C ASN D 336 14.88 -51.10 13.24
N TRP D 337 14.52 -50.54 12.09
CA TRP D 337 13.11 -50.26 11.81
C TRP D 337 12.28 -51.55 11.75
N ALA D 338 12.79 -52.57 11.05
CA ALA D 338 11.99 -53.79 10.89
C ALA D 338 11.69 -54.43 12.24
N ALA D 339 12.68 -54.47 13.13
CA ALA D 339 12.48 -55.13 14.42
C ALA D 339 11.63 -54.27 15.35
N GLU D 340 11.82 -52.95 15.33
CA GLU D 340 11.02 -52.09 16.20
C GLU D 340 9.56 -52.08 15.77
N SER D 341 9.30 -52.00 14.47
CA SER D 341 7.91 -51.92 14.02
C SER D 341 7.21 -53.26 14.23
N LYS D 342 7.91 -54.38 13.96
CA LYS D 342 7.37 -55.71 14.23
C LYS D 342 7.04 -55.88 15.71
N ALA D 343 7.92 -55.41 16.61
CA ALA D 343 7.64 -55.56 18.04
C ALA D 343 6.43 -54.74 18.44
N PHE D 344 6.30 -53.54 17.88
CA PHE D 344 5.14 -52.72 18.19
C PHE D 344 3.85 -53.39 17.74
N ILE D 345 3.85 -53.91 16.51
CA ILE D 345 2.64 -54.53 15.95
C ILE D 345 2.24 -55.76 16.77
N GLU D 346 3.21 -56.61 17.10
CA GLU D 346 2.90 -57.82 17.86
C GLU D 346 2.39 -57.50 19.25
N LYS D 347 2.92 -56.43 19.87
CA LYS D 347 2.42 -56.05 21.18
C LYS D 347 0.96 -55.65 21.12
N LEU D 348 0.55 -54.92 20.07
CA LEU D 348 -0.85 -54.54 19.95
C LEU D 348 -1.73 -55.76 19.82
N GLN D 349 -1.32 -56.73 19.00
CA GLN D 349 -2.14 -57.92 18.80
C GLN D 349 -2.29 -58.69 20.11
N ALA D 350 -1.23 -58.72 20.93
CA ALA D 350 -1.27 -59.44 22.20
C ALA D 350 -1.99 -58.68 23.30
N ASN D 351 -2.20 -57.37 23.15
CA ASN D 351 -2.87 -56.55 24.15
C ASN D 351 -4.02 -55.82 23.48
N PRO D 352 -5.16 -56.49 23.29
CA PRO D 352 -6.26 -55.87 22.54
C PRO D 352 -6.78 -54.62 23.23
N ALA D 353 -7.13 -53.63 22.42
CA ALA D 353 -7.79 -52.43 22.89
C ALA D 353 -8.82 -52.03 21.86
N SER D 354 -10.00 -51.63 22.32
CA SER D 354 -11.06 -51.17 21.43
C SER D 354 -11.01 -49.64 21.45
N ILE D 355 -10.44 -49.07 20.39
CA ILE D 355 -10.21 -47.63 20.31
C ILE D 355 -10.48 -47.19 18.88
N ALA D 356 -10.78 -45.90 18.72
CA ALA D 356 -10.92 -45.34 17.38
C ALA D 356 -9.63 -45.53 16.61
N SER D 357 -9.74 -45.83 15.31
CA SER D 357 -8.52 -46.01 14.54
C SER D 357 -7.77 -44.69 14.36
N ARG D 358 -8.43 -43.53 14.53
CA ARG D 358 -7.66 -42.29 14.54
C ARG D 358 -6.73 -42.24 15.76
N LYS D 359 -7.17 -42.81 16.88
CA LYS D 359 -6.29 -42.91 18.05
C LYS D 359 -5.22 -43.98 17.82
N ALA D 360 -5.58 -45.08 17.17
CA ALA D 360 -4.58 -46.08 16.81
C ALA D 360 -3.50 -45.47 15.92
N SER D 361 -3.91 -44.62 14.98
CA SER D 361 -2.96 -43.91 14.12
C SER D 361 -1.99 -43.06 14.95
N GLN D 362 -2.53 -42.24 15.85
CA GLN D 362 -1.67 -41.45 16.73
C GLN D 362 -0.70 -42.32 17.52
N ASN D 363 -1.16 -43.48 18.01
CA ASN D 363 -0.26 -44.40 18.73
C ASN D 363 0.84 -44.94 17.81
N ALA D 364 0.50 -45.23 16.55
CA ALA D 364 1.53 -45.68 15.61
C ALA D 364 2.53 -44.56 15.32
N ILE D 365 2.06 -43.32 15.21
CA ILE D 365 2.95 -42.19 15.01
C ILE D 365 3.90 -42.08 16.20
N GLU D 366 3.35 -42.09 17.42
CA GLU D 366 4.16 -42.00 18.63
C GLU D 366 5.24 -43.07 18.67
N ALA D 367 4.89 -44.31 18.34
CA ALA D 367 5.87 -45.39 18.34
C ALA D 367 6.85 -45.24 17.19
N TYR D 368 6.35 -45.00 15.98
CA TYR D 368 7.25 -44.97 14.83
C TYR D 368 8.12 -43.73 14.82
N ALA D 369 7.61 -42.61 15.36
CA ALA D 369 8.39 -41.38 15.36
C ALA D 369 9.63 -41.47 16.25
N HIS D 370 9.68 -42.41 17.20
CA HIS D 370 10.91 -42.61 17.97
C HIS D 370 11.97 -43.31 17.15
N VAL D 371 11.59 -43.97 16.05
CA VAL D 371 12.52 -44.69 15.19
C VAL D 371 12.86 -43.86 13.96
N LEU D 372 11.94 -42.98 13.54
CA LEU D 372 12.06 -42.26 12.27
C LEU D 372 12.24 -40.77 12.52
N PRO D 373 13.46 -40.29 12.74
CA PRO D 373 13.63 -38.84 12.86
C PRO D 373 13.30 -38.09 11.58
N GLU D 374 13.23 -38.78 10.43
CA GLU D 374 12.87 -38.15 9.16
C GLU D 374 11.39 -37.81 9.04
N PHE D 375 10.52 -38.26 9.96
CA PHE D 375 9.11 -37.89 9.91
C PHE D 375 8.95 -36.38 9.94
N LEU D 376 8.15 -35.85 9.00
CA LEU D 376 7.80 -34.44 8.98
C LEU D 376 6.28 -34.39 8.86
N GLY D 377 5.61 -34.36 10.02
CA GLY D 377 4.17 -34.48 10.07
C GLY D 377 3.47 -33.14 10.04
N GLY D 378 2.15 -33.21 10.09
CA GLY D 378 1.37 -31.98 9.97
C GLY D 378 -0.09 -32.29 9.80
N SER D 379 -0.89 -31.24 9.96
CA SER D 379 -2.31 -31.34 9.74
C SER D 379 -2.80 -30.01 9.21
N ALA D 380 -3.86 -30.05 8.41
CA ALA D 380 -4.49 -28.85 7.89
C ALA D 380 -5.50 -28.31 8.90
N ASP D 381 -4.95 -27.70 9.97
CA ASP D 381 -5.71 -27.07 11.06
C ASP D 381 -6.60 -28.07 11.81
N LEU D 382 -6.20 -29.33 11.89
CA LEU D 382 -7.05 -30.33 12.56
C LEU D 382 -6.23 -31.28 13.42
N ALA D 383 -5.12 -30.78 13.99
CA ALA D 383 -4.26 -31.60 14.86
C ALA D 383 -5.07 -32.34 15.93
N SER D 384 -5.99 -31.64 16.61
CA SER D 384 -6.75 -32.28 17.69
C SER D 384 -7.86 -33.20 17.20
N SER D 385 -8.22 -33.14 15.92
CA SER D 385 -9.19 -34.07 15.37
C SER D 385 -8.54 -35.25 14.68
N ASN D 386 -7.49 -35.00 13.89
CA ASN D 386 -6.77 -36.08 13.20
C ASN D 386 -5.75 -36.79 14.08
N LEU D 387 -5.32 -36.16 15.19
CA LEU D 387 -4.33 -36.72 16.13
C LEU D 387 -2.99 -36.99 15.44
N THR D 388 -2.39 -35.92 14.93
CA THR D 388 -1.13 -36.02 14.20
C THR D 388 0.09 -35.64 15.03
N LEU D 389 -0.12 -35.06 16.21
CA LEU D 389 1.00 -34.71 17.08
C LEU D 389 1.44 -35.92 17.89
N TRP D 390 2.74 -36.03 18.12
CA TRP D 390 3.28 -36.99 19.08
C TRP D 390 4.02 -36.23 20.16
N SER D 391 4.52 -36.96 21.16
CA SER D 391 5.17 -36.30 22.29
C SER D 391 6.39 -35.50 21.86
N GLY D 392 7.07 -35.93 20.80
CA GLY D 392 8.24 -35.24 20.29
C GLY D 392 7.97 -34.21 19.21
N SER D 393 6.72 -33.85 18.96
CA SER D 393 6.40 -32.88 17.92
C SER D 393 6.96 -31.50 18.26
N LYS D 394 7.55 -30.84 17.26
CA LYS D 394 8.06 -29.48 17.41
C LYS D 394 7.55 -28.67 16.23
N PRO D 395 6.44 -27.95 16.38
CA PRO D 395 5.89 -27.21 15.23
C PRO D 395 6.86 -26.16 14.72
N ILE D 396 7.15 -26.21 13.41
CA ILE D 396 8.12 -25.32 12.79
C ILE D 396 7.54 -23.92 12.66
N ARG D 397 8.38 -22.91 12.88
CA ARG D 397 8.03 -21.52 12.66
C ARG D 397 9.20 -20.85 11.93
N ALA D 398 9.01 -19.57 11.57
CA ALA D 398 10.04 -18.85 10.83
C ALA D 398 11.35 -18.76 11.61
N HIS D 399 11.27 -18.53 12.93
CA HIS D 399 12.44 -18.34 13.77
C HIS D 399 12.40 -19.18 15.05
N GLU D 400 11.59 -20.23 15.08
CA GLU D 400 11.45 -21.08 16.24
C GLU D 400 11.24 -22.50 15.74
N ASN D 401 11.94 -23.46 16.36
CA ASN D 401 11.87 -24.86 15.95
C ASN D 401 12.22 -24.99 14.46
N VAL D 402 13.24 -24.25 14.04
CA VAL D 402 13.63 -24.29 12.63
C VAL D 402 14.10 -25.68 12.26
N GLY D 403 14.71 -26.41 13.19
CA GLY D 403 14.99 -27.82 13.03
C GLY D 403 13.86 -28.72 13.52
N GLY D 404 12.63 -28.20 13.54
CA GLY D 404 11.49 -28.96 14.02
C GLY D 404 11.05 -30.06 13.06
N ASN D 405 9.85 -30.59 13.34
CA ASN D 405 9.40 -31.78 12.65
C ASN D 405 7.88 -31.82 12.44
N TYR D 406 7.19 -30.69 12.54
CA TYR D 406 5.75 -30.69 12.39
C TYR D 406 5.33 -29.38 11.73
N ILE D 407 4.29 -29.43 10.91
CA ILE D 407 3.81 -28.23 10.24
C ILE D 407 2.33 -28.03 10.50
N ASN D 408 1.97 -26.89 11.11
CA ASN D 408 0.58 -26.42 11.12
C ASN D 408 0.29 -25.80 9.75
N TYR D 409 -0.38 -26.55 8.88
CA TYR D 409 -0.60 -26.04 7.53
C TYR D 409 -1.72 -25.02 7.47
N GLY D 410 -2.52 -24.88 8.54
CA GLY D 410 -3.73 -24.08 8.45
C GLY D 410 -4.76 -24.77 7.57
N VAL D 411 -5.78 -24.01 7.20
CA VAL D 411 -6.90 -24.57 6.44
C VAL D 411 -6.56 -24.56 4.96
N ARG D 412 -5.65 -25.46 4.54
CA ARG D 412 -4.99 -25.41 3.25
C ARG D 412 -4.70 -26.83 2.77
N GLU D 413 -5.75 -27.60 2.49
CA GLU D 413 -5.57 -29.03 2.17
C GLU D 413 -4.79 -29.22 0.88
N PHE D 414 -5.19 -28.51 -0.19
CA PHE D 414 -4.51 -28.64 -1.47
C PHE D 414 -3.06 -28.20 -1.35
N GLY D 415 -2.84 -27.04 -0.71
CA GLY D 415 -1.48 -26.55 -0.55
C GLY D 415 -0.62 -27.50 0.27
N MET D 416 -1.17 -28.02 1.38
CA MET D 416 -0.45 -29.00 2.20
C MET D 416 -0.04 -30.21 1.39
N SER D 417 -0.93 -30.71 0.54
CA SER D 417 -0.66 -31.96 -0.15
C SER D 417 0.41 -31.78 -1.20
N ALA D 418 0.37 -30.69 -1.94
CA ALA D 418 1.41 -30.42 -2.93
C ALA D 418 2.71 -29.95 -2.29
N ILE D 419 2.63 -29.32 -1.11
CA ILE D 419 3.84 -29.02 -0.34
C ILE D 419 4.51 -30.31 0.11
N MET D 420 3.72 -31.28 0.58
CA MET D 420 4.27 -32.56 0.99
C MET D 420 4.96 -33.26 -0.17
N ASN D 421 4.35 -33.19 -1.36
CA ASN D 421 5.00 -33.70 -2.57
C ASN D 421 6.39 -33.08 -2.76
N GLY D 422 6.50 -31.76 -2.55
CA GLY D 422 7.79 -31.11 -2.69
C GLY D 422 8.76 -31.50 -1.59
N ILE D 423 8.25 -31.69 -0.37
CA ILE D 423 9.09 -32.20 0.71
C ILE D 423 9.61 -33.59 0.37
N ALA D 424 8.73 -34.46 -0.15
CA ALA D 424 9.12 -35.81 -0.53
C ALA D 424 10.16 -35.77 -1.65
N LEU D 425 9.96 -34.91 -2.64
CA LEU D 425 10.90 -34.81 -3.75
C LEU D 425 12.27 -34.32 -3.29
N HIS D 426 12.30 -33.46 -2.27
CA HIS D 426 13.56 -32.81 -1.90
C HIS D 426 14.57 -33.81 -1.37
N GLY D 427 14.11 -34.78 -0.60
CA GLY D 427 14.95 -35.77 0.06
C GLY D 427 15.17 -35.41 1.52
N GLY D 428 15.30 -36.45 2.36
CA GLY D 428 15.64 -36.28 3.75
C GLY D 428 14.48 -36.42 4.73
N PHE D 429 13.23 -36.50 4.24
CA PHE D 429 12.06 -36.55 5.11
C PHE D 429 11.08 -37.59 4.59
N ILE D 430 10.24 -38.07 5.50
CA ILE D 430 9.01 -38.78 5.14
C ILE D 430 7.86 -37.89 5.62
N PRO D 431 7.18 -37.18 4.72
CA PRO D 431 6.11 -36.28 5.14
C PRO D 431 4.79 -37.00 5.24
N TYR D 432 4.03 -36.67 6.26
CA TYR D 432 2.64 -37.07 6.35
C TYR D 432 1.80 -35.85 6.72
N GLY D 433 0.56 -35.84 6.29
CA GLY D 433 -0.29 -34.69 6.53
C GLY D 433 -1.74 -35.11 6.55
N ALA D 434 -2.51 -34.58 7.50
CA ALA D 434 -3.84 -35.09 7.75
C ALA D 434 -4.89 -34.04 7.49
N THR D 435 -6.08 -34.50 7.08
CA THR D 435 -7.31 -33.71 7.12
C THR D 435 -8.47 -34.70 7.25
N PHE D 436 -9.70 -34.17 7.28
CA PHE D 436 -10.88 -35.03 7.19
C PHE D 436 -10.93 -35.69 5.83
N LEU D 437 -11.38 -36.95 5.79
CA LEU D 437 -11.41 -37.66 4.52
C LEU D 437 -12.21 -36.90 3.46
N MET D 438 -13.26 -36.17 3.86
CA MET D 438 -14.05 -35.46 2.86
C MET D 438 -13.19 -34.48 2.08
N PHE D 439 -12.22 -33.85 2.75
CA PHE D 439 -11.49 -32.77 2.11
C PHE D 439 -10.29 -33.25 1.33
N TYR D 440 -10.13 -34.56 1.22
CA TYR D 440 -9.35 -35.09 0.10
C TYR D 440 -9.79 -34.46 -1.20
N GLU D 441 -11.08 -34.14 -1.35
CA GLU D 441 -11.56 -33.58 -2.61
C GLU D 441 -10.96 -32.21 -2.89
N TYR D 442 -10.62 -31.44 -1.85
CA TYR D 442 -9.91 -30.19 -2.08
C TYR D 442 -8.49 -30.44 -2.60
N ALA D 443 -7.89 -31.55 -2.20
CA ALA D 443 -6.50 -31.86 -2.52
C ALA D 443 -6.34 -32.92 -3.59
N HIS D 444 -7.44 -33.31 -4.24
CA HIS D 444 -7.49 -34.49 -5.12
C HIS D 444 -6.31 -34.57 -6.09
N ASN D 445 -6.08 -33.53 -6.89
CA ASN D 445 -5.05 -33.65 -7.92
C ASN D 445 -3.64 -33.71 -7.34
N ALA D 446 -3.41 -33.14 -6.15
CA ALA D 446 -2.09 -33.30 -5.55
C ALA D 446 -1.84 -34.75 -5.10
N VAL D 447 -2.88 -35.46 -4.68
CA VAL D 447 -2.72 -36.88 -4.39
C VAL D 447 -2.37 -37.66 -5.66
N ARG D 448 -3.05 -37.35 -6.76
CA ARG D 448 -2.76 -38.01 -8.03
C ARG D 448 -1.33 -37.71 -8.49
N MET D 449 -0.89 -36.48 -8.27
CA MET D 449 0.46 -36.08 -8.69
C MET D 449 1.52 -36.87 -7.93
N ALA D 450 1.33 -37.05 -6.63
CA ALA D 450 2.25 -37.88 -5.85
C ALA D 450 2.31 -39.30 -6.40
N ALA D 451 1.17 -39.85 -6.83
CA ALA D 451 1.19 -41.19 -7.39
C ALA D 451 1.88 -41.21 -8.74
N LEU D 452 1.56 -40.25 -9.60
CA LEU D 452 2.22 -40.14 -10.90
C LEU D 452 3.74 -40.01 -10.73
N MET D 453 4.18 -39.24 -9.74
CA MET D 453 5.62 -39.06 -9.53
C MET D 453 6.25 -40.14 -8.67
N LYS D 454 5.49 -41.15 -8.24
CA LYS D 454 6.01 -42.25 -7.42
C LYS D 454 6.67 -41.75 -6.13
N GLN D 455 6.06 -40.76 -5.50
CA GLN D 455 6.62 -40.18 -4.29
C GLN D 455 6.00 -40.80 -3.04
N ARG D 456 6.86 -41.09 -2.05
CA ARG D 456 6.39 -41.54 -0.74
C ARG D 456 5.87 -40.31 0.01
N THR D 457 4.61 -39.99 -0.27
CA THR D 457 3.85 -38.99 0.49
C THR D 457 2.73 -39.73 1.21
N LEU D 458 2.56 -39.44 2.50
CA LEU D 458 1.58 -40.12 3.35
C LEU D 458 0.40 -39.18 3.59
N PHE D 459 -0.72 -39.47 2.94
CA PHE D 459 -1.93 -38.70 3.09
C PHE D 459 -2.79 -39.36 4.16
N VAL D 460 -2.99 -38.66 5.27
CA VAL D 460 -3.73 -39.17 6.41
C VAL D 460 -5.11 -38.54 6.40
N TYR D 461 -6.14 -39.36 6.55
CA TYR D 461 -7.53 -38.93 6.53
C TYR D 461 -8.26 -39.55 7.72
N THR D 462 -9.02 -38.73 8.44
CA THR D 462 -9.85 -39.23 9.55
C THR D 462 -11.31 -38.86 9.30
N HIS D 463 -12.20 -39.41 10.14
CA HIS D 463 -13.65 -39.16 10.09
C HIS D 463 -14.20 -39.66 8.75
N ASP D 464 -14.27 -40.98 8.66
CA ASP D 464 -14.23 -41.65 7.37
C ASP D 464 -15.58 -42.09 6.83
N SER D 465 -16.66 -41.91 7.58
CA SER D 465 -17.97 -42.38 7.10
C SER D 465 -19.08 -41.64 7.84
N ILE D 466 -20.32 -42.09 7.65
CA ILE D 466 -21.43 -41.60 8.46
C ILE D 466 -21.17 -41.80 9.94
N GLY D 467 -20.15 -42.59 10.31
CA GLY D 467 -19.76 -42.80 11.70
C GLY D 467 -19.28 -41.54 12.40
N LEU D 468 -19.01 -40.45 11.68
CA LEU D 468 -18.71 -39.19 12.35
C LEU D 468 -19.95 -38.51 12.90
N GLY D 469 -21.14 -38.90 12.45
CA GLY D 469 -22.37 -38.46 13.06
C GLY D 469 -22.83 -37.07 12.68
N GLU D 470 -22.94 -36.18 13.67
CA GLU D 470 -23.84 -35.04 13.58
C GLU D 470 -23.41 -33.99 12.56
N ASP D 471 -22.12 -33.91 12.19
CA ASP D 471 -21.73 -32.88 11.24
C ASP D 471 -22.42 -33.01 9.88
N GLY D 472 -22.92 -34.19 9.52
CA GLY D 472 -23.88 -34.30 8.42
C GLY D 472 -23.27 -34.50 7.05
N PRO D 473 -24.11 -34.46 6.01
CA PRO D 473 -23.69 -34.96 4.69
C PRO D 473 -22.61 -34.13 3.98
N THR D 474 -22.37 -32.88 4.38
CA THR D 474 -21.25 -32.17 3.76
C THR D 474 -19.91 -32.63 4.30
N HIS D 475 -19.90 -33.36 5.41
CA HIS D 475 -18.68 -33.89 5.99
C HIS D 475 -18.58 -35.40 5.94
N GLN D 476 -19.72 -36.11 5.82
CA GLN D 476 -19.72 -37.56 5.91
C GLN D 476 -19.30 -38.17 4.59
N PRO D 477 -18.14 -38.83 4.54
CA PRO D 477 -17.71 -39.46 3.30
C PRO D 477 -18.65 -40.56 2.87
N VAL D 478 -18.76 -40.75 1.56
CA VAL D 478 -19.54 -41.85 1.01
C VAL D 478 -18.72 -42.44 -0.14
N GLU D 479 -18.37 -41.60 -1.10
CA GLU D 479 -17.72 -42.09 -2.30
C GLU D 479 -16.22 -41.79 -2.31
N GLN D 480 -15.70 -41.17 -1.25
CA GLN D 480 -14.32 -40.69 -1.26
C GLN D 480 -13.32 -41.84 -1.22
N THR D 481 -13.58 -42.88 -0.43
CA THR D 481 -12.63 -43.99 -0.37
C THR D 481 -12.55 -44.69 -1.72
N ALA D 482 -13.69 -44.98 -2.33
CA ALA D 482 -13.71 -45.58 -3.66
C ALA D 482 -12.99 -44.71 -4.68
N SER D 483 -13.15 -43.39 -4.58
CA SER D 483 -12.45 -42.51 -5.52
C SER D 483 -10.94 -42.56 -5.32
N LEU D 484 -10.49 -42.52 -4.06
CA LEU D 484 -9.07 -42.70 -3.77
C LEU D 484 -8.52 -44.00 -4.37
N ARG D 485 -9.27 -45.10 -4.22
CA ARG D 485 -8.79 -46.40 -4.68
C ARG D 485 -8.59 -46.45 -6.17
N LEU D 486 -9.21 -45.55 -6.93
CA LEU D 486 -9.07 -45.59 -8.38
C LEU D 486 -7.77 -44.98 -8.86
N ILE D 487 -7.06 -44.24 -8.02
CA ILE D 487 -5.87 -43.52 -8.46
C ILE D 487 -4.74 -44.53 -8.72
N PRO D 488 -4.26 -44.66 -9.95
CA PRO D 488 -3.15 -45.59 -10.19
C PRO D 488 -1.96 -45.26 -9.30
N ASN D 489 -1.31 -46.31 -8.79
CA ASN D 489 -0.10 -46.25 -7.95
C ASN D 489 -0.32 -45.62 -6.58
N LEU D 490 -1.56 -45.42 -6.15
CA LEU D 490 -1.82 -45.07 -4.76
C LEU D 490 -2.29 -46.32 -4.04
N GLU D 491 -1.77 -46.54 -2.84
CA GLU D 491 -2.25 -47.60 -1.98
C GLU D 491 -3.09 -46.99 -0.87
N THR D 492 -4.37 -47.35 -0.83
CA THR D 492 -5.31 -46.83 0.15
C THR D 492 -5.64 -47.90 1.18
N TRP D 493 -5.48 -47.56 2.47
CA TRP D 493 -5.69 -48.46 3.60
C TRP D 493 -6.85 -47.96 4.45
N ARG D 494 -7.77 -48.88 4.81
CA ARG D 494 -8.91 -48.58 5.67
C ARG D 494 -8.92 -49.61 6.80
N PRO D 495 -8.04 -49.45 7.79
CA PRO D 495 -7.82 -50.53 8.76
C PRO D 495 -8.97 -50.69 9.73
N CYS D 496 -9.17 -51.93 10.19
CA CYS D 496 -10.32 -52.27 11.02
C CYS D 496 -10.06 -52.22 12.53
N ASP D 497 -8.82 -52.11 12.97
CA ASP D 497 -8.56 -52.01 14.41
C ASP D 497 -7.19 -51.40 14.62
N GLN D 498 -6.75 -51.31 15.88
CA GLN D 498 -5.47 -50.68 16.16
C GLN D 498 -4.30 -51.44 15.55
N VAL D 499 -4.44 -52.74 15.29
CA VAL D 499 -3.34 -53.55 14.75
C VAL D 499 -3.17 -53.30 13.25
N GLU D 500 -4.25 -53.48 12.48
CA GLU D 500 -4.21 -53.12 11.06
C GLU D 500 -3.78 -51.67 10.87
N SER D 501 -4.15 -50.78 11.80
CA SER D 501 -3.73 -49.39 11.73
C SER D 501 -2.21 -49.28 11.78
N ALA D 502 -1.59 -49.97 12.73
CA ALA D 502 -0.13 -49.91 12.84
C ALA D 502 0.53 -50.53 11.62
N ILE D 503 -0.08 -51.59 11.07
CA ILE D 503 0.50 -52.24 9.91
C ILE D 503 0.36 -51.35 8.68
N ALA D 504 -0.79 -50.67 8.54
CA ALA D 504 -0.96 -49.76 7.41
C ALA D 504 0.08 -48.65 7.44
N TRP D 505 0.32 -48.06 8.61
CA TRP D 505 1.38 -47.08 8.75
C TRP D 505 2.74 -47.67 8.37
N GLN D 506 3.01 -48.87 8.87
CA GLN D 506 4.28 -49.53 8.58
C GLN D 506 4.47 -49.72 7.07
N GLN D 507 3.45 -50.25 6.39
CA GLN D 507 3.57 -50.47 4.95
C GLN D 507 3.71 -49.16 4.20
N ALA D 508 3.08 -48.09 4.70
CA ALA D 508 3.15 -46.79 4.03
C ALA D 508 4.55 -46.20 4.13
N VAL D 509 5.20 -46.29 5.30
CA VAL D 509 6.55 -45.75 5.37
C VAL D 509 7.51 -46.65 4.60
N GLU D 510 7.22 -47.94 4.47
CA GLU D 510 8.12 -48.83 3.71
C GLU D 510 7.91 -48.75 2.20
N ARG D 511 6.85 -48.10 1.74
CA ARG D 511 6.57 -48.04 0.30
C ARG D 511 7.36 -46.88 -0.27
N GLN D 512 8.46 -47.19 -0.96
CA GLN D 512 9.33 -46.13 -1.43
C GLN D 512 8.99 -45.63 -2.83
N ASP D 513 8.23 -46.42 -3.61
CA ASP D 513 7.87 -46.08 -4.98
C ASP D 513 6.45 -45.52 -5.12
N GLY D 514 5.88 -44.94 -4.07
CA GLY D 514 4.55 -44.36 -4.22
C GLY D 514 3.87 -43.95 -2.95
N PRO D 515 2.79 -43.17 -3.07
CA PRO D 515 2.11 -42.63 -1.90
C PRO D 515 1.13 -43.61 -1.29
N SER D 516 0.72 -43.28 -0.07
CA SER D 516 -0.29 -44.06 0.63
C SER D 516 -1.35 -43.11 1.16
N ALA D 517 -2.57 -43.60 1.20
CA ALA D 517 -3.66 -42.90 1.87
C ALA D 517 -4.10 -43.77 3.04
N LEU D 518 -4.17 -43.17 4.22
CA LEU D 518 -4.47 -43.89 5.46
C LEU D 518 -5.73 -43.29 6.05
N ILE D 519 -6.79 -44.12 6.17
CA ILE D 519 -8.15 -43.67 6.47
C ILE D 519 -8.58 -44.19 7.84
N PHE D 520 -8.88 -43.28 8.77
CA PHE D 520 -9.15 -43.64 10.15
C PHE D 520 -10.50 -43.12 10.62
N THR D 521 -11.04 -43.79 11.64
CA THR D 521 -12.39 -43.53 12.12
C THR D 521 -12.38 -42.62 13.34
N ARG D 522 -13.51 -41.96 13.54
CA ARG D 522 -13.74 -41.28 14.81
C ARG D 522 -14.18 -42.25 15.90
N GLN D 523 -14.94 -43.29 15.55
CA GLN D 523 -15.56 -44.16 16.55
C GLN D 523 -14.67 -45.36 16.88
N ASN D 524 -14.88 -45.90 18.09
CA ASN D 524 -14.09 -47.04 18.57
C ASN D 524 -14.29 -48.26 17.69
N LEU D 525 -13.22 -49.05 17.51
CA LEU D 525 -13.24 -50.26 16.72
C LEU D 525 -12.77 -51.44 17.57
N ALA D 526 -13.52 -52.53 17.54
CA ALA D 526 -13.12 -53.71 18.31
C ALA D 526 -11.93 -54.38 17.65
N GLN D 527 -10.95 -54.77 18.47
CA GLN D 527 -9.80 -55.48 17.95
C GLN D 527 -10.18 -56.91 17.59
N MET D 528 -9.67 -57.39 16.48
CA MET D 528 -9.93 -58.74 15.99
C MET D 528 -8.78 -59.65 16.42
N ASP D 529 -9.10 -60.93 16.66
CA ASP D 529 -8.09 -61.92 16.97
C ASP D 529 -7.35 -62.35 15.71
N ARG D 530 -6.04 -62.57 15.83
CA ARG D 530 -5.22 -62.98 14.69
C ARG D 530 -4.16 -63.95 15.15
N THR D 531 -4.01 -65.07 14.44
CA THR D 531 -2.83 -65.90 14.63
C THR D 531 -1.60 -65.20 14.04
N SER D 532 -0.42 -65.79 14.29
CA SER D 532 0.80 -65.24 13.74
C SER D 532 0.73 -65.16 12.23
N ALA D 533 0.22 -66.22 11.59
CA ALA D 533 0.09 -66.25 10.14
C ALA D 533 -0.90 -65.21 9.64
N GLN D 534 -1.99 -65.00 10.36
CA GLN D 534 -2.95 -63.97 9.95
C GLN D 534 -2.32 -62.59 10.08
N LEU D 535 -1.64 -62.32 11.20
CA LEU D 535 -0.95 -61.06 11.40
C LEU D 535 0.05 -60.78 10.28
N ASP D 536 0.84 -61.78 9.90
CA ASP D 536 1.79 -61.62 8.80
C ASP D 536 1.11 -61.29 7.48
N ALA D 537 -0.15 -61.72 7.31
CA ALA D 537 -0.84 -61.55 6.05
C ALA D 537 -1.55 -60.21 5.91
N VAL D 538 -1.67 -59.41 6.97
CA VAL D 538 -2.36 -58.13 6.86
C VAL D 538 -1.73 -57.27 5.78
N LYS D 539 -0.40 -57.29 5.69
CA LYS D 539 0.32 -56.48 4.71
C LYS D 539 0.08 -56.92 3.28
N ARG D 540 -0.63 -58.03 3.07
CA ARG D 540 -0.99 -58.44 1.72
C ARG D 540 -2.32 -57.84 1.27
N GLY D 541 -2.92 -56.98 2.09
CA GLY D 541 -4.03 -56.16 1.65
C GLY D 541 -5.39 -56.76 1.93
N ALA D 542 -5.52 -58.07 1.81
CA ALA D 542 -6.71 -58.79 2.20
C ALA D 542 -6.28 -60.17 2.69
N TYR D 543 -6.98 -60.69 3.69
CA TYR D 543 -6.56 -61.95 4.27
C TYR D 543 -7.78 -62.60 4.90
N VAL D 544 -7.69 -63.92 5.10
CA VAL D 544 -8.77 -64.69 5.71
C VAL D 544 -8.74 -64.42 7.21
N LEU D 545 -9.76 -63.75 7.72
CA LEU D 545 -9.86 -63.43 9.14
C LEU D 545 -10.57 -64.54 9.94
N LYS D 546 -11.75 -64.96 9.46
CA LYS D 546 -12.49 -66.08 10.02
C LYS D 546 -12.72 -67.10 8.91
N ASP D 547 -12.39 -68.35 9.18
CA ASP D 547 -12.57 -69.39 8.18
C ASP D 547 -13.46 -70.51 8.70
N CYS D 548 -14.03 -71.24 7.76
CA CYS D 548 -14.77 -72.46 8.06
C CYS D 548 -13.91 -73.67 7.70
N ASP D 549 -14.43 -74.85 8.03
CA ASP D 549 -13.81 -76.09 7.59
C ASP D 549 -14.28 -76.39 6.17
N GLY D 550 -13.33 -76.61 5.27
CA GLY D 550 -13.67 -76.87 3.89
C GLY D 550 -14.02 -75.59 3.13
N THR D 551 -14.48 -75.79 1.89
CA THR D 551 -14.78 -74.66 1.03
C THR D 551 -15.97 -73.88 1.57
N PRO D 552 -15.89 -72.55 1.65
CA PRO D 552 -17.04 -71.77 2.13
C PRO D 552 -18.15 -71.77 1.10
N GLU D 553 -19.39 -71.69 1.58
CA GLU D 553 -20.50 -71.39 0.67
C GLU D 553 -20.69 -69.90 0.50
N LEU D 554 -20.09 -69.10 1.38
CA LEU D 554 -20.36 -67.68 1.42
C LEU D 554 -19.14 -66.99 1.99
N ILE D 555 -18.67 -65.96 1.30
CA ILE D 555 -17.56 -65.13 1.76
C ILE D 555 -18.10 -63.73 2.03
N PHE D 556 -17.90 -63.25 3.25
CA PHE D 556 -18.05 -61.83 3.57
C PHE D 556 -16.72 -61.12 3.34
N ILE D 557 -16.76 -60.01 2.60
CA ILE D 557 -15.61 -59.12 2.46
C ILE D 557 -15.93 -57.81 3.17
N ALA D 558 -15.09 -57.41 4.11
CA ALA D 558 -15.34 -56.18 4.85
C ALA D 558 -14.04 -55.43 5.04
N THR D 559 -14.18 -54.14 5.35
CA THR D 559 -13.05 -53.25 5.55
C THR D 559 -13.35 -52.37 6.73
N GLY D 560 -12.29 -51.88 7.37
CA GLY D 560 -12.40 -50.83 8.36
C GLY D 560 -13.44 -51.10 9.43
N SER D 561 -14.31 -50.12 9.66
CA SER D 561 -15.26 -50.19 10.76
C SER D 561 -16.32 -51.28 10.59
N GLU D 562 -16.48 -51.83 9.39
CA GLU D 562 -17.54 -52.81 9.17
C GLU D 562 -17.07 -54.25 9.39
N VAL D 563 -15.80 -54.48 9.75
CA VAL D 563 -15.31 -55.85 9.90
C VAL D 563 -16.03 -56.55 11.05
N GLU D 564 -16.26 -55.86 12.17
CA GLU D 564 -16.97 -56.48 13.29
C GLU D 564 -18.40 -56.90 12.89
N LEU D 565 -19.10 -56.04 12.13
CA LEU D 565 -20.43 -56.41 11.66
C LEU D 565 -20.38 -57.67 10.81
N ALA D 566 -19.38 -57.79 9.94
CA ALA D 566 -19.25 -58.98 9.10
C ALA D 566 -18.99 -60.22 9.96
N VAL D 567 -18.16 -60.09 10.98
CA VAL D 567 -17.88 -61.23 11.86
C VAL D 567 -19.17 -61.67 12.56
N GLN D 568 -19.96 -60.73 13.06
CA GLN D 568 -21.18 -61.09 13.78
C GLN D 568 -22.17 -61.79 12.85
N ALA D 569 -22.36 -61.25 11.65
CA ALA D 569 -23.28 -61.87 10.71
C ALA D 569 -22.81 -63.26 10.31
N ALA D 570 -21.50 -63.42 10.15
CA ALA D 570 -20.96 -64.74 9.87
C ALA D 570 -21.26 -65.71 11.00
N GLU D 571 -21.19 -65.22 12.24
CA GLU D 571 -21.47 -66.08 13.39
C GLU D 571 -22.92 -66.52 13.41
N ALA D 572 -23.84 -65.60 13.13
CA ALA D 572 -25.26 -65.95 13.06
C ALA D 572 -25.51 -66.99 11.96
N LEU D 573 -24.90 -66.78 10.79
CA LEU D 573 -25.10 -67.74 9.72
C LEU D 573 -24.39 -69.05 10.00
N SER D 574 -23.21 -69.00 10.63
CA SER D 574 -22.53 -70.24 10.97
C SER D 574 -23.34 -71.07 11.96
N ALA D 575 -24.07 -70.41 12.85
CA ALA D 575 -24.89 -71.14 13.81
C ALA D 575 -26.11 -71.77 13.17
N GLU D 576 -26.38 -71.48 11.90
CA GLU D 576 -27.43 -72.14 11.14
C GLU D 576 -26.89 -73.29 10.28
N GLY D 577 -25.59 -73.59 10.38
CA GLY D 577 -25.01 -74.65 9.59
C GLY D 577 -24.26 -74.20 8.34
N LYS D 578 -24.27 -72.91 8.03
CA LYS D 578 -23.57 -72.44 6.84
C LYS D 578 -22.06 -72.42 7.05
N LYS D 579 -21.31 -72.73 6.00
CA LYS D 579 -19.86 -72.61 6.03
C LYS D 579 -19.49 -71.23 5.49
N VAL D 580 -19.10 -70.33 6.40
CA VAL D 580 -18.89 -68.92 6.11
C VAL D 580 -17.43 -68.58 6.33
N ARG D 581 -16.88 -67.77 5.42
CA ARG D 581 -15.56 -67.16 5.57
C ARG D 581 -15.69 -65.64 5.67
N VAL D 582 -14.86 -65.01 6.50
CA VAL D 582 -14.79 -63.55 6.59
C VAL D 582 -13.41 -63.12 6.14
N VAL D 583 -13.38 -62.29 5.11
CA VAL D 583 -12.17 -61.70 4.59
C VAL D 583 -12.16 -60.24 5.02
N SER D 584 -11.08 -59.82 5.70
CA SER D 584 -10.81 -58.41 5.94
C SER D 584 -9.91 -57.90 4.82
N MET D 585 -10.29 -56.77 4.21
CA MET D 585 -9.58 -56.19 3.07
C MET D 585 -9.14 -54.78 3.41
N PRO D 586 -8.12 -54.61 4.24
CA PRO D 586 -7.71 -53.24 4.61
C PRO D 586 -7.19 -52.43 3.42
N SER D 587 -6.66 -53.07 2.37
CA SER D 587 -6.23 -52.33 1.19
C SER D 587 -6.54 -53.14 -0.07
N THR D 588 -7.55 -52.69 -0.81
CA THR D 588 -7.87 -53.32 -2.08
C THR D 588 -6.70 -53.22 -3.06
N ASN D 589 -5.99 -52.08 -3.04
CA ASN D 589 -4.88 -51.86 -3.96
C ASN D 589 -3.73 -52.82 -3.69
N ARG D 590 -3.35 -52.97 -2.42
CA ARG D 590 -2.33 -53.94 -2.05
C ARG D 590 -2.75 -55.36 -2.41
N PHE D 591 -4.01 -55.72 -2.16
CA PHE D 591 -4.47 -57.07 -2.47
C PHE D 591 -4.39 -57.35 -3.97
N ASP D 592 -4.84 -56.40 -4.79
CA ASP D 592 -4.83 -56.61 -6.24
C ASP D 592 -3.43 -56.91 -6.77
N LYS D 593 -2.39 -56.46 -6.07
CA LYS D 593 -1.02 -56.70 -6.53
C LYS D 593 -0.47 -58.06 -6.13
N GLN D 594 -1.11 -58.77 -5.19
CA GLN D 594 -0.62 -60.08 -4.78
C GLN D 594 -0.72 -61.07 -5.93
N ASP D 595 0.08 -62.13 -5.86
CA ASP D 595 0.10 -63.12 -6.94
C ASP D 595 -1.21 -63.90 -6.98
N ALA D 596 -1.46 -64.54 -8.13
CA ALA D 596 -2.75 -65.19 -8.36
C ALA D 596 -3.02 -66.27 -7.32
N ALA D 597 -1.99 -67.00 -6.90
CA ALA D 597 -2.18 -68.06 -5.91
C ALA D 597 -2.66 -67.49 -4.57
N TYR D 598 -2.08 -66.36 -4.14
CA TYR D 598 -2.54 -65.79 -2.88
C TYR D 598 -3.98 -65.31 -3.01
N ARG D 599 -4.30 -64.64 -4.12
CA ARG D 599 -5.64 -64.07 -4.27
C ARG D 599 -6.69 -65.18 -4.32
N GLU D 600 -6.36 -66.29 -4.99
CA GLU D 600 -7.27 -67.43 -5.02
C GLU D 600 -7.42 -68.06 -3.64
N SER D 601 -6.35 -68.04 -2.83
CA SER D 601 -6.45 -68.59 -1.48
C SER D 601 -7.37 -67.76 -0.58
N VAL D 602 -7.56 -66.48 -0.89
CA VAL D 602 -8.42 -65.61 -0.08
C VAL D 602 -9.84 -65.57 -0.65
N LEU D 603 -9.96 -65.39 -1.96
CA LEU D 603 -11.24 -65.33 -2.65
C LEU D 603 -11.27 -66.41 -3.72
N PRO D 604 -11.51 -67.67 -3.34
CA PRO D 604 -11.51 -68.75 -4.34
C PRO D 604 -12.49 -68.47 -5.47
N ALA D 605 -12.03 -68.75 -6.69
CA ALA D 605 -12.85 -68.48 -7.87
C ALA D 605 -14.16 -69.27 -7.83
N ALA D 606 -14.15 -70.47 -7.24
CA ALA D 606 -15.34 -71.31 -7.25
C ALA D 606 -16.42 -70.83 -6.29
N VAL D 607 -16.07 -69.98 -5.33
CA VAL D 607 -17.04 -69.44 -4.39
C VAL D 607 -17.53 -68.11 -4.96
N THR D 608 -18.72 -68.13 -5.56
CA THR D 608 -19.30 -66.97 -6.21
C THR D 608 -20.29 -66.22 -5.34
N LYS D 609 -20.69 -66.79 -4.20
CA LYS D 609 -21.63 -66.12 -3.30
C LYS D 609 -20.82 -65.28 -2.32
N ARG D 610 -20.76 -63.98 -2.58
CA ARG D 610 -19.96 -63.05 -1.78
C ARG D 610 -20.79 -61.84 -1.37
N VAL D 611 -20.55 -61.36 -0.16
CA VAL D 611 -21.23 -60.16 0.34
C VAL D 611 -20.16 -59.20 0.83
N ALA D 612 -20.11 -58.00 0.26
CA ALA D 612 -19.20 -56.96 0.70
C ALA D 612 -19.92 -56.02 1.65
N ILE D 613 -19.20 -55.56 2.68
CA ILE D 613 -19.77 -54.67 3.69
C ILE D 613 -18.80 -53.52 3.91
N GLU D 614 -19.27 -52.29 3.64
CA GLU D 614 -18.43 -51.12 3.82
C GLU D 614 -19.34 -49.90 3.85
N ALA D 615 -19.08 -48.98 4.76
CA ALA D 615 -19.89 -47.76 4.88
C ALA D 615 -19.46 -46.73 3.83
N GLY D 616 -19.51 -47.15 2.56
CA GLY D 616 -19.12 -46.31 1.45
C GLY D 616 -19.94 -46.67 0.23
N ILE D 617 -19.62 -46.01 -0.89
CA ILE D 617 -20.42 -46.23 -2.10
C ILE D 617 -20.30 -47.68 -2.54
N ALA D 618 -21.45 -48.27 -2.91
CA ALA D 618 -21.54 -49.71 -3.12
C ALA D 618 -20.98 -50.13 -4.47
N ASP D 619 -21.10 -49.27 -5.48
CA ASP D 619 -20.73 -49.62 -6.85
C ASP D 619 -19.32 -50.17 -6.97
N PHE D 620 -18.44 -49.79 -6.05
CA PHE D 620 -17.04 -50.21 -6.13
C PHE D 620 -16.89 -51.72 -5.97
N TRP D 621 -17.71 -52.34 -5.13
CA TRP D 621 -17.43 -53.69 -4.69
C TRP D 621 -17.79 -54.77 -5.70
N TYR D 622 -18.45 -54.43 -6.82
CA TYR D 622 -18.82 -55.47 -7.78
C TYR D 622 -17.60 -56.13 -8.41
N LYS D 623 -16.44 -55.47 -8.37
CA LYS D 623 -15.22 -56.10 -8.83
C LYS D 623 -14.91 -57.36 -8.01
N TYR D 624 -15.30 -57.38 -6.73
CA TYR D 624 -15.01 -58.55 -5.89
C TYR D 624 -16.20 -59.47 -5.68
N VAL D 625 -17.43 -58.98 -5.86
CA VAL D 625 -18.60 -59.80 -5.58
C VAL D 625 -19.38 -60.21 -6.83
N GLY D 626 -19.19 -59.52 -7.95
CA GLY D 626 -19.80 -59.96 -9.20
C GLY D 626 -21.31 -59.80 -9.25
N PHE D 627 -21.91 -60.47 -10.24
CA PHE D 627 -23.37 -60.45 -10.43
C PHE D 627 -24.09 -61.20 -9.32
N ASN D 628 -23.52 -62.29 -8.83
CA ASN D 628 -24.21 -63.13 -7.87
C ASN D 628 -23.97 -62.72 -6.42
N GLY D 629 -23.36 -61.54 -6.20
CA GLY D 629 -23.07 -61.07 -4.86
C GLY D 629 -23.99 -59.94 -4.44
N ARG D 630 -23.79 -59.51 -3.21
CA ARG D 630 -24.50 -58.36 -2.66
C ARG D 630 -23.48 -57.42 -2.06
N VAL D 631 -23.85 -56.14 -1.98
CA VAL D 631 -23.06 -55.14 -1.30
C VAL D 631 -23.94 -54.49 -0.23
N ILE D 632 -23.47 -54.51 1.01
CA ILE D 632 -24.05 -53.69 2.08
C ILE D 632 -23.26 -52.39 2.08
N GLY D 633 -23.76 -51.40 1.35
CA GLY D 633 -23.05 -50.15 1.21
C GLY D 633 -23.96 -48.93 1.26
N MET D 634 -23.46 -47.83 0.75
CA MET D 634 -24.16 -46.56 0.68
C MET D 634 -24.55 -46.35 -0.78
N ASN D 635 -25.67 -45.68 -1.01
CA ASN D 635 -25.97 -45.21 -2.36
C ASN D 635 -26.61 -43.83 -2.32
N SER D 636 -26.33 -43.07 -1.26
CA SER D 636 -26.89 -41.74 -1.08
C SER D 636 -25.90 -40.93 -0.25
N PHE D 637 -26.19 -39.64 -0.13
CA PHE D 637 -25.50 -38.83 0.87
C PHE D 637 -25.91 -39.27 2.27
N GLY D 638 -25.16 -38.82 3.27
CA GLY D 638 -25.51 -39.08 4.66
C GLY D 638 -26.61 -38.16 5.17
N GLU D 639 -26.76 -38.14 6.50
CA GLU D 639 -27.71 -37.28 7.19
C GLU D 639 -27.09 -36.79 8.49
N SER D 640 -27.56 -35.65 8.97
CA SER D 640 -27.08 -35.11 10.24
C SER D 640 -27.86 -35.75 11.39
N ALA D 641 -27.24 -36.72 12.06
CA ALA D 641 -27.83 -37.41 13.20
C ALA D 641 -26.70 -38.13 13.93
N PRO D 642 -26.95 -38.62 15.15
CA PRO D 642 -25.91 -39.40 15.84
C PRO D 642 -25.55 -40.66 15.05
N ALA D 643 -24.27 -41.05 15.16
CA ALA D 643 -23.73 -42.12 14.32
C ALA D 643 -24.50 -43.43 14.47
N ASP D 644 -24.85 -43.80 15.71
CA ASP D 644 -25.57 -45.05 15.92
C ASP D 644 -26.84 -45.11 15.08
N GLN D 645 -27.60 -44.01 15.06
CA GLN D 645 -28.84 -44.01 14.30
C GLN D 645 -28.56 -44.09 12.81
N LEU D 646 -27.47 -43.48 12.35
CA LEU D 646 -27.14 -43.52 10.94
C LEU D 646 -26.83 -44.94 10.49
N PHE D 647 -26.01 -45.65 11.28
CA PHE D 647 -25.66 -47.02 10.88
C PHE D 647 -26.90 -47.89 10.81
N LYS D 648 -27.83 -47.74 11.76
CA LYS D 648 -29.10 -48.44 11.68
C LYS D 648 -29.90 -47.98 10.46
N LEU D 649 -30.01 -46.67 10.27
CA LEU D 649 -30.80 -46.13 9.17
C LEU D 649 -30.30 -46.65 7.82
N PHE D 650 -28.99 -46.81 7.66
CA PHE D 650 -28.49 -47.15 6.33
C PHE D 650 -28.25 -48.65 6.15
N GLY D 651 -28.70 -49.47 7.08
CA GLY D 651 -28.65 -50.92 6.91
C GLY D 651 -27.41 -51.61 7.43
N PHE D 652 -26.60 -50.94 8.24
CA PHE D 652 -25.41 -51.59 8.79
C PHE D 652 -25.73 -52.28 10.12
N THR D 653 -26.66 -53.23 10.04
CA THR D 653 -27.10 -54.06 11.16
C THR D 653 -26.93 -55.53 10.81
N VAL D 654 -26.85 -56.35 11.86
CA VAL D 654 -26.75 -57.79 11.66
C VAL D 654 -27.97 -58.32 10.91
N GLU D 655 -29.16 -57.81 11.27
CA GLU D 655 -30.38 -58.27 10.63
C GLU D 655 -30.34 -58.04 9.12
N ASN D 656 -29.87 -56.85 8.70
CA ASN D 656 -29.88 -56.55 7.27
C ASN D 656 -28.84 -57.38 6.52
N VAL D 657 -27.63 -57.47 7.07
CA VAL D 657 -26.57 -58.23 6.41
C VAL D 657 -27.00 -59.68 6.24
N VAL D 658 -27.55 -60.27 7.30
CA VAL D 658 -27.97 -61.67 7.26
C VAL D 658 -29.05 -61.86 6.21
N ALA D 659 -30.05 -60.97 6.19
CA ALA D 659 -31.12 -61.09 5.19
C ALA D 659 -30.58 -60.98 3.77
N LYS D 660 -29.64 -60.05 3.54
CA LYS D 660 -29.08 -59.93 2.21
C LYS D 660 -28.26 -61.17 1.83
N ALA D 661 -27.50 -61.71 2.79
CA ALA D 661 -26.77 -62.95 2.53
C ALA D 661 -27.72 -64.10 2.22
N LYS D 662 -28.85 -64.17 2.91
CA LYS D 662 -29.79 -65.27 2.67
C LYS D 662 -30.43 -65.16 1.29
N GLU D 663 -30.60 -63.94 0.78
CA GLU D 663 -31.13 -63.75 -0.57
C GLU D 663 -30.35 -64.56 -1.59
N ILE D 664 -29.01 -64.60 -1.46
CA ILE D 664 -28.22 -65.31 -2.45
C ILE D 664 -27.90 -66.74 -2.06
N LEU D 665 -28.09 -67.11 -0.79
CA LEU D 665 -27.87 -68.50 -0.41
C LEU D 665 -28.98 -69.42 -0.91
N GLU D 666 -30.20 -68.91 -1.03
CA GLU D 666 -31.31 -69.69 -1.58
C GLU D 666 -31.16 -69.87 -3.09
#